data_6LCJ
#
_entry.id   6LCJ
#
_cell.length_a   118.435
_cell.length_b   163.496
_cell.length_c   118.650
_cell.angle_alpha   90.000
_cell.angle_beta   119.920
_cell.angle_gamma   90.000
#
_symmetry.space_group_name_H-M   'P 1 21 1'
#
loop_
_entity.id
_entity.type
_entity.pdbx_description
1 polymer Alpha-galactosidase
2 water water
#
_entity_poly.entity_id   1
_entity_poly.type   'polypeptide(L)'
_entity_poly.pdbx_seq_one_letter_code
;GSHMRLNLGGAEVFLRAEGLEEAPGGVRLWGREVRVFPPFPAKGFFRHGWQSWSLAAWVDPAQAPTPLLPEARRPQADDP
FLLEAGAWWGSGVGALRGPDGRALLLGALDLGARVLGREDLLLGRYAGKGGAWFLAYGPEEEVFAAYARLLPRRLSGRPP
RVWCSWYSFYTRIGEDLLLRVLDEVAAFSFEVFQIDDGWQRALGDWEPNDRFPRGMAFLAERIRERGLRAGLWFAPFLVT
ADSPLFQKRPDWVLRDGEGRPVRAGFNWGRPLYALDAGNEEVVEWAADLVRKALAWGYDYLKLDFLYAAALPGAEGEARY
RKAMARLREAAGEAYLLFCGAPVLASLGLADGLRVGPDVAPYWDNEERSFWLADPTGPGLRNALRSTLHRLWLMENVHVD
PDVVYFRTRFNLLSPEEMRLQEALAHFTGFKATSDPPSWLLPEEKGRLEAFLAREVPVRRLGPYRFRVGEEEVDYAPLL
;
_entity_poly.pdbx_strand_id   A,B,C,D,E,F
#
# COMPACT_ATOMS: atom_id res chain seq x y z
N GLY A 1 -20.04 -39.62 -47.95
CA GLY A 1 -21.46 -39.78 -48.21
C GLY A 1 -22.07 -38.83 -49.23
N SER A 2 -22.82 -37.86 -48.73
CA SER A 2 -23.61 -36.97 -49.58
C SER A 2 -22.75 -35.90 -50.25
N HIS A 3 -23.12 -35.56 -51.48
CA HIS A 3 -22.44 -34.51 -52.22
C HIS A 3 -23.08 -33.17 -51.89
N MET A 4 -22.24 -32.15 -51.68
CA MET A 4 -22.71 -30.86 -51.22
C MET A 4 -21.97 -29.75 -51.94
N ARG A 5 -22.67 -28.65 -52.14
CA ARG A 5 -22.15 -27.45 -52.80
C ARG A 5 -22.13 -26.31 -51.79
N LEU A 6 -21.13 -25.45 -51.87
CA LEU A 6 -20.88 -24.52 -50.77
C LEU A 6 -20.30 -23.21 -51.25
N ASN A 7 -20.76 -22.13 -50.63
CA ASN A 7 -20.19 -20.79 -50.83
C ASN A 7 -19.35 -20.46 -49.61
N LEU A 8 -18.03 -20.59 -49.77
CA LEU A 8 -17.08 -20.44 -48.67
C LEU A 8 -16.08 -19.38 -49.07
N GLY A 9 -15.99 -18.32 -48.27
CA GLY A 9 -15.09 -17.24 -48.63
C GLY A 9 -15.33 -16.69 -50.01
N GLY A 10 -16.59 -16.59 -50.41
CA GLY A 10 -16.94 -16.07 -51.72
C GLY A 10 -16.48 -16.93 -52.88
N ALA A 11 -16.22 -18.22 -52.64
CA ALA A 11 -15.85 -19.16 -53.68
C ALA A 11 -16.77 -20.37 -53.60
N GLU A 12 -16.89 -21.08 -54.71
CA GLU A 12 -17.72 -22.27 -54.73
C GLU A 12 -16.85 -23.49 -54.44
N VAL A 13 -17.30 -24.28 -53.46
CA VAL A 13 -16.52 -25.38 -52.91
C VAL A 13 -17.39 -26.62 -52.92
N PHE A 14 -16.91 -27.67 -53.57
CA PHE A 14 -17.59 -28.96 -53.57
C PHE A 14 -16.98 -29.86 -52.51
N LEU A 15 -17.84 -30.61 -51.82
CA LEU A 15 -17.38 -31.42 -50.73
C LEU A 15 -18.28 -32.63 -50.58
N ARG A 16 -17.82 -33.59 -49.80
CA ARG A 16 -18.55 -34.82 -49.53
C ARG A 16 -18.50 -35.06 -48.03
N ALA A 17 -19.67 -35.12 -47.41
CA ALA A 17 -19.77 -35.26 -45.96
C ALA A 17 -21.15 -35.79 -45.65
N GLU A 18 -21.32 -36.28 -44.43
CA GLU A 18 -22.61 -36.78 -43.99
C GLU A 18 -23.51 -35.70 -43.39
N GLY A 19 -22.95 -34.55 -43.03
CA GLY A 19 -23.75 -33.48 -42.47
C GLY A 19 -23.02 -32.17 -42.68
N LEU A 20 -23.76 -31.08 -42.53
CA LEU A 20 -23.18 -29.75 -42.71
C LEU A 20 -24.02 -28.73 -41.97
N GLU A 21 -23.38 -27.89 -41.17
CA GLU A 21 -24.09 -26.77 -40.54
C GLU A 21 -23.16 -25.56 -40.46
N GLU A 22 -23.76 -24.39 -40.25
CA GLU A 22 -23.01 -23.14 -40.14
C GLU A 22 -22.15 -23.15 -38.89
N ALA A 23 -21.06 -22.38 -38.95
CA ALA A 23 -20.16 -22.26 -37.81
C ALA A 23 -19.41 -20.94 -37.92
N PRO A 24 -19.01 -20.34 -36.79
CA PRO A 24 -18.29 -19.05 -36.86
C PRO A 24 -17.01 -19.16 -37.68
N GLY A 25 -16.95 -18.48 -38.83
CA GLY A 25 -15.76 -18.49 -39.67
C GLY A 25 -15.79 -19.47 -40.81
N GLY A 26 -16.78 -20.35 -40.89
CA GLY A 26 -16.88 -21.30 -41.98
C GLY A 26 -18.03 -22.27 -41.76
N VAL A 27 -17.76 -23.57 -41.85
CA VAL A 27 -18.82 -24.55 -41.63
C VAL A 27 -18.31 -25.74 -40.81
N ARG A 28 -19.25 -26.36 -40.12
CA ARG A 28 -19.06 -27.61 -39.42
C ARG A 28 -19.51 -28.77 -40.32
N LEU A 29 -18.61 -29.73 -40.58
CA LEU A 29 -18.94 -30.95 -41.31
C LEU A 29 -18.98 -32.12 -40.36
N TRP A 30 -19.75 -33.13 -40.74
CA TRP A 30 -19.81 -34.39 -40.00
C TRP A 30 -19.48 -35.53 -40.95
N GLY A 31 -18.84 -36.55 -40.41
CA GLY A 31 -18.45 -37.70 -41.21
C GLY A 31 -17.19 -38.36 -40.70
N ARG A 32 -17.16 -39.70 -40.75
CA ARG A 32 -15.93 -40.42 -40.43
C ARG A 32 -14.84 -40.07 -41.42
N GLU A 33 -15.19 -40.00 -42.71
CA GLU A 33 -14.29 -39.51 -43.75
C GLU A 33 -15.01 -38.44 -44.55
N VAL A 34 -14.37 -37.28 -44.74
CA VAL A 34 -14.94 -36.21 -45.55
C VAL A 34 -13.93 -35.84 -46.64
N ARG A 35 -14.43 -35.23 -47.70
CA ARG A 35 -13.59 -34.84 -48.83
C ARG A 35 -14.00 -33.45 -49.31
N VAL A 36 -13.02 -32.59 -49.57
CA VAL A 36 -13.23 -31.19 -49.94
C VAL A 36 -12.37 -30.88 -51.15
N PHE A 37 -12.96 -30.23 -52.16
CA PHE A 37 -12.27 -29.99 -53.42
C PHE A 37 -11.98 -28.51 -53.56
N PRO A 38 -10.71 -28.12 -53.69
CA PRO A 38 -10.37 -26.71 -53.74
C PRO A 38 -10.82 -26.09 -55.05
N PRO A 39 -11.28 -24.83 -55.02
CA PRO A 39 -11.64 -24.14 -56.27
C PRO A 39 -10.44 -23.49 -56.94
N PHE A 40 -9.26 -24.08 -56.79
CA PHE A 40 -8.05 -23.51 -57.35
C PHE A 40 -7.05 -24.63 -57.57
N PRO A 41 -5.99 -24.38 -58.36
CA PRO A 41 -4.81 -25.26 -58.33
C PRO A 41 -4.01 -25.02 -57.06
N ALA A 42 -4.05 -25.99 -56.14
CA ALA A 42 -3.43 -25.82 -54.84
C ALA A 42 -1.91 -25.89 -54.94
N LYS A 43 -1.25 -24.85 -54.45
CA LYS A 43 0.20 -24.76 -54.54
C LYS A 43 0.91 -25.31 -53.30
N GLY A 44 0.25 -25.33 -52.16
CA GLY A 44 0.88 -25.84 -50.96
C GLY A 44 -0.10 -26.62 -50.10
N PHE A 45 0.44 -27.58 -49.36
CA PHE A 45 -0.29 -28.30 -48.34
C PHE A 45 0.34 -27.98 -46.99
N PHE A 46 -0.48 -27.69 -45.99
CA PHE A 46 0.01 -27.50 -44.63
C PHE A 46 0.04 -28.88 -43.98
N ARG A 47 1.23 -29.39 -43.77
CA ARG A 47 1.37 -30.71 -43.18
C ARG A 47 1.66 -30.50 -41.69
N HIS A 48 0.69 -30.85 -40.87
CA HIS A 48 0.76 -30.68 -39.43
C HIS A 48 1.13 -32.01 -38.79
N GLY A 49 2.30 -32.06 -38.17
CA GLY A 49 2.72 -33.28 -37.52
C GLY A 49 1.97 -33.55 -36.23
N TRP A 50 2.18 -34.75 -35.73
CA TRP A 50 1.39 -35.27 -34.61
C TRP A 50 1.74 -34.57 -33.30
N GLN A 51 3.01 -34.60 -32.92
CA GLN A 51 3.43 -34.23 -31.58
C GLN A 51 4.36 -33.02 -31.62
N SER A 52 4.84 -32.64 -30.43
CA SER A 52 5.65 -31.42 -30.24
C SER A 52 6.79 -31.33 -31.23
N TRP A 53 7.58 -32.40 -31.35
CA TRP A 53 8.80 -32.40 -32.15
C TRP A 53 8.54 -32.64 -33.62
N SER A 54 7.32 -32.96 -34.02
CA SER A 54 7.01 -33.35 -35.39
C SER A 54 7.10 -32.14 -36.31
N LEU A 55 7.26 -32.41 -37.60
CA LEU A 55 7.31 -31.32 -38.57
C LEU A 55 5.93 -30.68 -38.76
N ALA A 56 5.89 -29.35 -38.64
CA ALA A 56 4.75 -28.53 -39.04
C ALA A 56 5.24 -27.51 -40.04
N ALA A 57 4.72 -27.56 -41.28
CA ALA A 57 5.17 -26.67 -42.33
C ALA A 57 4.28 -26.84 -43.55
N TRP A 58 4.38 -25.87 -44.46
CA TRP A 58 3.82 -25.98 -45.80
C TRP A 58 4.75 -26.76 -46.71
N VAL A 59 4.21 -27.75 -47.40
CA VAL A 59 5.01 -28.54 -48.32
C VAL A 59 4.38 -28.49 -49.71
N ASP A 60 5.18 -28.88 -50.68
CA ASP A 60 4.76 -29.13 -52.05
C ASP A 60 4.04 -30.46 -52.15
N PRO A 61 2.71 -30.47 -52.28
CA PRO A 61 2.02 -31.76 -52.39
C PRO A 61 2.50 -32.60 -53.56
N ALA A 62 3.02 -31.95 -54.61
CA ALA A 62 3.35 -32.66 -55.85
C ALA A 62 4.50 -33.63 -55.64
N GLN A 63 5.51 -33.22 -54.89
CA GLN A 63 6.66 -34.08 -54.65
C GLN A 63 6.43 -35.02 -53.47
N ALA A 64 7.09 -36.20 -53.53
CA ALA A 64 6.83 -37.30 -52.60
C ALA A 64 7.56 -37.08 -51.28
N PRO A 65 6.94 -37.46 -50.16
CA PRO A 65 7.64 -37.38 -48.88
C PRO A 65 8.85 -38.32 -48.82
N THR A 66 9.85 -37.90 -48.07
CA THR A 66 11.10 -38.65 -47.94
C THR A 66 11.09 -39.46 -46.65
N PRO A 67 11.44 -40.74 -46.69
CA PRO A 67 11.45 -41.53 -45.45
C PRO A 67 12.39 -40.96 -44.40
N LEU A 68 11.90 -40.91 -43.16
CA LEU A 68 12.71 -40.55 -42.01
C LEU A 68 13.53 -41.74 -41.55
N LEU A 69 14.80 -41.51 -41.27
CA LEU A 69 15.75 -42.54 -40.87
C LEU A 69 16.45 -42.09 -39.60
N PRO A 70 16.95 -43.04 -38.80
CA PRO A 70 16.74 -44.48 -38.92
C PRO A 70 15.30 -44.88 -38.54
N GLU A 71 14.89 -46.11 -38.89
CA GLU A 71 13.54 -46.52 -38.59
C GLU A 71 13.28 -46.61 -37.09
N ALA A 72 14.30 -46.94 -36.30
CA ALA A 72 14.17 -47.03 -34.85
C ALA A 72 13.71 -45.72 -34.21
N ARG A 73 13.86 -44.57 -34.88
CA ARG A 73 13.48 -43.30 -34.31
C ARG A 73 12.10 -42.81 -34.76
N ARG A 74 11.51 -43.44 -35.76
CA ARG A 74 10.17 -43.05 -36.22
C ARG A 74 9.12 -42.94 -35.11
N PRO A 75 9.04 -43.83 -34.11
CA PRO A 75 8.01 -43.65 -33.08
C PRO A 75 8.17 -42.39 -32.24
N GLN A 76 9.37 -41.82 -32.13
CA GLN A 76 9.55 -40.60 -31.35
C GLN A 76 9.61 -39.36 -32.23
N ALA A 77 9.36 -39.48 -33.52
CA ALA A 77 9.39 -38.35 -34.43
C ALA A 77 8.00 -37.86 -34.83
N ASP A 78 7.02 -38.75 -34.91
CA ASP A 78 5.71 -38.41 -35.45
C ASP A 78 4.79 -39.58 -35.20
N ASP A 79 3.55 -39.43 -35.64
CA ASP A 79 2.62 -40.53 -35.76
C ASP A 79 3.20 -41.50 -36.77
N PRO A 80 3.50 -42.75 -36.38
CA PRO A 80 4.08 -43.73 -37.31
C PRO A 80 3.38 -43.83 -38.65
N PHE A 81 2.04 -43.79 -38.67
CA PHE A 81 1.31 -43.79 -39.92
C PHE A 81 1.80 -42.68 -40.85
N LEU A 82 1.94 -41.45 -40.35
CA LEU A 82 2.35 -40.35 -41.22
C LEU A 82 3.74 -40.56 -41.79
N LEU A 83 4.57 -41.33 -41.11
CA LEU A 83 5.91 -41.61 -41.60
C LEU A 83 5.96 -42.80 -42.57
N GLU A 84 5.08 -43.79 -42.39
CA GLU A 84 5.04 -44.98 -43.24
C GLU A 84 4.38 -44.75 -44.59
N ALA A 85 3.53 -43.74 -44.70
CA ALA A 85 2.68 -43.58 -45.87
C ALA A 85 3.42 -42.88 -47.00
N GLY A 86 3.06 -43.24 -48.23
CA GLY A 86 3.61 -42.64 -49.43
C GLY A 86 2.89 -41.43 -49.94
N ALA A 87 1.89 -40.93 -49.22
CA ALA A 87 1.26 -39.65 -49.51
C ALA A 87 1.46 -38.71 -48.32
N TRP A 88 1.05 -37.46 -48.49
CA TRP A 88 1.15 -36.41 -47.45
C TRP A 88 -0.07 -36.45 -46.54
N TRP A 89 0.08 -37.04 -45.36
CA TRP A 89 -0.91 -36.95 -44.30
C TRP A 89 -0.39 -36.06 -43.17
N GLY A 90 -1.31 -35.30 -42.57
CA GLY A 90 -1.06 -34.61 -41.32
C GLY A 90 -2.04 -35.03 -40.23
N SER A 91 -1.81 -34.48 -39.04
CA SER A 91 -2.58 -34.84 -37.85
C SER A 91 -3.58 -33.73 -37.52
N GLY A 92 -4.84 -34.12 -37.31
CA GLY A 92 -5.86 -33.20 -36.85
C GLY A 92 -6.34 -32.23 -37.92
N VAL A 93 -5.41 -31.50 -38.53
CA VAL A 93 -5.75 -30.37 -39.38
C VAL A 93 -4.81 -30.38 -40.58
N GLY A 94 -5.35 -29.99 -41.75
CA GLY A 94 -4.54 -29.73 -42.91
C GLY A 94 -5.14 -28.57 -43.68
N ALA A 95 -4.38 -28.06 -44.64
CA ALA A 95 -4.88 -26.94 -45.41
C ALA A 95 -4.24 -26.92 -46.78
N LEU A 96 -4.98 -26.38 -47.74
CA LEU A 96 -4.47 -26.21 -49.09
C LEU A 96 -4.35 -24.73 -49.39
N ARG A 97 -3.29 -24.36 -50.09
CA ARG A 97 -2.95 -22.97 -50.33
C ARG A 97 -3.22 -22.58 -51.77
N GLY A 98 -4.01 -21.52 -51.96
CA GLY A 98 -4.30 -21.02 -53.29
C GLY A 98 -3.17 -20.17 -53.85
N PRO A 99 -3.31 -19.79 -55.13
CA PRO A 99 -2.35 -18.84 -55.71
C PRO A 99 -2.37 -17.48 -55.05
N ASP A 100 -3.47 -17.14 -54.37
CA ASP A 100 -3.67 -15.82 -53.78
C ASP A 100 -3.32 -15.76 -52.30
N GLY A 101 -2.56 -16.74 -51.81
CA GLY A 101 -2.19 -16.76 -50.39
C GLY A 101 -3.38 -16.82 -49.46
N ARG A 102 -4.36 -17.65 -49.78
CA ARG A 102 -5.42 -17.97 -48.86
C ARG A 102 -5.39 -19.47 -48.64
N ALA A 103 -5.97 -19.90 -47.54
CA ALA A 103 -5.95 -21.31 -47.20
C ALA A 103 -7.37 -21.86 -47.17
N LEU A 104 -7.53 -23.04 -47.74
CA LEU A 104 -8.70 -23.87 -47.49
C LEU A 104 -8.35 -24.81 -46.34
N LEU A 105 -9.03 -24.66 -45.21
CA LEU A 105 -8.65 -25.36 -43.99
C LEU A 105 -9.70 -26.41 -43.66
N LEU A 106 -9.22 -27.61 -43.33
CA LEU A 106 -10.06 -28.68 -42.82
C LEU A 106 -9.42 -29.17 -41.53
N GLY A 107 -10.13 -29.01 -40.43
CA GLY A 107 -9.60 -29.38 -39.14
C GLY A 107 -10.60 -30.17 -38.33
N ALA A 108 -10.13 -31.25 -37.71
CA ALA A 108 -10.99 -32.05 -36.86
C ALA A 108 -11.36 -31.27 -35.60
N LEU A 109 -12.55 -31.56 -35.09
CA LEU A 109 -13.01 -31.05 -33.81
C LEU A 109 -13.06 -32.14 -32.75
N ASP A 110 -12.56 -33.33 -33.06
CA ASP A 110 -12.59 -34.46 -32.15
C ASP A 110 -11.26 -35.19 -32.22
N LEU A 111 -11.05 -36.11 -31.29
CA LEU A 111 -9.81 -36.87 -31.21
C LEU A 111 -9.68 -37.87 -32.35
N GLY A 112 -8.44 -38.12 -32.76
CA GLY A 112 -8.12 -39.27 -33.57
C GLY A 112 -8.23 -39.10 -35.07
N ALA A 113 -8.06 -37.90 -35.61
CA ALA A 113 -8.21 -37.70 -37.04
C ALA A 113 -6.88 -37.39 -37.72
N ARG A 114 -6.86 -37.68 -39.02
CA ARG A 114 -5.79 -37.30 -39.92
C ARG A 114 -6.40 -36.62 -41.13
N VAL A 115 -5.59 -35.81 -41.80
CA VAL A 115 -5.99 -35.12 -43.02
C VAL A 115 -4.95 -35.42 -44.10
N LEU A 116 -5.43 -35.77 -45.28
CA LEU A 116 -4.58 -36.06 -46.42
C LEU A 116 -4.66 -34.88 -47.37
N GLY A 117 -3.50 -34.40 -47.83
CA GLY A 117 -3.45 -33.31 -48.79
C GLY A 117 -2.95 -33.79 -50.14
N ARG A 118 -3.70 -33.47 -51.17
CA ARG A 118 -3.32 -33.64 -52.57
C ARG A 118 -3.45 -32.28 -53.25
N GLU A 119 -2.87 -32.18 -54.45
CA GLU A 119 -3.04 -30.97 -55.23
C GLU A 119 -4.51 -30.66 -55.48
N ASP A 120 -5.36 -31.69 -55.55
CA ASP A 120 -6.75 -31.52 -55.92
C ASP A 120 -7.73 -31.88 -54.81
N LEU A 121 -7.26 -32.20 -53.60
CA LEU A 121 -8.18 -32.73 -52.60
C LEU A 121 -7.65 -32.54 -51.19
N LEU A 122 -8.56 -32.26 -50.28
CA LEU A 122 -8.35 -32.37 -48.84
C LEU A 122 -9.25 -33.47 -48.31
N LEU A 123 -8.67 -34.51 -47.73
CA LEU A 123 -9.42 -35.67 -47.27
C LEU A 123 -9.19 -35.83 -45.78
N GLY A 124 -10.26 -35.76 -45.00
CA GLY A 124 -10.18 -35.99 -43.57
C GLY A 124 -10.71 -37.38 -43.24
N ARG A 125 -9.94 -38.10 -42.42
CA ARG A 125 -10.34 -39.44 -42.01
C ARG A 125 -10.11 -39.59 -40.51
N TYR A 126 -11.17 -39.97 -39.79
CA TYR A 126 -11.04 -40.35 -38.40
C TYR A 126 -10.52 -41.79 -38.33
N ALA A 127 -9.59 -42.03 -37.41
CA ALA A 127 -9.09 -43.39 -37.23
C ALA A 127 -10.14 -44.26 -36.56
N GLY A 128 -10.76 -43.75 -35.51
CA GLY A 128 -11.81 -44.45 -34.81
C GLY A 128 -13.19 -44.04 -35.29
N LYS A 129 -14.11 -43.91 -34.34
CA LYS A 129 -15.46 -43.46 -34.64
C LYS A 129 -15.41 -42.06 -35.26
N GLY A 130 -16.33 -41.80 -36.18
CA GLY A 130 -16.43 -40.49 -36.83
C GLY A 130 -16.49 -39.29 -35.91
N GLY A 131 -16.70 -38.11 -36.46
CA GLY A 131 -16.74 -36.91 -35.65
C GLY A 131 -16.88 -35.68 -36.50
N ALA A 132 -16.80 -34.52 -35.83
CA ALA A 132 -17.03 -33.25 -36.47
C ALA A 132 -15.75 -32.69 -37.10
N TRP A 133 -15.96 -31.78 -38.04
CA TRP A 133 -14.88 -31.11 -38.74
C TRP A 133 -15.25 -29.64 -38.86
N PHE A 134 -14.24 -28.82 -39.14
CA PHE A 134 -14.41 -27.42 -39.39
C PHE A 134 -13.79 -27.11 -40.73
N LEU A 135 -14.55 -26.46 -41.60
CA LEU A 135 -14.07 -26.10 -42.93
C LEU A 135 -14.16 -24.59 -43.08
N ALA A 136 -13.12 -24.01 -43.67
CA ALA A 136 -13.05 -22.57 -43.86
C ALA A 136 -12.11 -22.28 -45.00
N TYR A 137 -12.43 -21.22 -45.72
CA TYR A 137 -11.60 -20.69 -46.80
C TYR A 137 -11.51 -19.20 -46.57
N GLY A 138 -10.29 -18.68 -46.56
CA GLY A 138 -10.08 -17.28 -46.32
C GLY A 138 -8.61 -16.99 -46.10
N PRO A 139 -8.32 -15.77 -45.64
CA PRO A 139 -6.93 -15.42 -45.29
C PRO A 139 -6.33 -16.44 -44.33
N GLU A 140 -5.07 -16.78 -44.55
CA GLU A 140 -4.40 -17.85 -43.82
C GLU A 140 -4.57 -17.69 -42.31
N GLU A 141 -4.38 -16.48 -41.79
CA GLU A 141 -4.40 -16.28 -40.35
C GLU A 141 -5.82 -16.39 -39.79
N GLU A 142 -6.80 -15.87 -40.52
CA GLU A 142 -8.19 -15.89 -40.04
C GLU A 142 -8.74 -17.30 -39.92
N VAL A 143 -8.41 -18.20 -40.87
CA VAL A 143 -9.00 -19.54 -40.82
C VAL A 143 -8.34 -20.38 -39.72
N PHE A 144 -7.03 -20.25 -39.53
CA PHE A 144 -6.39 -20.92 -38.41
C PHE A 144 -6.85 -20.33 -37.07
N ALA A 145 -7.09 -19.02 -37.02
CA ALA A 145 -7.68 -18.45 -35.82
C ALA A 145 -9.11 -18.92 -35.63
N ALA A 146 -9.88 -18.97 -36.72
CA ALA A 146 -11.26 -19.45 -36.63
C ALA A 146 -11.33 -20.89 -36.12
N TYR A 147 -10.42 -21.76 -36.59
CA TYR A 147 -10.39 -23.16 -36.15
C TYR A 147 -9.99 -23.27 -34.67
N ALA A 148 -8.95 -22.56 -34.26
CA ALA A 148 -8.50 -22.66 -32.88
C ALA A 148 -9.62 -22.28 -31.89
N ARG A 149 -10.47 -21.31 -32.25
CA ARG A 149 -11.59 -20.94 -31.38
C ARG A 149 -12.52 -22.10 -31.08
N LEU A 150 -12.63 -23.04 -32.01
CA LEU A 150 -13.48 -24.21 -31.81
C LEU A 150 -12.81 -25.29 -30.96
N LEU A 151 -11.55 -25.10 -30.56
CA LEU A 151 -10.91 -26.14 -29.76
C LEU A 151 -10.86 -25.71 -28.30
N PRO A 152 -10.65 -26.64 -27.37
CA PRO A 152 -10.58 -26.25 -25.96
C PRO A 152 -9.47 -25.26 -25.69
N ARG A 153 -9.65 -24.46 -24.64
CA ARG A 153 -8.56 -23.60 -24.19
C ARG A 153 -8.37 -23.71 -22.69
N ARG A 154 -7.12 -23.62 -22.28
CA ARG A 154 -6.75 -23.46 -20.88
C ARG A 154 -5.65 -22.40 -20.88
N LEU A 155 -6.02 -21.17 -20.58
CA LEU A 155 -5.10 -20.04 -20.59
C LEU A 155 -4.98 -19.50 -19.16
N SER A 156 -3.85 -19.80 -18.53
CA SER A 156 -3.60 -19.55 -17.10
C SER A 156 -2.70 -18.32 -16.94
N GLY A 157 -3.29 -17.15 -17.13
CA GLY A 157 -2.51 -15.92 -16.96
C GLY A 157 -1.38 -15.83 -17.96
N ARG A 158 -0.21 -15.43 -17.48
CA ARG A 158 0.95 -15.33 -18.35
C ARG A 158 1.93 -16.46 -18.02
N PRO A 159 2.72 -16.93 -18.99
CA PRO A 159 3.62 -18.05 -18.72
C PRO A 159 4.74 -17.64 -17.78
N PRO A 160 5.12 -18.51 -16.85
CA PRO A 160 6.16 -18.15 -15.89
C PRO A 160 7.52 -18.13 -16.56
N ARG A 161 8.44 -17.41 -15.92
CA ARG A 161 9.81 -17.28 -16.40
C ARG A 161 10.64 -18.39 -15.78
N VAL A 162 11.25 -19.23 -16.62
CA VAL A 162 11.80 -20.50 -16.15
C VAL A 162 13.30 -20.52 -16.39
N TRP A 163 14.03 -20.97 -15.38
CA TRP A 163 15.37 -21.46 -15.59
C TRP A 163 15.31 -22.98 -15.57
N CYS A 164 15.92 -23.61 -16.57
CA CYS A 164 15.82 -25.03 -16.86
C CYS A 164 17.23 -25.61 -16.90
N SER A 165 17.44 -26.80 -16.34
CA SER A 165 18.79 -27.36 -16.29
C SER A 165 19.23 -28.15 -17.53
N TRP A 166 18.35 -28.36 -18.53
CA TRP A 166 18.64 -29.33 -19.57
C TRP A 166 19.67 -28.82 -20.56
N TYR A 167 19.44 -27.65 -21.15
CA TYR A 167 20.18 -27.20 -22.32
C TYR A 167 21.52 -26.58 -21.97
N SER A 168 22.07 -26.96 -20.83
CA SER A 168 23.46 -26.63 -20.52
C SER A 168 24.13 -27.87 -19.91
N PHE A 169 23.49 -28.52 -18.94
CA PHE A 169 24.11 -29.64 -18.26
C PHE A 169 23.65 -31.01 -18.76
N TYR A 170 22.59 -31.06 -19.56
CA TYR A 170 21.92 -32.29 -19.97
C TYR A 170 21.76 -33.23 -18.78
N THR A 171 21.97 -34.54 -18.94
CA THR A 171 21.79 -35.46 -17.82
C THR A 171 22.82 -35.28 -16.71
N ARG A 172 23.83 -34.45 -16.90
CA ARG A 172 24.95 -34.42 -15.96
C ARG A 172 24.69 -33.37 -14.88
N ILE A 173 23.69 -33.67 -14.05
CA ILE A 173 23.27 -32.77 -13.00
C ILE A 173 23.39 -33.48 -11.66
N GLY A 174 23.50 -32.68 -10.60
CA GLY A 174 23.59 -33.20 -9.26
C GLY A 174 23.06 -32.19 -8.27
N GLU A 175 22.76 -32.69 -7.08
CA GLU A 175 22.26 -31.83 -6.02
C GLU A 175 23.24 -30.70 -5.71
N ASP A 176 24.54 -31.00 -5.64
CA ASP A 176 25.53 -30.00 -5.26
C ASP A 176 25.69 -28.95 -6.35
N LEU A 177 25.81 -29.39 -7.60
CA LEU A 177 25.95 -28.45 -8.70
C LEU A 177 24.74 -27.53 -8.81
N LEU A 178 23.54 -28.06 -8.58
CA LEU A 178 22.34 -27.25 -8.77
C LEU A 178 22.11 -26.28 -7.61
N LEU A 179 22.59 -26.60 -6.40
CA LEU A 179 22.54 -25.58 -5.35
C LEU A 179 23.43 -24.40 -5.70
N ARG A 180 24.61 -24.66 -6.28
CA ARG A 180 25.49 -23.58 -6.70
C ARG A 180 24.84 -22.73 -7.79
N VAL A 181 24.27 -23.38 -8.80
CA VAL A 181 23.61 -22.63 -9.86
C VAL A 181 22.39 -21.88 -9.31
N LEU A 182 21.62 -22.53 -8.44
CA LEU A 182 20.49 -21.86 -7.81
C LEU A 182 20.89 -20.52 -7.22
N ASP A 183 22.08 -20.46 -6.60
CA ASP A 183 22.50 -19.20 -5.99
C ASP A 183 22.72 -18.11 -7.03
N GLU A 184 23.30 -18.44 -8.20
CA GLU A 184 23.47 -17.42 -9.22
C GLU A 184 22.15 -17.08 -9.87
N VAL A 185 21.34 -18.10 -10.18
CA VAL A 185 20.10 -17.89 -10.92
C VAL A 185 19.14 -17.01 -10.12
N ALA A 186 19.11 -17.20 -8.80
CA ALA A 186 18.20 -16.45 -7.93
C ALA A 186 18.46 -14.95 -7.90
N ALA A 187 19.57 -14.47 -8.47
CA ALA A 187 19.80 -13.05 -8.66
C ALA A 187 18.98 -12.46 -9.80
N PHE A 188 18.36 -13.29 -10.62
CA PHE A 188 17.66 -12.88 -11.82
C PHE A 188 16.16 -13.03 -11.62
N SER A 189 15.40 -12.32 -12.46
CA SER A 189 13.94 -12.26 -12.32
C SER A 189 13.27 -13.51 -12.90
N PHE A 190 13.61 -14.67 -12.34
CA PHE A 190 12.93 -15.90 -12.71
C PHE A 190 11.77 -16.15 -11.75
N GLU A 191 10.79 -16.93 -12.21
CA GLU A 191 9.75 -17.41 -11.33
C GLU A 191 9.88 -18.88 -10.98
N VAL A 192 10.46 -19.70 -11.86
CA VAL A 192 10.60 -21.14 -11.65
C VAL A 192 12.06 -21.54 -11.84
N PHE A 193 12.54 -22.38 -10.91
CA PHE A 193 13.79 -23.09 -11.08
C PHE A 193 13.45 -24.56 -11.33
N GLN A 194 13.69 -25.04 -12.55
CA GLN A 194 13.17 -26.33 -13.01
C GLN A 194 14.31 -27.33 -13.20
N ILE A 195 14.25 -28.43 -12.44
CA ILE A 195 15.23 -29.50 -12.55
C ILE A 195 14.78 -30.46 -13.64
N ASP A 196 15.63 -30.66 -14.65
CA ASP A 196 15.21 -31.43 -15.82
C ASP A 196 15.68 -32.88 -15.67
N ASP A 197 15.71 -33.60 -16.79
CA ASP A 197 16.13 -34.99 -16.80
C ASP A 197 17.53 -35.14 -16.21
N GLY A 198 17.69 -36.13 -15.32
CA GLY A 198 18.99 -36.42 -14.73
C GLY A 198 18.96 -36.67 -13.24
N TRP A 199 17.82 -36.38 -12.60
CA TRP A 199 17.69 -36.53 -11.16
C TRP A 199 17.25 -37.93 -10.74
N GLN A 200 16.68 -38.69 -11.66
CA GLN A 200 15.96 -39.92 -11.34
C GLN A 200 16.89 -41.13 -11.46
N ARG A 201 16.51 -42.21 -10.76
CA ARG A 201 17.27 -43.46 -10.82
C ARG A 201 17.13 -44.12 -12.19
N ALA A 202 15.93 -44.14 -12.76
CA ALA A 202 15.68 -44.67 -14.09
C ALA A 202 14.32 -44.17 -14.56
N LEU A 203 14.06 -44.36 -15.86
CA LEU A 203 12.69 -44.27 -16.36
C LEU A 203 11.84 -45.31 -15.66
N GLY A 204 10.66 -44.90 -15.18
CA GLY A 204 9.85 -45.78 -14.34
C GLY A 204 10.27 -45.85 -12.88
N ASP A 205 11.45 -45.34 -12.52
CA ASP A 205 11.96 -45.34 -11.14
C ASP A 205 12.19 -43.88 -10.77
N TRP A 206 11.10 -43.18 -10.46
CA TRP A 206 11.11 -41.74 -10.29
C TRP A 206 11.41 -41.38 -8.83
N GLU A 207 12.61 -41.74 -8.44
CA GLU A 207 13.21 -41.43 -7.15
C GLU A 207 14.61 -40.89 -7.38
N PRO A 208 15.09 -40.04 -6.48
CA PRO A 208 16.43 -39.46 -6.65
C PRO A 208 17.53 -40.53 -6.74
N ASN A 209 18.46 -40.31 -7.67
CA ASN A 209 19.63 -41.16 -7.76
C ASN A 209 20.70 -40.71 -6.75
N ASP A 210 21.86 -41.37 -6.81
CA ASP A 210 22.89 -41.20 -5.79
C ASP A 210 23.50 -39.80 -5.80
N ARG A 211 23.39 -39.07 -6.91
CA ARG A 211 23.86 -37.68 -6.96
C ARG A 211 22.85 -36.70 -6.40
N PHE A 212 21.72 -37.16 -5.90
CA PHE A 212 20.76 -36.30 -5.20
C PHE A 212 20.54 -36.81 -3.79
N PRO A 213 21.61 -36.88 -2.99
CA PRO A 213 21.57 -37.71 -1.77
C PRO A 213 20.57 -37.25 -0.74
N ARG A 214 20.30 -35.95 -0.64
CA ARG A 214 19.33 -35.46 0.32
C ARG A 214 17.91 -35.48 -0.24
N GLY A 215 17.71 -35.96 -1.46
CA GLY A 215 16.37 -36.11 -1.99
C GLY A 215 15.83 -34.85 -2.64
N MET A 216 14.63 -35.00 -3.21
CA MET A 216 14.05 -33.97 -4.04
C MET A 216 13.22 -32.96 -3.24
N ALA A 217 12.64 -33.33 -2.10
CA ALA A 217 11.94 -32.34 -1.29
C ALA A 217 12.91 -31.34 -0.70
N PHE A 218 14.06 -31.81 -0.24
CA PHE A 218 15.14 -30.92 0.17
C PHE A 218 15.41 -29.86 -0.91
N LEU A 219 15.54 -30.30 -2.16
CA LEU A 219 15.86 -29.37 -3.24
C LEU A 219 14.77 -28.34 -3.46
N ALA A 220 13.51 -28.78 -3.49
CA ALA A 220 12.40 -27.83 -3.67
C ALA A 220 12.32 -26.84 -2.51
N GLU A 221 12.67 -27.27 -1.29
CA GLU A 221 12.64 -26.37 -0.15
C GLU A 221 13.69 -25.27 -0.31
N ARG A 222 14.91 -25.64 -0.69
CA ARG A 222 15.93 -24.64 -0.98
C ARG A 222 15.51 -23.70 -2.11
N ILE A 223 14.74 -24.19 -3.08
CA ILE A 223 14.34 -23.32 -4.18
C ILE A 223 13.31 -22.32 -3.69
N ARG A 224 12.46 -22.74 -2.76
CA ARG A 224 11.40 -21.85 -2.29
C ARG A 224 11.93 -20.82 -1.30
N GLU A 225 12.97 -21.17 -0.56
CA GLU A 225 13.67 -20.25 0.31
C GLU A 225 14.33 -19.12 -0.45
N ARG A 226 14.27 -19.14 -1.78
CA ARG A 226 14.76 -18.04 -2.59
C ARG A 226 13.64 -17.25 -3.23
N GLY A 227 12.39 -17.51 -2.86
CA GLY A 227 11.27 -16.88 -3.52
C GLY A 227 10.91 -17.48 -4.87
N LEU A 228 11.44 -18.64 -5.20
CA LEU A 228 11.20 -19.26 -6.49
C LEU A 228 10.26 -20.46 -6.33
N ARG A 229 9.55 -20.78 -7.39
CA ARG A 229 8.84 -22.04 -7.48
C ARG A 229 9.76 -23.14 -8.00
N ALA A 230 9.56 -24.35 -7.51
CA ALA A 230 10.36 -25.49 -7.93
C ALA A 230 9.65 -26.27 -9.04
N GLY A 231 10.40 -26.61 -10.08
CA GLY A 231 9.88 -27.37 -11.20
C GLY A 231 10.66 -28.66 -11.39
N LEU A 232 9.97 -29.69 -11.88
CA LEU A 232 10.56 -31.01 -12.00
C LEU A 232 10.11 -31.70 -13.30
N TRP A 233 11.03 -32.48 -13.89
CA TRP A 233 10.82 -33.17 -15.15
C TRP A 233 10.51 -34.65 -14.91
N PHE A 234 9.51 -35.18 -15.64
CA PHE A 234 9.19 -36.61 -15.73
C PHE A 234 8.89 -36.99 -17.17
N ALA A 235 9.14 -38.27 -17.49
CA ALA A 235 8.65 -38.91 -18.72
C ALA A 235 7.76 -40.07 -18.28
N PRO A 236 6.54 -39.78 -17.83
CA PRO A 236 5.83 -40.74 -16.96
C PRO A 236 5.44 -42.07 -17.62
N PHE A 237 5.26 -42.13 -18.95
CA PHE A 237 4.83 -43.36 -19.60
C PHE A 237 5.94 -44.02 -20.41
N LEU A 238 7.19 -43.68 -20.12
CA LEU A 238 8.34 -44.18 -20.84
C LEU A 238 9.09 -45.13 -19.91
N VAL A 239 9.71 -46.15 -20.51
CA VAL A 239 10.44 -47.15 -19.73
C VAL A 239 11.46 -47.78 -20.67
N THR A 240 12.56 -48.29 -20.11
CA THR A 240 13.53 -49.03 -20.90
C THR A 240 13.64 -50.45 -20.35
N ALA A 241 14.24 -51.34 -21.15
CA ALA A 241 14.31 -52.73 -20.72
C ALA A 241 15.13 -52.91 -19.45
N ASP A 242 16.07 -51.99 -19.19
CA ASP A 242 16.86 -52.08 -17.98
C ASP A 242 16.20 -51.38 -16.80
N SER A 243 15.03 -50.76 -16.99
CA SER A 243 14.27 -50.21 -15.88
C SER A 243 13.79 -51.33 -14.96
N PRO A 244 13.91 -51.18 -13.65
CA PRO A 244 13.28 -52.15 -12.73
C PRO A 244 11.77 -52.28 -12.91
N LEU A 245 11.08 -51.21 -13.28
CA LEU A 245 9.64 -51.31 -13.51
C LEU A 245 9.32 -52.21 -14.70
N PHE A 246 10.21 -52.24 -15.69
CA PHE A 246 10.04 -53.13 -16.82
C PHE A 246 10.04 -54.59 -16.38
N GLN A 247 10.86 -54.92 -15.39
CA GLN A 247 10.98 -56.29 -14.91
C GLN A 247 10.02 -56.59 -13.77
N LYS A 248 9.67 -55.61 -12.96
CA LYS A 248 8.78 -55.86 -11.85
C LYS A 248 7.32 -55.90 -12.30
N ARG A 249 6.97 -55.15 -13.33
CA ARG A 249 5.60 -55.10 -13.84
C ARG A 249 5.58 -55.29 -15.35
N PRO A 250 5.94 -56.49 -15.84
CA PRO A 250 5.84 -56.74 -17.28
C PRO A 250 4.45 -56.54 -17.83
N ASP A 251 3.43 -56.62 -16.97
CA ASP A 251 2.05 -56.41 -17.37
C ASP A 251 1.68 -54.93 -17.55
N TRP A 252 2.57 -53.99 -17.22
CA TRP A 252 2.29 -52.58 -17.45
C TRP A 252 2.76 -52.11 -18.82
N VAL A 253 3.68 -52.86 -19.44
CA VAL A 253 4.24 -52.48 -20.73
C VAL A 253 3.16 -52.55 -21.81
N LEU A 254 3.12 -51.52 -22.66
CA LEU A 254 2.23 -51.54 -23.80
C LEU A 254 2.75 -52.55 -24.84
N ARG A 255 1.88 -53.47 -25.25
CA ARG A 255 2.28 -54.59 -26.07
C ARG A 255 1.40 -54.67 -27.32
N ASP A 256 1.96 -55.22 -28.39
CA ASP A 256 1.22 -55.40 -29.63
C ASP A 256 0.39 -56.68 -29.58
N GLY A 257 -0.30 -56.96 -30.70
CA GLY A 257 -1.20 -58.11 -30.82
C GLY A 257 -0.56 -59.45 -30.52
N GLU A 258 0.76 -59.55 -30.62
CA GLU A 258 1.49 -60.75 -30.27
C GLU A 258 2.20 -60.65 -28.93
N GLY A 259 1.81 -59.69 -28.09
CA GLY A 259 2.42 -59.60 -26.78
C GLY A 259 3.81 -59.01 -26.74
N ARG A 260 4.37 -58.61 -27.89
CA ARG A 260 5.66 -57.93 -27.87
C ARG A 260 5.50 -56.47 -27.47
N PRO A 261 6.49 -55.91 -26.76
CA PRO A 261 6.41 -54.49 -26.39
C PRO A 261 6.44 -53.59 -27.61
N VAL A 262 5.49 -52.64 -27.67
CA VAL A 262 5.51 -51.57 -28.65
C VAL A 262 6.80 -50.74 -28.50
N ARG A 263 7.49 -50.51 -29.62
CA ARG A 263 8.72 -49.73 -29.56
C ARG A 263 8.40 -48.22 -29.57
N ALA A 264 9.00 -47.49 -28.63
CA ALA A 264 8.71 -46.07 -28.48
C ALA A 264 9.88 -45.18 -28.91
N GLY A 265 10.87 -45.74 -29.59
CA GLY A 265 11.97 -44.99 -30.13
C GLY A 265 13.31 -45.45 -29.58
N PHE A 266 14.30 -44.58 -29.76
CA PHE A 266 15.68 -44.87 -29.41
C PHE A 266 16.31 -43.59 -28.87
N ASN A 267 16.74 -43.63 -27.61
CA ASN A 267 17.25 -42.42 -26.97
C ASN A 267 17.99 -42.84 -25.72
N TRP A 268 18.92 -41.97 -25.27
CA TRP A 268 19.90 -42.33 -24.24
C TRP A 268 20.59 -43.64 -24.59
N GLY A 269 20.86 -43.84 -25.88
CA GLY A 269 21.56 -45.02 -26.33
C GLY A 269 20.86 -46.36 -26.13
N ARG A 270 19.55 -46.38 -25.86
CA ARG A 270 18.87 -47.66 -25.73
C ARG A 270 17.47 -47.60 -26.33
N PRO A 271 16.89 -48.75 -26.66
CA PRO A 271 15.49 -48.74 -27.14
C PRO A 271 14.53 -48.30 -26.06
N LEU A 272 13.52 -47.54 -26.46
CA LEU A 272 12.49 -47.05 -25.56
C LEU A 272 11.25 -47.92 -25.64
N TYR A 273 10.56 -48.10 -24.51
CA TYR A 273 9.26 -48.76 -24.50
C TYR A 273 8.25 -47.90 -23.75
N ALA A 274 6.98 -48.23 -23.91
CA ALA A 274 5.92 -47.44 -23.32
C ALA A 274 5.19 -48.24 -22.24
N LEU A 275 4.72 -47.52 -21.23
CA LEU A 275 3.74 -48.04 -20.30
C LEU A 275 2.35 -47.83 -20.87
N ASP A 276 1.47 -48.79 -20.61
CA ASP A 276 0.15 -48.83 -21.23
C ASP A 276 -0.79 -47.85 -20.54
N ALA A 277 -1.07 -46.74 -21.21
CA ALA A 277 -1.92 -45.70 -20.65
C ALA A 277 -3.41 -46.04 -20.73
N GLY A 278 -3.76 -47.20 -21.27
CA GLY A 278 -5.11 -47.74 -21.13
C GLY A 278 -5.26 -48.64 -19.91
N ASN A 279 -4.20 -48.88 -19.19
CA ASN A 279 -4.22 -49.73 -18.00
C ASN A 279 -4.48 -48.83 -16.79
N GLU A 280 -5.61 -49.05 -16.12
CA GLU A 280 -6.05 -48.19 -15.03
C GLU A 280 -5.03 -48.13 -13.91
N GLU A 281 -4.34 -49.24 -13.67
CA GLU A 281 -3.32 -49.26 -12.64
C GLU A 281 -2.09 -48.43 -13.03
N VAL A 282 -1.76 -48.37 -14.33
CA VAL A 282 -0.68 -47.52 -14.79
C VAL A 282 -1.08 -46.05 -14.66
N VAL A 283 -2.29 -45.71 -15.08
CA VAL A 283 -2.75 -44.34 -15.00
C VAL A 283 -2.76 -43.85 -13.55
N GLU A 284 -3.07 -44.72 -12.58
CA GLU A 284 -3.07 -44.24 -11.20
C GLU A 284 -1.65 -44.14 -10.64
N TRP A 285 -0.75 -44.99 -11.11
CA TRP A 285 0.65 -44.86 -10.74
C TRP A 285 1.25 -43.55 -11.28
N ALA A 286 0.87 -43.15 -12.51
CA ALA A 286 1.36 -41.89 -13.07
C ALA A 286 0.74 -40.69 -12.37
N ALA A 287 -0.58 -40.72 -12.15
CA ALA A 287 -1.22 -39.70 -11.32
C ALA A 287 -0.53 -39.60 -9.97
N ASP A 288 -0.12 -40.73 -9.38
CA ASP A 288 0.59 -40.69 -8.10
C ASP A 288 1.96 -40.05 -8.24
N LEU A 289 2.58 -40.13 -9.42
CA LEU A 289 3.84 -39.42 -9.62
C LEU A 289 3.64 -37.92 -9.46
N VAL A 290 2.60 -37.38 -10.09
CA VAL A 290 2.23 -35.98 -9.94
C VAL A 290 1.97 -35.63 -8.47
N ARG A 291 1.16 -36.45 -7.79
CA ARG A 291 0.90 -36.20 -6.37
C ARG A 291 2.17 -36.23 -5.55
N LYS A 292 3.08 -37.14 -5.87
CA LYS A 292 4.35 -37.22 -5.14
C LYS A 292 5.17 -35.94 -5.34
N ALA A 293 5.28 -35.49 -6.60
CA ALA A 293 6.01 -34.26 -6.88
C ALA A 293 5.38 -33.06 -6.19
N LEU A 294 4.05 -33.02 -6.11
CA LEU A 294 3.40 -31.93 -5.39
C LEU A 294 3.74 -31.98 -3.89
N ALA A 295 3.62 -33.17 -3.28
CA ALA A 295 4.04 -33.33 -1.88
C ALA A 295 5.52 -33.03 -1.66
N TRP A 296 6.35 -33.16 -2.68
CA TRP A 296 7.75 -32.80 -2.50
C TRP A 296 7.99 -31.29 -2.49
N GLY A 297 7.00 -30.48 -2.88
CA GLY A 297 7.17 -29.04 -2.98
C GLY A 297 7.24 -28.48 -4.39
N TYR A 298 7.16 -29.31 -5.44
CA TYR A 298 7.20 -28.83 -6.82
C TYR A 298 5.79 -28.48 -7.27
N ASP A 299 5.61 -27.30 -7.86
CA ASP A 299 4.30 -26.97 -8.41
C ASP A 299 4.38 -26.58 -9.88
N TYR A 300 5.46 -26.99 -10.55
CA TYR A 300 5.66 -26.79 -11.98
C TYR A 300 6.24 -28.09 -12.51
N LEU A 301 5.57 -28.72 -13.48
CA LEU A 301 5.93 -30.06 -13.91
C LEU A 301 6.12 -30.08 -15.41
N LYS A 302 7.27 -30.57 -15.84
CA LYS A 302 7.53 -30.81 -17.25
C LYS A 302 7.26 -32.29 -17.52
N LEU A 303 6.16 -32.57 -18.20
CA LEU A 303 5.75 -33.93 -18.57
C LEU A 303 6.20 -34.16 -20.01
N ASP A 304 7.18 -35.03 -20.18
CA ASP A 304 7.89 -35.26 -21.43
C ASP A 304 7.55 -36.62 -22.04
N PHE A 305 7.89 -36.76 -23.32
CA PHE A 305 7.77 -38.03 -24.05
C PHE A 305 6.33 -38.55 -24.00
N LEU A 306 5.37 -37.61 -24.06
CA LEU A 306 3.98 -37.94 -23.81
C LEU A 306 3.35 -38.69 -24.97
N TYR A 307 3.97 -38.64 -26.15
CA TYR A 307 3.49 -39.43 -27.28
C TYR A 307 3.35 -40.89 -26.89
N ALA A 308 4.21 -41.36 -25.98
CA ALA A 308 4.19 -42.75 -25.53
C ALA A 308 2.84 -43.14 -24.92
N ALA A 309 2.15 -42.20 -24.29
CA ALA A 309 0.82 -42.49 -23.78
C ALA A 309 -0.22 -42.51 -24.89
N ALA A 310 0.15 -42.16 -26.13
CA ALA A 310 -0.80 -42.08 -27.24
C ALA A 310 -0.44 -43.03 -28.39
N LEU A 311 0.64 -43.79 -28.26
CA LEU A 311 0.99 -44.77 -29.28
C LEU A 311 -0.21 -45.66 -29.56
N PRO A 312 -0.45 -46.07 -30.82
CA PRO A 312 0.43 -45.88 -31.97
C PRO A 312 0.12 -44.70 -32.89
N GLY A 313 -0.58 -43.68 -32.42
CA GLY A 313 -0.88 -42.55 -33.29
C GLY A 313 -2.26 -42.00 -33.04
N ALA A 314 -2.94 -41.53 -34.10
CA ALA A 314 -4.32 -41.06 -33.96
C ALA A 314 -5.19 -42.05 -33.18
N GLU A 315 -4.98 -43.36 -33.37
CA GLU A 315 -5.81 -44.34 -32.67
C GLU A 315 -5.66 -44.27 -31.15
N GLY A 316 -4.52 -43.79 -30.64
CA GLY A 316 -4.30 -43.77 -29.21
C GLY A 316 -4.69 -42.49 -28.52
N GLU A 317 -5.27 -41.55 -29.24
CA GLU A 317 -5.55 -40.25 -28.67
C GLU A 317 -6.68 -40.30 -27.63
N ALA A 318 -7.62 -41.21 -27.79
CA ALA A 318 -8.69 -41.34 -26.79
C ALA A 318 -8.12 -41.84 -25.46
N ARG A 319 -7.28 -42.87 -25.51
CA ARG A 319 -6.59 -43.33 -24.30
C ARG A 319 -5.75 -42.21 -23.70
N TYR A 320 -4.96 -41.55 -24.55
CA TYR A 320 -4.08 -40.47 -24.12
C TYR A 320 -4.85 -39.39 -23.37
N ARG A 321 -5.99 -39.00 -23.92
CA ARG A 321 -6.77 -37.93 -23.32
C ARG A 321 -7.31 -38.32 -21.94
N LYS A 322 -7.83 -39.54 -21.80
CA LYS A 322 -8.30 -39.98 -20.49
C LYS A 322 -7.16 -40.00 -19.47
N ALA A 323 -5.98 -40.47 -19.87
CA ALA A 323 -4.87 -40.55 -18.92
C ALA A 323 -4.34 -39.16 -18.58
N MET A 324 -4.24 -38.28 -19.56
CA MET A 324 -3.81 -36.92 -19.28
C MET A 324 -4.81 -36.18 -18.41
N ALA A 325 -6.11 -36.46 -18.57
CA ALA A 325 -7.12 -35.81 -17.74
C ALA A 325 -6.94 -36.17 -16.28
N ARG A 326 -6.55 -37.43 -16.00
CA ARG A 326 -6.24 -37.84 -14.63
C ARG A 326 -5.01 -37.13 -14.08
N LEU A 327 -3.94 -36.99 -14.89
CA LEU A 327 -2.80 -36.23 -14.41
C LEU A 327 -3.18 -34.78 -14.18
N ARG A 328 -3.98 -34.21 -15.10
CA ARG A 328 -4.48 -32.86 -14.91
C ARG A 328 -5.27 -32.73 -13.61
N GLU A 329 -6.00 -33.78 -13.25
CA GLU A 329 -6.77 -33.77 -12.01
C GLU A 329 -5.85 -33.84 -10.80
N ALA A 330 -4.85 -34.73 -10.85
CA ALA A 330 -3.93 -34.89 -9.73
C ALA A 330 -3.02 -33.67 -9.53
N ALA A 331 -2.78 -32.88 -10.57
CA ALA A 331 -1.92 -31.71 -10.44
C ALA A 331 -2.65 -30.53 -9.84
N GLY A 332 -3.97 -30.56 -9.85
CA GLY A 332 -4.74 -29.44 -9.34
C GLY A 332 -4.46 -28.22 -10.17
N GLU A 333 -3.98 -27.17 -9.51
CA GLU A 333 -3.62 -25.92 -10.18
C GLU A 333 -2.13 -25.82 -10.45
N ALA A 334 -1.37 -26.88 -10.20
CA ALA A 334 0.03 -26.88 -10.59
C ALA A 334 0.15 -26.61 -12.08
N TYR A 335 1.30 -26.09 -12.47
CA TYR A 335 1.53 -25.75 -13.87
C TYR A 335 2.10 -27.00 -14.58
N LEU A 336 1.42 -27.43 -15.66
CA LEU A 336 1.80 -28.62 -16.43
C LEU A 336 2.31 -28.17 -17.79
N LEU A 337 3.60 -28.39 -18.04
CA LEU A 337 4.22 -28.16 -19.34
C LEU A 337 4.28 -29.47 -20.09
N PHE A 338 3.59 -29.56 -21.24
CA PHE A 338 3.53 -30.78 -22.05
C PHE A 338 4.64 -30.75 -23.09
N CYS A 339 5.50 -31.76 -23.06
CA CYS A 339 6.55 -31.89 -24.05
C CYS A 339 6.48 -33.27 -24.70
N GLY A 340 6.96 -33.35 -25.95
CA GLY A 340 6.88 -34.56 -26.74
C GLY A 340 5.46 -35.02 -26.96
N ALA A 341 4.53 -34.10 -27.06
CA ALA A 341 3.16 -34.42 -26.76
C ALA A 341 2.28 -34.25 -27.99
N PRO A 342 1.26 -35.09 -28.15
CA PRO A 342 0.26 -34.87 -29.22
C PRO A 342 -0.34 -33.48 -29.09
N VAL A 343 -0.17 -32.67 -30.13
CA VAL A 343 -0.37 -31.23 -29.98
C VAL A 343 -1.86 -30.92 -29.81
N LEU A 344 -2.69 -31.28 -30.79
CA LEU A 344 -4.10 -30.94 -30.68
C LEU A 344 -4.81 -31.73 -29.57
N ALA A 345 -4.41 -32.97 -29.30
CA ALA A 345 -5.11 -33.73 -28.28
C ALA A 345 -4.78 -33.29 -26.85
N SER A 346 -3.80 -32.39 -26.66
CA SER A 346 -3.42 -31.91 -25.33
C SER A 346 -4.16 -30.64 -24.92
N LEU A 347 -4.78 -29.93 -25.86
CA LEU A 347 -5.41 -28.66 -25.59
C LEU A 347 -6.53 -28.77 -24.54
N GLY A 348 -6.56 -27.81 -23.61
CA GLY A 348 -7.49 -27.83 -22.52
C GLY A 348 -6.99 -28.54 -21.28
N LEU A 349 -5.97 -29.38 -21.42
CA LEU A 349 -5.31 -30.06 -20.31
C LEU A 349 -3.99 -29.41 -19.95
N ALA A 350 -3.25 -28.93 -20.95
CA ALA A 350 -1.93 -28.38 -20.72
C ALA A 350 -2.04 -26.90 -20.37
N ASP A 351 -1.19 -26.47 -19.43
CA ASP A 351 -0.97 -25.04 -19.29
C ASP A 351 0.01 -24.53 -20.34
N GLY A 352 1.08 -25.29 -20.57
CA GLY A 352 2.03 -24.96 -21.61
C GLY A 352 2.32 -26.18 -22.47
N LEU A 353 2.64 -25.90 -23.74
CA LEU A 353 2.78 -26.95 -24.74
C LEU A 353 3.99 -26.64 -25.61
N ARG A 354 4.97 -27.54 -25.61
CA ARG A 354 6.06 -27.43 -26.57
C ARG A 354 5.52 -27.73 -27.98
N VAL A 355 5.86 -26.87 -28.94
CA VAL A 355 5.30 -26.96 -30.28
C VAL A 355 6.36 -27.21 -31.33
N GLY A 356 7.59 -27.50 -30.94
CA GLY A 356 8.68 -27.69 -31.87
C GLY A 356 9.72 -28.66 -31.37
N PRO A 357 10.59 -29.13 -32.27
CA PRO A 357 11.79 -29.85 -31.85
C PRO A 357 12.61 -29.06 -30.84
N ASP A 358 13.34 -29.81 -30.01
CA ASP A 358 14.31 -29.22 -29.09
C ASP A 358 15.22 -28.23 -29.80
N VAL A 359 15.53 -27.13 -29.10
CA VAL A 359 16.62 -26.27 -29.55
C VAL A 359 17.93 -26.99 -29.20
N ALA A 360 19.01 -26.52 -29.80
CA ALA A 360 20.32 -27.09 -29.55
C ALA A 360 21.33 -25.98 -29.73
N PRO A 361 22.54 -26.14 -29.18
CA PRO A 361 23.52 -25.06 -29.31
C PRO A 361 24.14 -24.99 -30.70
N TYR A 362 23.33 -25.17 -31.75
CA TYR A 362 23.77 -25.07 -33.13
C TYR A 362 22.52 -24.91 -34.01
N TRP A 363 22.75 -24.45 -35.23
CA TRP A 363 21.65 -24.15 -36.14
C TRP A 363 21.02 -25.42 -36.71
N ASP A 364 21.84 -26.36 -37.17
CA ASP A 364 21.33 -27.55 -37.83
C ASP A 364 22.38 -28.64 -37.94
N ASN A 365 22.04 -29.84 -37.48
CA ASN A 365 22.85 -31.03 -37.75
C ASN A 365 22.46 -31.52 -39.13
N GLU A 366 23.28 -31.20 -40.14
CA GLU A 366 22.89 -31.51 -41.51
C GLU A 366 22.83 -33.01 -41.77
N GLU A 367 23.61 -33.81 -41.03
CA GLU A 367 23.53 -35.26 -41.18
C GLU A 367 22.18 -35.79 -40.77
N ARG A 368 21.62 -35.27 -39.67
CA ARG A 368 20.32 -35.75 -39.21
C ARG A 368 19.19 -35.15 -40.02
N SER A 369 19.28 -33.87 -40.35
CA SER A 369 18.16 -33.18 -40.99
C SER A 369 18.05 -33.56 -42.45
N PHE A 370 19.18 -33.74 -43.13
CA PHE A 370 19.18 -33.95 -44.56
C PHE A 370 19.44 -35.39 -44.93
N TRP A 371 20.61 -35.94 -44.58
CA TRP A 371 20.96 -37.29 -45.02
C TRP A 371 20.02 -38.32 -44.42
N LEU A 372 19.67 -38.16 -43.14
CA LEU A 372 18.70 -39.03 -42.50
C LEU A 372 17.26 -38.50 -42.63
N ALA A 373 17.06 -37.34 -43.24
CA ALA A 373 15.72 -36.80 -43.47
C ALA A 373 14.87 -36.76 -42.20
N ASP A 374 15.45 -36.29 -41.09
CA ASP A 374 14.77 -36.25 -39.80
C ASP A 374 14.75 -34.82 -39.29
N PRO A 375 13.73 -34.03 -39.66
CA PRO A 375 13.62 -32.65 -39.16
C PRO A 375 13.09 -32.53 -37.74
N THR A 376 12.98 -33.63 -36.98
CA THR A 376 12.50 -33.58 -35.61
C THR A 376 13.65 -33.55 -34.60
N GLY A 377 14.89 -33.66 -35.08
CA GLY A 377 16.03 -33.64 -34.20
C GLY A 377 16.36 -32.27 -33.65
N PRO A 378 17.11 -32.25 -32.55
CA PRO A 378 17.45 -30.95 -31.93
C PRO A 378 18.23 -30.06 -32.87
N GLY A 379 17.97 -28.76 -32.76
CA GLY A 379 18.54 -27.76 -33.65
C GLY A 379 17.65 -26.53 -33.66
N LEU A 380 18.26 -25.34 -33.66
CA LEU A 380 17.45 -24.13 -33.65
C LEU A 380 16.61 -24.02 -34.92
N ARG A 381 17.16 -24.38 -36.07
CA ARG A 381 16.38 -24.27 -37.29
C ARG A 381 15.16 -25.19 -37.27
N ASN A 382 15.34 -26.43 -36.82
CA ASN A 382 14.19 -27.33 -36.70
C ASN A 382 13.19 -26.81 -35.69
N ALA A 383 13.68 -26.31 -34.55
CA ALA A 383 12.81 -25.73 -33.53
C ALA A 383 11.96 -24.60 -34.10
N LEU A 384 12.62 -23.63 -34.76
CA LEU A 384 11.91 -22.45 -35.27
C LEU A 384 10.84 -22.85 -36.29
N ARG A 385 11.18 -23.77 -37.19
CA ARG A 385 10.30 -24.03 -38.32
C ARG A 385 8.94 -24.57 -37.87
N SER A 386 8.93 -25.55 -36.97
CA SER A 386 7.65 -26.08 -36.49
C SER A 386 6.96 -25.08 -35.56
N THR A 387 7.72 -24.43 -34.68
CA THR A 387 7.14 -23.44 -33.80
C THR A 387 6.41 -22.36 -34.59
N LEU A 388 7.02 -21.87 -35.67
CA LEU A 388 6.39 -20.80 -36.44
C LEU A 388 5.02 -21.19 -36.94
N HIS A 389 4.84 -22.49 -37.26
CA HIS A 389 3.60 -22.98 -37.84
C HIS A 389 2.62 -23.46 -36.80
N ARG A 390 2.88 -23.17 -35.53
CA ARG A 390 1.96 -23.52 -34.45
C ARG A 390 1.71 -22.36 -33.49
N LEU A 391 2.11 -21.13 -33.87
CA LEU A 391 1.78 -19.97 -33.05
C LEU A 391 0.28 -19.72 -32.96
N TRP A 392 -0.49 -20.15 -33.97
CA TRP A 392 -1.93 -19.94 -33.99
C TRP A 392 -2.65 -20.64 -32.85
N LEU A 393 -1.95 -21.47 -32.08
CA LEU A 393 -2.49 -22.09 -30.88
C LEU A 393 -2.36 -21.22 -29.63
N MET A 394 -1.85 -19.98 -29.77
CA MET A 394 -1.53 -19.17 -28.59
C MET A 394 -2.76 -18.77 -27.79
N GLU A 395 -3.96 -18.86 -28.36
CA GLU A 395 -5.16 -18.59 -27.56
C GLU A 395 -5.83 -19.86 -27.05
N ASN A 396 -5.15 -21.01 -27.11
CA ASN A 396 -5.63 -22.23 -26.49
C ASN A 396 -4.73 -22.72 -25.37
N VAL A 397 -3.47 -22.30 -25.36
CA VAL A 397 -2.46 -22.84 -24.46
C VAL A 397 -1.31 -21.85 -24.47
N HIS A 398 -0.46 -21.91 -23.45
CA HIS A 398 0.80 -21.19 -23.52
C HIS A 398 1.72 -21.90 -24.50
N VAL A 399 2.12 -21.23 -25.57
CA VAL A 399 2.97 -21.84 -26.58
C VAL A 399 4.43 -21.68 -26.18
N ASP A 400 5.10 -22.81 -25.93
CA ASP A 400 6.50 -22.80 -25.51
C ASP A 400 7.41 -22.95 -26.73
N PRO A 401 8.20 -21.94 -27.09
CA PRO A 401 9.14 -22.10 -28.22
C PRO A 401 10.43 -22.83 -27.87
N ASP A 402 10.58 -23.27 -26.62
CA ASP A 402 11.79 -23.79 -25.98
C ASP A 402 12.69 -22.65 -25.55
N VAL A 403 13.79 -22.99 -24.85
CA VAL A 403 14.61 -22.01 -24.14
C VAL A 403 15.31 -21.07 -25.11
N VAL A 404 15.69 -19.91 -24.60
CA VAL A 404 16.48 -18.92 -25.33
C VAL A 404 17.92 -18.99 -24.83
N TYR A 405 18.88 -18.94 -25.76
CA TYR A 405 20.28 -18.85 -25.39
C TYR A 405 20.72 -17.39 -25.33
N PHE A 406 21.49 -17.05 -24.30
CA PHE A 406 22.22 -15.80 -24.28
C PHE A 406 23.73 -15.99 -24.29
N ARG A 407 24.22 -17.14 -23.85
CA ARG A 407 25.65 -17.38 -23.82
C ARG A 407 26.22 -17.57 -25.22
N THR A 408 27.49 -17.20 -25.38
CA THR A 408 28.30 -17.60 -26.52
C THR A 408 29.33 -18.65 -26.15
N ARG A 409 29.58 -18.87 -24.87
CA ARG A 409 30.40 -20.00 -24.45
C ARG A 409 29.58 -21.28 -24.50
N PHE A 410 30.23 -22.36 -24.94
CA PHE A 410 29.59 -23.67 -25.05
C PHE A 410 28.30 -23.59 -25.88
N ASN A 411 28.42 -22.90 -27.02
CA ASN A 411 27.29 -22.65 -27.90
C ASN A 411 27.86 -22.30 -29.27
N LEU A 412 27.37 -22.95 -30.32
CA LEU A 412 27.81 -22.64 -31.69
C LEU A 412 26.92 -21.63 -32.40
N LEU A 413 25.82 -21.20 -31.80
CA LEU A 413 24.91 -20.31 -32.50
C LEU A 413 25.52 -18.91 -32.65
N SER A 414 25.20 -18.27 -33.78
CA SER A 414 25.61 -16.90 -33.97
C SER A 414 24.63 -15.96 -33.26
N PRO A 415 25.05 -14.72 -32.99
CA PRO A 415 24.12 -13.76 -32.35
C PRO A 415 22.87 -13.47 -33.15
N GLU A 416 22.93 -13.42 -34.48
CA GLU A 416 21.69 -13.21 -35.23
C GLU A 416 20.78 -14.42 -35.15
N GLU A 417 21.35 -15.63 -35.14
CA GLU A 417 20.50 -16.81 -34.97
C GLU A 417 19.87 -16.84 -33.58
N MET A 418 20.63 -16.45 -32.55
CA MET A 418 20.08 -16.45 -31.19
C MET A 418 18.93 -15.44 -31.04
N ARG A 419 19.00 -14.30 -31.73
CA ARG A 419 17.93 -13.31 -31.63
C ARG A 419 16.62 -13.82 -32.22
N LEU A 420 16.68 -14.74 -33.19
CA LEU A 420 15.45 -15.26 -33.78
C LEU A 420 14.65 -16.03 -32.74
N GLN A 421 15.33 -16.82 -31.92
CA GLN A 421 14.69 -17.56 -30.85
C GLN A 421 14.21 -16.63 -29.75
N GLU A 422 15.02 -15.63 -29.39
CA GLU A 422 14.61 -14.64 -28.41
C GLU A 422 13.33 -13.91 -28.84
N ALA A 423 13.20 -13.60 -30.14
CA ALA A 423 12.01 -12.90 -30.62
C ALA A 423 10.75 -13.72 -30.38
N LEU A 424 10.78 -15.02 -30.69
CA LEU A 424 9.60 -15.86 -30.49
C LEU A 424 9.26 -16.01 -29.01
N ALA A 425 10.27 -15.94 -28.14
CA ALA A 425 9.99 -15.96 -26.71
C ALA A 425 9.22 -14.71 -26.27
N HIS A 426 9.55 -13.54 -26.85
CA HIS A 426 8.77 -12.34 -26.61
C HIS A 426 7.38 -12.44 -27.22
N PHE A 427 7.28 -12.98 -28.44
CA PHE A 427 5.97 -13.08 -29.08
C PHE A 427 5.04 -14.00 -28.31
N THR A 428 5.55 -15.15 -27.87
CA THR A 428 4.72 -16.05 -27.09
C THR A 428 4.65 -15.66 -25.63
N GLY A 429 5.57 -14.82 -25.15
CA GLY A 429 5.66 -14.53 -23.73
C GLY A 429 6.20 -15.67 -22.90
N PHE A 430 6.63 -16.77 -23.52
CA PHE A 430 7.19 -17.90 -22.79
C PHE A 430 8.70 -17.72 -22.71
N LYS A 431 9.21 -17.42 -21.53
CA LYS A 431 10.60 -17.01 -21.35
C LYS A 431 11.33 -18.04 -20.50
N ALA A 432 12.27 -18.76 -21.12
CA ALA A 432 13.05 -19.78 -20.45
C ALA A 432 14.49 -19.76 -20.95
N THR A 433 15.42 -20.09 -20.05
CA THR A 433 16.79 -20.32 -20.46
C THR A 433 17.36 -21.45 -19.64
N SER A 434 18.49 -21.98 -20.12
CA SER A 434 19.27 -22.97 -19.41
C SER A 434 20.66 -22.46 -19.11
N ASP A 435 20.97 -21.22 -19.49
CA ASP A 435 22.32 -20.69 -19.38
C ASP A 435 22.71 -20.54 -17.91
N PRO A 436 23.71 -21.24 -17.44
CA PRO A 436 24.19 -21.01 -16.08
C PRO A 436 24.82 -19.64 -16.01
N PRO A 437 24.44 -18.81 -15.03
CA PRO A 437 24.96 -17.43 -15.02
C PRO A 437 26.49 -17.33 -15.08
N SER A 438 27.23 -18.25 -14.47
CA SER A 438 28.69 -18.22 -14.56
C SER A 438 29.23 -18.62 -15.94
N TRP A 439 28.41 -19.09 -16.87
CA TRP A 439 28.89 -19.23 -18.24
C TRP A 439 28.71 -17.97 -19.04
N LEU A 440 28.08 -16.94 -18.47
CA LEU A 440 27.74 -15.73 -19.19
C LEU A 440 28.80 -14.65 -18.93
N LEU A 441 29.13 -13.90 -19.98
CA LEU A 441 29.92 -12.69 -19.87
C LEU A 441 29.07 -11.56 -19.29
N PRO A 442 29.71 -10.57 -18.64
CA PRO A 442 28.96 -9.43 -18.07
C PRO A 442 27.86 -8.85 -18.96
N GLU A 443 28.16 -8.58 -20.23
CA GLU A 443 27.16 -8.03 -21.14
C GLU A 443 26.01 -9.01 -21.37
N GLU A 444 26.29 -10.31 -21.31
CA GLU A 444 25.23 -11.30 -21.51
C GLU A 444 24.33 -11.40 -20.29
N LYS A 445 24.88 -11.22 -19.09
CA LYS A 445 24.07 -11.15 -17.88
C LYS A 445 23.04 -10.02 -17.96
N GLY A 446 23.46 -8.85 -18.45
CA GLY A 446 22.54 -7.74 -18.56
C GLY A 446 21.43 -7.97 -19.57
N ARG A 447 21.74 -8.68 -20.66
CA ARG A 447 20.68 -9.01 -21.62
C ARG A 447 19.72 -10.03 -21.06
N LEU A 448 20.21 -10.97 -20.25
CA LEU A 448 19.30 -11.94 -19.65
C LEU A 448 18.33 -11.24 -18.71
N GLU A 449 18.85 -10.41 -17.81
CA GLU A 449 17.96 -9.76 -16.85
C GLU A 449 17.02 -8.77 -17.51
N ALA A 450 17.46 -8.06 -18.56
CA ALA A 450 16.53 -7.21 -19.29
C ALA A 450 15.49 -8.03 -20.06
N PHE A 451 15.86 -9.20 -20.55
CA PHE A 451 14.91 -10.13 -21.18
C PHE A 451 13.83 -10.56 -20.19
N LEU A 452 14.22 -10.93 -18.98
CA LEU A 452 13.25 -11.37 -17.97
C LEU A 452 12.40 -10.22 -17.44
N ALA A 453 12.95 -9.01 -17.35
CA ALA A 453 12.28 -7.95 -16.58
C ALA A 453 11.39 -7.03 -17.41
N ARG A 454 11.56 -6.94 -18.72
CA ARG A 454 10.73 -6.05 -19.54
C ARG A 454 9.81 -6.87 -20.44
N GLU A 455 8.54 -6.44 -20.53
CA GLU A 455 7.61 -6.99 -21.51
C GLU A 455 7.74 -6.15 -22.77
N VAL A 456 8.28 -6.74 -23.82
CA VAL A 456 8.49 -6.08 -25.09
C VAL A 456 7.28 -6.31 -25.98
N PRO A 457 6.65 -5.26 -26.53
CA PRO A 457 5.54 -5.48 -27.46
C PRO A 457 6.03 -6.08 -28.76
N VAL A 458 5.18 -6.92 -29.35
CA VAL A 458 5.57 -7.71 -30.51
C VAL A 458 4.38 -7.83 -31.46
N ARG A 459 4.65 -7.66 -32.75
CA ARG A 459 3.61 -7.61 -33.75
C ARG A 459 3.97 -8.56 -34.86
N ARG A 460 3.04 -9.46 -35.18
CA ARG A 460 3.16 -10.25 -36.38
C ARG A 460 2.69 -9.42 -37.56
N LEU A 461 3.53 -9.37 -38.61
CA LEU A 461 3.22 -8.61 -39.81
C LEU A 461 2.82 -9.50 -40.97
N GLY A 462 3.37 -10.71 -41.04
CA GLY A 462 2.93 -11.72 -41.97
C GLY A 462 3.27 -13.07 -41.38
N PRO A 463 3.27 -14.12 -42.22
CA PRO A 463 3.59 -15.47 -41.71
C PRO A 463 4.95 -15.56 -41.02
N TYR A 464 5.99 -14.92 -41.57
CA TYR A 464 7.33 -15.05 -41.02
C TYR A 464 7.98 -13.69 -40.75
N ARG A 465 7.19 -12.64 -40.65
CA ARG A 465 7.69 -11.29 -40.40
C ARG A 465 7.10 -10.80 -39.10
N PHE A 466 7.96 -10.42 -38.16
CA PHE A 466 7.56 -9.91 -36.86
C PHE A 466 8.23 -8.58 -36.61
N ARG A 467 7.50 -7.67 -35.99
CA ARG A 467 8.08 -6.46 -35.41
C ARG A 467 8.05 -6.67 -33.89
N VAL A 468 9.21 -6.87 -33.29
CA VAL A 468 9.32 -7.01 -31.85
C VAL A 468 10.14 -5.84 -31.34
N GLY A 469 9.57 -5.11 -30.39
CA GLY A 469 10.01 -3.76 -30.13
C GLY A 469 9.96 -2.96 -31.42
N GLU A 470 11.12 -2.47 -31.87
CA GLU A 470 11.17 -1.73 -33.12
C GLU A 470 12.02 -2.43 -34.17
N GLU A 471 12.47 -3.65 -33.91
CA GLU A 471 13.19 -4.40 -34.91
C GLU A 471 12.22 -5.14 -35.81
N GLU A 472 12.56 -5.25 -37.09
CA GLU A 472 11.87 -6.20 -37.95
C GLU A 472 12.65 -7.49 -38.02
N VAL A 473 11.97 -8.60 -37.73
CA VAL A 473 12.55 -9.93 -37.71
C VAL A 473 11.86 -10.76 -38.78
N ASP A 474 12.62 -11.21 -39.78
CA ASP A 474 12.04 -12.03 -40.85
C ASP A 474 12.62 -13.44 -40.80
N TYR A 475 11.73 -14.42 -40.77
CA TYR A 475 12.08 -15.84 -40.70
C TYR A 475 11.98 -16.55 -42.04
N ALA A 476 11.49 -15.87 -43.09
CA ALA A 476 11.28 -16.52 -44.38
C ALA A 476 12.53 -17.19 -44.96
N PRO A 477 13.75 -16.65 -44.81
CA PRO A 477 14.91 -17.37 -45.38
C PRO A 477 15.12 -18.78 -44.86
N LEU A 478 14.85 -19.06 -43.57
CA LEU A 478 15.20 -20.36 -43.00
C LEU A 478 14.45 -21.51 -43.68
N LEU A 479 13.15 -21.36 -43.91
CA LEU A 479 12.38 -22.41 -44.61
C LEU A 479 12.95 -22.73 -46.00
N SER B 2 -0.98 7.15 -16.94
CA SER B 2 -2.38 7.06 -16.54
C SER B 2 -3.31 7.65 -17.62
N HIS B 3 -3.04 8.88 -18.07
CA HIS B 3 -3.83 9.44 -19.17
C HIS B 3 -3.31 8.92 -20.50
N MET B 4 -4.21 8.43 -21.33
CA MET B 4 -3.87 7.77 -22.58
C MET B 4 -4.89 8.11 -23.64
N ARG B 5 -4.39 8.26 -24.86
CA ARG B 5 -5.21 8.42 -26.06
C ARG B 5 -4.96 7.22 -26.97
N LEU B 6 -5.98 6.80 -27.71
CA LEU B 6 -5.77 5.65 -28.57
C LEU B 6 -6.82 5.61 -29.66
N ASN B 7 -6.51 4.84 -30.71
CA ASN B 7 -7.35 4.69 -31.88
C ASN B 7 -8.07 3.35 -31.80
N LEU B 8 -9.39 3.40 -31.59
CA LEU B 8 -10.19 2.22 -31.30
C LEU B 8 -11.41 2.24 -32.18
N GLY B 9 -11.51 1.27 -33.09
CA GLY B 9 -12.63 1.25 -34.00
C GLY B 9 -12.67 2.46 -34.91
N GLY B 10 -11.50 2.93 -35.35
CA GLY B 10 -11.45 4.11 -36.18
C GLY B 10 -11.93 5.36 -35.50
N ALA B 11 -11.86 5.39 -34.17
CA ALA B 11 -12.30 6.53 -33.38
C ALA B 11 -11.21 6.90 -32.39
N GLU B 12 -11.27 8.13 -31.90
CA GLU B 12 -10.31 8.60 -30.91
C GLU B 12 -10.94 8.49 -29.52
N VAL B 13 -10.29 7.72 -28.66
CA VAL B 13 -10.82 7.35 -27.36
C VAL B 13 -9.79 7.74 -26.31
N PHE B 14 -10.21 8.57 -25.35
CA PHE B 14 -9.37 8.91 -24.21
C PHE B 14 -9.72 8.03 -23.02
N LEU B 15 -8.70 7.65 -22.26
CA LEU B 15 -8.93 6.75 -21.15
C LEU B 15 -7.90 6.99 -20.07
N ARG B 16 -8.20 6.45 -18.89
CA ARG B 16 -7.31 6.49 -17.75
C ARG B 16 -7.12 5.07 -17.23
N ALA B 17 -5.87 4.62 -17.20
CA ALA B 17 -5.52 3.25 -16.82
C ALA B 17 -4.04 3.21 -16.44
N GLU B 18 -3.67 2.20 -15.65
CA GLU B 18 -2.28 2.02 -15.25
C GLU B 18 -1.43 1.34 -16.31
N GLY B 19 -2.05 0.73 -17.32
CA GLY B 19 -1.31 0.02 -18.33
C GLY B 19 -2.21 -0.25 -19.51
N LEU B 20 -1.59 -0.46 -20.68
CA LEU B 20 -2.33 -0.69 -21.91
C LEU B 20 -1.50 -1.55 -22.84
N GLU B 21 -2.13 -2.56 -23.43
CA GLU B 21 -1.46 -3.36 -24.46
C GLU B 21 -2.49 -3.87 -25.45
N GLU B 22 -2.00 -4.22 -26.64
CA GLU B 22 -2.86 -4.68 -27.72
C GLU B 22 -3.49 -6.03 -27.36
N ALA B 23 -4.67 -6.27 -27.92
CA ALA B 23 -5.38 -7.54 -27.72
C ALA B 23 -6.27 -7.79 -28.92
N PRO B 24 -6.60 -9.05 -29.21
CA PRO B 24 -7.46 -9.33 -30.38
C PRO B 24 -8.83 -8.67 -30.24
N GLY B 25 -9.11 -7.73 -31.15
CA GLY B 25 -10.40 -7.05 -31.18
C GLY B 25 -10.45 -5.74 -30.43
N GLY B 26 -9.39 -5.39 -29.69
CA GLY B 26 -9.34 -4.11 -29.00
C GLY B 26 -8.07 -4.01 -28.19
N VAL B 27 -8.17 -3.60 -26.92
CA VAL B 27 -6.99 -3.50 -26.08
C VAL B 27 -7.24 -4.11 -24.71
N ARG B 28 -6.15 -4.54 -24.09
CA ARG B 28 -6.14 -4.95 -22.70
C ARG B 28 -5.70 -3.76 -21.82
N LEU B 29 -6.52 -3.40 -20.85
CA LEU B 29 -6.22 -2.38 -19.85
C LEU B 29 -5.85 -3.01 -18.53
N TRP B 30 -5.02 -2.32 -17.77
CA TRP B 30 -4.72 -2.71 -16.41
C TRP B 30 -5.04 -1.55 -15.48
N GLY B 31 -5.47 -1.90 -14.27
CA GLY B 31 -5.87 -0.89 -13.31
C GLY B 31 -6.98 -1.39 -12.41
N ARG B 32 -6.82 -1.17 -11.10
CA ARG B 32 -7.89 -1.43 -10.15
C ARG B 32 -9.15 -0.64 -10.51
N GLU B 33 -8.98 0.63 -10.89
CA GLU B 33 -10.06 1.45 -11.43
C GLU B 33 -9.59 2.02 -12.76
N VAL B 34 -10.41 1.91 -13.80
CA VAL B 34 -10.09 2.51 -15.10
C VAL B 34 -11.30 3.32 -15.56
N ARG B 35 -11.03 4.34 -16.36
CA ARG B 35 -12.07 5.23 -16.88
C ARG B 35 -11.87 5.38 -18.39
N VAL B 36 -12.97 5.31 -19.14
CA VAL B 36 -12.96 5.41 -20.59
C VAL B 36 -13.98 6.45 -21.00
N PHE B 37 -13.61 7.34 -21.91
CA PHE B 37 -14.49 8.42 -22.31
C PHE B 37 -14.99 8.19 -23.72
N PRO B 38 -16.29 8.10 -23.94
CA PRO B 38 -16.80 7.79 -25.26
C PRO B 38 -16.64 8.98 -26.19
N PRO B 39 -16.35 8.74 -27.47
CA PRO B 39 -16.26 9.84 -28.44
C PRO B 39 -17.60 10.23 -29.02
N PHE B 40 -18.69 10.04 -28.28
CA PHE B 40 -20.02 10.30 -28.80
C PHE B 40 -20.94 10.64 -27.64
N PRO B 41 -22.12 11.23 -27.93
CA PRO B 41 -23.20 11.23 -26.92
C PRO B 41 -23.77 9.83 -26.73
N ALA B 42 -23.52 9.24 -25.57
CA ALA B 42 -23.94 7.87 -25.31
C ALA B 42 -25.45 7.80 -25.14
N LYS B 43 -26.10 7.04 -26.04
CA LYS B 43 -27.54 6.90 -25.99
C LYS B 43 -28.00 5.78 -25.06
N GLY B 44 -27.23 4.73 -24.90
CA GLY B 44 -27.62 3.63 -24.05
C GLY B 44 -26.44 3.05 -23.30
N PHE B 45 -26.73 2.49 -22.13
CA PHE B 45 -25.75 1.77 -21.33
C PHE B 45 -26.20 0.32 -21.19
N PHE B 46 -25.27 -0.61 -21.36
CA PHE B 46 -25.57 -2.03 -21.20
C PHE B 46 -25.40 -2.38 -19.73
N ARG B 47 -26.48 -2.69 -19.06
CA ARG B 47 -26.43 -2.95 -17.63
C ARG B 47 -26.53 -4.45 -17.46
N HIS B 48 -25.41 -5.05 -17.03
CA HIS B 48 -25.30 -6.49 -16.92
C HIS B 48 -25.44 -6.90 -15.46
N GLY B 49 -26.52 -7.58 -15.14
CA GLY B 49 -26.73 -8.01 -13.78
C GLY B 49 -25.72 -9.06 -13.35
N TRP B 50 -25.73 -9.32 -12.05
CA TRP B 50 -24.70 -10.18 -11.46
C TRP B 50 -24.92 -11.65 -11.78
N GLN B 51 -26.11 -12.17 -11.44
CA GLN B 51 -26.38 -13.59 -11.49
C GLN B 51 -27.42 -13.90 -12.55
N SER B 52 -27.79 -15.19 -12.63
CA SER B 52 -28.71 -15.69 -13.65
C SER B 52 -29.99 -14.88 -13.72
N TRP B 53 -30.63 -14.65 -12.56
CA TRP B 53 -31.94 -14.01 -12.53
C TRP B 53 -31.87 -12.50 -12.69
N SER B 54 -30.69 -11.92 -12.50
CA SER B 54 -30.53 -10.48 -12.54
C SER B 54 -30.86 -9.94 -13.92
N LEU B 55 -31.15 -8.65 -13.98
CA LEU B 55 -31.49 -8.01 -15.23
C LEU B 55 -30.24 -7.75 -16.08
N ALA B 56 -30.28 -8.18 -17.34
CA ALA B 56 -29.31 -7.77 -18.35
C ALA B 56 -30.06 -7.10 -19.50
N ALA B 57 -29.74 -5.84 -19.78
CA ALA B 57 -30.47 -5.06 -20.78
C ALA B 57 -29.76 -3.73 -21.02
N TRP B 58 -30.14 -3.07 -22.12
CA TRP B 58 -29.74 -1.71 -22.41
C TRP B 58 -30.69 -0.75 -21.71
N VAL B 59 -30.13 0.23 -20.99
CA VAL B 59 -30.93 1.21 -20.28
C VAL B 59 -30.51 2.61 -20.69
N ASP B 60 -31.42 3.54 -20.44
CA ASP B 60 -31.19 4.98 -20.58
C ASP B 60 -30.41 5.45 -19.35
N PRO B 61 -29.13 5.79 -19.51
CA PRO B 61 -28.36 6.19 -18.33
C PRO B 61 -28.82 7.52 -17.75
N ALA B 62 -29.56 8.33 -18.52
CA ALA B 62 -30.05 9.60 -18.01
C ALA B 62 -31.06 9.41 -16.89
N GLN B 63 -31.97 8.45 -17.02
CA GLN B 63 -32.95 8.17 -15.98
C GLN B 63 -32.30 7.45 -14.80
N ALA B 64 -32.91 7.62 -13.62
CA ALA B 64 -32.38 7.02 -12.41
C ALA B 64 -32.90 5.58 -12.24
N PRO B 65 -32.06 4.68 -11.72
CA PRO B 65 -32.55 3.33 -11.40
C PRO B 65 -33.63 3.37 -10.32
N THR B 66 -34.62 2.49 -10.46
CA THR B 66 -35.74 2.36 -9.54
C THR B 66 -35.42 1.31 -8.48
N PRO B 67 -35.60 1.61 -7.20
CA PRO B 67 -35.33 0.61 -6.16
C PRO B 67 -36.17 -0.65 -6.34
N LEU B 68 -35.53 -1.80 -6.13
CA LEU B 68 -36.21 -3.08 -6.16
C LEU B 68 -36.84 -3.36 -4.81
N LEU B 69 -38.10 -3.79 -4.83
CA LEU B 69 -38.84 -4.07 -3.61
C LEU B 69 -39.41 -5.48 -3.68
N PRO B 70 -39.66 -6.13 -2.53
CA PRO B 70 -39.32 -5.64 -1.18
C PRO B 70 -37.83 -5.81 -0.90
N GLU B 71 -37.32 -5.06 0.09
CA GLU B 71 -35.88 -5.11 0.37
C GLU B 71 -35.40 -6.51 0.71
N ALA B 72 -36.25 -7.34 1.32
CA ALA B 72 -35.87 -8.70 1.68
C ALA B 72 -35.51 -9.57 0.47
N ARG B 73 -35.94 -9.22 -0.74
CA ARG B 73 -35.62 -10.03 -1.91
C ARG B 73 -34.37 -9.56 -2.65
N ARG B 74 -33.85 -8.38 -2.35
CA ARG B 74 -32.65 -7.89 -3.01
C ARG B 74 -31.47 -8.86 -3.02
N PRO B 75 -31.15 -9.60 -1.94
CA PRO B 75 -30.01 -10.53 -2.01
C PRO B 75 -30.18 -11.66 -3.03
N GLN B 76 -31.40 -12.02 -3.39
CA GLN B 76 -31.61 -13.05 -4.38
C GLN B 76 -31.91 -12.49 -5.76
N ALA B 77 -31.85 -11.18 -5.94
CA ALA B 77 -32.12 -10.60 -7.26
C ALA B 77 -30.87 -10.14 -7.98
N ASP B 78 -29.82 -9.75 -7.28
CA ASP B 78 -28.66 -9.15 -7.91
C ASP B 78 -27.58 -9.00 -6.85
N ASP B 79 -26.42 -8.49 -7.28
CA ASP B 79 -25.38 -8.02 -6.39
C ASP B 79 -25.98 -6.92 -5.54
N PRO B 80 -26.07 -7.08 -4.21
CA PRO B 80 -26.69 -6.05 -3.36
C PRO B 80 -26.19 -4.64 -3.62
N PHE B 81 -24.89 -4.48 -3.91
CA PHE B 81 -24.37 -3.17 -4.24
C PHE B 81 -25.08 -2.57 -5.44
N LEU B 82 -25.32 -3.36 -6.49
CA LEU B 82 -25.96 -2.82 -7.69
C LEU B 82 -27.37 -2.31 -7.40
N LEU B 83 -28.04 -2.87 -6.40
CA LEU B 83 -29.41 -2.48 -6.11
C LEU B 83 -29.52 -1.32 -5.12
N GLU B 84 -28.48 -1.08 -4.29
CA GLU B 84 -28.49 0.02 -3.34
C GLU B 84 -27.99 1.32 -3.93
N ALA B 85 -27.28 1.26 -5.05
CA ALA B 85 -26.62 2.44 -5.60
C ALA B 85 -27.59 3.31 -6.38
N GLY B 86 -27.37 4.63 -6.30
CA GLY B 86 -28.16 5.57 -7.06
C GLY B 86 -27.66 5.86 -8.46
N ALA B 87 -26.64 5.13 -8.92
CA ALA B 87 -26.15 5.21 -10.29
C ALA B 87 -26.26 3.84 -10.95
N TRP B 88 -26.06 3.80 -12.27
CA TRP B 88 -26.15 2.58 -13.06
C TRP B 88 -24.82 1.81 -13.00
N TRP B 89 -24.78 0.74 -12.21
CA TRP B 89 -23.63 -0.14 -12.11
C TRP B 89 -24.01 -1.52 -12.65
N GLY B 90 -23.10 -2.14 -13.40
CA GLY B 90 -23.23 -3.52 -13.80
C GLY B 90 -22.10 -4.40 -13.27
N SER B 91 -22.22 -5.69 -13.53
CA SER B 91 -21.28 -6.69 -13.05
C SER B 91 -20.38 -7.15 -14.20
N GLY B 92 -19.07 -7.03 -14.01
CA GLY B 92 -18.10 -7.58 -14.93
C GLY B 92 -17.90 -6.75 -16.17
N VAL B 93 -18.99 -6.39 -16.84
CA VAL B 93 -18.88 -5.78 -18.17
C VAL B 93 -19.98 -4.74 -18.31
N GLY B 94 -19.67 -3.66 -19.02
CA GLY B 94 -20.67 -2.68 -19.39
C GLY B 94 -20.28 -2.11 -20.74
N ALA B 95 -21.20 -1.36 -21.33
CA ALA B 95 -20.94 -0.83 -22.65
C ALA B 95 -21.80 0.41 -22.83
N LEU B 96 -21.31 1.32 -23.67
CA LEU B 96 -22.06 2.50 -24.07
C LEU B 96 -22.37 2.39 -25.55
N ARG B 97 -23.53 2.91 -25.94
CA ARG B 97 -24.04 2.74 -27.29
C ARG B 97 -23.97 4.07 -28.04
N GLY B 98 -23.28 4.06 -29.18
CA GLY B 98 -23.19 5.22 -30.04
C GLY B 98 -24.49 5.54 -30.75
N PRO B 99 -24.60 6.74 -31.31
CA PRO B 99 -25.78 7.07 -32.14
C PRO B 99 -25.94 6.16 -33.34
N ASP B 100 -24.88 5.43 -33.72
CA ASP B 100 -24.87 4.57 -34.89
C ASP B 100 -24.96 3.08 -34.53
N GLY B 101 -25.38 2.76 -33.31
CA GLY B 101 -25.47 1.37 -32.88
C GLY B 101 -24.15 0.62 -32.81
N ARG B 102 -23.04 1.31 -32.65
CA ARG B 102 -21.84 0.62 -32.24
C ARG B 102 -21.76 0.70 -30.73
N ALA B 103 -20.96 -0.17 -30.14
CA ALA B 103 -20.81 -0.21 -28.70
C ALA B 103 -19.36 0.00 -28.33
N LEU B 104 -19.16 0.78 -27.27
CA LEU B 104 -17.88 0.91 -26.60
C LEU B 104 -17.94 -0.02 -25.40
N LEU B 105 -17.16 -1.09 -25.42
CA LEU B 105 -17.26 -2.16 -24.44
C LEU B 105 -16.09 -2.11 -23.49
N LEU B 106 -16.38 -2.23 -22.20
CA LEU B 106 -15.36 -2.35 -21.17
C LEU B 106 -15.72 -3.56 -20.32
N GLY B 107 -14.82 -4.54 -20.26
CA GLY B 107 -15.12 -5.80 -19.63
C GLY B 107 -13.94 -6.35 -18.87
N ALA B 108 -14.17 -6.77 -17.63
CA ALA B 108 -13.10 -7.30 -16.81
C ALA B 108 -12.69 -8.69 -17.28
N LEU B 109 -11.40 -8.98 -17.10
CA LEU B 109 -10.84 -10.30 -17.35
C LEU B 109 -10.53 -11.02 -16.07
N ASP B 110 -11.00 -10.52 -14.94
CA ASP B 110 -10.69 -11.10 -13.64
C ASP B 110 -11.94 -11.02 -12.78
N LEU B 111 -11.93 -11.77 -11.68
CA LEU B 111 -13.05 -11.83 -10.76
C LEU B 111 -13.23 -10.52 -10.00
N GLY B 112 -14.48 -10.21 -9.68
CA GLY B 112 -14.79 -9.21 -8.67
C GLY B 112 -14.85 -7.78 -9.15
N ALA B 113 -15.28 -7.52 -10.37
CA ALA B 113 -15.31 -6.16 -10.89
C ALA B 113 -16.75 -5.71 -11.15
N ARG B 114 -16.94 -4.40 -11.07
CA ARG B 114 -18.16 -3.75 -11.52
C ARG B 114 -17.80 -2.66 -12.53
N VAL B 115 -18.81 -2.24 -13.28
CA VAL B 115 -18.66 -1.21 -14.30
C VAL B 115 -19.80 -0.21 -14.13
N LEU B 116 -19.46 1.07 -14.05
CA LEU B 116 -20.43 2.13 -13.91
C LEU B 116 -20.63 2.77 -15.26
N GLY B 117 -21.89 3.02 -15.61
CA GLY B 117 -22.23 3.66 -16.87
C GLY B 117 -22.84 5.04 -16.64
N ARG B 118 -22.26 6.02 -17.31
CA ARG B 118 -22.79 7.37 -17.47
C ARG B 118 -22.84 7.66 -18.96
N GLU B 119 -23.57 8.71 -19.33
CA GLU B 119 -23.57 9.11 -20.74
C GLU B 119 -22.25 9.70 -21.17
N ASP B 120 -21.40 10.09 -20.23
CA ASP B 120 -20.08 10.61 -20.57
C ASP B 120 -18.94 9.68 -20.16
N LEU B 121 -19.22 8.51 -19.57
CA LEU B 121 -18.11 7.74 -19.01
C LEU B 121 -18.49 6.28 -18.77
N LEU B 122 -17.51 5.41 -19.02
CA LEU B 122 -17.49 4.04 -18.53
C LEU B 122 -16.40 3.95 -17.49
N LEU B 123 -16.78 3.58 -16.27
CA LEU B 123 -15.82 3.45 -15.17
C LEU B 123 -15.83 2.00 -14.71
N GLY B 124 -14.66 1.36 -14.76
CA GLY B 124 -14.51 0.00 -14.26
C GLY B 124 -13.78 0.01 -12.93
N ARG B 125 -14.33 -0.73 -11.97
CA ARG B 125 -13.73 -0.77 -10.64
C ARG B 125 -13.72 -2.21 -10.13
N TYR B 126 -12.55 -2.68 -9.74
CA TYR B 126 -12.43 -3.97 -9.06
C TYR B 126 -12.72 -3.79 -7.58
N ALA B 127 -13.52 -4.71 -7.03
CA ALA B 127 -13.84 -4.62 -5.61
C ALA B 127 -12.62 -4.93 -4.76
N GLY B 128 -11.94 -6.03 -5.05
CA GLY B 128 -10.71 -6.36 -4.36
C GLY B 128 -9.51 -5.82 -5.10
N LYS B 129 -8.51 -6.66 -5.29
CA LYS B 129 -7.32 -6.17 -5.97
C LYS B 129 -7.53 -6.15 -7.46
N GLY B 130 -6.93 -5.15 -8.10
CA GLY B 130 -7.12 -4.87 -9.51
C GLY B 130 -6.78 -5.99 -10.45
N GLY B 131 -6.95 -5.74 -11.73
CA GLY B 131 -6.69 -6.75 -12.70
C GLY B 131 -6.87 -6.19 -14.08
N ALA B 132 -7.03 -7.09 -15.03
CA ALA B 132 -7.05 -6.75 -16.44
C ALA B 132 -8.45 -6.40 -16.91
N TRP B 133 -8.49 -5.67 -18.02
CA TRP B 133 -9.73 -5.27 -18.66
C TRP B 133 -9.57 -5.43 -20.15
N PHE B 134 -10.70 -5.50 -20.84
CA PHE B 134 -10.76 -5.53 -22.28
C PHE B 134 -11.58 -4.34 -22.74
N LEU B 135 -11.05 -3.60 -23.70
CA LEU B 135 -11.76 -2.45 -24.23
C LEU B 135 -11.84 -2.58 -25.74
N ALA B 136 -12.99 -2.24 -26.30
CA ALA B 136 -13.21 -2.41 -27.71
C ALA B 136 -14.35 -1.51 -28.13
N TYR B 137 -14.25 -1.00 -29.34
CA TYR B 137 -15.26 -0.14 -29.94
C TYR B 137 -15.52 -0.70 -31.33
N GLY B 138 -16.79 -0.96 -31.64
CA GLY B 138 -17.12 -1.55 -32.90
C GLY B 138 -18.57 -2.00 -32.95
N PRO B 139 -18.92 -2.78 -33.98
CA PRO B 139 -20.26 -3.38 -34.04
C PRO B 139 -20.60 -4.11 -32.75
N GLU B 140 -21.86 -4.00 -32.33
CA GLU B 140 -22.29 -4.50 -31.03
C GLU B 140 -21.95 -5.98 -30.86
N GLU B 141 -22.33 -6.81 -31.83
CA GLU B 141 -22.09 -8.24 -31.72
C GLU B 141 -20.60 -8.56 -31.77
N GLU B 142 -19.85 -7.79 -32.56
CA GLU B 142 -18.42 -8.05 -32.71
C GLU B 142 -17.67 -7.87 -31.39
N VAL B 143 -17.99 -6.83 -30.62
CA VAL B 143 -17.18 -6.53 -29.44
C VAL B 143 -17.54 -7.43 -28.27
N PHE B 144 -18.83 -7.82 -28.14
CA PHE B 144 -19.18 -8.82 -27.16
C PHE B 144 -18.58 -10.19 -27.52
N ALA B 145 -18.51 -10.51 -28.82
CA ALA B 145 -17.82 -11.73 -29.22
C ALA B 145 -16.33 -11.65 -28.90
N ALA B 146 -15.70 -10.50 -29.16
CA ALA B 146 -14.28 -10.34 -28.85
C ALA B 146 -14.00 -10.47 -27.36
N TYR B 147 -14.87 -9.92 -26.51
CA TYR B 147 -14.69 -10.03 -25.06
C TYR B 147 -14.85 -11.47 -24.59
N ALA B 148 -15.94 -12.13 -25.01
CA ALA B 148 -16.16 -13.52 -24.59
C ALA B 148 -14.97 -14.42 -24.94
N ARG B 149 -14.34 -14.18 -26.09
CA ARG B 149 -13.19 -14.99 -26.46
C ARG B 149 -12.07 -14.94 -25.45
N LEU B 150 -11.96 -13.84 -24.69
CA LEU B 150 -10.93 -13.72 -23.66
C LEU B 150 -11.32 -14.36 -22.34
N LEU B 151 -12.51 -14.93 -22.25
CA LEU B 151 -12.93 -15.53 -21.01
C LEU B 151 -12.82 -17.04 -21.11
N PRO B 152 -12.82 -17.75 -19.98
CA PRO B 152 -12.72 -19.22 -20.06
C PRO B 152 -13.91 -19.81 -20.82
N ARG B 153 -13.67 -20.99 -21.40
CA ARG B 153 -14.74 -21.74 -22.02
C ARG B 153 -14.72 -23.18 -21.54
N ARG B 154 -15.91 -23.74 -21.42
CA ARG B 154 -16.08 -25.17 -21.20
C ARG B 154 -17.29 -25.55 -22.04
N LEU B 155 -17.03 -26.09 -23.22
CA LEU B 155 -18.06 -26.46 -24.17
C LEU B 155 -18.02 -27.98 -24.33
N SER B 156 -18.99 -28.65 -23.71
CA SER B 156 -19.06 -30.11 -23.63
C SER B 156 -20.07 -30.66 -24.63
N GLY B 157 -19.70 -30.60 -25.91
CA GLY B 157 -20.56 -31.13 -26.96
C GLY B 157 -21.84 -30.33 -27.10
N ARG B 158 -22.95 -31.04 -27.31
CA ARG B 158 -24.25 -30.42 -27.42
C ARG B 158 -24.98 -30.52 -26.08
N PRO B 159 -25.84 -29.56 -25.76
CA PRO B 159 -26.59 -29.64 -24.50
C PRO B 159 -27.57 -30.80 -24.54
N PRO B 160 -27.67 -31.57 -23.46
CA PRO B 160 -28.62 -32.69 -23.45
C PRO B 160 -30.05 -32.19 -23.49
N ARG B 161 -30.96 -33.09 -23.87
CA ARG B 161 -32.38 -32.80 -23.87
C ARG B 161 -32.98 -33.26 -22.55
N VAL B 162 -33.64 -32.35 -21.83
CA VAL B 162 -33.95 -32.56 -20.43
C VAL B 162 -35.47 -32.48 -20.21
N TRP B 163 -35.99 -33.42 -19.44
CA TRP B 163 -37.28 -33.25 -18.82
C TRP B 163 -37.06 -32.94 -17.36
N CYS B 164 -37.73 -31.90 -16.88
CA CYS B 164 -37.51 -31.30 -15.57
C CYS B 164 -38.83 -31.27 -14.81
N SER B 165 -38.82 -31.60 -13.52
CA SER B 165 -40.07 -31.67 -12.80
C SER B 165 -40.55 -30.33 -12.22
N TRP B 166 -39.81 -29.23 -12.38
CA TRP B 166 -40.12 -28.04 -11.61
C TRP B 166 -41.33 -27.29 -12.15
N TYR B 167 -41.34 -27.02 -13.45
CA TYR B 167 -42.33 -26.09 -14.01
C TYR B 167 -43.65 -26.74 -14.34
N SER B 168 -44.00 -27.82 -13.64
CA SER B 168 -45.34 -28.36 -13.70
C SER B 168 -45.80 -28.71 -12.29
N PHE B 169 -44.97 -29.43 -11.55
CA PHE B 169 -45.34 -29.90 -10.22
C PHE B 169 -44.78 -29.04 -9.08
N TYR B 170 -43.86 -28.13 -9.39
CA TYR B 170 -43.13 -27.37 -8.38
C TYR B 170 -42.71 -28.29 -7.24
N THR B 171 -42.85 -27.88 -5.97
CA THR B 171 -42.37 -28.72 -4.88
C THR B 171 -43.22 -29.97 -4.66
N ARG B 172 -44.37 -30.09 -5.31
CA ARG B 172 -45.30 -31.19 -5.01
C ARG B 172 -44.96 -32.41 -5.85
N ILE B 173 -43.84 -33.04 -5.50
CA ILE B 173 -43.35 -34.20 -6.20
C ILE B 173 -43.18 -35.33 -5.20
N GLY B 174 -43.25 -36.55 -5.72
CA GLY B 174 -43.09 -37.74 -4.91
C GLY B 174 -42.61 -38.85 -5.81
N GLU B 175 -42.03 -39.87 -5.18
CA GLU B 175 -41.47 -40.99 -5.94
C GLU B 175 -42.54 -41.67 -6.80
N ASP B 176 -43.76 -41.82 -6.28
CA ASP B 176 -44.83 -42.50 -7.03
C ASP B 176 -45.27 -41.68 -8.24
N LEU B 177 -45.53 -40.40 -8.04
CA LEU B 177 -45.90 -39.54 -9.16
C LEU B 177 -44.80 -39.53 -10.24
N LEU B 178 -43.54 -39.50 -9.82
CA LEU B 178 -42.47 -39.36 -10.80
C LEU B 178 -42.21 -40.67 -11.56
N LEU B 179 -42.47 -41.83 -10.94
CA LEU B 179 -42.42 -43.06 -11.73
C LEU B 179 -43.52 -43.09 -12.79
N ARG B 180 -44.72 -42.61 -12.46
CA ARG B 180 -45.78 -42.52 -13.46
C ARG B 180 -45.39 -41.60 -14.59
N VAL B 181 -44.83 -40.43 -14.27
CA VAL B 181 -44.45 -39.49 -15.32
C VAL B 181 -43.28 -40.03 -16.13
N LEU B 182 -42.31 -40.66 -15.46
CA LEU B 182 -41.19 -41.28 -16.15
C LEU B 182 -41.65 -42.21 -17.27
N ASP B 183 -42.70 -43.01 -17.02
CA ASP B 183 -43.20 -43.89 -18.07
C ASP B 183 -43.77 -43.09 -19.24
N GLU B 184 -44.45 -41.98 -18.96
CA GLU B 184 -44.92 -41.08 -20.02
C GLU B 184 -43.73 -40.51 -20.79
N VAL B 185 -42.75 -39.98 -20.04
CA VAL B 185 -41.68 -39.15 -20.61
C VAL B 185 -40.70 -40.01 -21.41
N ALA B 186 -40.49 -41.25 -20.98
CA ALA B 186 -39.53 -42.14 -21.64
C ALA B 186 -39.93 -42.52 -23.07
N ALA B 187 -41.15 -42.20 -23.51
CA ALA B 187 -41.54 -42.38 -24.91
C ALA B 187 -41.02 -41.28 -25.82
N PHE B 188 -40.38 -40.26 -25.28
CA PHE B 188 -39.94 -39.10 -26.04
C PHE B 188 -38.42 -39.07 -26.09
N SER B 189 -37.89 -38.37 -27.08
CA SER B 189 -36.45 -38.33 -27.28
C SER B 189 -35.76 -37.40 -26.29
N PHE B 190 -35.93 -37.69 -25.01
CA PHE B 190 -35.17 -37.00 -23.98
C PHE B 190 -33.88 -37.76 -23.70
N GLU B 191 -32.90 -37.06 -23.13
CA GLU B 191 -31.68 -37.70 -22.68
C GLU B 191 -31.55 -37.73 -21.17
N VAL B 192 -32.17 -36.78 -20.47
CA VAL B 192 -32.06 -36.64 -19.01
C VAL B 192 -33.46 -36.48 -18.41
N PHE B 193 -33.73 -37.23 -17.35
CA PHE B 193 -34.90 -37.05 -16.51
C PHE B 193 -34.46 -36.42 -15.20
N GLN B 194 -34.78 -35.15 -14.99
CA GLN B 194 -34.21 -34.38 -13.90
C GLN B 194 -35.25 -34.11 -12.81
N ILE B 195 -34.99 -34.64 -11.62
CA ILE B 195 -35.84 -34.40 -10.47
C ILE B 195 -35.41 -33.08 -9.85
N ASP B 196 -36.35 -32.14 -9.74
CA ASP B 196 -36.04 -30.79 -9.29
C ASP B 196 -36.35 -30.64 -7.78
N ASP B 197 -36.44 -29.42 -7.30
CA ASP B 197 -36.65 -29.14 -5.89
C ASP B 197 -37.92 -29.83 -5.40
N GLY B 198 -37.83 -30.49 -4.24
CA GLY B 198 -38.99 -31.12 -3.63
C GLY B 198 -38.77 -32.53 -3.12
N TRP B 199 -37.57 -33.08 -3.36
CA TRP B 199 -37.25 -34.43 -2.93
C TRP B 199 -36.58 -34.48 -1.56
N GLN B 200 -35.98 -33.36 -1.14
CA GLN B 200 -35.12 -33.29 0.03
C GLN B 200 -35.93 -33.02 1.29
N ARG B 201 -35.38 -33.44 2.42
CA ARG B 201 -36.01 -33.15 3.70
C ARG B 201 -35.97 -31.67 4.05
N ALA B 202 -34.87 -30.99 3.76
CA ALA B 202 -34.75 -29.55 4.05
C ALA B 202 -33.53 -29.03 3.29
N LEU B 203 -33.44 -27.70 3.20
CA LEU B 203 -32.19 -27.08 2.77
C LEU B 203 -31.09 -27.42 3.77
N GLY B 204 -29.95 -27.90 3.27
CA GLY B 204 -28.93 -28.43 4.15
C GLY B 204 -29.13 -29.85 4.60
N ASP B 205 -30.29 -30.46 4.33
CA ASP B 205 -30.59 -31.84 4.71
C ASP B 205 -30.91 -32.59 3.42
N TRP B 206 -29.85 -32.90 2.68
CA TRP B 206 -29.97 -33.39 1.32
C TRP B 206 -30.12 -34.92 1.30
N GLU B 207 -31.19 -35.34 1.95
CA GLU B 207 -31.63 -36.72 1.97
C GLU B 207 -33.11 -36.78 1.62
N PRO B 208 -33.57 -37.89 1.05
CA PRO B 208 -34.97 -37.96 0.61
C PRO B 208 -35.98 -37.80 1.74
N ASN B 209 -37.05 -37.05 1.46
CA ASN B 209 -38.13 -36.91 2.42
C ASN B 209 -39.08 -38.11 2.32
N ASP B 210 -40.16 -38.05 3.10
CA ASP B 210 -41.07 -39.19 3.26
C ASP B 210 -41.86 -39.54 2.01
N ARG B 211 -41.96 -38.62 1.04
CA ARG B 211 -42.61 -38.97 -0.23
C ARG B 211 -41.64 -39.61 -1.22
N PHE B 212 -40.40 -39.85 -0.81
CA PHE B 212 -39.43 -40.62 -1.60
C PHE B 212 -38.94 -41.83 -0.80
N PRO B 213 -39.87 -42.69 -0.35
CA PRO B 213 -39.52 -43.67 0.68
C PRO B 213 -38.46 -44.66 0.28
N ARG B 214 -38.42 -45.05 -0.99
CA ARG B 214 -37.39 -45.99 -1.42
C ARG B 214 -36.06 -45.31 -1.71
N GLY B 215 -35.97 -43.99 -1.58
CA GLY B 215 -34.69 -43.31 -1.72
C GLY B 215 -34.39 -42.87 -3.14
N MET B 216 -33.26 -42.17 -3.25
CA MET B 216 -32.90 -41.50 -4.49
C MET B 216 -32.10 -42.38 -5.45
N ALA B 217 -31.32 -43.35 -4.94
CA ALA B 217 -30.60 -44.23 -5.87
C ALA B 217 -31.55 -45.17 -6.58
N PHE B 218 -32.59 -45.63 -5.88
CA PHE B 218 -33.66 -46.38 -6.50
C PHE B 218 -34.25 -45.60 -7.67
N LEU B 219 -34.53 -44.32 -7.46
CA LEU B 219 -35.12 -43.51 -8.52
C LEU B 219 -34.19 -43.39 -9.72
N ALA B 220 -32.90 -43.12 -9.48
CA ALA B 220 -31.95 -43.00 -10.58
C ALA B 220 -31.82 -44.30 -11.36
N GLU B 221 -32.00 -45.44 -10.67
CA GLU B 221 -31.89 -46.73 -11.33
C GLU B 221 -33.05 -46.97 -12.27
N ARG B 222 -34.29 -46.71 -11.80
CA ARG B 222 -35.45 -46.75 -12.68
C ARG B 222 -35.28 -45.82 -13.88
N ILE B 223 -34.65 -44.65 -13.66
CA ILE B 223 -34.47 -43.73 -14.78
C ILE B 223 -33.51 -44.33 -15.79
N ARG B 224 -32.49 -45.04 -15.31
CA ARG B 224 -31.49 -45.57 -16.22
C ARG B 224 -31.96 -46.84 -16.93
N GLU B 225 -32.84 -47.60 -16.31
CA GLU B 225 -33.46 -48.74 -16.97
C GLU B 225 -34.35 -48.32 -18.13
N ARG B 226 -34.47 -47.02 -18.39
CA ARG B 226 -35.23 -46.54 -19.53
C ARG B 226 -34.34 -45.94 -20.60
N GLY B 227 -33.02 -46.07 -20.46
CA GLY B 227 -32.08 -45.45 -21.36
C GLY B 227 -31.80 -43.98 -21.09
N LEU B 228 -32.28 -43.44 -19.98
CA LEU B 228 -32.13 -42.04 -19.66
C LEU B 228 -31.04 -41.83 -18.61
N ARG B 229 -30.42 -40.67 -18.65
CA ARG B 229 -29.60 -40.20 -17.54
C ARG B 229 -30.49 -39.61 -16.43
N ALA B 230 -30.03 -39.75 -15.21
CA ALA B 230 -30.76 -39.22 -14.06
C ALA B 230 -30.16 -37.86 -13.64
N GLY B 231 -31.02 -36.87 -13.46
CA GLY B 231 -30.61 -35.54 -13.03
C GLY B 231 -31.19 -35.21 -11.67
N LEU B 232 -30.43 -34.43 -10.89
CA LEU B 232 -30.89 -34.06 -9.55
C LEU B 232 -30.57 -32.60 -9.22
N TRP B 233 -31.48 -31.94 -8.50
CA TRP B 233 -31.40 -30.53 -8.11
C TRP B 233 -30.91 -30.40 -6.67
N PHE B 234 -29.96 -29.46 -6.46
CA PHE B 234 -29.50 -29.03 -5.13
C PHE B 234 -29.37 -27.51 -5.09
N ALA B 235 -29.59 -26.92 -3.91
CA ALA B 235 -29.14 -25.55 -3.59
C ALA B 235 -28.07 -25.66 -2.50
N PRO B 236 -26.84 -26.00 -2.85
CA PRO B 236 -25.88 -26.52 -1.86
C PRO B 236 -25.49 -25.56 -0.74
N PHE B 237 -25.44 -24.24 -0.95
CA PHE B 237 -24.98 -23.32 0.07
C PHE B 237 -26.10 -22.50 0.69
N LEU B 238 -27.33 -22.98 0.58
CA LEU B 238 -28.51 -22.30 1.09
C LEU B 238 -29.00 -23.05 2.31
N VAL B 239 -29.60 -22.31 3.25
CA VAL B 239 -30.08 -22.88 4.49
C VAL B 239 -31.15 -21.94 5.05
N THR B 240 -32.13 -22.50 5.75
CA THR B 240 -33.11 -21.68 6.45
C THR B 240 -32.96 -21.93 7.95
N ALA B 241 -33.65 -21.12 8.76
CA ALA B 241 -33.47 -21.22 10.20
C ALA B 241 -34.07 -22.51 10.75
N ASP B 242 -35.06 -23.08 10.08
CA ASP B 242 -35.60 -24.37 10.52
C ASP B 242 -34.83 -25.56 9.98
N SER B 243 -33.76 -25.34 9.19
CA SER B 243 -32.89 -26.43 8.76
C SER B 243 -32.17 -27.04 9.95
N PRO B 244 -32.14 -28.37 10.09
CA PRO B 244 -31.30 -28.97 11.13
C PRO B 244 -29.82 -28.63 11.01
N LEU B 245 -29.31 -28.40 9.80
CA LEU B 245 -27.92 -27.99 9.64
C LEU B 245 -27.66 -26.63 10.27
N PHE B 246 -28.65 -25.74 10.19
CA PHE B 246 -28.54 -24.41 10.78
C PHE B 246 -28.31 -24.49 12.28
N GLN B 247 -29.00 -25.40 12.94
CA GLN B 247 -28.89 -25.57 14.37
C GLN B 247 -27.74 -26.50 14.76
N LYS B 248 -27.44 -27.51 13.96
CA LYS B 248 -26.35 -28.42 14.30
C LYS B 248 -24.98 -27.84 14.02
N ARG B 249 -24.85 -26.93 13.05
CA ARG B 249 -23.57 -26.31 12.72
C ARG B 249 -23.74 -24.80 12.56
N PRO B 250 -24.05 -24.08 13.64
CA PRO B 250 -24.10 -22.62 13.56
C PRO B 250 -22.79 -22.00 13.07
N ASP B 251 -21.67 -22.71 13.22
CA ASP B 251 -20.38 -22.23 12.73
C ASP B 251 -20.24 -22.31 11.21
N TRP B 252 -21.21 -22.89 10.50
CA TRP B 252 -21.15 -22.95 9.03
C TRP B 252 -21.89 -21.80 8.37
N VAL B 253 -22.74 -21.09 9.11
CA VAL B 253 -23.53 -20.02 8.56
C VAL B 253 -22.64 -18.83 8.22
N LEU B 254 -22.87 -18.22 7.08
CA LEU B 254 -22.16 -17.01 6.72
C LEU B 254 -22.68 -15.84 7.56
N ARG B 255 -21.77 -15.13 8.22
CA ARG B 255 -22.14 -14.11 9.19
C ARG B 255 -21.40 -12.82 8.91
N ASP B 256 -22.03 -11.70 9.29
CA ASP B 256 -21.45 -10.38 9.10
C ASP B 256 -20.46 -10.07 10.24
N GLY B 257 -20.00 -8.81 10.31
CA GLY B 257 -19.01 -8.41 11.29
C GLY B 257 -19.46 -8.57 12.73
N GLU B 258 -20.77 -8.54 12.96
CA GLU B 258 -21.33 -8.73 14.30
C GLU B 258 -21.83 -10.14 14.51
N GLY B 259 -21.45 -11.08 13.66
CA GLY B 259 -21.85 -12.45 13.88
C GLY B 259 -23.29 -12.77 13.52
N ARG B 260 -24.03 -11.81 13.01
CA ARG B 260 -25.39 -12.10 12.52
C ARG B 260 -25.33 -12.82 11.18
N PRO B 261 -26.25 -13.76 10.92
CA PRO B 261 -26.30 -14.40 9.60
C PRO B 261 -26.58 -13.39 8.49
N VAL B 262 -25.75 -13.44 7.44
CA VAL B 262 -26.02 -12.72 6.20
C VAL B 262 -27.36 -13.19 5.60
N ARG B 263 -28.19 -12.23 5.18
CA ARG B 263 -29.49 -12.59 4.63
C ARG B 263 -29.37 -12.94 3.14
N ALA B 264 -29.94 -14.08 2.75
CA ALA B 264 -29.81 -14.56 1.39
C ALA B 264 -31.10 -14.43 0.59
N GLY B 265 -32.09 -13.73 1.11
CA GLY B 265 -33.35 -13.53 0.43
C GLY B 265 -34.52 -14.09 1.20
N PHE B 266 -35.62 -14.28 0.47
CA PHE B 266 -36.89 -14.72 1.03
C PHE B 266 -37.57 -15.59 -0.03
N ASN B 267 -37.88 -16.83 0.34
CA ASN B 267 -38.38 -17.79 -0.63
C ASN B 267 -38.91 -18.99 0.13
N TRP B 268 -39.84 -19.72 -0.49
CA TRP B 268 -40.64 -20.74 0.20
C TRP B 268 -41.22 -20.17 1.49
N GLY B 269 -41.59 -18.88 1.46
CA GLY B 269 -42.18 -18.24 2.61
C GLY B 269 -41.28 -18.08 3.83
N ARG B 270 -39.96 -18.18 3.70
CA ARG B 270 -39.10 -17.97 4.86
C ARG B 270 -37.82 -17.26 4.46
N PRO B 271 -37.18 -16.57 5.42
CA PRO B 271 -35.87 -15.95 5.15
C PRO B 271 -34.81 -16.99 4.83
N LEU B 272 -33.96 -16.67 3.84
CA LEU B 272 -32.88 -17.53 3.39
C LEU B 272 -31.56 -17.11 4.03
N TYR B 273 -30.71 -18.09 4.34
CA TYR B 273 -29.36 -17.83 4.82
C TYR B 273 -28.37 -18.65 4.00
N ALA B 274 -27.10 -18.33 4.16
CA ALA B 274 -26.05 -18.91 3.35
C ALA B 274 -25.07 -19.70 4.21
N LEU B 275 -24.62 -20.81 3.69
CA LEU B 275 -23.45 -21.49 4.25
C LEU B 275 -22.18 -20.81 3.74
N ASP B 276 -21.17 -20.73 4.61
CA ASP B 276 -19.97 -19.96 4.33
C ASP B 276 -19.06 -20.73 3.37
N ALA B 277 -19.03 -20.32 2.10
CA ALA B 277 -18.21 -20.99 1.12
C ALA B 277 -16.72 -20.68 1.27
N GLY B 278 -16.36 -19.78 2.18
CA GLY B 278 -14.98 -19.59 2.57
C GLY B 278 -14.50 -20.56 3.63
N ASN B 279 -15.39 -21.42 4.11
CA ASN B 279 -15.09 -22.36 5.17
C ASN B 279 -14.76 -23.72 4.55
N GLU B 280 -13.52 -24.19 4.76
CA GLU B 280 -13.04 -25.41 4.14
C GLU B 280 -13.94 -26.59 4.44
N GLU B 281 -14.47 -26.66 5.65
CA GLU B 281 -15.32 -27.77 6.03
C GLU B 281 -16.67 -27.71 5.32
N VAL B 282 -17.21 -26.51 5.07
CA VAL B 282 -18.42 -26.38 4.28
C VAL B 282 -18.15 -26.82 2.84
N VAL B 283 -17.05 -26.33 2.26
CA VAL B 283 -16.78 -26.62 0.86
C VAL B 283 -16.64 -28.12 0.64
N GLU B 284 -16.00 -28.85 1.56
CA GLU B 284 -15.89 -30.28 1.33
C GLU B 284 -17.20 -31.02 1.63
N TRP B 285 -18.03 -30.48 2.50
CA TRP B 285 -19.37 -31.02 2.68
C TRP B 285 -20.22 -30.85 1.41
N ALA B 286 -20.06 -29.70 0.73
CA ALA B 286 -20.79 -29.50 -0.53
C ALA B 286 -20.22 -30.38 -1.64
N ALA B 287 -18.89 -30.48 -1.72
CA ALA B 287 -18.28 -31.43 -2.65
C ALA B 287 -18.77 -32.85 -2.38
N ASP B 288 -18.99 -33.19 -1.10
CA ASP B 288 -19.50 -34.53 -0.80
C ASP B 288 -20.94 -34.70 -1.25
N LEU B 289 -21.72 -33.60 -1.30
CA LEU B 289 -23.07 -33.72 -1.87
C LEU B 289 -23.00 -34.15 -3.32
N VAL B 290 -22.08 -33.55 -4.09
CA VAL B 290 -21.86 -33.94 -5.48
C VAL B 290 -21.46 -35.42 -5.57
N ARG B 291 -20.51 -35.83 -4.72
CA ARG B 291 -20.07 -37.22 -4.74
C ARG B 291 -21.20 -38.16 -4.36
N LYS B 292 -22.06 -37.72 -3.43
CA LYS B 292 -23.19 -38.58 -3.03
C LYS B 292 -24.16 -38.77 -4.19
N ALA B 293 -24.51 -37.67 -4.89
CA ALA B 293 -25.41 -37.79 -6.03
C ALA B 293 -24.82 -38.67 -7.13
N LEU B 294 -23.50 -38.58 -7.37
CA LEU B 294 -22.89 -39.46 -8.36
C LEU B 294 -22.96 -40.93 -7.91
N ALA B 295 -22.66 -41.21 -6.64
CA ALA B 295 -22.84 -42.57 -6.12
C ALA B 295 -24.29 -43.03 -6.21
N TRP B 296 -25.23 -42.11 -6.13
CA TRP B 296 -26.63 -42.50 -6.26
C TRP B 296 -27.01 -42.87 -7.69
N GLY B 297 -26.16 -42.56 -8.68
CA GLY B 297 -26.47 -42.83 -10.07
C GLY B 297 -26.85 -41.62 -10.91
N TYR B 298 -26.89 -40.41 -10.33
CA TYR B 298 -27.17 -39.19 -11.08
C TYR B 298 -25.88 -38.68 -11.70
N ASP B 299 -25.91 -38.29 -12.98
CA ASP B 299 -24.74 -37.68 -13.60
C ASP B 299 -25.09 -36.37 -14.31
N TYR B 300 -26.22 -35.80 -13.96
CA TYR B 300 -26.61 -34.46 -14.38
C TYR B 300 -27.11 -33.75 -13.14
N LEU B 301 -26.49 -32.62 -12.79
CA LEU B 301 -26.75 -31.93 -11.54
C LEU B 301 -27.11 -30.48 -11.82
N LYS B 302 -28.24 -30.05 -11.25
CA LYS B 302 -28.67 -28.67 -11.31
C LYS B 302 -28.34 -28.01 -9.97
N LEU B 303 -27.30 -27.17 -9.95
CA LEU B 303 -26.85 -26.49 -8.74
C LEU B 303 -27.46 -25.09 -8.76
N ASP B 304 -28.35 -24.84 -7.81
CA ASP B 304 -29.18 -23.63 -7.75
C ASP B 304 -28.74 -22.71 -6.60
N PHE B 305 -29.25 -21.48 -6.67
CA PHE B 305 -29.08 -20.48 -5.62
C PHE B 305 -27.60 -20.26 -5.31
N LEU B 306 -26.78 -20.33 -6.38
CA LEU B 306 -25.34 -20.32 -6.23
C LEU B 306 -24.81 -18.95 -5.81
N TYR B 307 -25.57 -17.88 -6.03
CA TYR B 307 -25.17 -16.56 -5.56
C TYR B 307 -24.83 -16.60 -4.08
N ALA B 308 -25.51 -17.46 -3.31
CA ALA B 308 -25.27 -17.56 -1.88
C ALA B 308 -23.82 -17.88 -1.56
N ALA B 309 -23.14 -18.62 -2.43
CA ALA B 309 -21.72 -18.87 -2.22
C ALA B 309 -20.87 -17.66 -2.56
N ALA B 310 -21.45 -16.62 -3.18
CA ALA B 310 -20.68 -15.46 -3.60
C ALA B 310 -21.09 -14.19 -2.87
N LEU B 311 -22.01 -14.30 -1.91
CA LEU B 311 -22.40 -13.13 -1.14
C LEU B 311 -21.17 -12.50 -0.51
N PRO B 312 -21.10 -11.17 -0.41
CA PRO B 312 -22.15 -10.19 -0.70
C PRO B 312 -22.11 -9.55 -2.07
N GLY B 313 -21.52 -10.19 -3.07
CA GLY B 313 -21.48 -9.60 -4.39
C GLY B 313 -20.11 -9.78 -5.01
N ALA B 314 -19.68 -8.81 -5.83
CA ALA B 314 -18.36 -8.85 -6.45
C ALA B 314 -17.27 -9.28 -5.47
N GLU B 315 -17.30 -8.78 -4.24
CA GLU B 315 -16.26 -9.14 -3.27
C GLU B 315 -16.22 -10.65 -2.98
N GLY B 316 -17.34 -11.36 -3.17
CA GLY B 316 -17.35 -12.77 -2.85
C GLY B 316 -17.01 -13.69 -3.99
N GLU B 317 -16.64 -13.15 -5.15
CA GLU B 317 -16.44 -14.00 -6.32
C GLU B 317 -15.19 -14.88 -6.19
N ALA B 318 -14.14 -14.39 -5.52
CA ALA B 318 -12.95 -15.22 -5.31
C ALA B 318 -13.29 -16.46 -4.49
N ARG B 319 -14.00 -16.28 -3.37
CA ARG B 319 -14.47 -17.42 -2.57
C ARG B 319 -15.36 -18.33 -3.41
N TYR B 320 -16.31 -17.74 -4.13
CA TYR B 320 -17.19 -18.49 -5.00
C TYR B 320 -16.40 -19.35 -5.99
N ARG B 321 -15.45 -18.74 -6.69
CA ARG B 321 -14.70 -19.50 -7.70
C ARG B 321 -13.97 -20.69 -7.08
N LYS B 322 -13.30 -20.48 -5.94
CA LYS B 322 -12.59 -21.59 -5.30
C LYS B 322 -13.54 -22.71 -4.91
N ALA B 323 -14.72 -22.37 -4.38
CA ALA B 323 -15.67 -23.38 -3.94
C ALA B 323 -16.31 -24.10 -5.12
N MET B 324 -16.60 -23.37 -6.20
CA MET B 324 -17.17 -24.02 -7.37
C MET B 324 -16.14 -24.92 -8.05
N ALA B 325 -14.86 -24.54 -7.99
CA ALA B 325 -13.80 -25.37 -8.57
C ALA B 325 -13.76 -26.74 -7.91
N ARG B 326 -13.94 -26.78 -6.59
CA ARG B 326 -14.00 -28.05 -5.88
C ARG B 326 -15.25 -28.85 -6.26
N LEU B 327 -16.40 -28.20 -6.44
CA LEU B 327 -17.56 -28.93 -6.92
C LEU B 327 -17.31 -29.47 -8.33
N ARG B 328 -16.71 -28.64 -9.19
CA ARG B 328 -16.34 -29.10 -10.53
C ARG B 328 -15.44 -30.33 -10.46
N GLU B 329 -14.53 -30.36 -9.49
CA GLU B 329 -13.61 -31.49 -9.38
C GLU B 329 -14.34 -32.74 -8.90
N ALA B 330 -15.21 -32.58 -7.90
CA ALA B 330 -15.97 -33.71 -7.38
C ALA B 330 -17.00 -34.25 -8.38
N ALA B 331 -17.42 -33.46 -9.36
CA ALA B 331 -18.37 -33.96 -10.35
C ALA B 331 -17.70 -34.77 -11.45
N GLY B 332 -16.39 -34.66 -11.56
CA GLY B 332 -15.70 -35.31 -12.65
C GLY B 332 -16.22 -34.78 -13.96
N GLU B 333 -16.75 -35.67 -14.78
CA GLU B 333 -17.32 -35.35 -16.08
C GLU B 333 -18.84 -35.26 -16.04
N ALA B 334 -19.44 -35.35 -14.86
CA ALA B 334 -20.87 -35.15 -14.76
C ALA B 334 -21.23 -33.76 -15.28
N TYR B 335 -22.45 -33.63 -15.76
CA TYR B 335 -22.92 -32.37 -16.31
C TYR B 335 -23.41 -31.49 -15.16
N LEU B 336 -22.86 -30.28 -15.03
CA LEU B 336 -23.26 -29.31 -14.02
C LEU B 336 -23.99 -28.16 -14.69
N LEU B 337 -25.28 -28.01 -14.37
CA LEU B 337 -26.08 -26.85 -14.76
C LEU B 337 -26.09 -25.85 -13.60
N PHE B 338 -25.56 -24.63 -13.85
CA PHE B 338 -25.50 -23.57 -12.85
C PHE B 338 -26.74 -22.67 -12.93
N CYS B 339 -27.38 -22.46 -11.79
CA CYS B 339 -28.57 -21.64 -11.73
C CYS B 339 -28.46 -20.69 -10.55
N GLY B 340 -29.12 -19.53 -10.67
CA GLY B 340 -29.06 -18.50 -9.67
C GLY B 340 -27.63 -18.10 -9.41
N ALA B 341 -26.80 -18.15 -10.46
CA ALA B 341 -25.36 -18.20 -10.29
C ALA B 341 -24.71 -16.97 -10.87
N PRO B 342 -23.62 -16.48 -10.23
CA PRO B 342 -22.81 -15.40 -10.84
C PRO B 342 -22.41 -15.75 -12.26
N VAL B 343 -22.79 -14.92 -13.23
CA VAL B 343 -22.73 -15.33 -14.63
C VAL B 343 -21.28 -15.42 -15.11
N LEU B 344 -20.54 -14.31 -15.04
CA LEU B 344 -19.18 -14.33 -15.58
C LEU B 344 -18.23 -15.14 -14.70
N ALA B 345 -18.44 -15.16 -13.38
CA ALA B 345 -17.51 -15.92 -12.54
C ALA B 345 -17.69 -17.43 -12.65
N SER B 346 -18.75 -17.90 -13.33
CA SER B 346 -19.00 -19.33 -13.45
C SER B 346 -18.37 -19.94 -14.70
N LEU B 347 -17.96 -19.13 -15.66
CA LEU B 347 -17.45 -19.62 -16.92
C LEU B 347 -16.20 -20.49 -16.74
N GLY B 348 -16.17 -21.61 -17.47
CA GLY B 348 -15.11 -22.59 -17.37
C GLY B 348 -15.35 -23.69 -16.36
N LEU B 349 -16.22 -23.47 -15.39
CA LEU B 349 -16.65 -24.49 -14.44
C LEU B 349 -17.97 -25.12 -14.83
N ALA B 350 -18.92 -24.29 -15.28
CA ALA B 350 -20.24 -24.77 -15.62
C ALA B 350 -20.24 -25.40 -17.00
N ASP B 351 -21.02 -26.47 -17.15
CA ASP B 351 -21.32 -26.97 -18.49
C ASP B 351 -22.51 -26.23 -19.06
N GLY B 352 -23.52 -25.97 -18.23
CA GLY B 352 -24.63 -25.13 -18.61
C GLY B 352 -24.89 -24.06 -17.56
N LEU B 353 -25.45 -22.96 -18.03
CA LEU B 353 -25.63 -21.79 -17.19
C LEU B 353 -26.96 -21.13 -17.53
N ARG B 354 -27.84 -21.03 -16.54
CA ARG B 354 -29.05 -20.23 -16.68
C ARG B 354 -28.67 -18.74 -16.74
N VAL B 355 -29.20 -18.02 -17.72
CA VAL B 355 -28.84 -16.63 -17.97
C VAL B 355 -30.03 -15.69 -17.80
N GLY B 356 -31.16 -16.16 -17.27
CA GLY B 356 -32.34 -15.33 -17.12
C GLY B 356 -33.16 -15.74 -15.92
N PRO B 357 -34.09 -14.86 -15.53
CA PRO B 357 -35.10 -15.25 -14.53
C PRO B 357 -35.89 -16.48 -14.98
N ASP B 358 -36.41 -17.21 -14.00
CA ASP B 358 -37.26 -18.37 -14.27
C ASP B 358 -38.39 -18.00 -15.22
N VAL B 359 -38.70 -18.93 -16.15
CA VAL B 359 -39.94 -18.79 -16.89
C VAL B 359 -41.09 -19.14 -15.95
N ALA B 360 -42.30 -18.84 -16.40
CA ALA B 360 -43.48 -19.08 -15.59
C ALA B 360 -44.62 -19.28 -16.55
N PRO B 361 -45.72 -19.88 -16.12
CA PRO B 361 -46.83 -20.14 -17.05
C PRO B 361 -47.63 -18.88 -17.32
N TYR B 362 -46.95 -17.74 -17.48
CA TYR B 362 -47.61 -16.47 -17.76
C TYR B 362 -46.56 -15.49 -18.28
N TRP B 363 -47.03 -14.46 -18.97
CA TRP B 363 -46.13 -13.52 -19.63
C TRP B 363 -45.41 -12.63 -18.61
N ASP B 364 -46.16 -12.07 -17.66
CA ASP B 364 -45.60 -11.13 -16.72
C ASP B 364 -46.57 -10.91 -15.56
N ASN B 365 -46.04 -10.98 -14.34
CA ASN B 365 -46.76 -10.55 -13.16
C ASN B 365 -46.49 -9.05 -13.02
N GLU B 366 -47.47 -8.23 -13.39
CA GLU B 366 -47.25 -6.79 -13.43
C GLU B 366 -47.04 -6.18 -12.03
N GLU B 367 -47.63 -6.78 -10.99
CA GLU B 367 -47.39 -6.30 -9.63
C GLU B 367 -45.94 -6.46 -9.24
N ARG B 368 -45.32 -7.58 -9.62
CA ARG B 368 -43.93 -7.76 -9.24
C ARG B 368 -42.98 -6.98 -10.13
N SER B 369 -43.25 -6.97 -11.43
CA SER B 369 -42.31 -6.38 -12.38
C SER B 369 -42.34 -4.86 -12.31
N PHE B 370 -43.51 -4.28 -12.13
CA PHE B 370 -43.67 -2.84 -12.21
C PHE B 370 -43.83 -2.19 -10.84
N TRP B 371 -44.87 -2.56 -10.09
CA TRP B 371 -45.12 -1.90 -8.81
C TRP B 371 -44.01 -2.17 -7.81
N LEU B 372 -43.53 -3.40 -7.73
CA LEU B 372 -42.37 -3.69 -6.90
C LEU B 372 -41.06 -3.50 -7.66
N ALA B 373 -41.14 -3.15 -8.94
CA ALA B 373 -39.96 -2.85 -9.75
C ALA B 373 -38.91 -3.97 -9.68
N ASP B 374 -39.36 -5.22 -9.82
CA ASP B 374 -38.46 -6.37 -9.72
C ASP B 374 -38.53 -7.21 -10.99
N PRO B 375 -37.64 -6.94 -11.95
CA PRO B 375 -37.60 -7.73 -13.17
C PRO B 375 -36.95 -9.10 -13.02
N THR B 376 -36.58 -9.54 -11.82
CA THR B 376 -35.94 -10.83 -11.65
C THR B 376 -36.93 -11.94 -11.33
N GLY B 377 -38.20 -11.60 -11.08
CA GLY B 377 -39.21 -12.58 -10.78
C GLY B 377 -39.59 -13.45 -11.96
N PRO B 378 -40.12 -14.64 -11.67
CA PRO B 378 -40.50 -15.57 -12.76
C PRO B 378 -41.49 -14.95 -13.72
N GLY B 379 -41.37 -15.34 -14.98
CA GLY B 379 -42.23 -14.87 -16.03
C GLY B 379 -41.55 -14.96 -17.37
N LEU B 380 -42.30 -15.21 -18.44
CA LEU B 380 -41.65 -15.44 -19.73
C LEU B 380 -41.00 -14.16 -20.24
N ARG B 381 -41.61 -13.00 -20.00
CA ARG B 381 -41.02 -11.76 -20.46
C ARG B 381 -39.69 -11.47 -19.77
N ASN B 382 -39.69 -11.57 -18.45
CA ASN B 382 -38.45 -11.38 -17.71
C ASN B 382 -37.39 -12.38 -18.14
N ALA B 383 -37.80 -13.64 -18.31
CA ALA B 383 -36.87 -14.66 -18.79
C ALA B 383 -36.26 -14.26 -20.12
N LEU B 384 -37.10 -13.89 -21.08
CA LEU B 384 -36.61 -13.61 -22.43
C LEU B 384 -35.66 -12.42 -22.42
N ARG B 385 -35.98 -11.39 -21.66
CA ARG B 385 -35.24 -10.14 -21.82
C ARG B 385 -33.79 -10.29 -21.39
N SER B 386 -33.54 -10.90 -20.23
CA SER B 386 -32.16 -11.10 -19.80
C SER B 386 -31.46 -12.13 -20.68
N THR B 387 -32.16 -13.22 -21.01
CA THR B 387 -31.58 -14.23 -21.88
C THR B 387 -31.11 -13.62 -23.20
N LEU B 388 -31.94 -12.77 -23.81
CA LEU B 388 -31.56 -12.18 -25.10
C LEU B 388 -30.24 -11.43 -25.01
N HIS B 389 -29.93 -10.87 -23.84
CA HIS B 389 -28.74 -10.06 -23.66
C HIS B 389 -27.56 -10.86 -23.13
N ARG B 390 -27.66 -12.19 -23.10
CA ARG B 390 -26.56 -13.03 -22.70
C ARG B 390 -26.25 -14.16 -23.68
N LEU B 391 -26.85 -14.15 -24.87
CA LEU B 391 -26.52 -15.17 -25.87
C LEU B 391 -25.08 -15.10 -26.34
N TRP B 392 -24.41 -13.96 -26.18
CA TRP B 392 -23.01 -13.84 -26.58
C TRP B 392 -22.09 -14.72 -25.75
N LEU B 393 -22.60 -15.36 -24.71
CA LEU B 393 -21.85 -16.32 -23.91
C LEU B 393 -21.86 -17.73 -24.49
N MET B 394 -22.45 -17.92 -25.67
CA MET B 394 -22.63 -19.27 -26.21
C MET B 394 -21.33 -19.95 -26.62
N GLU B 395 -20.25 -19.22 -26.83
CA GLU B 395 -18.98 -19.90 -27.07
C GLU B 395 -18.21 -20.20 -25.78
N ASN B 396 -18.81 -19.95 -24.61
CA ASN B 396 -18.14 -20.17 -23.33
C ASN B 396 -18.81 -21.23 -22.49
N VAL B 397 -20.07 -21.57 -22.78
CA VAL B 397 -20.89 -22.41 -21.91
C VAL B 397 -22.12 -22.76 -22.72
N HIS B 398 -22.84 -23.80 -22.29
CA HIS B 398 -24.18 -24.02 -22.82
C HIS B 398 -25.12 -23.00 -22.18
N VAL B 399 -25.73 -22.16 -22.99
CA VAL B 399 -26.64 -21.13 -22.49
C VAL B 399 -28.04 -21.73 -22.32
N ASP B 400 -28.51 -21.83 -21.07
CA ASP B 400 -29.83 -22.35 -20.77
C ASP B 400 -30.85 -21.22 -20.78
N PRO B 401 -31.80 -21.19 -21.71
CA PRO B 401 -32.86 -20.16 -21.66
C PRO B 401 -34.02 -20.52 -20.74
N ASP B 402 -33.95 -21.66 -20.04
CA ASP B 402 -34.99 -22.28 -19.23
C ASP B 402 -35.96 -23.07 -20.11
N VAL B 403 -36.85 -23.85 -19.47
CA VAL B 403 -37.69 -24.81 -20.18
C VAL B 403 -38.61 -24.14 -21.20
N VAL B 404 -39.05 -24.95 -22.16
CA VAL B 404 -40.05 -24.54 -23.15
C VAL B 404 -41.40 -25.14 -22.76
N TYR B 405 -42.46 -24.35 -22.89
CA TYR B 405 -43.81 -24.86 -22.69
C TYR B 405 -44.40 -25.31 -24.01
N PHE B 406 -45.03 -26.49 -24.00
CA PHE B 406 -45.87 -26.93 -25.11
C PHE B 406 -47.33 -27.04 -24.73
N ARG B 407 -47.64 -27.21 -23.45
CA ARG B 407 -49.01 -27.35 -23.01
C ARG B 407 -49.75 -26.01 -23.06
N THR B 408 -51.06 -26.11 -23.30
CA THR B 408 -51.99 -25.02 -23.04
C THR B 408 -52.81 -25.24 -21.78
N ARG B 409 -52.89 -26.46 -21.28
CA ARG B 409 -53.51 -26.70 -19.99
C ARG B 409 -52.56 -26.25 -18.88
N PHE B 410 -53.14 -25.73 -17.80
CA PHE B 410 -52.38 -25.24 -16.66
C PHE B 410 -51.27 -24.30 -17.12
N ASN B 411 -51.65 -23.34 -17.95
CA ASN B 411 -50.70 -22.43 -18.56
C ASN B 411 -51.49 -21.22 -19.05
N LEU B 412 -51.03 -20.00 -18.71
CA LEU B 412 -51.67 -18.79 -19.22
C LEU B 412 -51.04 -18.26 -20.49
N LEU B 413 -49.92 -18.81 -20.93
CA LEU B 413 -49.23 -18.26 -22.10
C LEU B 413 -50.00 -18.53 -23.39
N SER B 414 -49.92 -17.57 -24.31
CA SER B 414 -50.48 -17.73 -25.64
C SER B 414 -49.52 -18.48 -26.55
N PRO B 415 -50.02 -19.12 -27.60
CA PRO B 415 -49.11 -19.78 -28.57
C PRO B 415 -48.04 -18.87 -29.16
N GLU B 416 -48.33 -17.61 -29.50
CA GLU B 416 -47.25 -16.79 -30.04
C GLU B 416 -46.19 -16.49 -28.98
N GLU B 417 -46.59 -16.30 -27.71
CA GLU B 417 -45.60 -16.12 -26.66
C GLU B 417 -44.77 -17.39 -26.46
N MET B 418 -45.43 -18.56 -26.44
CA MET B 418 -44.71 -19.81 -26.27
C MET B 418 -43.69 -20.05 -27.37
N ARG B 419 -44.00 -19.65 -28.61
CA ARG B 419 -43.04 -19.87 -29.70
C ARG B 419 -41.80 -19.01 -29.54
N LEU B 420 -41.91 -17.87 -28.86
CA LEU B 420 -40.74 -17.04 -28.64
C LEU B 420 -39.71 -17.76 -27.78
N GLN B 421 -40.18 -18.45 -26.74
CA GLN B 421 -39.28 -19.24 -25.90
C GLN B 421 -38.72 -20.44 -26.66
N GLU B 422 -39.57 -21.12 -27.42
CA GLU B 422 -39.13 -22.26 -28.20
C GLU B 422 -38.04 -21.89 -29.21
N ALA B 423 -38.13 -20.68 -29.79
CA ALA B 423 -37.11 -20.27 -30.75
C ALA B 423 -35.74 -20.18 -30.10
N LEU B 424 -35.66 -19.63 -28.88
CA LEU B 424 -34.38 -19.48 -28.20
C LEU B 424 -33.81 -20.82 -27.79
N ALA B 425 -34.67 -21.78 -27.48
CA ALA B 425 -34.18 -23.13 -27.20
C ALA B 425 -33.51 -23.74 -28.45
N HIS B 426 -34.08 -23.49 -29.64
CA HIS B 426 -33.42 -23.91 -30.88
C HIS B 426 -32.12 -23.14 -31.11
N PHE B 427 -32.13 -21.82 -30.85
CA PHE B 427 -30.93 -21.02 -31.10
C PHE B 427 -29.79 -21.46 -30.18
N THR B 428 -30.07 -21.64 -28.89
CA THR B 428 -29.03 -22.08 -27.96
C THR B 428 -28.79 -23.58 -28.03
N GLY B 429 -29.75 -24.34 -28.56
CA GLY B 429 -29.65 -25.77 -28.58
C GLY B 429 -29.98 -26.41 -27.25
N PHE B 430 -30.30 -25.64 -26.23
CA PHE B 430 -30.61 -26.15 -24.91
C PHE B 430 -32.11 -26.42 -24.83
N LYS B 431 -32.50 -27.70 -24.90
CA LYS B 431 -33.89 -28.09 -25.03
C LYS B 431 -34.36 -28.77 -23.76
N ALA B 432 -35.31 -28.13 -23.06
CA ALA B 432 -35.88 -28.68 -21.83
C ALA B 432 -37.37 -28.38 -21.78
N THR B 433 -38.11 -29.25 -21.12
CA THR B 433 -39.50 -28.98 -20.80
C THR B 433 -39.83 -29.58 -19.44
N SER B 434 -40.95 -29.12 -18.88
CA SER B 434 -41.49 -29.68 -17.65
C SER B 434 -42.87 -30.25 -17.89
N ASP B 435 -43.36 -30.20 -19.12
CA ASP B 435 -44.73 -30.58 -19.39
C ASP B 435 -44.88 -32.07 -19.18
N PRO B 436 -45.74 -32.51 -18.28
CA PRO B 436 -46.02 -33.91 -18.17
C PRO B 436 -46.79 -34.35 -19.39
N PRO B 437 -46.41 -35.45 -20.04
CA PRO B 437 -47.09 -35.82 -21.29
C PRO B 437 -48.60 -35.98 -21.15
N SER B 438 -49.08 -36.43 -20.00
CA SER B 438 -50.52 -36.54 -19.85
C SER B 438 -51.23 -35.19 -19.65
N TRP B 439 -50.54 -34.06 -19.55
CA TRP B 439 -51.21 -32.76 -19.63
C TRP B 439 -51.29 -32.25 -21.06
N LEU B 440 -50.70 -32.95 -22.02
CA LEU B 440 -50.61 -32.47 -23.38
C LEU B 440 -51.75 -33.04 -24.22
N LEU B 441 -52.23 -32.25 -25.16
CA LEU B 441 -53.15 -32.72 -26.19
C LEU B 441 -52.35 -33.40 -27.30
N PRO B 442 -52.97 -34.36 -28.02
CA PRO B 442 -52.29 -35.04 -29.14
C PRO B 442 -51.42 -34.15 -30.02
N GLU B 443 -51.97 -33.06 -30.55
CA GLU B 443 -51.17 -32.12 -31.35
C GLU B 443 -49.96 -31.60 -30.60
N GLU B 444 -50.06 -31.45 -29.28
CA GLU B 444 -48.94 -30.91 -28.51
C GLU B 444 -47.89 -31.99 -28.27
N LYS B 445 -48.32 -33.24 -28.11
CA LYS B 445 -47.37 -34.35 -28.03
C LYS B 445 -46.49 -34.38 -29.27
N GLY B 446 -47.10 -34.22 -30.45
CA GLY B 446 -46.34 -34.29 -31.68
C GLY B 446 -45.36 -33.14 -31.83
N ARG B 447 -45.75 -31.95 -31.35
CA ARG B 447 -44.80 -30.83 -31.39
C ARG B 447 -43.65 -31.04 -30.41
N LEU B 448 -43.92 -31.64 -29.24
CA LEU B 448 -42.82 -31.90 -28.32
C LEU B 448 -41.81 -32.86 -28.93
N GLU B 449 -42.30 -33.94 -29.53
CA GLU B 449 -41.36 -34.94 -30.05
C GLU B 449 -40.62 -34.43 -31.29
N ALA B 450 -41.29 -33.67 -32.17
CA ALA B 450 -40.56 -33.04 -33.27
C ALA B 450 -39.54 -32.01 -32.77
N PHE B 451 -39.87 -31.26 -31.72
CA PHE B 451 -38.93 -30.32 -31.09
C PHE B 451 -37.69 -31.04 -30.57
N LEU B 452 -37.89 -32.21 -29.92
CA LEU B 452 -36.74 -32.99 -29.43
C LEU B 452 -35.96 -33.65 -30.57
N ALA B 453 -36.65 -34.11 -31.63
CA ALA B 453 -35.99 -35.01 -32.58
C ALA B 453 -35.32 -34.29 -33.76
N ARG B 454 -35.65 -33.04 -34.07
CA ARG B 454 -35.06 -32.37 -35.22
C ARG B 454 -34.18 -31.21 -34.77
N GLU B 455 -33.05 -31.03 -35.46
CA GLU B 455 -32.17 -29.89 -35.26
C GLU B 455 -32.54 -28.84 -36.30
N VAL B 456 -33.21 -27.79 -35.86
CA VAL B 456 -33.67 -26.71 -36.75
C VAL B 456 -32.56 -25.66 -36.83
N PRO B 457 -32.11 -25.30 -38.02
CA PRO B 457 -31.13 -24.21 -38.13
C PRO B 457 -31.74 -22.89 -37.75
N VAL B 458 -30.91 -22.05 -37.12
CA VAL B 458 -31.34 -20.82 -36.47
C VAL B 458 -30.34 -19.73 -36.79
N ARG B 459 -30.82 -18.58 -37.24
CA ARG B 459 -29.97 -17.50 -37.69
C ARG B 459 -30.34 -16.23 -36.98
N ARG B 460 -29.34 -15.57 -36.40
CA ARG B 460 -29.52 -14.25 -35.83
C ARG B 460 -29.31 -13.21 -36.93
N LEU B 461 -30.27 -12.29 -37.04
CA LEU B 461 -30.22 -11.22 -38.03
C LEU B 461 -29.89 -9.87 -37.44
N GLY B 462 -30.34 -9.63 -36.22
CA GLY B 462 -29.97 -8.46 -35.48
C GLY B 462 -29.99 -8.81 -34.01
N PRO B 463 -29.94 -7.80 -33.14
CA PRO B 463 -30.01 -8.08 -31.70
C PRO B 463 -31.25 -8.84 -31.30
N TYR B 464 -32.40 -8.55 -31.90
CA TYR B 464 -33.68 -9.11 -31.47
C TYR B 464 -34.46 -9.74 -32.62
N ARG B 465 -33.78 -10.04 -33.72
CA ARG B 465 -34.41 -10.67 -34.88
C ARG B 465 -33.68 -11.96 -35.19
N PHE B 466 -34.45 -13.05 -35.31
CA PHE B 466 -33.92 -14.37 -35.60
C PHE B 466 -34.74 -15.01 -36.70
N ARG B 467 -34.06 -15.74 -37.57
CA ARG B 467 -34.71 -16.67 -38.48
C ARG B 467 -34.42 -18.08 -37.97
N VAL B 468 -35.46 -18.79 -37.58
CA VAL B 468 -35.29 -20.16 -37.14
C VAL B 468 -36.18 -21.00 -38.04
N GLY B 469 -35.58 -21.97 -38.72
CA GLY B 469 -36.19 -22.49 -39.94
C GLY B 469 -36.19 -21.37 -40.96
N GLU B 470 -37.35 -21.11 -41.56
CA GLU B 470 -37.48 -19.93 -42.41
C GLU B 470 -38.37 -18.87 -41.80
N GLU B 471 -38.94 -19.14 -40.62
CA GLU B 471 -39.75 -18.17 -39.90
C GLU B 471 -38.89 -17.04 -39.36
N GLU B 472 -39.44 -15.82 -39.37
CA GLU B 472 -38.81 -14.66 -38.77
C GLU B 472 -39.42 -14.38 -37.41
N VAL B 473 -38.57 -14.28 -36.40
CA VAL B 473 -38.97 -14.10 -35.01
C VAL B 473 -38.37 -12.79 -34.53
N ASP B 474 -39.22 -11.83 -34.15
CA ASP B 474 -38.77 -10.52 -33.69
C ASP B 474 -39.14 -10.31 -32.21
N TYR B 475 -38.14 -9.96 -31.41
CA TYR B 475 -38.30 -9.77 -29.97
C TYR B 475 -38.36 -8.31 -29.55
N ALA B 476 -38.22 -7.37 -30.49
CA ALA B 476 -38.14 -5.95 -30.14
C ALA B 476 -39.32 -5.43 -29.35
N PRO B 477 -40.59 -5.83 -29.62
CA PRO B 477 -41.71 -5.28 -28.84
C PRO B 477 -41.61 -5.49 -27.34
N LEU B 478 -41.18 -6.67 -26.88
CA LEU B 478 -41.24 -6.98 -25.45
C LEU B 478 -40.44 -5.98 -24.61
N LEU B 479 -39.25 -5.60 -25.08
CA LEU B 479 -38.44 -4.58 -24.38
C LEU B 479 -39.17 -3.23 -24.26
N GLY C 1 15.84 -32.09 56.20
CA GLY C 1 14.61 -32.64 55.65
C GLY C 1 14.38 -34.10 56.00
N SER C 2 13.35 -34.71 55.43
CA SER C 2 13.03 -36.12 55.63
C SER C 2 13.58 -36.95 54.50
N HIS C 3 13.98 -38.18 54.83
CA HIS C 3 14.36 -39.16 53.82
C HIS C 3 13.11 -39.74 53.17
N MET C 4 13.11 -39.85 51.84
CA MET C 4 11.91 -40.28 51.13
C MET C 4 12.29 -41.21 49.98
N ARG C 5 11.34 -42.05 49.62
CA ARG C 5 11.52 -43.08 48.61
C ARG C 5 10.44 -42.88 47.55
N LEU C 6 10.82 -43.06 46.28
CA LEU C 6 9.91 -42.70 45.21
C LEU C 6 10.08 -43.63 44.02
N ASN C 7 8.96 -43.92 43.37
CA ASN C 7 8.97 -44.50 42.03
C ASN C 7 8.61 -43.38 41.06
N LEU C 8 9.48 -43.14 40.08
CA LEU C 8 9.34 -41.90 39.30
C LEU C 8 9.36 -42.10 37.79
N GLY C 9 10.33 -42.83 37.26
CA GLY C 9 10.32 -43.06 35.83
C GLY C 9 10.42 -44.53 35.50
N GLY C 10 9.63 -45.33 36.21
CA GLY C 10 9.93 -46.74 36.27
C GLY C 10 11.17 -47.05 37.06
N ALA C 11 11.66 -46.09 37.86
CA ALA C 11 12.83 -46.28 38.69
C ALA C 11 12.53 -45.87 40.13
N GLU C 12 13.30 -46.45 41.05
CA GLU C 12 13.24 -46.10 42.47
C GLU C 12 14.22 -44.96 42.74
N VAL C 13 13.72 -43.83 43.21
CA VAL C 13 14.55 -42.65 43.41
C VAL C 13 14.53 -42.27 44.88
N PHE C 14 15.71 -42.08 45.45
CA PHE C 14 15.85 -41.68 46.84
C PHE C 14 16.12 -40.18 46.91
N LEU C 15 15.58 -39.53 47.95
CA LEU C 15 15.63 -38.08 47.99
C LEU C 15 15.44 -37.62 49.43
N ARG C 16 15.98 -36.44 49.70
CA ARG C 16 15.81 -35.79 50.98
C ARG C 16 15.12 -34.45 50.76
N ALA C 17 13.94 -34.30 51.33
CA ALA C 17 13.18 -33.06 51.21
C ALA C 17 12.24 -32.96 52.41
N GLU C 18 11.61 -31.79 52.54
CA GLU C 18 10.63 -31.60 53.61
C GLU C 18 9.26 -32.10 53.21
N GLY C 19 8.86 -31.89 51.96
CA GLY C 19 7.54 -32.27 51.54
C GLY C 19 7.58 -32.95 50.18
N LEU C 20 6.53 -33.71 49.93
CA LEU C 20 6.35 -34.41 48.68
C LEU C 20 4.88 -34.32 48.32
N GLU C 21 4.61 -34.13 47.03
CA GLU C 21 3.27 -33.99 46.50
C GLU C 21 3.34 -34.32 45.02
N GLU C 22 2.31 -34.95 44.49
CA GLU C 22 2.39 -35.28 43.08
C GLU C 22 2.18 -34.02 42.25
N ALA C 23 2.58 -34.10 40.98
CA ALA C 23 2.53 -32.98 40.05
C ALA C 23 2.48 -33.56 38.65
N PRO C 24 1.91 -32.85 37.68
CA PRO C 24 1.84 -33.38 36.32
C PRO C 24 3.23 -33.66 35.78
N GLY C 25 3.49 -34.92 35.43
CA GLY C 25 4.76 -35.32 34.87
C GLY C 25 5.83 -35.70 35.89
N GLY C 26 5.57 -35.53 37.18
CA GLY C 26 6.55 -35.88 38.21
C GLY C 26 6.04 -35.62 39.61
N VAL C 27 6.82 -34.90 40.42
CA VAL C 27 6.46 -34.63 41.81
C VAL C 27 6.89 -33.22 42.17
N ARG C 28 6.32 -32.71 43.25
CA ARG C 28 6.65 -31.41 43.80
C ARG C 28 7.25 -31.58 45.19
N LEU C 29 8.43 -31.01 45.40
CA LEU C 29 9.14 -31.06 46.67
C LEU C 29 9.11 -29.69 47.32
N TRP C 30 9.37 -29.65 48.63
CA TRP C 30 9.59 -28.41 49.35
C TRP C 30 10.86 -28.50 50.18
N GLY C 31 11.58 -27.39 50.26
CA GLY C 31 12.72 -27.32 51.13
C GLY C 31 13.69 -26.26 50.68
N ARG C 32 14.23 -25.50 51.63
CA ARG C 32 15.37 -24.64 51.32
C ARG C 32 16.47 -25.42 50.63
N GLU C 33 16.70 -26.66 51.06
CA GLU C 33 17.67 -27.53 50.42
C GLU C 33 17.07 -28.90 50.24
N VAL C 34 17.22 -29.47 49.05
CA VAL C 34 16.72 -30.80 48.74
C VAL C 34 17.82 -31.57 48.04
N ARG C 35 17.83 -32.88 48.23
CA ARG C 35 18.86 -33.74 47.71
C ARG C 35 18.18 -34.91 47.01
N VAL C 36 18.54 -35.14 45.76
CA VAL C 36 17.96 -36.20 44.96
C VAL C 36 19.11 -37.07 44.47
N PHE C 37 18.94 -38.39 44.57
CA PHE C 37 20.03 -39.31 44.23
C PHE C 37 19.65 -40.09 42.99
N PRO C 38 20.47 -40.03 41.93
CA PRO C 38 20.15 -40.74 40.72
C PRO C 38 20.15 -42.24 40.98
N PRO C 39 19.13 -42.94 40.51
CA PRO C 39 19.14 -44.40 40.60
C PRO C 39 20.00 -45.04 39.53
N PHE C 40 20.98 -44.31 39.02
CA PHE C 40 21.85 -44.76 37.94
C PHE C 40 23.17 -44.04 38.06
N PRO C 41 24.25 -44.59 37.49
CA PRO C 41 25.47 -43.79 37.36
C PRO C 41 25.23 -42.70 36.33
N ALA C 42 25.65 -41.48 36.64
CA ALA C 42 25.33 -40.31 35.84
C ALA C 42 26.49 -39.96 34.90
N LYS C 43 26.19 -39.80 33.62
CA LYS C 43 27.21 -39.45 32.64
C LYS C 43 27.27 -37.96 32.35
N GLY C 44 26.17 -37.23 32.51
CA GLY C 44 26.17 -35.81 32.21
C GLY C 44 25.34 -35.03 33.21
N PHE C 45 25.77 -33.79 33.46
CA PHE C 45 25.04 -32.83 34.27
C PHE C 45 24.57 -31.69 33.39
N PHE C 46 23.30 -31.33 33.49
CA PHE C 46 22.80 -30.18 32.76
C PHE C 46 23.13 -28.93 33.57
N ARG C 47 24.03 -28.11 33.07
CA ARG C 47 24.48 -26.93 33.78
C ARG C 47 23.79 -25.74 33.11
N HIS C 48 22.78 -25.19 33.81
CA HIS C 48 22.00 -24.06 33.35
C HIS C 48 22.56 -22.75 33.91
N GLY C 49 23.11 -21.91 33.05
CA GLY C 49 23.66 -20.64 33.50
C GLY C 49 22.57 -19.65 33.88
N TRP C 50 23.01 -18.56 34.48
CA TRP C 50 22.11 -17.65 35.19
C TRP C 50 21.33 -16.75 34.25
N GLN C 51 22.00 -16.14 33.28
CA GLN C 51 21.40 -15.10 32.47
C GLN C 51 21.56 -15.44 30.99
N SER C 52 21.04 -14.54 30.16
CA SER C 52 20.97 -14.75 28.72
C SER C 52 22.29 -15.23 28.14
N TRP C 53 23.39 -14.51 28.43
CA TRP C 53 24.68 -14.82 27.84
C TRP C 53 25.36 -16.04 28.46
N SER C 54 24.83 -16.55 29.57
CA SER C 54 25.52 -17.60 30.32
C SER C 54 25.46 -18.95 29.59
N LEU C 55 26.44 -19.79 29.88
CA LEU C 55 26.45 -21.11 29.29
C LEU C 55 25.34 -21.99 29.85
N ALA C 56 24.54 -22.53 28.96
CA ALA C 56 23.64 -23.64 29.26
C ALA C 56 24.07 -24.82 28.40
N ALA C 57 24.45 -25.94 29.04
CA ALA C 57 24.97 -27.08 28.30
C ALA C 57 25.07 -28.28 29.21
N TRP C 58 25.17 -29.46 28.59
CA TRP C 58 25.47 -30.69 29.32
C TRP C 58 26.98 -30.80 29.50
N VAL C 59 27.42 -31.06 30.72
CA VAL C 59 28.85 -31.19 31.01
C VAL C 59 29.12 -32.49 31.75
N ASP C 60 30.39 -32.87 31.73
CA ASP C 60 30.91 -34.00 32.49
C ASP C 60 31.17 -33.52 33.91
N PRO C 61 30.39 -33.99 34.89
CA PRO C 61 30.58 -33.51 36.26
C PRO C 61 31.83 -34.06 36.91
N ALA C 62 32.56 -34.97 36.23
CA ALA C 62 33.79 -35.52 36.79
C ALA C 62 34.95 -34.54 36.64
N GLN C 63 35.00 -33.79 35.55
CA GLN C 63 36.06 -32.81 35.34
C GLN C 63 35.75 -31.52 36.07
N ALA C 64 36.79 -30.82 36.44
CA ALA C 64 36.61 -29.59 37.18
C ALA C 64 36.28 -28.43 36.23
N PRO C 65 35.51 -27.45 36.70
CA PRO C 65 35.24 -26.26 35.85
C PRO C 65 36.50 -25.43 35.65
N THR C 66 36.63 -24.87 34.44
CA THR C 66 37.75 -23.98 34.11
C THR C 66 37.44 -22.56 34.54
N PRO C 67 38.30 -21.91 35.32
CA PRO C 67 38.05 -20.50 35.68
C PRO C 67 37.88 -19.64 34.44
N LEU C 68 36.85 -18.78 34.47
CA LEU C 68 36.60 -17.84 33.40
C LEU C 68 37.48 -16.61 33.60
N LEU C 69 38.11 -16.14 32.54
CA LEU C 69 38.98 -14.99 32.57
C LEU C 69 38.51 -13.97 31.57
N PRO C 70 38.82 -12.68 31.78
CA PRO C 70 39.46 -12.15 32.99
C PRO C 70 38.46 -12.04 34.17
N GLU C 71 38.97 -11.89 35.39
CA GLU C 71 38.07 -11.75 36.54
C GLU C 71 37.10 -10.58 36.37
N ALA C 72 37.56 -9.49 35.75
CA ALA C 72 36.73 -8.29 35.60
C ALA C 72 35.44 -8.53 34.82
N ARG C 73 35.38 -9.61 34.04
CA ARG C 73 34.23 -9.91 33.19
C ARG C 73 33.28 -10.94 33.78
N ARG C 74 33.60 -11.52 34.93
CA ARG C 74 32.70 -12.50 35.54
C ARG C 74 31.33 -11.93 35.94
N PRO C 75 31.21 -10.70 36.47
CA PRO C 75 29.85 -10.21 36.80
C PRO C 75 28.91 -10.14 35.61
N GLN C 76 29.42 -10.01 34.38
CA GLN C 76 28.56 -9.92 33.20
C GLN C 76 28.47 -11.22 32.42
N ALA C 77 29.07 -12.30 32.94
CA ALA C 77 29.10 -13.60 32.29
C ALA C 77 28.11 -14.59 32.90
N ASP C 78 27.91 -14.52 34.22
CA ASP C 78 27.08 -15.48 34.92
C ASP C 78 26.83 -14.96 36.33
N ASP C 79 26.02 -15.71 37.07
CA ASP C 79 25.97 -15.60 38.53
C ASP C 79 27.39 -15.75 39.09
N PRO C 80 27.94 -14.72 39.72
CA PRO C 80 29.33 -14.81 40.24
C PRO C 80 29.60 -16.05 41.07
N PHE C 81 28.61 -16.54 41.82
CA PHE C 81 28.83 -17.71 42.65
C PHE C 81 29.15 -18.93 41.80
N LEU C 82 28.40 -19.16 40.71
CA LEU C 82 28.66 -20.31 39.85
C LEU C 82 30.05 -20.25 39.23
N LEU C 83 30.61 -19.06 39.09
CA LEU C 83 31.90 -18.91 38.44
C LEU C 83 33.07 -18.97 39.42
N GLU C 84 32.83 -18.78 40.72
CA GLU C 84 33.92 -18.89 41.70
C GLU C 84 33.98 -20.27 42.34
N ALA C 85 33.06 -21.18 42.02
CA ALA C 85 32.95 -22.45 42.72
C ALA C 85 33.80 -23.54 42.06
N GLY C 86 34.29 -24.47 42.90
CA GLY C 86 35.03 -25.61 42.39
C GLY C 86 34.14 -26.76 41.93
N ALA C 87 32.89 -26.81 42.38
CA ALA C 87 31.95 -27.81 41.94
C ALA C 87 31.07 -27.24 40.83
N TRP C 88 30.19 -28.08 40.29
CA TRP C 88 29.35 -27.70 39.16
C TRP C 88 28.01 -27.22 39.70
N TRP C 89 27.81 -25.91 39.69
CA TRP C 89 26.57 -25.28 40.12
C TRP C 89 25.83 -24.68 38.92
N GLY C 90 24.51 -24.88 38.88
CA GLY C 90 23.66 -24.27 37.89
C GLY C 90 22.61 -23.40 38.54
N SER C 91 21.91 -22.62 37.71
CA SER C 91 20.90 -21.69 38.18
C SER C 91 19.51 -22.27 37.97
N GLY C 92 18.72 -22.31 39.04
CA GLY C 92 17.32 -22.67 38.95
C GLY C 92 17.01 -24.13 38.69
N VAL C 93 17.63 -24.74 37.67
CA VAL C 93 17.29 -26.10 37.27
C VAL C 93 18.57 -26.87 36.94
N GLY C 94 18.59 -28.15 37.30
CA GLY C 94 19.66 -29.04 36.89
C GLY C 94 19.09 -30.38 36.49
N ALA C 95 19.95 -31.20 35.88
CA ALA C 95 19.52 -32.53 35.47
C ALA C 95 20.72 -33.44 35.35
N LEU C 96 20.50 -34.72 35.69
CA LEU C 96 21.48 -35.77 35.48
C LEU C 96 20.98 -36.70 34.39
N ARG C 97 21.91 -37.26 33.64
CA ARG C 97 21.62 -38.00 32.41
C ARG C 97 21.96 -39.48 32.59
N GLY C 98 20.95 -40.34 32.41
CA GLY C 98 21.14 -41.77 32.44
C GLY C 98 21.70 -42.29 31.13
N PRO C 99 22.29 -43.50 31.17
CA PRO C 99 22.79 -44.15 29.95
C PRO C 99 21.79 -44.22 28.79
N ASP C 100 20.49 -44.21 29.06
CA ASP C 100 19.46 -44.36 28.04
C ASP C 100 19.01 -43.03 27.44
N GLY C 101 19.76 -41.95 27.68
CA GLY C 101 19.33 -40.61 27.30
C GLY C 101 18.26 -40.01 28.18
N ARG C 102 17.73 -40.76 29.14
CA ARG C 102 16.73 -40.21 30.03
C ARG C 102 17.38 -39.35 31.10
N ALA C 103 16.64 -38.33 31.54
CA ALA C 103 17.18 -37.29 32.40
C ALA C 103 16.39 -37.19 33.70
N LEU C 104 17.12 -37.11 34.81
CA LEU C 104 16.52 -36.77 36.10
C LEU C 104 16.65 -35.26 36.29
N LEU C 105 15.52 -34.56 36.35
CA LEU C 105 15.48 -33.11 36.40
C LEU C 105 15.03 -32.62 37.78
N LEU C 106 15.72 -31.60 38.27
CA LEU C 106 15.37 -30.90 39.51
C LEU C 106 15.34 -29.42 39.18
N GLY C 107 14.17 -28.80 39.29
CA GLY C 107 13.99 -27.39 38.97
C GLY C 107 13.21 -26.60 39.99
N ALA C 108 13.72 -25.43 40.35
CA ALA C 108 13.02 -24.55 41.27
C ALA C 108 11.73 -24.00 40.65
N LEU C 109 10.69 -23.93 41.46
CA LEU C 109 9.46 -23.25 41.08
C LEU C 109 9.37 -21.83 41.64
N ASP C 110 10.40 -21.38 42.37
CA ASP C 110 10.48 -20.03 42.94
C ASP C 110 11.83 -19.39 42.62
N LEU C 111 11.94 -18.13 43.00
CA LEU C 111 13.14 -17.32 42.82
C LEU C 111 14.29 -17.74 43.72
N GLY C 112 15.51 -17.52 43.22
CA GLY C 112 16.69 -17.51 44.07
C GLY C 112 17.29 -18.87 44.35
N ALA C 113 17.15 -19.83 43.44
CA ALA C 113 17.67 -21.17 43.69
C ALA C 113 18.83 -21.50 42.77
N ARG C 114 19.73 -22.34 43.29
CA ARG C 114 20.81 -22.92 42.52
C ARG C 114 20.73 -24.44 42.67
N VAL C 115 21.34 -25.14 41.72
CA VAL C 115 21.33 -26.60 41.69
C VAL C 115 22.73 -27.11 41.46
N LEU C 116 23.19 -28.00 42.35
CA LEU C 116 24.53 -28.58 42.28
C LEU C 116 24.44 -29.98 41.72
N GLY C 117 25.31 -30.29 40.77
CA GLY C 117 25.28 -31.57 40.13
C GLY C 117 26.56 -32.33 40.37
N ARG C 118 26.44 -33.56 40.87
CA ARG C 118 27.54 -34.49 40.97
C ARG C 118 27.13 -35.78 40.26
N GLU C 119 28.08 -36.71 40.11
CA GLU C 119 27.74 -37.98 39.48
C GLU C 119 26.70 -38.74 40.29
N ASP C 120 26.65 -38.51 41.60
CA ASP C 120 25.80 -39.27 42.50
C ASP C 120 24.70 -38.44 43.14
N LEU C 121 24.52 -37.19 42.73
CA LEU C 121 23.63 -36.32 43.49
C LEU C 121 23.22 -35.10 42.67
N LEU C 122 21.95 -34.71 42.80
CA LEU C 122 21.44 -33.39 42.47
C LEU C 122 21.08 -32.71 43.78
N LEU C 123 21.64 -31.52 44.02
CA LEU C 123 21.39 -30.80 45.25
C LEU C 123 20.83 -29.42 44.90
N GLY C 124 19.58 -29.17 45.29
CA GLY C 124 18.97 -27.88 45.08
C GLY C 124 18.99 -27.08 46.37
N ARG C 125 19.39 -25.82 46.27
CA ARG C 125 19.54 -24.96 47.43
C ARG C 125 19.03 -23.57 47.11
N TYR C 126 18.02 -23.13 47.84
CA TYR C 126 17.54 -21.76 47.73
C TYR C 126 18.47 -20.82 48.50
N ALA C 127 18.74 -19.65 47.92
CA ALA C 127 19.65 -18.70 48.53
C ALA C 127 18.97 -17.90 49.64
N GLY C 128 17.72 -17.49 49.44
CA GLY C 128 16.95 -16.83 50.47
C GLY C 128 15.88 -17.72 51.06
N LYS C 129 14.62 -17.28 50.98
CA LYS C 129 13.55 -18.08 51.56
C LYS C 129 13.32 -19.33 50.73
N GLY C 130 13.09 -20.47 51.43
CA GLY C 130 12.88 -21.78 50.82
C GLY C 130 11.81 -21.80 49.74
N GLY C 131 11.49 -22.96 49.17
CA GLY C 131 10.50 -22.95 48.13
C GLY C 131 10.25 -24.33 47.57
N ALA C 132 9.44 -24.34 46.51
CA ALA C 132 9.02 -25.55 45.85
C ALA C 132 10.00 -25.94 44.76
N TRP C 133 9.90 -27.21 44.33
CA TRP C 133 10.77 -27.81 43.35
C TRP C 133 9.94 -28.75 42.49
N PHE C 134 10.35 -28.91 41.25
CA PHE C 134 9.78 -29.91 40.38
C PHE C 134 10.84 -30.98 40.17
N LEU C 135 10.45 -32.24 40.34
CA LEU C 135 11.37 -33.36 40.15
C LEU C 135 10.72 -34.36 39.20
N ALA C 136 11.48 -34.84 38.23
CA ALA C 136 10.91 -35.70 37.20
C ALA C 136 11.98 -36.62 36.65
N TYR C 137 11.56 -37.76 36.13
CA TYR C 137 12.47 -38.71 35.49
C TYR C 137 11.78 -39.26 34.25
N GLY C 138 12.46 -39.18 33.13
CA GLY C 138 11.88 -39.57 31.88
C GLY C 138 12.76 -39.11 30.74
N PRO C 139 12.24 -39.23 29.51
CA PRO C 139 12.97 -38.73 28.35
C PRO C 139 13.23 -37.24 28.44
N GLU C 140 14.40 -36.83 27.92
CA GLU C 140 14.92 -35.47 28.08
C GLU C 140 13.89 -34.39 27.73
N GLU C 141 13.25 -34.49 26.56
CA GLU C 141 12.33 -33.45 26.13
C GLU C 141 11.06 -33.43 26.97
N GLU C 142 10.52 -34.61 27.29
CA GLU C 142 9.31 -34.66 28.09
C GLU C 142 9.54 -34.00 29.44
N VAL C 143 10.68 -34.29 30.06
CA VAL C 143 10.95 -33.86 31.43
C VAL C 143 11.12 -32.34 31.48
N PHE C 144 11.77 -31.74 30.48
CA PHE C 144 11.91 -30.29 30.46
C PHE C 144 10.63 -29.59 30.04
N ALA C 145 9.84 -30.21 29.16
CA ALA C 145 8.54 -29.64 28.82
C ALA C 145 7.59 -29.61 30.02
N ALA C 146 7.66 -30.62 30.89
CA ALA C 146 6.81 -30.66 32.06
C ALA C 146 7.23 -29.63 33.11
N TYR C 147 8.53 -29.38 33.22
CA TYR C 147 9.00 -28.33 34.13
C TYR C 147 8.54 -26.96 33.65
N ALA C 148 8.62 -26.72 32.34
CA ALA C 148 8.27 -25.40 31.81
C ALA C 148 6.79 -25.09 32.00
N ARG C 149 5.94 -26.13 32.04
CA ARG C 149 4.50 -25.91 32.25
C ARG C 149 4.18 -25.38 33.63
N LEU C 150 5.07 -25.54 34.61
CA LEU C 150 4.86 -24.99 35.94
C LEU C 150 5.53 -23.65 36.14
N LEU C 151 6.14 -23.10 35.12
CA LEU C 151 6.73 -21.78 35.30
C LEU C 151 5.77 -20.71 34.79
N PRO C 152 5.96 -19.45 35.16
CA PRO C 152 5.09 -18.41 34.62
C PRO C 152 5.19 -18.34 33.09
N ARG C 153 4.12 -17.84 32.48
CA ARG C 153 3.99 -17.71 31.03
C ARG C 153 3.57 -16.30 30.66
N ARG C 154 4.02 -15.84 29.49
CA ARG C 154 3.51 -14.62 28.90
C ARG C 154 3.74 -14.73 27.39
N LEU C 155 2.70 -15.13 26.67
CA LEU C 155 2.78 -15.37 25.23
C LEU C 155 1.99 -14.29 24.50
N SER C 156 2.70 -13.26 24.03
CA SER C 156 2.07 -12.07 23.46
C SER C 156 1.81 -12.27 21.96
N GLY C 157 1.01 -13.28 21.67
CA GLY C 157 0.79 -13.65 20.28
C GLY C 157 2.07 -14.15 19.65
N ARG C 158 2.31 -13.74 18.45
CA ARG C 158 3.40 -14.26 17.66
C ARG C 158 4.57 -13.27 17.68
N PRO C 159 5.81 -13.75 17.67
CA PRO C 159 6.96 -12.84 17.80
C PRO C 159 7.04 -11.90 16.61
N PRO C 160 7.34 -10.62 16.83
CA PRO C 160 7.43 -9.68 15.71
C PRO C 160 8.67 -9.94 14.87
N ARG C 161 8.66 -9.36 13.68
CA ARG C 161 9.81 -9.40 12.80
C ARG C 161 10.53 -8.06 12.90
N VAL C 162 11.82 -8.10 13.22
CA VAL C 162 12.54 -6.94 13.69
C VAL C 162 13.75 -6.71 12.81
N TRP C 163 13.91 -5.48 12.32
CA TRP C 163 15.21 -5.02 11.86
C TRP C 163 15.87 -4.28 13.03
N CYS C 164 17.11 -4.65 13.33
CA CYS C 164 17.84 -4.18 14.49
C CYS C 164 19.15 -3.55 14.02
N SER C 165 19.56 -2.45 14.62
CA SER C 165 20.75 -1.75 14.11
C SER C 165 22.07 -2.33 14.62
N TRP C 166 22.06 -3.21 15.61
CA TRP C 166 23.29 -3.48 16.35
C TRP C 166 24.31 -4.24 15.50
N TYR C 167 23.86 -5.31 14.84
CA TYR C 167 24.79 -6.28 14.28
C TYR C 167 25.27 -5.90 12.90
N SER C 168 25.10 -4.64 12.51
CA SER C 168 25.74 -4.12 11.32
C SER C 168 26.52 -2.85 11.63
N PHE C 169 25.88 -1.88 12.30
CA PHE C 169 26.55 -0.63 12.61
C PHE C 169 27.14 -0.55 14.01
N TYR C 170 26.69 -1.39 14.94
CA TYR C 170 27.14 -1.34 16.34
C TYR C 170 26.86 0.08 16.84
N THR C 171 27.80 0.72 17.57
CA THR C 171 27.52 2.04 18.16
C THR C 171 27.62 3.18 17.17
N ARG C 172 28.08 2.93 15.94
CA ARG C 172 28.24 3.99 14.94
C ARG C 172 26.93 4.20 14.19
N ILE C 173 25.92 4.64 14.93
CA ILE C 173 24.63 4.96 14.35
C ILE C 173 24.40 6.46 14.46
N GLY C 174 23.51 6.94 13.60
CA GLY C 174 23.16 8.35 13.57
C GLY C 174 21.80 8.47 12.94
N GLU C 175 21.15 9.61 13.21
CA GLU C 175 19.77 9.79 12.80
C GLU C 175 19.63 9.71 11.29
N ASP C 176 20.57 10.30 10.54
CA ASP C 176 20.40 10.35 9.09
C ASP C 176 20.75 9.02 8.43
N LEU C 177 21.79 8.34 8.91
CA LEU C 177 22.10 6.99 8.44
C LEU C 177 20.93 6.04 8.67
N LEU C 178 20.23 6.17 9.79
CA LEU C 178 19.10 5.29 10.07
C LEU C 178 17.86 5.67 9.27
N LEU C 179 17.75 6.92 8.83
CA LEU C 179 16.64 7.29 7.96
C LEU C 179 16.83 6.69 6.56
N ARG C 180 18.06 6.63 6.08
CA ARG C 180 18.31 6.00 4.79
C ARG C 180 18.06 4.50 4.87
N VAL C 181 18.55 3.85 5.93
CA VAL C 181 18.33 2.41 6.06
C VAL C 181 16.85 2.12 6.24
N LEU C 182 16.15 2.97 7.00
CA LEU C 182 14.71 2.84 7.18
C LEU C 182 13.99 2.80 5.85
N ASP C 183 14.40 3.67 4.92
CA ASP C 183 13.86 3.67 3.58
C ASP C 183 14.00 2.31 2.92
N GLU C 184 15.21 1.75 2.93
CA GLU C 184 15.39 0.43 2.31
C GLU C 184 14.71 -0.67 3.12
N VAL C 185 14.72 -0.56 4.45
CA VAL C 185 14.18 -1.63 5.27
C VAL C 185 12.67 -1.69 5.13
N ALA C 186 12.02 -0.55 4.83
CA ALA C 186 10.56 -0.52 4.81
C ALA C 186 9.97 -1.32 3.65
N ALA C 187 10.79 -1.66 2.64
CA ALA C 187 10.33 -2.47 1.52
C ALA C 187 10.15 -3.94 1.89
N PHE C 188 10.73 -4.40 2.99
CA PHE C 188 10.65 -5.79 3.39
C PHE C 188 9.54 -5.99 4.41
N SER C 189 9.20 -7.26 4.66
CA SER C 189 8.10 -7.59 5.56
C SER C 189 8.55 -7.58 7.02
N PHE C 190 9.08 -6.44 7.45
CA PHE C 190 9.40 -6.26 8.85
C PHE C 190 8.21 -5.63 9.56
N GLU C 191 8.16 -5.81 10.88
CA GLU C 191 7.15 -5.18 11.71
C GLU C 191 7.71 -4.15 12.69
N VAL C 192 9.01 -4.22 13.01
CA VAL C 192 9.65 -3.32 13.96
C VAL C 192 10.98 -2.86 13.36
N PHE C 193 11.26 -1.57 13.50
CA PHE C 193 12.58 -1.01 13.20
C PHE C 193 13.16 -0.57 14.54
N GLN C 194 14.20 -1.28 15.01
CA GLN C 194 14.68 -1.11 16.39
C GLN C 194 16.06 -0.47 16.42
N ILE C 195 16.16 0.65 17.14
CA ILE C 195 17.43 1.37 17.32
C ILE C 195 18.15 0.82 18.54
N ASP C 196 19.40 0.42 18.34
CA ASP C 196 20.13 -0.24 19.41
C ASP C 196 21.10 0.74 20.07
N ASP C 197 22.09 0.19 20.79
CA ASP C 197 23.11 0.97 21.46
C ASP C 197 23.77 1.92 20.48
N GLY C 198 24.02 3.15 20.94
CA GLY C 198 24.60 4.21 20.13
C GLY C 198 23.78 5.46 19.99
N TRP C 199 22.54 5.51 20.47
CA TRP C 199 21.75 6.74 20.36
C TRP C 199 21.85 7.65 21.57
N GLN C 200 22.33 7.13 22.69
CA GLN C 200 22.31 7.84 23.97
C GLN C 200 23.62 8.58 24.23
N ARG C 201 23.55 9.56 25.14
CA ARG C 201 24.74 10.31 25.50
C ARG C 201 25.66 9.51 26.41
N ALA C 202 25.10 8.69 27.29
CA ALA C 202 25.89 7.91 28.24
C ALA C 202 24.96 6.90 28.91
N LEU C 203 25.57 5.92 29.57
CA LEU C 203 24.80 5.03 30.45
C LEU C 203 24.29 5.84 31.62
N GLY C 204 22.97 5.91 31.79
CA GLY C 204 22.38 6.76 32.79
C GLY C 204 21.98 8.13 32.27
N ASP C 205 22.45 8.49 31.08
CA ASP C 205 22.05 9.71 30.36
C ASP C 205 21.32 9.28 29.09
N TRP C 206 20.10 8.76 29.27
CA TRP C 206 19.28 8.24 28.18
C TRP C 206 18.57 9.39 27.47
N GLU C 207 19.38 10.18 26.78
CA GLU C 207 18.98 11.32 25.98
C GLU C 207 19.83 11.29 24.72
N PRO C 208 19.29 11.74 23.59
CA PRO C 208 20.00 11.58 22.32
C PRO C 208 21.29 12.37 22.28
N ASN C 209 22.33 11.76 21.73
CA ASN C 209 23.60 12.45 21.57
C ASN C 209 23.56 13.32 20.30
N ASP C 210 24.72 13.91 19.97
CA ASP C 210 24.82 14.87 18.87
C ASP C 210 24.38 14.27 17.54
N ARG C 211 24.60 12.98 17.35
CA ARG C 211 24.27 12.33 16.09
C ARG C 211 22.77 12.11 15.90
N PHE C 212 21.93 12.52 16.85
CA PHE C 212 20.47 12.45 16.70
C PHE C 212 19.85 13.82 16.98
N PRO C 213 20.22 14.85 16.20
CA PRO C 213 19.86 16.23 16.58
C PRO C 213 18.36 16.49 16.70
N ARG C 214 17.52 15.87 15.89
CA ARG C 214 16.09 16.11 15.99
C ARG C 214 15.41 15.27 17.07
N GLY C 215 16.17 14.45 17.79
CA GLY C 215 15.64 13.73 18.93
C GLY C 215 14.92 12.45 18.54
N MET C 216 14.55 11.68 19.56
CA MET C 216 14.13 10.31 19.33
C MET C 216 12.66 10.21 18.95
N ALA C 217 11.82 11.13 19.43
CA ALA C 217 10.41 11.09 19.05
C ALA C 217 10.24 11.37 17.56
N PHE C 218 11.14 12.17 16.98
CA PHE C 218 11.10 12.43 15.55
C PHE C 218 11.42 11.17 14.75
N LEU C 219 12.57 10.55 15.05
CA LEU C 219 12.93 9.28 14.45
C LEU C 219 11.80 8.26 14.55
N ALA C 220 11.15 8.16 15.71
CA ALA C 220 10.08 7.17 15.83
C ALA C 220 8.86 7.55 14.99
N GLU C 221 8.64 8.84 14.71
CA GLU C 221 7.47 9.20 13.91
C GLU C 221 7.70 8.89 12.44
N ARG C 222 8.91 9.13 11.95
CA ARG C 222 9.26 8.70 10.60
C ARG C 222 9.18 7.19 10.44
N ILE C 223 9.59 6.43 11.47
CA ILE C 223 9.50 4.97 11.43
C ILE C 223 8.05 4.53 11.31
N ARG C 224 7.17 5.12 12.13
CA ARG C 224 5.76 4.72 12.09
C ARG C 224 5.09 5.18 10.79
N GLU C 225 5.61 6.24 10.17
CA GLU C 225 5.10 6.71 8.88
C GLU C 225 5.41 5.75 7.74
N ARG C 226 6.28 4.78 7.95
CA ARG C 226 6.55 3.75 6.95
C ARG C 226 5.91 2.42 7.30
N GLY C 227 4.89 2.43 8.16
CA GLY C 227 4.17 1.24 8.54
C GLY C 227 4.85 0.37 9.57
N LEU C 228 5.89 0.87 10.22
CA LEU C 228 6.70 0.07 11.13
C LEU C 228 6.59 0.59 12.56
N ARG C 229 6.58 -0.34 13.52
CA ARG C 229 6.73 0.02 14.91
C ARG C 229 8.17 0.42 15.20
N ALA C 230 8.35 1.31 16.17
CA ALA C 230 9.66 1.82 16.53
C ALA C 230 10.17 1.12 17.80
N GLY C 231 11.42 0.66 17.74
CA GLY C 231 12.05 -0.01 18.86
C GLY C 231 13.27 0.74 19.36
N LEU C 232 13.49 0.69 20.68
CA LEU C 232 14.61 1.40 21.30
C LEU C 232 15.26 0.52 22.36
N TRP C 233 16.58 0.69 22.53
CA TRP C 233 17.43 -0.11 23.42
C TRP C 233 17.83 0.68 24.66
N PHE C 234 17.75 0.03 25.83
CA PHE C 234 18.22 0.59 27.10
C PHE C 234 19.02 -0.44 27.88
N ALA C 235 19.93 0.06 28.72
CA ALA C 235 20.56 -0.71 29.81
C ALA C 235 20.21 0.02 31.10
N PRO C 236 18.99 -0.17 31.60
CA PRO C 236 18.45 0.79 32.60
C PRO C 236 19.22 0.84 33.92
N PHE C 237 19.78 -0.29 34.39
CA PHE C 237 20.41 -0.35 35.70
C PHE C 237 21.94 -0.35 35.64
N LEU C 238 22.50 0.11 34.53
CA LEU C 238 23.93 0.10 34.30
C LEU C 238 24.45 1.52 34.28
N VAL C 239 25.66 1.71 34.80
CA VAL C 239 26.22 3.05 34.88
C VAL C 239 27.73 2.89 34.95
N THR C 240 28.45 3.92 34.52
CA THR C 240 29.91 3.91 34.60
C THR C 240 30.40 5.03 35.50
N ALA C 241 31.68 4.98 35.87
CA ALA C 241 32.25 6.05 36.69
C ALA C 241 32.12 7.41 36.01
N ASP C 242 32.21 7.44 34.67
CA ASP C 242 32.08 8.68 33.90
C ASP C 242 30.65 9.20 33.84
N SER C 243 29.66 8.39 34.19
CA SER C 243 28.28 8.83 34.01
C SER C 243 27.97 9.99 34.95
N PRO C 244 27.37 11.07 34.44
CA PRO C 244 26.90 12.13 35.35
C PRO C 244 26.04 11.59 36.48
N LEU C 245 25.18 10.61 36.20
CA LEU C 245 24.29 10.06 37.23
C LEU C 245 25.10 9.39 38.33
N PHE C 246 26.19 8.72 37.98
CA PHE C 246 27.06 8.13 39.01
C PHE C 246 27.53 9.21 39.98
N GLN C 247 27.76 10.42 39.47
CA GLN C 247 28.26 11.51 40.31
C GLN C 247 27.14 12.25 41.00
N LYS C 248 26.02 12.50 40.31
CA LYS C 248 24.93 13.19 40.97
C LYS C 248 24.23 12.32 42.03
N ARG C 249 23.97 11.03 41.77
CA ARG C 249 23.25 10.17 42.73
C ARG C 249 24.12 9.02 43.25
N PRO C 250 25.18 9.32 44.02
CA PRO C 250 25.99 8.23 44.61
C PRO C 250 25.19 7.30 45.51
N ASP C 251 24.08 7.79 46.10
CA ASP C 251 23.16 6.95 46.85
C ASP C 251 22.37 5.97 45.98
N TRP C 252 22.48 6.06 44.66
CA TRP C 252 21.81 5.13 43.76
C TRP C 252 22.68 3.95 43.34
N VAL C 253 23.97 4.00 43.60
CA VAL C 253 24.90 2.95 43.17
C VAL C 253 24.78 1.77 44.11
N LEU C 254 24.65 0.58 43.54
CA LEU C 254 24.63 -0.66 44.32
C LEU C 254 25.97 -0.84 45.03
N ARG C 255 25.94 -0.97 46.35
CA ARG C 255 27.13 -1.00 47.18
C ARG C 255 27.17 -2.28 48.00
N ASP C 256 28.37 -2.67 48.45
CA ASP C 256 28.48 -3.89 49.23
C ASP C 256 28.46 -3.53 50.73
N GLY C 257 28.79 -4.50 51.59
CA GLY C 257 28.71 -4.31 53.04
C GLY C 257 29.64 -3.24 53.58
N GLU C 258 30.66 -2.85 52.83
CA GLU C 258 31.56 -1.77 53.22
C GLU C 258 31.35 -0.51 52.39
N GLY C 259 30.22 -0.41 51.70
CA GLY C 259 29.92 0.77 50.91
C GLY C 259 30.69 0.91 49.61
N ARG C 260 31.49 -0.09 49.20
CA ARG C 260 32.12 0.03 47.89
C ARG C 260 31.14 -0.38 46.79
N PRO C 261 31.15 0.32 45.66
CA PRO C 261 30.28 -0.07 44.54
C PRO C 261 30.52 -1.52 44.11
N VAL C 262 29.44 -2.22 43.86
CA VAL C 262 29.51 -3.58 43.36
C VAL C 262 29.92 -3.57 41.88
N ARG C 263 30.88 -4.40 41.53
CA ARG C 263 31.34 -4.42 40.14
C ARG C 263 30.35 -5.18 39.26
N ALA C 264 30.01 -4.61 38.11
CA ALA C 264 29.05 -5.23 37.23
C ALA C 264 29.66 -5.60 35.88
N GLY C 265 30.98 -5.66 35.79
CA GLY C 265 31.66 -6.14 34.60
C GLY C 265 32.55 -5.08 33.96
N PHE C 266 32.92 -5.35 32.71
CA PHE C 266 33.83 -4.51 31.95
C PHE C 266 33.34 -4.49 30.51
N ASN C 267 32.96 -3.31 30.03
CA ASN C 267 32.43 -3.20 28.68
C ASN C 267 32.60 -1.76 28.23
N TRP C 268 32.58 -1.56 26.92
CA TRP C 268 32.91 -0.26 26.30
C TRP C 268 34.24 0.28 26.85
N GLY C 269 35.18 -0.62 27.12
CA GLY C 269 36.47 -0.16 27.59
C GLY C 269 36.55 0.36 29.01
N ARG C 270 35.52 0.17 29.83
CA ARG C 270 35.56 0.69 31.20
C ARG C 270 34.86 -0.23 32.17
N PRO C 271 35.22 -0.16 33.46
CA PRO C 271 34.49 -0.92 34.48
C PRO C 271 33.06 -0.45 34.58
N LEU C 272 32.17 -1.41 34.83
CA LEU C 272 30.74 -1.17 34.92
C LEU C 272 30.28 -1.26 36.37
N TYR C 273 29.24 -0.50 36.66
CA TYR C 273 28.63 -0.47 37.98
C TYR C 273 27.13 -0.55 37.78
N ALA C 274 26.43 -0.85 38.86
CA ALA C 274 25.00 -1.09 38.81
C ALA C 274 24.27 -0.05 39.64
N LEU C 275 23.05 0.27 39.23
CA LEU C 275 22.14 1.03 40.07
C LEU C 275 21.35 0.04 40.92
N ASP C 276 20.97 0.48 42.12
CA ASP C 276 20.42 -0.44 43.12
C ASP C 276 18.93 -0.63 42.87
N ALA C 277 18.54 -1.81 42.38
CA ALA C 277 17.13 -2.05 42.10
C ALA C 277 16.31 -2.34 43.35
N GLY C 278 16.93 -2.38 44.53
CA GLY C 278 16.17 -2.41 45.76
C GLY C 278 15.80 -1.04 46.28
N ASN C 279 16.35 0.00 45.66
CA ASN C 279 16.05 1.39 45.97
C ASN C 279 14.84 1.81 45.14
N GLU C 280 13.70 2.01 45.82
CA GLU C 280 12.46 2.39 45.16
C GLU C 280 12.63 3.58 44.25
N GLU C 281 13.51 4.51 44.62
CA GLU C 281 13.72 5.69 43.80
C GLU C 281 14.43 5.37 42.49
N VAL C 282 15.31 4.37 42.50
CA VAL C 282 15.96 3.96 41.26
C VAL C 282 14.98 3.24 40.36
N VAL C 283 14.18 2.33 40.94
CA VAL C 283 13.16 1.63 40.17
C VAL C 283 12.21 2.61 39.51
N GLU C 284 11.83 3.67 40.22
CA GLU C 284 10.88 4.61 39.63
C GLU C 284 11.54 5.45 38.54
N TRP C 285 12.84 5.71 38.67
CA TRP C 285 13.56 6.37 37.58
C TRP C 285 13.65 5.48 36.35
N ALA C 286 13.89 4.17 36.55
CA ALA C 286 13.96 3.25 35.42
C ALA C 286 12.60 3.05 34.77
N ALA C 287 11.52 3.02 35.58
CA ALA C 287 10.19 3.02 34.98
C ALA C 287 9.91 4.31 34.23
N ASP C 288 10.48 5.44 34.67
CA ASP C 288 10.37 6.68 33.92
C ASP C 288 11.09 6.61 32.58
N LEU C 289 12.14 5.78 32.48
CA LEU C 289 12.77 5.56 31.17
C LEU C 289 11.81 4.87 30.21
N VAL C 290 11.12 3.83 30.70
CA VAL C 290 10.11 3.17 29.90
C VAL C 290 9.01 4.15 29.50
N ARG C 291 8.50 4.91 30.47
CA ARG C 291 7.46 5.90 30.18
C ARG C 291 7.95 6.93 29.16
N LYS C 292 9.18 7.44 29.32
CA LYS C 292 9.68 8.42 28.36
C LYS C 292 9.75 7.83 26.94
N ALA C 293 10.14 6.56 26.81
CA ALA C 293 10.26 5.96 25.48
C ALA C 293 8.90 5.75 24.83
N LEU C 294 7.90 5.28 25.59
CA LEU C 294 6.56 5.17 25.04
C LEU C 294 6.03 6.52 24.60
N ALA C 295 6.29 7.57 25.40
CA ALA C 295 5.83 8.90 25.04
C ALA C 295 6.49 9.38 23.76
N TRP C 296 7.74 8.96 23.54
CA TRP C 296 8.44 9.26 22.29
C TRP C 296 7.85 8.52 21.10
N GLY C 297 7.05 7.47 21.33
CA GLY C 297 6.46 6.71 20.25
C GLY C 297 7.03 5.31 20.06
N TYR C 298 7.95 4.87 20.90
CA TYR C 298 8.47 3.51 20.83
C TYR C 298 7.58 2.58 21.65
N ASP C 299 7.13 1.48 21.05
CA ASP C 299 6.38 0.48 21.79
C ASP C 299 7.01 -0.90 21.72
N TYR C 300 8.26 -0.98 21.29
CA TYR C 300 9.09 -2.17 21.36
C TYR C 300 10.38 -1.76 22.02
N LEU C 301 10.71 -2.37 23.16
CA LEU C 301 11.87 -1.94 23.95
C LEU C 301 12.77 -3.14 24.23
N LYS C 302 14.05 -3.01 23.87
CA LYS C 302 15.07 -3.99 24.20
C LYS C 302 15.77 -3.52 25.48
N LEU C 303 15.53 -4.23 26.57
CA LEU C 303 16.06 -3.89 27.87
C LEU C 303 17.21 -4.84 28.15
N ASP C 304 18.41 -4.31 28.24
CA ASP C 304 19.63 -5.08 28.17
C ASP C 304 20.41 -4.96 29.47
N PHE C 305 21.37 -5.88 29.64
CA PHE C 305 22.26 -5.94 30.79
C PHE C 305 21.47 -6.04 32.08
N LEU C 306 20.34 -6.74 32.04
CA LEU C 306 19.40 -6.76 33.16
C LEU C 306 19.95 -7.55 34.35
N TYR C 307 21.00 -8.36 34.14
CA TYR C 307 21.69 -8.98 35.28
C TYR C 307 22.11 -7.93 36.32
N ALA C 308 22.36 -6.70 35.91
CA ALA C 308 22.79 -5.68 36.85
C ALA C 308 21.75 -5.44 37.95
N ALA C 309 20.47 -5.61 37.62
CA ALA C 309 19.39 -5.45 38.60
C ALA C 309 19.27 -6.61 39.57
N ALA C 310 19.99 -7.71 39.35
CA ALA C 310 19.86 -8.90 40.18
C ALA C 310 21.17 -9.31 40.82
N LEU C 311 22.19 -8.45 40.78
CA LEU C 311 23.44 -8.78 41.45
C LEU C 311 23.19 -8.92 42.95
N PRO C 312 23.94 -9.78 43.64
CA PRO C 312 25.10 -10.57 43.20
C PRO C 312 24.75 -11.95 42.69
N GLY C 313 23.52 -12.19 42.27
CA GLY C 313 23.17 -13.48 41.71
C GLY C 313 21.84 -13.95 42.21
N ALA C 314 21.73 -15.25 42.54
CA ALA C 314 20.49 -15.81 43.07
C ALA C 314 19.88 -14.94 44.17
N GLU C 315 20.74 -14.43 45.07
CA GLU C 315 20.27 -13.59 46.17
C GLU C 315 19.54 -12.33 45.68
N GLY C 316 19.89 -11.84 44.51
CA GLY C 316 19.27 -10.63 44.01
C GLY C 316 18.01 -10.82 43.19
N GLU C 317 17.51 -12.04 43.09
CA GLU C 317 16.41 -12.30 42.18
C GLU C 317 15.09 -11.72 42.69
N ALA C 318 14.87 -11.70 44.01
CA ALA C 318 13.63 -11.12 44.55
C ALA C 318 13.57 -9.61 44.31
N ARG C 319 14.69 -8.90 44.51
CA ARG C 319 14.76 -7.49 44.13
C ARG C 319 14.56 -7.33 42.64
N TYR C 320 15.19 -8.18 41.85
CA TYR C 320 15.12 -8.07 40.39
C TYR C 320 13.69 -8.19 39.91
N ARG C 321 12.96 -9.18 40.43
CA ARG C 321 11.60 -9.43 39.96
C ARG C 321 10.67 -8.26 40.30
N LYS C 322 10.81 -7.69 41.50
CA LYS C 322 9.97 -6.56 41.89
C LYS C 322 10.28 -5.32 41.05
N ALA C 323 11.56 -5.08 40.74
CA ALA C 323 11.87 -3.93 39.89
C ALA C 323 11.36 -4.14 38.46
N MET C 324 11.51 -5.34 37.93
CA MET C 324 11.02 -5.62 36.59
C MET C 324 9.50 -5.64 36.53
N ALA C 325 8.84 -6.10 37.60
CA ALA C 325 7.38 -6.04 37.66
C ALA C 325 6.88 -4.61 37.50
N ARG C 326 7.63 -3.64 38.01
CA ARG C 326 7.23 -2.24 37.91
C ARG C 326 7.45 -1.72 36.50
N LEU C 327 8.56 -2.09 35.89
CA LEU C 327 8.79 -1.71 34.50
C LEU C 327 7.80 -2.41 33.58
N ARG C 328 7.34 -3.60 33.95
CA ARG C 328 6.31 -4.28 33.17
C ARG C 328 5.01 -3.47 33.18
N GLU C 329 4.59 -2.99 34.36
CA GLU C 329 3.39 -2.17 34.45
C GLU C 329 3.56 -0.83 33.76
N ALA C 330 4.73 -0.19 33.93
CA ALA C 330 4.98 1.07 33.25
C ALA C 330 4.94 0.92 31.73
N ALA C 331 5.32 -0.25 31.21
CA ALA C 331 5.33 -0.48 29.76
C ALA C 331 3.96 -0.82 29.22
N GLY C 332 3.03 -1.19 30.08
CA GLY C 332 1.70 -1.54 29.60
C GLY C 332 1.77 -2.72 28.65
N GLU C 333 1.17 -2.54 27.48
CA GLU C 333 1.13 -3.60 26.46
C GLU C 333 2.29 -3.52 25.47
N ALA C 334 3.23 -2.60 25.67
CA ALA C 334 4.41 -2.55 24.81
C ALA C 334 5.17 -3.86 24.90
N TYR C 335 5.98 -4.12 23.88
CA TYR C 335 6.75 -5.36 23.77
C TYR C 335 8.09 -5.17 24.47
N LEU C 336 8.37 -6.01 25.47
CA LEU C 336 9.65 -5.95 26.16
C LEU C 336 10.47 -7.21 25.82
N LEU C 337 11.61 -6.98 25.20
CA LEU C 337 12.62 -7.99 24.95
C LEU C 337 13.66 -7.88 26.04
N PHE C 338 13.81 -8.96 26.84
CA PHE C 338 14.80 -8.99 27.92
C PHE C 338 16.11 -9.57 27.39
N CYS C 339 17.22 -8.88 27.69
CA CYS C 339 18.54 -9.28 27.25
C CYS C 339 19.52 -9.20 28.42
N GLY C 340 20.55 -10.05 28.39
CA GLY C 340 21.53 -10.08 29.47
C GLY C 340 20.88 -10.32 30.81
N ALA C 341 19.84 -11.13 30.82
CA ALA C 341 18.85 -11.11 31.86
C ALA C 341 18.78 -12.45 32.55
N PRO C 342 18.60 -12.45 33.89
CA PRO C 342 18.26 -13.68 34.60
C PRO C 342 17.15 -14.44 33.88
N VAL C 343 17.46 -15.62 33.35
CA VAL C 343 16.55 -16.28 32.44
C VAL C 343 15.26 -16.68 33.16
N LEU C 344 15.36 -17.48 34.22
CA LEU C 344 14.13 -18.01 34.82
C LEU C 344 13.36 -16.93 35.58
N ALA C 345 14.07 -16.03 36.27
CA ALA C 345 13.36 -15.02 37.04
C ALA C 345 12.69 -13.96 36.15
N SER C 346 12.92 -14.00 34.83
CA SER C 346 12.28 -13.09 33.89
C SER C 346 10.97 -13.60 33.34
N LEU C 347 10.65 -14.88 33.53
CA LEU C 347 9.46 -15.47 32.92
C LEU C 347 8.18 -14.85 33.48
N GLY C 348 7.22 -14.60 32.58
CA GLY C 348 6.00 -13.92 32.92
C GLY C 348 6.06 -12.41 32.84
N LEU C 349 7.25 -11.82 32.81
CA LEU C 349 7.38 -10.39 32.56
C LEU C 349 7.86 -10.09 31.15
N ALA C 350 8.88 -10.81 30.66
CA ALA C 350 9.35 -10.57 29.30
C ALA C 350 8.33 -11.07 28.28
N ASP C 351 8.21 -10.32 27.18
CA ASP C 351 7.55 -10.88 26.00
C ASP C 351 8.53 -11.71 25.18
N GLY C 352 9.74 -11.19 25.03
CA GLY C 352 10.81 -11.95 24.42
C GLY C 352 12.01 -11.96 25.35
N LEU C 353 12.81 -13.03 25.23
CA LEU C 353 13.93 -13.28 26.12
C LEU C 353 15.09 -13.85 25.31
N ARG C 354 16.22 -13.16 25.32
CA ARG C 354 17.43 -13.72 24.73
C ARG C 354 17.93 -14.87 25.59
N VAL C 355 18.28 -15.99 24.95
CA VAL C 355 18.67 -17.21 25.65
C VAL C 355 20.11 -17.60 25.37
N GLY C 356 20.87 -16.79 24.65
CA GLY C 356 22.25 -17.10 24.39
C GLY C 356 23.12 -15.87 24.27
N PRO C 357 24.44 -16.08 24.22
CA PRO C 357 25.36 -14.99 23.86
C PRO C 357 24.95 -14.31 22.58
N ASP C 358 25.44 -13.08 22.41
CA ASP C 358 25.29 -12.37 21.14
C ASP C 358 25.83 -13.23 20.00
N VAL C 359 25.09 -13.25 18.90
CA VAL C 359 25.70 -13.70 17.66
C VAL C 359 26.79 -12.69 17.31
N ALA C 360 27.63 -13.06 16.37
CA ALA C 360 28.68 -12.18 15.86
C ALA C 360 28.85 -12.56 14.41
N PRO C 361 29.50 -11.70 13.60
CA PRO C 361 29.75 -12.11 12.21
C PRO C 361 30.92 -13.08 12.10
N TYR C 362 30.99 -14.04 13.01
CA TYR C 362 32.06 -15.03 12.96
C TYR C 362 31.67 -16.20 13.85
N TRP C 363 32.33 -17.33 13.58
CA TRP C 363 31.96 -18.57 14.25
C TRP C 363 32.37 -18.55 15.71
N ASP C 364 33.62 -18.23 15.99
CA ASP C 364 34.11 -18.31 17.35
C ASP C 364 35.40 -17.51 17.47
N ASN C 365 35.49 -16.65 18.46
CA ASN C 365 36.74 -16.01 18.83
C ASN C 365 37.45 -16.96 19.78
N GLU C 366 38.44 -17.67 19.25
CA GLU C 366 39.14 -18.71 20.03
C GLU C 366 39.92 -18.11 21.20
N GLU C 367 40.43 -16.89 21.08
CA GLU C 367 41.14 -16.28 22.20
C GLU C 367 40.23 -16.10 23.40
N ARG C 368 38.99 -15.70 23.19
CA ARG C 368 38.08 -15.52 24.31
C ARG C 368 37.44 -16.86 24.74
N SER C 369 37.09 -17.71 23.78
CA SER C 369 36.36 -18.91 24.13
C SER C 369 37.28 -19.97 24.73
N PHE C 370 38.51 -20.08 24.24
CA PHE C 370 39.42 -21.10 24.73
C PHE C 370 40.49 -20.55 25.68
N TRP C 371 41.25 -19.53 25.27
CA TRP C 371 42.34 -19.07 26.12
C TRP C 371 41.84 -18.38 27.38
N LEU C 372 40.80 -17.55 27.25
CA LEU C 372 40.20 -16.94 28.43
C LEU C 372 39.08 -17.80 29.03
N ALA C 373 38.70 -18.88 28.34
CA ALA C 373 37.68 -19.83 28.80
C ALA C 373 36.36 -19.11 29.13
N ASP C 374 35.93 -18.25 28.20
CA ASP C 374 34.68 -17.48 28.31
C ASP C 374 33.77 -17.88 27.17
N PRO C 375 32.86 -18.84 27.37
CA PRO C 375 31.89 -19.18 26.33
C PRO C 375 30.69 -18.23 26.24
N THR C 376 30.74 -17.09 26.92
CA THR C 376 29.63 -16.15 26.93
C THR C 376 29.86 -14.95 26.03
N GLY C 377 31.02 -14.86 25.35
CA GLY C 377 31.27 -13.77 24.45
C GLY C 377 30.58 -13.96 23.12
N PRO C 378 30.50 -12.87 22.34
CA PRO C 378 29.86 -12.93 21.02
C PRO C 378 30.47 -14.00 20.12
N GLY C 379 29.59 -14.64 19.33
CA GLY C 379 30.00 -15.64 18.39
C GLY C 379 28.85 -16.58 18.08
N LEU C 380 28.74 -17.04 16.83
CA LEU C 380 27.59 -17.84 16.46
C LEU C 380 27.59 -19.19 17.19
N ARG C 381 28.76 -19.84 17.29
CA ARG C 381 28.82 -21.11 18.01
C ARG C 381 28.37 -20.93 19.45
N ASN C 382 28.88 -19.91 20.12
CA ASN C 382 28.48 -19.66 21.50
C ASN C 382 27.00 -19.38 21.58
N ALA C 383 26.48 -18.52 20.68
CA ALA C 383 25.05 -18.25 20.64
C ALA C 383 24.26 -19.53 20.49
N LEU C 384 24.66 -20.37 19.54
CA LEU C 384 23.91 -21.59 19.25
C LEU C 384 23.94 -22.54 20.44
N ARG C 385 25.11 -22.71 21.06
CA ARG C 385 25.21 -23.73 22.11
C ARG C 385 24.23 -23.48 23.25
N SER C 386 24.11 -22.24 23.72
CA SER C 386 23.21 -21.98 24.84
C SER C 386 21.76 -21.95 24.40
N THR C 387 21.47 -21.32 23.25
CA THR C 387 20.11 -21.28 22.73
C THR C 387 19.52 -22.68 22.57
N LEU C 388 20.28 -23.60 21.96
CA LEU C 388 19.79 -24.96 21.77
C LEU C 388 19.35 -25.62 23.06
N HIS C 389 19.93 -25.23 24.20
CA HIS C 389 19.58 -25.86 25.46
C HIS C 389 18.51 -25.09 26.24
N ARG C 390 17.94 -24.04 25.67
CA ARG C 390 16.88 -23.29 26.33
C ARG C 390 15.61 -23.21 25.49
N LEU C 391 15.49 -24.02 24.43
CA LEU C 391 14.31 -23.95 23.58
C LEU C 391 13.05 -24.40 24.30
N TRP C 392 13.17 -25.19 25.38
CA TRP C 392 12.03 -25.57 26.20
C TRP C 392 11.34 -24.37 26.83
N LEU C 393 11.93 -23.18 26.78
CA LEU C 393 11.23 -22.02 27.31
C LEU C 393 10.19 -21.44 26.34
N MET C 394 10.02 -22.05 25.16
CA MET C 394 8.98 -21.59 24.24
C MET C 394 7.59 -21.78 24.80
N GLU C 395 7.45 -22.59 25.84
CA GLU C 395 6.23 -22.62 26.63
C GLU C 395 5.95 -21.28 27.32
N ASN C 396 6.99 -20.53 27.67
CA ASN C 396 6.84 -19.47 28.64
C ASN C 396 7.08 -18.06 28.10
N VAL C 397 7.76 -17.91 26.97
CA VAL C 397 8.13 -16.60 26.46
C VAL C 397 8.53 -16.79 25.01
N HIS C 398 8.52 -15.70 24.25
CA HIS C 398 9.15 -15.69 22.94
C HIS C 398 10.66 -15.84 23.10
N VAL C 399 11.19 -16.94 22.57
CA VAL C 399 12.60 -17.25 22.72
C VAL C 399 13.36 -16.59 21.57
N ASP C 400 14.18 -15.60 21.93
CA ASP C 400 14.98 -14.88 20.94
C ASP C 400 16.33 -15.55 20.77
N PRO C 401 16.66 -16.11 19.61
CA PRO C 401 17.99 -16.72 19.41
C PRO C 401 19.03 -15.74 18.91
N ASP C 402 18.65 -14.46 18.81
CA ASP C 402 19.44 -13.34 18.25
C ASP C 402 19.30 -13.35 16.74
N VAL C 403 19.84 -12.33 16.08
CA VAL C 403 19.52 -12.08 14.67
C VAL C 403 20.04 -13.16 13.74
N VAL C 404 19.57 -13.12 12.50
CA VAL C 404 20.01 -14.00 11.42
C VAL C 404 20.79 -13.17 10.43
N TYR C 405 21.93 -13.68 9.98
CA TYR C 405 22.68 -13.04 8.92
C TYR C 405 22.25 -13.63 7.59
N PHE C 406 22.14 -12.76 6.58
CA PHE C 406 22.02 -13.16 5.18
C PHE C 406 23.12 -12.58 4.32
N ARG C 407 23.68 -11.46 4.72
CA ARG C 407 24.77 -10.85 3.98
C ARG C 407 26.00 -11.74 4.04
N THR C 408 26.81 -11.66 2.99
CA THR C 408 28.18 -12.12 3.04
C THR C 408 29.17 -10.97 3.07
N ARG C 409 28.75 -9.75 2.73
CA ARG C 409 29.61 -8.60 2.95
C ARG C 409 29.65 -8.27 4.43
N PHE C 410 30.83 -7.90 4.93
CA PHE C 410 30.99 -7.49 6.32
C PHE C 410 30.51 -8.59 7.25
N ASN C 411 30.95 -9.81 6.97
CA ASN C 411 30.52 -11.00 7.69
C ASN C 411 31.54 -12.08 7.36
N LEU C 412 31.95 -12.84 8.37
CA LEU C 412 32.92 -13.92 8.18
C LEU C 412 32.26 -15.28 8.21
N LEU C 413 30.99 -15.34 8.60
CA LEU C 413 30.30 -16.63 8.70
C LEU C 413 30.17 -17.28 7.34
N SER C 414 30.21 -18.60 7.34
CA SER C 414 29.96 -19.32 6.09
C SER C 414 28.47 -19.52 5.87
N PRO C 415 28.08 -19.74 4.61
CA PRO C 415 26.65 -20.01 4.34
C PRO C 415 26.07 -21.19 5.10
N GLU C 416 26.85 -22.25 5.29
CA GLU C 416 26.31 -23.37 6.08
C GLU C 416 26.21 -22.99 7.56
N GLU C 417 27.12 -22.16 8.06
CA GLU C 417 26.99 -21.66 9.42
C GLU C 417 25.76 -20.76 9.57
N MET C 418 25.55 -19.85 8.61
CA MET C 418 24.41 -18.93 8.69
C MET C 418 23.08 -19.67 8.68
N ARG C 419 23.00 -20.84 8.04
CA ARG C 419 21.75 -21.57 7.95
C ARG C 419 21.41 -22.27 9.27
N LEU C 420 22.42 -22.57 10.08
CA LEU C 420 22.14 -23.09 11.42
C LEU C 420 21.40 -22.07 12.26
N GLN C 421 21.78 -20.79 12.16
CA GLN C 421 21.09 -19.74 12.88
C GLN C 421 19.71 -19.50 12.29
N GLU C 422 19.58 -19.53 10.97
CA GLU C 422 18.29 -19.28 10.35
C GLU C 422 17.26 -20.32 10.76
N ALA C 423 17.69 -21.58 10.89
CA ALA C 423 16.75 -22.63 11.30
C ALA C 423 16.20 -22.38 12.70
N LEU C 424 17.04 -21.92 13.64
CA LEU C 424 16.57 -21.63 15.00
C LEU C 424 15.59 -20.46 15.02
N ALA C 425 15.70 -19.51 14.09
CA ALA C 425 14.67 -18.48 14.00
C ALA C 425 13.34 -19.06 13.52
N HIS C 426 13.38 -19.96 12.54
CA HIS C 426 12.13 -20.60 12.13
C HIS C 426 11.54 -21.40 13.28
N PHE C 427 12.36 -22.16 14.00
CA PHE C 427 11.85 -22.98 15.09
C PHE C 427 11.23 -22.13 16.20
N THR C 428 11.88 -21.06 16.61
CA THR C 428 11.33 -20.23 17.66
C THR C 428 10.24 -19.30 17.15
N GLY C 429 10.21 -19.02 15.84
CA GLY C 429 9.37 -17.98 15.28
C GLY C 429 9.87 -16.56 15.50
N PHE C 430 11.02 -16.37 16.14
CA PHE C 430 11.56 -15.05 16.43
C PHE C 430 12.53 -14.69 15.31
N LYS C 431 12.14 -13.73 14.48
CA LYS C 431 12.83 -13.45 13.22
C LYS C 431 13.36 -12.02 13.25
N ALA C 432 14.67 -11.88 13.20
CA ALA C 432 15.31 -10.58 13.30
C ALA C 432 16.59 -10.60 12.48
N THR C 433 16.96 -9.43 11.96
CA THR C 433 18.24 -9.28 11.29
C THR C 433 18.73 -7.86 11.48
N SER C 434 20.03 -7.66 11.24
CA SER C 434 20.64 -6.34 11.22
C SER C 434 21.19 -5.99 9.86
N ASP C 435 21.00 -6.83 8.86
CA ASP C 435 21.57 -6.65 7.53
C ASP C 435 20.98 -5.40 6.88
N PRO C 436 21.77 -4.36 6.61
CA PRO C 436 21.25 -3.24 5.81
C PRO C 436 20.99 -3.72 4.39
N PRO C 437 19.79 -3.48 3.86
CA PRO C 437 19.47 -4.02 2.52
C PRO C 437 20.50 -3.65 1.46
N SER C 438 21.09 -2.46 1.56
CA SER C 438 22.12 -2.07 0.63
C SER C 438 23.41 -2.89 0.75
N TRP C 439 23.58 -3.70 1.81
CA TRP C 439 24.74 -4.58 1.93
C TRP C 439 24.46 -5.97 1.37
N LEU C 440 23.21 -6.26 0.99
CA LEU C 440 22.81 -7.57 0.50
C LEU C 440 22.92 -7.61 -1.02
N LEU C 441 23.49 -8.70 -1.53
CA LEU C 441 23.39 -9.00 -2.96
C LEU C 441 21.95 -9.32 -3.33
N PRO C 442 21.59 -9.20 -4.61
CA PRO C 442 20.20 -9.54 -5.03
C PRO C 442 19.71 -10.92 -4.60
N GLU C 443 20.55 -11.94 -4.71
CA GLU C 443 20.17 -13.26 -4.21
C GLU C 443 19.88 -13.23 -2.71
N GLU C 444 20.66 -12.45 -1.95
CA GLU C 444 20.49 -12.40 -0.50
C GLU C 444 19.23 -11.62 -0.11
N LYS C 445 18.88 -10.60 -0.90
CA LYS C 445 17.62 -9.91 -0.70
C LYS C 445 16.44 -10.87 -0.84
N GLY C 446 16.49 -11.73 -1.86
CA GLY C 446 15.39 -12.66 -2.07
C GLY C 446 15.28 -13.67 -0.94
N ARG C 447 16.42 -14.10 -0.39
CA ARG C 447 16.37 -15.01 0.74
C ARG C 447 15.80 -14.33 1.98
N LEU C 448 16.13 -13.05 2.19
CA LEU C 448 15.64 -12.36 3.39
C LEU C 448 14.11 -12.20 3.34
N GLU C 449 13.58 -11.79 2.18
CA GLU C 449 12.14 -11.61 2.08
C GLU C 449 11.40 -12.94 2.23
N ALA C 450 11.88 -14.00 1.58
CA ALA C 450 11.22 -15.29 1.74
C ALA C 450 11.33 -15.79 3.18
N PHE C 451 12.39 -15.40 3.88
CA PHE C 451 12.55 -15.73 5.30
C PHE C 451 11.44 -15.05 6.11
N LEU C 452 11.25 -13.75 5.92
CA LEU C 452 10.24 -13.01 6.67
C LEU C 452 8.84 -13.43 6.27
N ALA C 453 8.60 -13.69 4.98
CA ALA C 453 7.23 -13.77 4.47
C ALA C 453 6.60 -15.16 4.63
N ARG C 454 7.40 -16.21 4.76
CA ARG C 454 6.89 -17.57 4.87
C ARG C 454 7.06 -18.09 6.29
N GLU C 455 6.20 -19.01 6.67
CA GLU C 455 6.39 -19.75 7.91
C GLU C 455 6.76 -21.18 7.56
N VAL C 456 8.03 -21.51 7.73
CA VAL C 456 8.56 -22.81 7.36
C VAL C 456 8.40 -23.74 8.57
N PRO C 457 7.66 -24.85 8.45
CA PRO C 457 7.48 -25.76 9.59
C PRO C 457 8.79 -26.42 10.01
N VAL C 458 9.11 -26.32 11.29
CA VAL C 458 10.28 -26.97 11.87
C VAL C 458 9.78 -27.98 12.89
N ARG C 459 10.44 -29.13 12.93
CA ARG C 459 10.15 -30.17 13.89
C ARG C 459 11.46 -30.63 14.51
N ARG C 460 11.39 -31.01 15.78
CA ARG C 460 12.57 -31.49 16.49
C ARG C 460 12.58 -33.00 16.51
N LEU C 461 13.60 -33.60 15.90
CA LEU C 461 13.77 -35.04 15.91
C LEU C 461 14.59 -35.51 17.09
N GLY C 462 15.32 -34.60 17.72
CA GLY C 462 16.16 -34.93 18.84
C GLY C 462 16.81 -33.69 19.43
N PRO C 463 17.65 -33.90 20.44
CA PRO C 463 18.30 -32.76 21.11
C PRO C 463 19.05 -31.82 20.17
N TYR C 464 19.64 -32.35 19.10
CA TYR C 464 20.42 -31.54 18.17
C TYR C 464 20.00 -31.75 16.73
N ARG C 465 18.88 -32.41 16.48
CA ARG C 465 18.42 -32.71 15.13
C ARG C 465 17.08 -32.05 14.92
N PHE C 466 16.97 -31.23 13.89
CA PHE C 466 15.70 -30.64 13.52
C PHE C 466 15.41 -30.98 12.06
N ARG C 467 14.14 -30.89 11.70
CA ARG C 467 13.74 -30.93 10.31
C ARG C 467 13.08 -29.60 10.02
N VAL C 468 13.76 -28.77 9.24
CA VAL C 468 13.27 -27.46 8.85
C VAL C 468 12.75 -27.57 7.43
N GLY C 469 11.47 -27.23 7.23
CA GLY C 469 10.79 -27.64 6.01
C GLY C 469 11.09 -29.09 5.74
N GLU C 470 11.87 -29.36 4.67
CA GLU C 470 12.16 -30.74 4.22
C GLU C 470 13.57 -31.18 4.48
N GLU C 471 14.38 -30.38 5.14
CA GLU C 471 15.81 -30.65 5.31
C GLU C 471 16.10 -31.01 6.77
N GLU C 472 16.93 -32.03 6.97
CA GLU C 472 17.44 -32.33 8.29
C GLU C 472 18.63 -31.40 8.60
N VAL C 473 18.57 -30.72 9.74
CA VAL C 473 19.63 -29.85 10.20
C VAL C 473 20.19 -30.45 11.48
N ASP C 474 21.46 -30.80 11.47
CA ASP C 474 22.11 -31.47 12.59
C ASP C 474 23.12 -30.53 13.26
N TYR C 475 23.00 -30.37 14.58
CA TYR C 475 23.83 -29.42 15.32
C TYR C 475 24.89 -30.08 16.19
N ALA C 476 24.78 -31.37 16.48
CA ALA C 476 25.65 -31.98 17.50
C ALA C 476 27.15 -31.81 17.25
N PRO C 477 27.67 -31.79 16.00
CA PRO C 477 29.10 -31.52 15.79
C PRO C 477 29.68 -30.30 16.51
N LEU C 478 28.88 -29.30 16.89
CA LEU C 478 29.42 -28.07 17.46
C LEU C 478 29.70 -28.12 18.96
N LEU C 479 29.62 -29.31 19.58
CA LEU C 479 29.91 -29.44 21.02
C LEU C 479 31.24 -30.18 21.27
N GLY D 1 -9.08 -16.24 11.61
CA GLY D 1 -9.61 -17.08 12.67
C GLY D 1 -10.02 -18.48 12.24
N SER D 2 -9.32 -19.49 12.76
CA SER D 2 -9.57 -20.87 12.38
C SER D 2 -10.87 -21.37 13.02
N HIS D 3 -11.48 -22.34 12.37
CA HIS D 3 -12.69 -22.96 12.89
C HIS D 3 -12.28 -24.13 13.76
N MET D 4 -12.83 -24.19 14.96
CA MET D 4 -12.40 -25.16 15.93
C MET D 4 -13.60 -25.80 16.57
N ARG D 5 -13.39 -27.00 17.05
CA ARG D 5 -14.39 -27.83 17.70
C ARG D 5 -13.73 -28.34 18.96
N LEU D 6 -14.49 -28.41 20.05
CA LEU D 6 -13.88 -28.89 21.28
C LEU D 6 -14.96 -29.40 22.21
N ASN D 7 -14.54 -30.26 23.13
CA ASN D 7 -15.41 -30.75 24.18
C ASN D 7 -15.17 -29.91 25.43
N LEU D 8 -16.22 -29.24 25.89
CA LEU D 8 -16.15 -28.31 27.01
C LEU D 8 -17.27 -28.63 27.96
N GLY D 9 -16.91 -28.97 29.20
CA GLY D 9 -17.92 -29.30 30.20
C GLY D 9 -18.90 -30.36 29.76
N GLY D 10 -18.41 -31.32 28.96
CA GLY D 10 -19.25 -32.41 28.51
C GLY D 10 -20.12 -32.13 27.30
N ALA D 11 -19.93 -30.99 26.64
CA ALA D 11 -20.70 -30.65 25.46
C ALA D 11 -19.74 -30.32 24.33
N GLU D 12 -20.18 -30.57 23.09
CA GLU D 12 -19.43 -30.11 21.93
C GLU D 12 -19.70 -28.63 21.74
N VAL D 13 -18.63 -27.86 21.56
CA VAL D 13 -18.73 -26.42 21.40
C VAL D 13 -17.91 -26.03 20.19
N PHE D 14 -18.52 -25.37 19.23
CA PHE D 14 -17.82 -24.85 18.07
C PHE D 14 -17.45 -23.40 18.34
N LEU D 15 -16.29 -22.99 17.85
CA LEU D 15 -15.86 -21.63 18.07
C LEU D 15 -14.88 -21.24 16.98
N ARG D 16 -14.65 -19.94 16.88
CA ARG D 16 -13.75 -19.34 15.92
C ARG D 16 -12.75 -18.50 16.68
N ALA D 17 -11.48 -18.86 16.58
CA ALA D 17 -10.39 -18.24 17.35
C ALA D 17 -9.08 -18.46 16.61
N GLU D 18 -8.09 -17.62 16.93
CA GLU D 18 -6.79 -17.81 16.32
C GLU D 18 -6.00 -18.91 17.02
N GLY D 19 -6.18 -19.08 18.34
CA GLY D 19 -5.51 -20.13 19.06
C GLY D 19 -6.39 -20.73 20.12
N LEU D 20 -6.03 -21.95 20.55
CA LEU D 20 -6.71 -22.65 21.62
C LEU D 20 -5.69 -23.48 22.39
N GLU D 21 -5.89 -23.59 23.72
CA GLU D 21 -5.07 -24.48 24.55
C GLU D 21 -5.75 -24.70 25.89
N GLU D 22 -5.26 -25.69 26.63
CA GLU D 22 -5.85 -26.06 27.91
C GLU D 22 -5.63 -24.95 28.94
N ALA D 23 -6.56 -24.87 29.90
CA ALA D 23 -6.46 -23.91 30.99
C ALA D 23 -7.18 -24.50 32.19
N PRO D 24 -6.77 -24.15 33.41
CA PRO D 24 -7.50 -24.63 34.59
C PRO D 24 -8.93 -24.13 34.56
N GLY D 25 -9.88 -25.06 34.55
CA GLY D 25 -11.30 -24.73 34.53
C GLY D 25 -11.93 -24.66 33.16
N GLY D 26 -11.13 -24.60 32.09
CA GLY D 26 -11.65 -24.51 30.73
C GLY D 26 -10.53 -24.48 29.72
N VAL D 27 -10.58 -23.52 28.81
CA VAL D 27 -9.56 -23.38 27.77
C VAL D 27 -9.23 -21.89 27.64
N ARG D 28 -8.10 -21.60 27.00
CA ARG D 28 -7.73 -20.22 26.72
C ARG D 28 -7.65 -20.02 25.22
N LEU D 29 -8.29 -18.97 24.73
CA LEU D 29 -8.26 -18.63 23.32
C LEU D 29 -7.34 -17.46 23.09
N TRP D 30 -6.92 -17.29 21.85
CA TRP D 30 -6.24 -16.09 21.42
C TRP D 30 -6.97 -15.51 20.23
N GLY D 31 -7.02 -14.17 20.16
CA GLY D 31 -7.58 -13.50 19.01
C GLY D 31 -8.20 -12.15 19.29
N ARG D 32 -8.02 -11.20 18.36
CA ARG D 32 -8.67 -9.91 18.51
C ARG D 32 -10.18 -10.05 18.57
N GLU D 33 -10.77 -10.85 17.67
CA GLU D 33 -12.16 -11.24 17.77
C GLU D 33 -12.24 -12.76 17.84
N VAL D 34 -13.05 -13.28 18.76
CA VAL D 34 -13.32 -14.71 18.88
C VAL D 34 -14.82 -14.91 18.95
N ARG D 35 -15.29 -16.06 18.48
CA ARG D 35 -16.73 -16.34 18.41
C ARG D 35 -17.02 -17.72 18.98
N VAL D 36 -17.97 -17.81 19.89
CA VAL D 36 -18.26 -19.06 20.57
C VAL D 36 -19.74 -19.35 20.45
N PHE D 37 -20.06 -20.54 19.96
CA PHE D 37 -21.47 -20.83 19.74
C PHE D 37 -21.98 -21.72 20.86
N PRO D 38 -23.07 -21.34 21.52
CA PRO D 38 -23.54 -22.11 22.66
C PRO D 38 -24.08 -23.46 22.24
N PRO D 39 -23.84 -24.51 23.01
CA PRO D 39 -24.41 -25.81 22.70
C PRO D 39 -25.82 -25.98 23.25
N PHE D 40 -26.51 -24.89 23.52
CA PHE D 40 -27.83 -24.93 24.13
C PHE D 40 -28.61 -23.69 23.69
N PRO D 41 -29.92 -23.67 23.90
CA PRO D 41 -30.69 -22.42 23.74
C PRO D 41 -30.54 -21.57 24.99
N ALA D 42 -30.01 -20.36 24.83
CA ALA D 42 -29.52 -19.58 25.96
C ALA D 42 -30.65 -18.81 26.62
N LYS D 43 -30.79 -18.99 27.93
CA LYS D 43 -31.85 -18.35 28.69
C LYS D 43 -31.51 -16.91 29.07
N GLY D 44 -30.23 -16.57 29.19
CA GLY D 44 -29.88 -15.22 29.59
C GLY D 44 -28.42 -14.91 29.39
N PHE D 45 -28.12 -13.63 29.42
CA PHE D 45 -26.79 -13.08 29.16
C PHE D 45 -26.32 -12.33 30.39
N PHE D 46 -25.12 -12.64 30.88
CA PHE D 46 -24.54 -11.89 31.98
C PHE D 46 -23.91 -10.62 31.41
N ARG D 47 -24.47 -9.49 31.74
CA ARG D 47 -24.03 -8.22 31.20
C ARG D 47 -23.16 -7.55 32.26
N HIS D 48 -21.85 -7.48 32.01
CA HIS D 48 -20.91 -6.93 32.97
C HIS D 48 -20.56 -5.50 32.55
N GLY D 49 -21.01 -4.52 33.34
CA GLY D 49 -20.70 -3.15 33.06
C GLY D 49 -19.21 -2.84 33.22
N TRP D 50 -18.85 -1.65 32.76
CA TRP D 50 -17.45 -1.27 32.66
C TRP D 50 -16.84 -0.89 34.01
N GLN D 51 -17.50 0.01 34.74
CA GLN D 51 -16.91 0.61 35.91
C GLN D 51 -17.75 0.28 37.14
N SER D 52 -17.27 0.76 38.30
CA SER D 52 -17.91 0.46 39.59
C SER D 52 -19.43 0.65 39.54
N TRP D 53 -19.86 1.77 38.99
CA TRP D 53 -21.28 2.12 39.07
C TRP D 53 -22.12 1.47 37.98
N SER D 54 -21.51 0.80 37.00
CA SER D 54 -22.26 0.25 35.88
C SER D 54 -23.10 -0.94 36.32
N LEU D 55 -24.14 -1.22 35.55
CA LEU D 55 -24.95 -2.40 35.78
C LEU D 55 -24.15 -3.68 35.56
N ALA D 56 -24.30 -4.63 36.48
CA ALA D 56 -23.79 -5.98 36.32
C ALA D 56 -24.92 -6.92 36.73
N ALA D 57 -25.42 -7.71 35.78
CA ALA D 57 -26.62 -8.51 36.02
C ALA D 57 -26.87 -9.42 34.83
N TRP D 58 -27.79 -10.35 35.02
CA TRP D 58 -28.25 -11.23 33.95
C TRP D 58 -29.42 -10.56 33.24
N VAL D 59 -29.34 -10.48 31.92
CA VAL D 59 -30.41 -9.88 31.14
C VAL D 59 -30.96 -10.89 30.15
N ASP D 60 -32.16 -10.60 29.67
CA ASP D 60 -32.79 -11.30 28.57
C ASP D 60 -32.31 -10.65 27.27
N PRO D 61 -31.44 -11.31 26.48
CA PRO D 61 -30.90 -10.65 25.28
C PRO D 61 -31.91 -10.49 24.15
N ALA D 62 -33.06 -11.16 24.22
CA ALA D 62 -34.09 -10.99 23.21
C ALA D 62 -34.65 -9.57 23.20
N GLN D 63 -34.84 -8.98 24.39
CA GLN D 63 -35.32 -7.61 24.48
C GLN D 63 -34.17 -6.62 24.35
N ALA D 64 -34.41 -5.56 23.56
CA ALA D 64 -33.37 -4.58 23.29
C ALA D 64 -33.08 -3.75 24.55
N PRO D 65 -31.85 -3.27 24.70
CA PRO D 65 -31.52 -2.49 25.91
C PRO D 65 -32.11 -1.09 25.82
N THR D 66 -32.56 -0.59 26.97
CA THR D 66 -33.20 0.72 27.04
C THR D 66 -32.14 1.82 27.13
N PRO D 67 -32.21 2.83 26.26
CA PRO D 67 -31.27 3.95 26.35
C PRO D 67 -31.29 4.61 27.73
N LEU D 68 -30.10 5.05 28.16
CA LEU D 68 -29.92 5.70 29.46
C LEU D 68 -30.05 7.21 29.31
N LEU D 69 -30.88 7.82 30.15
CA LEU D 69 -31.05 9.27 30.10
C LEU D 69 -30.66 9.89 31.43
N PRO D 70 -30.18 11.15 31.43
CA PRO D 70 -29.93 11.94 30.23
C PRO D 70 -28.63 11.57 29.52
N GLU D 71 -28.54 11.91 28.22
CA GLU D 71 -27.34 11.66 27.44
C GLU D 71 -26.10 12.21 28.11
N ALA D 72 -26.25 13.34 28.80
CA ALA D 72 -25.12 14.01 29.44
C ALA D 72 -24.52 13.19 30.57
N ARG D 73 -25.23 12.17 31.07
CA ARG D 73 -24.75 11.35 32.17
C ARG D 73 -24.18 10.02 31.72
N ARG D 74 -24.33 9.66 30.45
CA ARG D 74 -23.74 8.42 29.96
C ARG D 74 -22.24 8.26 30.24
N PRO D 75 -21.38 9.28 30.10
CA PRO D 75 -19.94 9.03 30.31
C PRO D 75 -19.58 8.63 31.72
N GLN D 76 -20.39 8.98 32.72
CA GLN D 76 -20.14 8.58 34.10
C GLN D 76 -20.94 7.35 34.51
N ALA D 77 -21.62 6.71 33.57
CA ALA D 77 -22.42 5.54 33.90
C ALA D 77 -21.84 4.23 33.39
N ASP D 78 -21.05 4.24 32.31
CA ASP D 78 -20.60 2.99 31.71
C ASP D 78 -19.60 3.35 30.63
N ASP D 79 -19.06 2.31 30.00
CA ASP D 79 -18.37 2.51 28.73
C ASP D 79 -19.36 3.14 27.74
N PRO D 80 -19.09 4.34 27.24
CA PRO D 80 -20.04 5.00 26.33
C PRO D 80 -20.49 4.14 25.18
N PHE D 81 -19.59 3.30 24.66
CA PHE D 81 -19.96 2.37 23.59
C PHE D 81 -21.09 1.46 24.02
N LEU D 82 -21.01 0.91 25.22
CA LEU D 82 -22.04 0.01 25.71
C LEU D 82 -23.41 0.69 25.81
N LEU D 83 -23.44 2.00 25.96
CA LEU D 83 -24.67 2.75 26.11
C LEU D 83 -25.20 3.32 24.79
N GLU D 84 -24.39 3.28 23.72
CA GLU D 84 -24.85 3.68 22.39
C GLU D 84 -25.31 2.48 21.56
N ALA D 85 -24.77 1.30 21.82
CA ALA D 85 -25.12 0.14 21.00
C ALA D 85 -26.58 -0.26 21.24
N GLY D 86 -27.21 -0.77 20.20
CA GLY D 86 -28.51 -1.35 20.34
C GLY D 86 -28.49 -2.83 20.61
N ALA D 87 -27.31 -3.41 20.76
CA ALA D 87 -27.12 -4.79 21.17
C ALA D 87 -26.64 -4.83 22.63
N TRP D 88 -26.66 -6.03 23.20
CA TRP D 88 -26.15 -6.27 24.56
C TRP D 88 -24.64 -6.55 24.53
N TRP D 89 -23.85 -5.50 24.76
CA TRP D 89 -22.41 -5.65 24.95
C TRP D 89 -22.07 -5.56 26.42
N GLY D 90 -21.06 -6.34 26.85
CA GLY D 90 -20.50 -6.24 28.17
C GLY D 90 -19.03 -5.81 28.13
N SER D 91 -18.49 -5.58 29.31
CA SER D 91 -17.10 -5.15 29.45
C SER D 91 -16.25 -6.33 29.95
N GLY D 92 -15.24 -6.70 29.18
CA GLY D 92 -14.34 -7.75 29.62
C GLY D 92 -14.81 -9.19 29.60
N VAL D 93 -16.00 -9.46 30.12
CA VAL D 93 -16.47 -10.82 30.28
C VAL D 93 -17.98 -10.87 30.04
N GLY D 94 -18.43 -11.95 29.39
CA GLY D 94 -19.84 -12.23 29.23
C GLY D 94 -20.11 -13.70 29.44
N ALA D 95 -21.39 -14.03 29.65
CA ALA D 95 -21.75 -15.44 29.81
C ALA D 95 -23.17 -15.67 29.31
N LEU D 96 -23.44 -16.92 28.92
CA LEU D 96 -24.78 -17.35 28.51
C LEU D 96 -25.27 -18.46 29.44
N ARG D 97 -26.54 -18.41 29.78
CA ARG D 97 -27.11 -19.32 30.75
C ARG D 97 -27.87 -20.44 30.03
N GLY D 98 -27.50 -21.69 30.34
CA GLY D 98 -28.16 -22.84 29.76
C GLY D 98 -29.42 -23.23 30.52
N PRO D 99 -30.29 -24.00 29.87
CA PRO D 99 -31.57 -24.38 30.53
C PRO D 99 -31.41 -25.15 31.84
N ASP D 100 -30.24 -25.75 32.11
CA ASP D 100 -29.97 -26.37 33.40
C ASP D 100 -29.29 -25.40 34.38
N GLY D 101 -29.17 -24.13 34.04
CA GLY D 101 -28.55 -23.17 34.94
C GLY D 101 -27.04 -23.20 34.96
N ARG D 102 -26.40 -23.93 34.05
CA ARG D 102 -24.97 -23.77 33.87
C ARG D 102 -24.70 -22.58 32.95
N ALA D 103 -23.47 -22.09 32.99
CA ALA D 103 -23.11 -20.89 32.25
C ALA D 103 -21.93 -21.19 31.35
N LEU D 104 -22.00 -20.62 30.14
CA LEU D 104 -20.88 -20.60 29.21
C LEU D 104 -20.27 -19.22 29.31
N LEU D 105 -18.99 -19.15 29.71
CA LEU D 105 -18.34 -17.90 30.04
C LEU D 105 -17.18 -17.62 29.09
N LEU D 106 -17.14 -16.40 28.57
CA LEU D 106 -16.02 -15.90 27.78
C LEU D 106 -15.54 -14.63 28.46
N GLY D 107 -14.30 -14.65 28.94
CA GLY D 107 -13.74 -13.51 29.64
C GLY D 107 -12.37 -13.18 29.09
N ALA D 108 -12.12 -11.88 28.91
CA ALA D 108 -10.82 -11.46 28.41
C ALA D 108 -9.79 -11.57 29.53
N LEU D 109 -8.55 -11.85 29.13
CA LEU D 109 -7.40 -11.92 30.03
C LEU D 109 -6.44 -10.76 29.84
N ASP D 110 -6.78 -9.79 29.00
CA ASP D 110 -5.98 -8.60 28.76
C ASP D 110 -6.92 -7.41 28.65
N LEU D 111 -6.33 -6.23 28.53
CA LEU D 111 -7.08 -4.98 28.60
C LEU D 111 -7.87 -4.74 27.32
N GLY D 112 -8.98 -4.02 27.47
CA GLY D 112 -9.65 -3.37 26.35
C GLY D 112 -10.60 -4.22 25.54
N ALA D 113 -11.28 -5.18 26.16
CA ALA D 113 -12.17 -6.08 25.44
C ALA D 113 -13.63 -5.84 25.81
N ARG D 114 -14.51 -6.11 24.84
CA ARG D 114 -15.93 -6.12 25.07
C ARG D 114 -16.48 -7.47 24.60
N VAL D 115 -17.63 -7.83 25.14
CA VAL D 115 -18.27 -9.11 24.84
C VAL D 115 -19.70 -8.85 24.39
N LEU D 116 -20.01 -9.25 23.17
CA LEU D 116 -21.35 -9.17 22.63
C LEU D 116 -22.08 -10.47 22.95
N GLY D 117 -23.28 -10.34 23.48
CA GLY D 117 -24.10 -11.51 23.75
C GLY D 117 -25.41 -11.52 23.01
N ARG D 118 -25.71 -12.67 22.40
CA ARG D 118 -27.03 -12.98 21.87
C ARG D 118 -27.41 -14.36 22.37
N GLU D 119 -28.67 -14.73 22.16
CA GLU D 119 -29.13 -16.05 22.54
C GLU D 119 -28.38 -17.17 21.83
N ASP D 120 -27.76 -16.86 20.67
CA ASP D 120 -27.08 -17.84 19.84
C ASP D 120 -25.56 -17.66 19.76
N LEU D 121 -24.97 -16.70 20.44
CA LEU D 121 -23.55 -16.45 20.22
C LEU D 121 -22.97 -15.66 21.38
N LEU D 122 -21.67 -15.89 21.64
CA LEU D 122 -20.83 -15.02 22.44
C LEU D 122 -19.69 -14.54 21.55
N LEU D 123 -19.63 -13.24 21.32
CA LEU D 123 -18.57 -12.64 20.53
C LEU D 123 -17.73 -11.75 21.44
N GLY D 124 -16.44 -12.04 21.49
CA GLY D 124 -15.49 -11.22 22.23
C GLY D 124 -14.66 -10.46 21.22
N ARG D 125 -14.45 -9.17 21.49
CA ARG D 125 -13.72 -8.31 20.58
C ARG D 125 -12.88 -7.32 21.39
N TYR D 126 -11.59 -7.28 21.09
CA TYR D 126 -10.67 -6.33 21.68
C TYR D 126 -10.73 -5.05 20.87
N ALA D 127 -10.88 -3.92 21.57
CA ALA D 127 -10.88 -2.63 20.90
C ALA D 127 -9.52 -2.36 20.27
N GLY D 128 -8.45 -2.59 21.03
CA GLY D 128 -7.10 -2.51 20.51
C GLY D 128 -6.73 -3.74 19.73
N LYS D 129 -5.46 -4.12 19.80
CA LYS D 129 -5.07 -5.36 19.14
C LYS D 129 -5.30 -6.55 20.06
N GLY D 130 -5.31 -7.74 19.45
CA GLY D 130 -5.69 -8.99 20.11
C GLY D 130 -5.13 -9.33 21.48
N GLY D 131 -5.58 -10.48 22.00
CA GLY D 131 -5.16 -10.89 23.32
C GLY D 131 -5.80 -12.21 23.67
N ALA D 132 -5.62 -12.64 24.91
CA ALA D 132 -6.08 -13.95 25.34
C ALA D 132 -7.48 -13.89 25.94
N TRP D 133 -8.13 -15.06 25.94
CA TRP D 133 -9.48 -15.23 26.44
C TRP D 133 -9.54 -16.46 27.33
N PHE D 134 -10.57 -16.52 28.16
CA PHE D 134 -10.83 -17.71 28.95
C PHE D 134 -12.25 -18.16 28.67
N LEU D 135 -12.40 -19.46 28.44
CA LEU D 135 -13.65 -20.04 27.98
C LEU D 135 -13.95 -21.24 28.87
N ALA D 136 -15.14 -21.27 29.43
CA ALA D 136 -15.46 -22.29 30.40
C ALA D 136 -16.96 -22.55 30.36
N TYR D 137 -17.32 -23.80 30.64
CA TYR D 137 -18.71 -24.23 30.66
C TYR D 137 -18.87 -25.08 31.90
N GLY D 138 -19.77 -24.68 32.79
CA GLY D 138 -19.94 -25.40 34.03
C GLY D 138 -20.87 -24.66 34.97
N PRO D 139 -20.87 -25.08 36.24
CA PRO D 139 -21.66 -24.37 37.26
C PRO D 139 -21.28 -22.90 37.30
N GLU D 140 -22.31 -22.06 37.49
CA GLU D 140 -22.15 -20.62 37.37
C GLU D 140 -21.05 -20.12 38.29
N GLU D 141 -21.04 -20.58 39.54
CA GLU D 141 -20.09 -20.06 40.51
C GLU D 141 -18.69 -20.56 40.21
N GLU D 142 -18.55 -21.87 39.95
CA GLU D 142 -17.28 -22.45 39.58
C GLU D 142 -16.66 -21.67 38.41
N VAL D 143 -17.46 -21.41 37.40
CA VAL D 143 -16.92 -20.90 36.13
C VAL D 143 -16.43 -19.45 36.29
N PHE D 144 -17.17 -18.62 37.05
CA PHE D 144 -16.70 -17.27 37.37
C PHE D 144 -15.52 -17.31 38.32
N ALA D 145 -15.53 -18.24 39.28
CA ALA D 145 -14.38 -18.38 40.18
C ALA D 145 -13.14 -18.76 39.42
N ALA D 146 -13.28 -19.66 38.43
CA ALA D 146 -12.12 -20.06 37.64
C ALA D 146 -11.60 -18.90 36.81
N TYR D 147 -12.49 -18.06 36.29
CA TYR D 147 -12.04 -16.92 35.49
C TYR D 147 -11.28 -15.92 36.35
N ALA D 148 -11.80 -15.62 37.54
CA ALA D 148 -11.12 -14.69 38.43
C ALA D 148 -9.72 -15.18 38.78
N ARG D 149 -9.52 -16.50 38.83
CA ARG D 149 -8.22 -17.02 39.22
C ARG D 149 -7.12 -16.71 38.22
N LEU D 150 -7.48 -16.34 36.99
CA LEU D 150 -6.49 -16.05 35.97
C LEU D 150 -6.27 -14.55 35.79
N LEU D 151 -6.88 -13.75 36.64
CA LEU D 151 -6.75 -12.30 36.61
C LEU D 151 -5.80 -11.83 37.71
N PRO D 152 -5.20 -10.63 37.57
CA PRO D 152 -4.32 -10.12 38.63
C PRO D 152 -4.96 -10.08 40.02
N ARG D 153 -4.11 -10.17 41.04
CA ARG D 153 -4.51 -10.21 42.43
C ARG D 153 -3.74 -9.16 43.21
N ARG D 154 -4.40 -8.61 44.24
CA ARG D 154 -3.70 -7.85 45.27
C ARG D 154 -4.58 -7.93 46.53
N LEU D 155 -4.37 -8.96 47.34
CA LEU D 155 -5.15 -9.19 48.55
C LEU D 155 -4.34 -8.75 49.77
N SER D 156 -4.72 -7.61 50.37
CA SER D 156 -3.91 -6.91 51.39
C SER D 156 -4.52 -7.13 52.77
N GLY D 157 -4.26 -8.32 53.31
CA GLY D 157 -4.77 -8.71 54.60
C GLY D 157 -6.29 -8.65 54.64
N ARG D 158 -6.82 -8.21 55.74
CA ARG D 158 -8.23 -7.93 55.83
C ARG D 158 -8.46 -6.44 55.60
N PRO D 159 -9.60 -6.05 55.06
CA PRO D 159 -9.81 -4.62 54.77
C PRO D 159 -9.96 -3.83 56.06
N PRO D 160 -9.47 -2.61 56.10
CA PRO D 160 -9.70 -1.77 57.29
C PRO D 160 -11.18 -1.48 57.45
N ARG D 161 -11.56 -1.22 58.70
CA ARG D 161 -12.90 -0.73 59.00
C ARG D 161 -12.88 0.80 58.98
N VAL D 162 -13.79 1.39 58.19
CA VAL D 162 -13.71 2.80 57.80
C VAL D 162 -14.92 3.57 58.29
N TRP D 163 -14.69 4.74 58.87
CA TRP D 163 -15.72 5.75 58.99
C TRP D 163 -15.48 6.82 57.93
N CYS D 164 -16.52 7.14 57.17
CA CYS D 164 -16.47 7.94 55.96
C CYS D 164 -17.49 9.07 56.07
N SER D 165 -17.14 10.28 55.62
CA SER D 165 -18.02 11.42 55.85
C SER D 165 -19.14 11.59 54.81
N TRP D 166 -19.15 10.83 53.72
CA TRP D 166 -19.93 11.22 52.56
C TRP D 166 -21.43 11.00 52.75
N TYR D 167 -21.83 9.82 53.23
CA TYR D 167 -23.22 9.44 53.27
C TYR D 167 -23.94 9.91 54.53
N SER D 168 -23.41 10.93 55.20
CA SER D 168 -24.18 11.67 56.18
C SER D 168 -24.13 13.17 55.89
N PHE D 169 -22.94 13.74 55.70
CA PHE D 169 -22.78 15.18 55.51
C PHE D 169 -22.64 15.61 54.08
N TYR D 170 -22.50 14.65 53.15
CA TYR D 170 -22.16 14.94 51.76
C TYR D 170 -21.09 16.05 51.67
N THR D 171 -21.25 17.02 50.79
CA THR D 171 -20.21 18.03 50.66
C THR D 171 -20.19 19.05 51.81
N ARG D 172 -21.14 18.99 52.74
CA ARG D 172 -21.24 20.02 53.77
C ARG D 172 -20.43 19.64 55.01
N ILE D 173 -19.12 19.58 54.81
CA ILE D 173 -18.18 19.18 55.85
C ILE D 173 -17.24 20.35 56.12
N GLY D 174 -16.66 20.33 57.31
CA GLY D 174 -15.71 21.34 57.73
C GLY D 174 -14.86 20.79 58.85
N GLU D 175 -13.74 21.48 59.07
CA GLU D 175 -12.77 21.05 60.08
C GLU D 175 -13.41 20.93 61.46
N ASP D 176 -14.16 21.95 61.88
CA ASP D 176 -14.74 21.93 63.22
C ASP D 176 -15.79 20.84 63.37
N LEU D 177 -16.63 20.63 62.36
CA LEU D 177 -17.60 19.55 62.42
C LEU D 177 -16.92 18.18 62.49
N LEU D 178 -15.89 17.96 61.67
CA LEU D 178 -15.26 16.64 61.64
C LEU D 178 -14.47 16.36 62.92
N LEU D 179 -13.85 17.38 63.52
CA LEU D 179 -13.25 17.17 64.84
C LEU D 179 -14.28 16.72 65.86
N ARG D 180 -15.49 17.30 65.81
CA ARG D 180 -16.54 16.87 66.75
C ARG D 180 -16.96 15.43 66.49
N VAL D 181 -17.12 15.05 65.23
CA VAL D 181 -17.51 13.69 64.92
C VAL D 181 -16.38 12.72 65.22
N LEU D 182 -15.14 13.11 64.92
CA LEU D 182 -13.99 12.26 65.21
C LEU D 182 -13.98 11.79 66.67
N ASP D 183 -14.24 12.69 67.62
CA ASP D 183 -14.21 12.29 69.02
C ASP D 183 -15.30 11.28 69.35
N GLU D 184 -16.46 11.39 68.68
CA GLU D 184 -17.53 10.40 68.87
C GLU D 184 -17.18 9.08 68.20
N VAL D 185 -16.67 9.14 66.96
CA VAL D 185 -16.36 7.91 66.22
C VAL D 185 -15.24 7.13 66.90
N ALA D 186 -14.31 7.83 67.56
CA ALA D 186 -13.17 7.20 68.20
C ALA D 186 -13.57 6.26 69.33
N ALA D 187 -14.80 6.32 69.81
CA ALA D 187 -15.26 5.33 70.78
C ALA D 187 -15.56 3.97 70.16
N PHE D 188 -15.47 3.82 68.84
CA PHE D 188 -15.82 2.60 68.13
C PHE D 188 -14.59 1.94 67.51
N SER D 189 -14.74 0.67 67.17
CA SER D 189 -13.64 -0.15 66.64
C SER D 189 -13.43 0.08 65.15
N PHE D 190 -13.10 1.33 64.81
CA PHE D 190 -12.72 1.74 63.46
C PHE D 190 -11.21 1.73 63.33
N GLU D 191 -10.72 1.53 62.11
CA GLU D 191 -9.32 1.80 61.84
C GLU D 191 -9.09 3.10 61.09
N VAL D 192 -9.99 3.49 60.19
CA VAL D 192 -9.78 4.65 59.34
C VAL D 192 -10.89 5.65 59.60
N PHE D 193 -10.52 6.91 59.71
CA PHE D 193 -11.44 8.05 59.67
C PHE D 193 -11.13 8.80 58.38
N GLN D 194 -12.05 8.74 57.43
CA GLN D 194 -11.79 9.18 56.07
C GLN D 194 -12.66 10.39 55.75
N ILE D 195 -12.00 11.51 55.40
CA ILE D 195 -12.67 12.71 54.92
C ILE D 195 -12.97 12.53 53.44
N ASP D 196 -14.23 12.70 53.08
CA ASP D 196 -14.67 12.50 51.70
C ASP D 196 -14.76 13.84 50.98
N ASP D 197 -15.48 13.86 49.87
CA ASP D 197 -15.64 15.04 49.04
C ASP D 197 -16.17 16.21 49.88
N GLY D 198 -15.53 17.36 49.73
CA GLY D 198 -16.02 18.58 50.36
C GLY D 198 -14.95 19.39 51.03
N TRP D 199 -13.73 18.84 51.13
CA TRP D 199 -12.61 19.53 51.75
C TRP D 199 -11.87 20.43 50.78
N GLN D 200 -11.96 20.15 49.50
CA GLN D 200 -11.13 20.76 48.47
C GLN D 200 -11.75 22.07 48.00
N ARG D 201 -10.96 22.85 47.27
CA ARG D 201 -11.44 24.12 46.72
C ARG D 201 -12.16 23.91 45.42
N ALA D 202 -11.62 23.05 44.56
CA ALA D 202 -12.22 22.72 43.27
C ALA D 202 -11.64 21.39 42.81
N LEU D 203 -12.32 20.76 41.85
CA LEU D 203 -11.70 19.63 41.16
C LEU D 203 -10.46 20.16 40.44
N GLY D 204 -9.31 19.56 40.71
CA GLY D 204 -8.06 20.04 40.20
C GLY D 204 -7.38 21.08 41.05
N ASP D 205 -8.05 21.61 42.08
CA ASP D 205 -7.46 22.49 43.09
C ASP D 205 -7.55 21.75 44.41
N TRP D 206 -6.66 20.78 44.60
CA TRP D 206 -6.74 19.86 45.74
C TRP D 206 -5.96 20.42 46.93
N GLU D 207 -6.44 21.57 47.41
CA GLU D 207 -5.97 22.31 48.57
C GLU D 207 -7.18 22.65 49.42
N PRO D 208 -7.01 22.74 50.74
CA PRO D 208 -8.16 22.97 51.63
C PRO D 208 -8.92 24.24 51.30
N ASN D 209 -10.25 24.15 51.36
CA ASN D 209 -11.09 25.33 51.25
C ASN D 209 -11.20 26.01 52.63
N ASP D 210 -11.97 27.11 52.68
CA ASP D 210 -12.02 27.98 53.86
C ASP D 210 -12.74 27.34 55.05
N ARG D 211 -13.43 26.22 54.87
CA ARG D 211 -13.97 25.48 56.00
C ARG D 211 -12.95 24.53 56.60
N PHE D 212 -11.75 24.50 56.04
CA PHE D 212 -10.63 23.76 56.61
C PHE D 212 -9.46 24.73 56.80
N PRO D 213 -9.67 25.79 57.62
CA PRO D 213 -8.66 26.86 57.70
C PRO D 213 -7.30 26.40 58.20
N ARG D 214 -7.24 25.39 59.06
CA ARG D 214 -5.93 24.95 59.52
C ARG D 214 -5.33 23.86 58.63
N GLY D 215 -6.05 23.40 57.61
CA GLY D 215 -5.45 22.55 56.60
C GLY D 215 -5.55 21.09 56.93
N MET D 216 -5.11 20.28 55.95
CA MET D 216 -5.36 18.85 55.97
C MET D 216 -4.32 18.09 56.77
N ALA D 217 -3.09 18.60 56.86
CA ALA D 217 -2.09 17.96 57.72
C ALA D 217 -2.47 18.09 59.19
N PHE D 218 -2.98 19.26 59.59
CA PHE D 218 -3.54 19.44 60.93
C PHE D 218 -4.60 18.39 61.23
N LEU D 219 -5.55 18.19 60.31
CA LEU D 219 -6.64 17.22 60.52
C LEU D 219 -6.12 15.79 60.58
N ALA D 220 -5.17 15.44 59.72
CA ALA D 220 -4.62 14.09 59.79
C ALA D 220 -3.91 13.84 61.14
N GLU D 221 -3.20 14.85 61.64
CA GLU D 221 -2.52 14.67 62.92
C GLU D 221 -3.54 14.49 64.06
N ARG D 222 -4.65 15.25 64.03
CA ARG D 222 -5.67 15.06 65.06
C ARG D 222 -6.31 13.68 64.98
N ILE D 223 -6.46 13.15 63.76
CA ILE D 223 -7.02 11.81 63.61
C ILE D 223 -6.04 10.78 64.17
N ARG D 224 -4.74 10.94 63.87
CA ARG D 224 -3.76 9.96 64.31
C ARG D 224 -3.52 10.04 65.83
N GLU D 225 -3.67 11.22 66.42
CA GLU D 225 -3.59 11.35 67.86
C GLU D 225 -4.72 10.62 68.58
N ARG D 226 -5.66 10.02 67.87
CA ARG D 226 -6.68 9.17 68.47
C ARG D 226 -6.48 7.69 68.17
N GLY D 227 -5.38 7.31 67.54
CA GLY D 227 -5.18 5.92 67.23
C GLY D 227 -5.74 5.47 65.90
N LEU D 228 -6.30 6.39 65.11
CA LEU D 228 -6.89 6.08 63.81
C LEU D 228 -5.95 6.47 62.68
N ARG D 229 -6.08 5.73 61.56
CA ARG D 229 -5.48 6.16 60.30
C ARG D 229 -6.38 7.21 59.65
N ALA D 230 -5.75 8.12 58.94
CA ALA D 230 -6.46 9.20 58.27
C ALA D 230 -6.67 8.84 56.81
N GLY D 231 -7.90 8.99 56.33
CA GLY D 231 -8.24 8.75 54.95
C GLY D 231 -8.64 10.04 54.27
N LEU D 232 -8.37 10.11 52.97
CA LEU D 232 -8.70 11.28 52.17
C LEU D 232 -9.23 10.84 50.81
N TRP D 233 -10.12 11.67 50.26
CA TRP D 233 -10.82 11.44 48.99
C TRP D 233 -10.26 12.35 47.91
N PHE D 234 -9.97 11.79 46.73
CA PHE D 234 -9.62 12.55 45.52
C PHE D 234 -10.43 12.09 44.32
N ALA D 235 -10.58 12.97 43.34
CA ALA D 235 -11.04 12.64 41.98
C ALA D 235 -9.99 13.18 41.02
N PRO D 236 -8.84 12.50 40.90
CA PRO D 236 -7.64 13.16 40.35
C PRO D 236 -7.71 13.53 38.87
N PHE D 237 -8.47 12.81 38.05
CA PHE D 237 -8.48 13.07 36.62
C PHE D 237 -9.72 13.83 36.18
N LEU D 238 -10.52 14.29 37.12
CA LEU D 238 -11.74 15.05 36.86
C LEU D 238 -11.46 16.53 37.03
N VAL D 239 -12.16 17.35 36.25
CA VAL D 239 -12.03 18.80 36.31
C VAL D 239 -13.31 19.42 35.78
N THR D 240 -13.59 20.66 36.17
CA THR D 240 -14.73 21.40 35.64
C THR D 240 -14.22 22.65 34.92
N ALA D 241 -15.11 23.29 34.17
CA ALA D 241 -14.70 24.45 33.37
C ALA D 241 -14.32 25.64 34.24
N ASP D 242 -14.85 25.74 35.46
CA ASP D 242 -14.48 26.83 36.35
C ASP D 242 -13.32 26.48 37.27
N SER D 243 -12.73 25.31 37.11
CA SER D 243 -11.55 25.01 37.91
C SER D 243 -10.39 25.86 37.44
N PRO D 244 -9.63 26.46 38.35
CA PRO D 244 -8.42 27.20 37.92
C PRO D 244 -7.54 26.36 37.02
N LEU D 245 -7.36 25.08 37.32
CA LEU D 245 -6.49 24.20 36.51
C LEU D 245 -6.95 24.13 35.07
N PHE D 246 -8.27 24.11 34.85
CA PHE D 246 -8.81 24.09 33.49
C PHE D 246 -8.31 25.29 32.71
N GLN D 247 -8.19 26.44 33.39
CA GLN D 247 -7.74 27.66 32.74
C GLN D 247 -6.22 27.72 32.62
N LYS D 248 -5.49 27.22 33.63
CA LYS D 248 -4.03 27.33 33.63
C LYS D 248 -3.36 26.29 32.74
N ARG D 249 -3.87 25.06 32.73
CA ARG D 249 -3.28 23.98 31.95
C ARG D 249 -4.28 23.41 30.96
N PRO D 250 -4.73 24.22 29.99
CA PRO D 250 -5.68 23.70 29.00
C PRO D 250 -5.07 22.60 28.14
N ASP D 251 -3.74 22.52 28.13
CA ASP D 251 -3.04 21.43 27.49
C ASP D 251 -3.21 20.11 28.23
N TRP D 252 -3.80 20.11 29.42
CA TRP D 252 -3.98 18.89 30.19
C TRP D 252 -5.37 18.30 30.01
N VAL D 253 -6.30 19.07 29.46
CA VAL D 253 -7.66 18.60 29.24
C VAL D 253 -7.65 17.53 28.15
N LEU D 254 -8.36 16.43 28.39
CA LEU D 254 -8.55 15.40 27.38
C LEU D 254 -9.42 15.96 26.26
N ARG D 255 -8.89 15.90 25.04
CA ARG D 255 -9.56 16.48 23.90
C ARG D 255 -9.76 15.41 22.83
N ASP D 256 -10.74 15.64 21.96
CA ASP D 256 -10.99 14.73 20.86
C ASP D 256 -10.13 15.15 19.67
N GLY D 257 -10.27 14.43 18.55
CA GLY D 257 -9.53 14.72 17.33
C GLY D 257 -9.68 16.13 16.79
N GLU D 258 -10.71 16.87 17.19
CA GLU D 258 -10.87 18.25 16.75
C GLU D 258 -10.53 19.26 17.85
N GLY D 259 -9.86 18.83 18.91
CA GLY D 259 -9.50 19.74 19.97
C GLY D 259 -10.62 20.07 20.92
N ARG D 260 -11.76 19.41 20.81
CA ARG D 260 -12.83 19.71 21.76
C ARG D 260 -12.65 18.88 23.03
N PRO D 261 -12.85 19.48 24.20
CA PRO D 261 -12.77 18.69 25.44
C PRO D 261 -13.77 17.55 25.45
N VAL D 262 -13.28 16.35 25.79
CA VAL D 262 -14.13 15.19 25.95
C VAL D 262 -15.06 15.39 27.14
N ARG D 263 -16.32 15.01 26.97
CA ARG D 263 -17.29 15.18 28.06
C ARG D 263 -17.17 14.01 29.03
N ALA D 264 -17.08 14.32 30.32
CA ALA D 264 -16.92 13.30 31.34
C ALA D 264 -18.17 13.12 32.19
N GLY D 265 -19.28 13.76 31.81
CA GLY D 265 -20.54 13.58 32.50
C GLY D 265 -21.06 14.89 33.09
N PHE D 266 -21.85 14.76 34.14
CA PHE D 266 -22.59 15.88 34.71
C PHE D 266 -22.84 15.61 36.18
N ASN D 267 -22.29 16.47 37.02
CA ASN D 267 -22.34 16.25 38.46
C ASN D 267 -22.05 17.56 39.17
N TRP D 268 -22.44 17.62 40.46
CA TRP D 268 -22.34 18.85 41.24
C TRP D 268 -22.95 20.03 40.48
N GLY D 269 -24.03 19.74 39.76
CA GLY D 269 -24.73 20.75 38.99
C GLY D 269 -23.99 21.30 37.79
N ARG D 270 -22.94 20.66 37.30
CA ARG D 270 -22.26 21.25 36.16
C ARG D 270 -21.62 20.18 35.31
N PRO D 271 -21.28 20.50 34.06
CA PRO D 271 -20.64 19.51 33.18
C PRO D 271 -19.24 19.16 33.63
N LEU D 272 -18.88 17.89 33.42
CA LEU D 272 -17.60 17.34 33.82
C LEU D 272 -16.65 17.16 32.63
N TYR D 273 -15.36 17.31 32.91
CA TYR D 273 -14.30 17.14 31.93
C TYR D 273 -13.18 16.34 32.57
N ALA D 274 -12.29 15.83 31.74
CA ALA D 274 -11.26 14.90 32.17
C ALA D 274 -9.90 15.51 31.92
N LEU D 275 -8.99 15.33 32.88
CA LEU D 275 -7.58 15.51 32.59
C LEU D 275 -7.08 14.32 31.77
N ASP D 276 -6.11 14.58 30.91
CA ASP D 276 -5.63 13.57 29.96
C ASP D 276 -4.65 12.63 30.66
N ALA D 277 -5.09 11.41 30.95
CA ALA D 277 -4.23 10.44 31.63
C ALA D 277 -3.18 9.81 30.72
N GLY D 278 -3.19 10.15 29.44
CA GLY D 278 -2.10 9.80 28.57
C GLY D 278 -1.02 10.84 28.51
N ASN D 279 -1.23 11.97 29.17
CA ASN D 279 -0.26 13.05 29.22
C ASN D 279 0.65 12.81 30.43
N GLU D 280 1.93 12.57 30.16
CA GLU D 280 2.87 12.18 31.21
C GLU D 280 2.94 13.22 32.33
N GLU D 281 2.74 14.49 31.98
CA GLU D 281 2.74 15.54 32.99
C GLU D 281 1.54 15.40 33.92
N VAL D 282 0.38 15.04 33.36
CA VAL D 282 -0.81 14.86 34.17
C VAL D 282 -0.63 13.74 35.16
N VAL D 283 -0.04 12.63 34.72
CA VAL D 283 0.19 11.50 35.61
C VAL D 283 1.17 11.85 36.75
N GLU D 284 2.25 12.58 36.44
CA GLU D 284 3.16 13.01 37.51
C GLU D 284 2.45 13.93 38.50
N TRP D 285 1.63 14.83 37.98
CA TRP D 285 0.86 15.72 38.85
C TRP D 285 -0.13 14.95 39.73
N ALA D 286 -0.80 13.95 39.16
CA ALA D 286 -1.67 13.09 39.95
C ALA D 286 -0.87 12.26 40.96
N ALA D 287 0.32 11.81 40.57
CA ALA D 287 1.16 11.10 41.51
C ALA D 287 1.65 12.03 42.62
N ASP D 288 1.85 13.32 42.31
CA ASP D 288 2.19 14.29 43.35
C ASP D 288 1.06 14.49 44.34
N LEU D 289 -0.19 14.39 43.88
CA LEU D 289 -1.32 14.48 44.81
C LEU D 289 -1.29 13.32 45.79
N VAL D 290 -0.94 12.13 45.32
CA VAL D 290 -0.81 11.02 46.24
C VAL D 290 0.34 11.26 47.23
N ARG D 291 1.48 11.73 46.74
CA ARG D 291 2.59 12.00 47.66
C ARG D 291 2.24 13.11 48.65
N LYS D 292 1.61 14.18 48.18
CA LYS D 292 1.19 15.26 49.07
C LYS D 292 0.30 14.73 50.19
N ALA D 293 -0.62 13.81 49.87
CA ALA D 293 -1.51 13.26 50.89
C ALA D 293 -0.77 12.38 51.90
N LEU D 294 0.20 11.58 51.44
CA LEU D 294 1.02 10.81 52.38
C LEU D 294 1.84 11.75 53.27
N ALA D 295 2.39 12.82 52.69
CA ALA D 295 3.16 13.78 53.47
C ALA D 295 2.29 14.55 54.47
N TRP D 296 1.00 14.72 54.17
CA TRP D 296 0.08 15.31 55.12
C TRP D 296 -0.26 14.38 56.27
N GLY D 297 -0.07 13.08 56.09
CA GLY D 297 -0.40 12.09 57.10
C GLY D 297 -1.52 11.13 56.75
N TYR D 298 -1.98 11.11 55.50
CA TYR D 298 -3.03 10.20 55.06
C TYR D 298 -2.38 8.97 54.45
N ASP D 299 -2.79 7.79 54.92
CA ASP D 299 -2.29 6.57 54.31
C ASP D 299 -3.43 5.66 53.88
N TYR D 300 -4.62 6.23 53.69
CA TYR D 300 -5.76 5.54 53.10
C TYR D 300 -6.36 6.53 52.13
N LEU D 301 -6.48 6.16 50.86
CA LEU D 301 -6.90 7.12 49.83
C LEU D 301 -8.06 6.55 49.03
N LYS D 302 -9.16 7.30 49.00
CA LYS D 302 -10.28 7.01 48.11
C LYS D 302 -10.09 7.79 46.82
N LEU D 303 -9.72 7.07 45.75
CA LEU D 303 -9.52 7.62 44.42
C LEU D 303 -10.78 7.36 43.60
N ASP D 304 -11.46 8.43 43.20
CA ASP D 304 -12.83 8.38 42.70
C ASP D 304 -12.91 8.93 41.29
N PHE D 305 -14.03 8.62 40.63
CA PHE D 305 -14.31 9.03 39.25
C PHE D 305 -13.18 8.59 38.31
N LEU D 306 -12.63 7.41 38.57
CA LEU D 306 -11.44 6.97 37.87
C LEU D 306 -11.72 6.63 36.41
N TYR D 307 -12.97 6.33 36.06
CA TYR D 307 -13.35 6.18 34.66
C TYR D 307 -12.84 7.33 33.81
N ALA D 308 -12.66 8.52 34.39
CA ALA D 308 -12.21 9.65 33.57
C ALA D 308 -10.82 9.40 33.03
N ALA D 309 -10.00 8.63 33.74
CA ALA D 309 -8.66 8.36 33.25
C ALA D 309 -8.68 7.33 32.13
N ALA D 310 -9.85 6.78 31.79
CA ALA D 310 -9.97 5.67 30.85
C ALA D 310 -10.96 5.95 29.73
N LEU D 311 -11.49 7.17 29.62
CA LEU D 311 -12.34 7.51 28.49
C LEU D 311 -11.53 7.33 27.20
N PRO D 312 -12.16 6.86 26.09
CA PRO D 312 -13.61 6.71 25.89
C PRO D 312 -14.22 5.36 26.27
N GLY D 313 -13.51 4.50 26.99
CA GLY D 313 -14.03 3.18 27.28
C GLY D 313 -12.95 2.13 27.10
N ALA D 314 -13.30 0.97 26.53
CA ALA D 314 -12.34 -0.11 26.35
C ALA D 314 -11.03 0.38 25.74
N GLU D 315 -11.12 1.30 24.77
CA GLU D 315 -9.93 1.80 24.08
C GLU D 315 -9.02 2.60 25.00
N GLY D 316 -9.51 3.05 26.15
CA GLY D 316 -8.74 3.86 27.06
C GLY D 316 -8.16 3.11 28.23
N GLU D 317 -8.41 1.82 28.34
CA GLU D 317 -7.95 1.04 29.49
C GLU D 317 -6.42 0.92 29.56
N ALA D 318 -5.74 0.91 28.42
CA ALA D 318 -4.28 0.80 28.46
C ALA D 318 -3.65 2.04 29.08
N ARG D 319 -4.13 3.23 28.70
CA ARG D 319 -3.68 4.45 29.34
C ARG D 319 -4.05 4.47 30.81
N TYR D 320 -5.25 3.97 31.13
CA TYR D 320 -5.73 4.02 32.51
C TYR D 320 -4.87 3.18 33.42
N ARG D 321 -4.56 1.96 32.98
CA ARG D 321 -3.79 1.05 33.82
C ARG D 321 -2.37 1.58 34.02
N LYS D 322 -1.77 2.18 33.00
CA LYS D 322 -0.44 2.75 33.16
C LYS D 322 -0.45 3.91 34.14
N ALA D 323 -1.47 4.75 34.09
CA ALA D 323 -1.51 5.90 35.00
C ALA D 323 -1.78 5.44 36.44
N MET D 324 -2.74 4.52 36.63
CA MET D 324 -2.93 3.96 37.95
C MET D 324 -1.69 3.22 38.47
N ALA D 325 -0.94 2.56 37.58
CA ALA D 325 0.30 1.91 38.01
C ALA D 325 1.30 2.92 38.58
N ARG D 326 1.37 4.10 37.98
CA ARG D 326 2.21 5.15 38.55
C ARG D 326 1.69 5.62 39.91
N LEU D 327 0.36 5.74 40.06
CA LEU D 327 -0.20 6.13 41.34
C LEU D 327 0.01 5.05 42.40
N ARG D 328 -0.09 3.78 42.00
CA ARG D 328 0.20 2.68 42.91
C ARG D 328 1.63 2.77 43.44
N GLU D 329 2.59 3.12 42.56
CA GLU D 329 3.98 3.24 42.99
C GLU D 329 4.15 4.43 43.94
N ALA D 330 3.46 5.54 43.69
CA ALA D 330 3.61 6.71 44.56
C ALA D 330 2.92 6.54 45.91
N ALA D 331 1.92 5.66 45.99
CA ALA D 331 1.25 5.40 47.25
C ALA D 331 2.01 4.44 48.14
N GLY D 332 3.06 3.80 47.62
CA GLY D 332 3.78 2.81 48.39
C GLY D 332 2.85 1.73 48.90
N GLU D 333 2.76 1.57 50.22
CA GLU D 333 1.87 0.60 50.83
C GLU D 333 0.60 1.25 51.40
N ALA D 334 0.37 2.53 51.13
CA ALA D 334 -0.91 3.11 51.49
C ALA D 334 -2.04 2.29 50.89
N TYR D 335 -3.19 2.32 51.54
CA TYR D 335 -4.34 1.59 51.05
C TYR D 335 -5.08 2.47 50.04
N LEU D 336 -5.30 1.93 48.84
CA LEU D 336 -5.98 2.62 47.77
C LEU D 336 -7.31 1.94 47.55
N LEU D 337 -8.39 2.71 47.68
CA LEU D 337 -9.73 2.25 47.34
C LEU D 337 -10.11 2.94 46.02
N PHE D 338 -10.35 2.13 44.98
CA PHE D 338 -10.70 2.62 43.64
C PHE D 338 -12.21 2.73 43.52
N CYS D 339 -12.70 3.91 43.15
CA CYS D 339 -14.14 4.13 43.04
C CYS D 339 -14.47 4.74 41.68
N GLY D 340 -15.68 4.45 41.19
CA GLY D 340 -16.09 4.91 39.85
C GLY D 340 -15.17 4.42 38.76
N ALA D 341 -14.63 3.22 38.92
CA ALA D 341 -13.40 2.82 38.30
C ALA D 341 -13.63 1.62 37.39
N PRO D 342 -12.95 1.57 36.24
CA PRO D 342 -12.96 0.35 35.42
C PRO D 342 -12.64 -0.88 36.26
N VAL D 343 -13.57 -1.84 36.30
CA VAL D 343 -13.47 -2.89 37.30
C VAL D 343 -12.29 -3.82 37.03
N LEU D 344 -12.32 -4.55 35.91
CA LEU D 344 -11.29 -5.56 35.69
C LEU D 344 -9.93 -4.93 35.45
N ALA D 345 -9.88 -3.77 34.79
CA ALA D 345 -8.60 -3.12 34.49
C ALA D 345 -7.92 -2.56 35.74
N SER D 346 -8.62 -2.51 36.87
CA SER D 346 -8.08 -2.05 38.13
C SER D 346 -7.41 -3.17 38.92
N LEU D 347 -7.62 -4.43 38.54
CA LEU D 347 -7.24 -5.56 39.38
C LEU D 347 -5.72 -5.67 39.46
N GLY D 348 -5.22 -5.93 40.68
CA GLY D 348 -3.80 -5.95 40.93
C GLY D 348 -3.21 -4.63 41.35
N LEU D 349 -3.89 -3.52 41.07
CA LEU D 349 -3.45 -2.21 41.55
C LEU D 349 -4.23 -1.77 42.78
N ALA D 350 -5.55 -1.94 42.78
CA ALA D 350 -6.36 -1.48 43.89
C ALA D 350 -6.24 -2.43 45.07
N ASP D 351 -6.23 -1.87 46.28
CA ASP D 351 -6.46 -2.68 47.47
C ASP D 351 -7.95 -2.92 47.69
N GLY D 352 -8.77 -1.89 47.46
CA GLY D 352 -10.20 -2.05 47.48
C GLY D 352 -10.82 -1.47 46.23
N LEU D 353 -11.97 -2.05 45.87
CA LEU D 353 -12.66 -1.69 44.62
C LEU D 353 -14.15 -1.63 44.91
N ARG D 354 -14.73 -0.43 44.77
CA ARG D 354 -16.17 -0.33 44.70
C ARG D 354 -16.68 -1.05 43.45
N VAL D 355 -17.71 -1.86 43.64
CA VAL D 355 -18.24 -2.73 42.60
C VAL D 355 -19.70 -2.45 42.30
N GLY D 356 -20.30 -1.47 42.95
CA GLY D 356 -21.67 -1.10 42.71
C GLY D 356 -21.86 0.40 42.76
N PRO D 357 -23.02 0.85 42.30
CA PRO D 357 -23.35 2.28 42.45
C PRO D 357 -23.41 2.66 43.93
N ASP D 358 -23.36 3.96 44.18
CA ASP D 358 -23.45 4.46 45.54
C ASP D 358 -24.70 3.93 46.22
N VAL D 359 -24.55 3.55 47.49
CA VAL D 359 -25.73 3.40 48.33
C VAL D 359 -26.31 4.80 48.55
N ALA D 360 -27.50 4.84 49.11
CA ALA D 360 -28.23 6.07 49.38
C ALA D 360 -29.17 5.77 50.52
N PRO D 361 -29.66 6.80 51.23
CA PRO D 361 -30.59 6.52 52.33
C PRO D 361 -32.00 6.27 51.82
N TYR D 362 -32.12 5.49 50.75
CA TYR D 362 -33.42 5.13 50.23
C TYR D 362 -33.22 3.92 49.32
N TRP D 363 -34.30 3.14 49.15
CA TRP D 363 -34.22 1.93 48.34
C TRP D 363 -33.91 2.24 46.88
N ASP D 364 -34.71 3.09 46.26
CA ASP D 364 -34.62 3.32 44.82
C ASP D 364 -35.27 4.64 44.47
N ASN D 365 -34.57 5.48 43.70
CA ASN D 365 -35.16 6.66 43.07
C ASN D 365 -35.76 6.22 41.73
N GLU D 366 -37.07 5.95 41.72
CA GLU D 366 -37.73 5.40 40.54
C GLU D 366 -37.70 6.36 39.36
N GLU D 367 -37.67 7.66 39.61
CA GLU D 367 -37.58 8.63 38.53
C GLU D 367 -36.26 8.50 37.78
N ARG D 368 -35.19 8.15 38.47
CA ARG D 368 -33.92 7.91 37.80
C ARG D 368 -33.75 6.46 37.33
N SER D 369 -34.19 5.48 38.11
CA SER D 369 -33.97 4.08 37.73
C SER D 369 -34.88 3.68 36.59
N PHE D 370 -36.14 4.12 36.62
CA PHE D 370 -37.14 3.72 35.65
C PHE D 370 -37.35 4.76 34.55
N TRP D 371 -37.83 5.95 34.90
CA TRP D 371 -38.19 6.91 33.86
C TRP D 371 -36.97 7.36 33.06
N LEU D 372 -35.82 7.50 33.70
CA LEU D 372 -34.58 7.80 32.98
C LEU D 372 -33.77 6.55 32.67
N ALA D 373 -34.20 5.38 33.13
CA ALA D 373 -33.57 4.11 32.77
C ALA D 373 -32.07 4.15 33.06
N ASP D 374 -31.74 4.65 34.24
CA ASP D 374 -30.35 4.76 34.69
C ASP D 374 -30.17 3.96 35.97
N PRO D 375 -29.70 2.71 35.91
CA PRO D 375 -29.50 1.93 37.12
C PRO D 375 -28.19 2.20 37.84
N THR D 376 -27.43 3.23 37.47
CA THR D 376 -26.16 3.53 38.09
C THR D 376 -26.26 4.64 39.12
N GLY D 377 -27.45 5.24 39.27
CA GLY D 377 -27.63 6.30 40.22
C GLY D 377 -27.66 5.75 41.63
N PRO D 378 -27.37 6.60 42.62
CA PRO D 378 -27.34 6.13 44.00
C PRO D 378 -28.67 5.54 44.44
N GLY D 379 -28.58 4.55 45.34
CA GLY D 379 -29.74 3.88 45.90
C GLY D 379 -29.34 2.48 46.33
N LEU D 380 -29.91 1.99 47.43
CA LEU D 380 -29.46 0.70 47.96
C LEU D 380 -29.72 -0.44 46.98
N ARG D 381 -30.81 -0.39 46.25
CA ARG D 381 -31.11 -1.51 45.36
C ARG D 381 -30.16 -1.57 44.18
N ASN D 382 -29.86 -0.41 43.56
CA ASN D 382 -28.85 -0.38 42.52
C ASN D 382 -27.51 -0.89 43.03
N ALA D 383 -27.12 -0.42 44.22
CA ALA D 383 -25.86 -0.87 44.82
C ALA D 383 -25.81 -2.38 44.99
N LEU D 384 -26.87 -2.97 45.57
CA LEU D 384 -26.86 -4.40 45.84
C LEU D 384 -26.80 -5.20 44.55
N ARG D 385 -27.57 -4.80 43.54
CA ARG D 385 -27.68 -5.56 42.29
C ARG D 385 -26.32 -5.77 41.63
N SER D 386 -25.58 -4.69 41.39
CA SER D 386 -24.28 -4.85 40.76
C SER D 386 -23.28 -5.50 41.71
N THR D 387 -23.32 -5.16 43.00
CA THR D 387 -22.39 -5.75 43.96
C THR D 387 -22.55 -7.27 44.00
N LEU D 388 -23.80 -7.75 43.98
CA LEU D 388 -24.04 -9.18 44.09
C LEU D 388 -23.48 -9.95 42.90
N HIS D 389 -23.40 -9.31 41.73
CA HIS D 389 -22.89 -9.93 40.53
C HIS D 389 -21.41 -9.69 40.30
N ARG D 390 -20.70 -9.18 41.31
CA ARG D 390 -19.26 -9.02 41.23
C ARG D 390 -18.53 -9.61 42.43
N LEU D 391 -19.23 -10.39 43.26
CA LEU D 391 -18.58 -11.02 44.41
C LEU D 391 -17.49 -11.98 44.00
N TRP D 392 -17.56 -12.54 42.78
CA TRP D 392 -16.53 -13.45 42.32
C TRP D 392 -15.15 -12.79 42.24
N LEU D 393 -15.07 -11.48 42.43
CA LEU D 393 -13.78 -10.80 42.42
C LEU D 393 -13.09 -10.82 43.78
N MET D 394 -13.67 -11.51 44.76
CA MET D 394 -13.19 -11.44 46.14
C MET D 394 -11.82 -12.09 46.33
N GLU D 395 -11.31 -12.87 45.38
CA GLU D 395 -9.95 -13.39 45.51
C GLU D 395 -8.92 -12.49 44.83
N ASN D 396 -9.36 -11.41 44.20
CA ASN D 396 -8.46 -10.52 43.49
C ASN D 396 -8.29 -9.17 44.18
N VAL D 397 -9.23 -8.77 45.02
CA VAL D 397 -9.26 -7.43 45.61
C VAL D 397 -10.23 -7.50 46.77
N HIS D 398 -10.16 -6.53 47.67
CA HIS D 398 -11.24 -6.32 48.65
C HIS D 398 -12.44 -5.71 47.93
N VAL D 399 -13.56 -6.41 47.96
CA VAL D 399 -14.76 -5.96 47.28
C VAL D 399 -15.50 -5.01 48.21
N ASP D 400 -15.60 -3.74 47.81
CA ASP D 400 -16.32 -2.74 48.61
C ASP D 400 -17.79 -2.69 48.18
N PRO D 401 -18.72 -3.10 49.04
CA PRO D 401 -20.15 -2.96 48.72
C PRO D 401 -20.73 -1.59 49.03
N ASP D 402 -19.85 -0.63 49.37
CA ASP D 402 -20.19 0.69 49.89
C ASP D 402 -20.66 0.60 51.36
N VAL D 403 -20.93 1.75 51.98
CA VAL D 403 -21.12 1.79 53.43
C VAL D 403 -22.40 1.08 53.85
N VAL D 404 -22.49 0.80 55.15
CA VAL D 404 -23.65 0.19 55.78
C VAL D 404 -24.32 1.24 56.63
N TYR D 405 -25.64 1.31 56.57
CA TYR D 405 -26.40 2.22 57.40
C TYR D 405 -26.87 1.51 58.67
N PHE D 406 -26.72 2.20 59.80
CA PHE D 406 -27.34 1.78 61.04
C PHE D 406 -28.34 2.79 61.59
N ARG D 407 -28.25 4.05 61.21
CA ARG D 407 -29.17 5.05 61.70
C ARG D 407 -30.54 4.86 61.07
N THR D 408 -31.57 5.30 61.80
CA THR D 408 -32.87 5.54 61.23
C THR D 408 -33.17 7.02 61.07
N ARG D 409 -32.51 7.87 61.82
CA ARG D 409 -32.61 9.29 61.56
C ARG D 409 -31.91 9.61 60.25
N PHE D 410 -32.49 10.55 59.50
CA PHE D 410 -31.93 11.03 58.23
C PHE D 410 -31.65 9.86 57.30
N ASN D 411 -32.63 8.97 57.20
CA ASN D 411 -32.51 7.75 56.40
C ASN D 411 -33.91 7.23 56.13
N LEU D 412 -34.19 6.89 54.88
CA LEU D 412 -35.50 6.37 54.48
C LEU D 412 -35.52 4.84 54.43
N LEU D 413 -34.38 4.20 54.62
CA LEU D 413 -34.31 2.76 54.48
C LEU D 413 -35.06 2.08 55.62
N SER D 414 -35.69 0.95 55.30
CA SER D 414 -36.31 0.14 56.33
C SER D 414 -35.25 -0.68 57.04
N PRO D 415 -35.51 -1.11 58.27
CA PRO D 415 -34.58 -2.02 58.95
C PRO D 415 -34.26 -3.28 58.16
N GLU D 416 -35.24 -3.85 57.45
CA GLU D 416 -34.98 -5.04 56.67
C GLU D 416 -34.02 -4.76 55.52
N GLU D 417 -34.24 -3.65 54.80
CA GLU D 417 -33.32 -3.31 53.72
C GLU D 417 -31.91 -3.07 54.26
N MET D 418 -31.81 -2.38 55.39
CA MET D 418 -30.52 -2.10 56.00
C MET D 418 -29.74 -3.37 56.30
N ARG D 419 -30.41 -4.40 56.85
CA ARG D 419 -29.69 -5.64 57.17
C ARG D 419 -29.24 -6.39 55.93
N LEU D 420 -29.87 -6.15 54.79
CA LEU D 420 -29.36 -6.72 53.54
C LEU D 420 -27.98 -6.18 53.22
N GLN D 421 -27.81 -4.86 53.33
CA GLN D 421 -26.52 -4.25 53.03
C GLN D 421 -25.48 -4.60 54.08
N GLU D 422 -25.93 -4.79 55.33
CA GLU D 422 -25.05 -5.28 56.39
C GLU D 422 -24.54 -6.67 56.09
N ALA D 423 -25.43 -7.57 55.66
CA ALA D 423 -25.03 -8.93 55.34
C ALA D 423 -23.97 -8.96 54.25
N LEU D 424 -24.14 -8.15 53.21
CA LEU D 424 -23.15 -8.10 52.13
C LEU D 424 -21.80 -7.65 52.64
N ALA D 425 -21.78 -6.73 53.62
CA ALA D 425 -20.50 -6.24 54.13
C ALA D 425 -19.82 -7.29 55.01
N HIS D 426 -20.60 -8.08 55.77
CA HIS D 426 -20.04 -9.23 56.47
C HIS D 426 -19.41 -10.18 55.48
N PHE D 427 -20.14 -10.50 54.42
CA PHE D 427 -19.66 -11.46 53.43
C PHE D 427 -18.34 -11.00 52.81
N THR D 428 -18.28 -9.76 52.32
CA THR D 428 -17.02 -9.31 51.71
C THR D 428 -15.96 -8.97 52.73
N GLY D 429 -16.35 -8.71 53.98
CA GLY D 429 -15.39 -8.27 54.97
C GLY D 429 -14.98 -6.81 54.90
N PHE D 430 -15.58 -6.02 54.01
CA PHE D 430 -15.28 -4.61 53.87
C PHE D 430 -16.34 -3.83 54.65
N LYS D 431 -15.93 -3.28 55.80
CA LYS D 431 -16.86 -2.66 56.75
C LYS D 431 -16.62 -1.15 56.82
N ALA D 432 -17.65 -0.38 56.50
CA ALA D 432 -17.58 1.06 56.50
C ALA D 432 -18.97 1.59 56.84
N THR D 433 -18.99 2.77 57.47
CA THR D 433 -20.23 3.50 57.71
C THR D 433 -19.97 5.00 57.64
N SER D 434 -21.04 5.75 57.48
CA SER D 434 -21.00 7.20 57.52
C SER D 434 -21.86 7.78 58.64
N ASP D 435 -22.46 6.93 59.47
CA ASP D 435 -23.37 7.39 60.51
C ASP D 435 -22.60 8.13 61.59
N PRO D 436 -22.89 9.41 61.84
CA PRO D 436 -22.34 10.07 63.01
C PRO D 436 -22.95 9.45 64.25
N PRO D 437 -22.13 9.07 65.24
CA PRO D 437 -22.69 8.39 66.42
C PRO D 437 -23.73 9.22 67.14
N SER D 438 -23.62 10.55 67.09
CA SER D 438 -24.65 11.35 67.75
C SER D 438 -26.00 11.25 67.04
N TRP D 439 -26.05 10.72 65.82
CA TRP D 439 -27.33 10.45 65.15
C TRP D 439 -27.91 9.09 65.49
N LEU D 440 -27.17 8.24 66.18
CA LEU D 440 -27.55 6.87 66.43
C LEU D 440 -28.33 6.75 67.74
N LEU D 441 -29.35 5.90 67.76
CA LEU D 441 -29.98 5.52 69.00
C LEU D 441 -29.13 4.47 69.71
N PRO D 442 -29.27 4.32 71.04
CA PRO D 442 -28.42 3.34 71.76
C PRO D 442 -28.44 1.94 71.16
N GLU D 443 -29.62 1.43 70.82
CA GLU D 443 -29.75 0.16 70.12
C GLU D 443 -28.91 0.13 68.84
N GLU D 444 -28.84 1.26 68.12
CA GLU D 444 -28.14 1.29 66.86
C GLU D 444 -26.64 1.39 67.07
N LYS D 445 -26.21 2.04 68.16
CA LYS D 445 -24.81 2.06 68.54
C LYS D 445 -24.30 0.64 68.80
N GLY D 446 -25.08 -0.16 69.54
CA GLY D 446 -24.67 -1.54 69.79
C GLY D 446 -24.64 -2.37 68.52
N ARG D 447 -25.64 -2.19 67.66
CA ARG D 447 -25.63 -2.88 66.37
C ARG D 447 -24.39 -2.53 65.54
N LEU D 448 -23.99 -1.24 65.56
CA LEU D 448 -22.82 -0.84 64.79
C LEU D 448 -21.55 -1.46 65.35
N GLU D 449 -21.38 -1.43 66.67
CA GLU D 449 -20.15 -1.98 67.24
C GLU D 449 -20.13 -3.50 67.13
N ALA D 450 -21.29 -4.15 67.34
CA ALA D 450 -21.38 -5.59 67.10
C ALA D 450 -21.03 -5.93 65.66
N PHE D 451 -21.34 -5.04 64.72
CA PHE D 451 -21.03 -5.29 63.30
C PHE D 451 -19.54 -5.11 63.03
N LEU D 452 -18.92 -4.11 63.62
CA LEU D 452 -17.48 -3.97 63.45
C LEU D 452 -16.69 -5.13 64.08
N ALA D 453 -17.34 -5.96 64.91
CA ALA D 453 -16.66 -7.08 65.56
C ALA D 453 -16.30 -8.18 64.58
N ARG D 454 -15.16 -8.82 64.83
CA ARG D 454 -14.75 -9.94 63.97
C ARG D 454 -15.83 -11.02 63.93
N GLU D 455 -15.94 -11.67 62.77
CA GLU D 455 -17.01 -12.64 62.55
C GLU D 455 -16.84 -13.87 63.42
N VAL D 456 -17.96 -14.40 63.90
CA VAL D 456 -18.04 -15.75 64.47
C VAL D 456 -18.63 -16.66 63.40
N PRO D 457 -17.85 -17.55 62.79
CA PRO D 457 -18.33 -18.27 61.59
C PRO D 457 -19.34 -19.35 61.94
N VAL D 458 -20.45 -19.36 61.21
CA VAL D 458 -21.45 -20.41 61.28
C VAL D 458 -21.45 -21.16 59.96
N ARG D 459 -21.63 -22.48 60.02
CA ARG D 459 -21.84 -23.28 58.81
C ARG D 459 -22.42 -24.63 59.22
N ARG D 460 -23.42 -25.08 58.46
CA ARG D 460 -24.16 -26.30 58.78
C ARG D 460 -24.36 -27.15 57.53
N GLY E 1 2.11 14.12 18.77
CA GLY E 1 3.31 14.91 18.99
C GLY E 1 3.72 14.99 20.45
N SER E 2 4.78 15.75 20.72
CA SER E 2 5.32 15.90 22.07
C SER E 2 4.72 17.12 22.75
N HIS E 3 4.45 16.99 24.04
CA HIS E 3 4.05 18.14 24.84
C HIS E 3 5.26 19.04 25.06
N MET E 4 5.12 20.32 24.71
CA MET E 4 6.22 21.27 24.81
C MET E 4 5.78 22.51 25.58
N ARG E 5 6.76 23.27 26.02
CA ARG E 5 6.53 24.40 26.89
C ARG E 5 7.57 25.43 26.51
N LEU E 6 7.16 26.68 26.31
CA LEU E 6 8.14 27.70 26.01
C LEU E 6 7.63 29.06 26.42
N ASN E 7 8.56 30.00 26.48
CA ASN E 7 8.26 31.41 26.70
C ASN E 7 8.35 32.14 25.36
N LEU E 8 7.31 32.90 25.02
CA LEU E 8 7.19 33.38 23.65
C LEU E 8 7.07 34.90 23.55
N GLY E 9 6.10 35.51 24.21
CA GLY E 9 6.02 36.97 24.14
C GLY E 9 6.07 37.58 25.51
N GLY E 10 7.03 37.14 26.32
CA GLY E 10 6.92 37.39 27.74
C GLY E 10 5.88 36.54 28.42
N ALA E 11 5.37 35.51 27.74
CA ALA E 11 4.35 34.62 28.27
C ALA E 11 4.79 33.18 28.13
N GLU E 12 4.21 32.33 28.98
CA GLU E 12 4.44 30.89 28.95
C GLU E 12 3.36 30.24 28.08
N VAL E 13 3.77 29.60 26.98
CA VAL E 13 2.83 29.05 26.02
C VAL E 13 3.03 27.54 25.96
N PHE E 14 1.92 26.80 26.05
CA PHE E 14 1.95 25.36 25.98
C PHE E 14 1.53 24.91 24.59
N LEU E 15 2.17 23.86 24.09
CA LEU E 15 1.85 23.41 22.75
C LEU E 15 2.21 21.95 22.58
N ARG E 16 1.66 21.37 21.52
CA ARG E 16 1.92 20.00 21.15
C ARG E 16 2.40 19.99 19.71
N ALA E 17 3.65 19.59 19.50
CA ALA E 17 4.23 19.52 18.18
C ALA E 17 5.30 18.45 18.20
N GLU E 18 5.74 18.05 17.01
CA GLU E 18 6.77 17.01 16.91
C GLU E 18 8.17 17.58 17.00
N GLY E 19 8.36 18.86 16.69
CA GLY E 19 9.67 19.47 16.82
C GLY E 19 9.54 20.96 17.02
N LEU E 20 10.64 21.57 17.42
CA LEU E 20 10.67 23.00 17.67
C LEU E 20 12.08 23.52 17.48
N GLU E 21 12.18 24.69 16.88
CA GLU E 21 13.45 25.36 16.63
C GLU E 21 13.18 26.86 16.70
N GLU E 22 14.16 27.64 17.12
CA GLU E 22 13.87 29.06 17.17
C GLU E 22 13.93 29.66 15.76
N ALA E 23 13.55 30.93 15.66
CA ALA E 23 13.29 31.54 14.36
C ALA E 23 13.02 33.01 14.57
N PRO E 24 13.33 33.88 13.61
CA PRO E 24 13.23 35.33 13.85
C PRO E 24 11.80 35.71 14.19
N GLY E 25 11.63 36.30 15.37
CA GLY E 25 10.33 36.77 15.81
C GLY E 25 9.47 35.73 16.51
N GLY E 26 9.95 34.49 16.63
CA GLY E 26 9.22 33.45 17.33
C GLY E 26 9.92 32.11 17.24
N VAL E 27 9.18 31.07 16.89
CA VAL E 27 9.72 29.71 16.83
C VAL E 27 9.15 29.02 15.60
N ARG E 28 9.74 27.87 15.30
CA ARG E 28 9.32 27.04 14.18
C ARG E 28 8.96 25.66 14.71
N LEU E 29 7.74 25.23 14.41
CA LEU E 29 7.23 23.93 14.82
C LEU E 29 7.29 22.97 13.64
N TRP E 30 7.25 21.68 13.93
CA TRP E 30 7.06 20.68 12.88
C TRP E 30 5.92 19.75 13.25
N GLY E 31 5.13 19.36 12.25
CA GLY E 31 4.11 18.37 12.47
C GLY E 31 2.90 18.46 11.58
N ARG E 32 2.38 17.32 11.15
CA ARG E 32 1.13 17.30 10.41
C ARG E 32 0.03 17.99 11.20
N GLU E 33 -0.01 17.79 12.51
CA GLU E 33 -0.95 18.50 13.35
C GLU E 33 -0.22 19.10 14.54
N VAL E 34 -0.53 20.36 14.84
CA VAL E 34 0.08 21.05 15.97
C VAL E 34 -1.02 21.72 16.77
N ARG E 35 -0.82 21.80 18.08
CA ARG E 35 -1.79 22.39 18.99
C ARG E 35 -1.10 23.42 19.83
N VAL E 36 -1.62 24.64 19.83
CA VAL E 36 -1.05 25.74 20.60
C VAL E 36 -2.14 26.26 21.52
N PHE E 37 -1.82 26.42 22.80
CA PHE E 37 -2.84 26.89 23.73
C PHE E 37 -2.52 28.29 24.20
N PRO E 38 -3.45 29.23 24.07
CA PRO E 38 -3.19 30.58 24.49
C PRO E 38 -2.99 30.65 26.00
N PRO E 39 -2.06 31.46 26.44
CA PRO E 39 -1.92 31.70 27.88
C PRO E 39 -2.80 32.84 28.33
N PHE E 40 -3.92 33.05 27.65
CA PHE E 40 -4.87 34.12 27.92
C PHE E 40 -6.23 33.66 27.46
N PRO E 41 -7.31 34.19 28.03
CA PRO E 41 -8.63 33.97 27.44
C PRO E 41 -8.73 34.75 26.13
N ALA E 42 -9.21 34.09 25.08
CA ALA E 42 -9.16 34.65 23.73
C ALA E 42 -10.49 35.30 23.37
N LYS E 43 -10.43 36.52 22.84
CA LYS E 43 -11.63 37.24 22.43
C LYS E 43 -11.81 37.31 20.91
N GLY E 44 -10.77 37.07 20.14
CA GLY E 44 -10.92 37.02 18.69
C GLY E 44 -10.09 35.93 18.08
N PHE E 45 -10.60 35.39 16.97
CA PHE E 45 -9.87 34.45 16.12
C PHE E 45 -9.67 35.10 14.75
N PHE E 46 -8.45 35.07 14.24
CA PHE E 46 -8.19 35.57 12.91
C PHE E 46 -8.57 34.49 11.88
N ARG E 47 -9.61 34.76 11.13
CA ARG E 47 -10.17 33.82 10.19
C ARG E 47 -9.65 34.19 8.81
N HIS E 48 -8.64 33.46 8.34
CA HIS E 48 -8.06 33.71 7.02
C HIS E 48 -8.71 32.81 5.95
N GLY E 49 -9.47 33.41 5.05
CA GLY E 49 -10.08 32.66 3.96
C GLY E 49 -9.06 32.17 2.93
N TRP E 50 -9.54 31.24 2.10
CA TRP E 50 -8.65 30.47 1.23
C TRP E 50 -8.12 31.30 0.07
N GLN E 51 -8.98 32.02 -0.63
CA GLN E 51 -8.63 32.65 -1.89
C GLN E 51 -8.95 34.15 -1.85
N SER E 52 -8.64 34.81 -2.96
CA SER E 52 -8.78 36.28 -3.08
C SER E 52 -10.10 36.78 -2.55
N TRP E 53 -11.22 36.22 -3.02
CA TRP E 53 -12.55 36.70 -2.66
C TRP E 53 -12.96 36.27 -1.26
N SER E 54 -12.28 35.30 -0.68
CA SER E 54 -12.68 34.74 0.61
C SER E 54 -12.56 35.77 1.73
N LEU E 55 -13.38 35.58 2.77
CA LEU E 55 -13.35 36.48 3.92
C LEU E 55 -12.07 36.28 4.72
N ALA E 56 -11.39 37.40 4.99
CA ALA E 56 -10.34 37.46 6.00
C ALA E 56 -10.72 38.52 7.01
N ALA E 57 -10.87 38.11 8.27
CA ALA E 57 -11.32 39.05 9.31
C ALA E 57 -11.17 38.39 10.67
N TRP E 58 -11.24 39.23 11.71
CA TRP E 58 -11.31 38.77 13.09
C TRP E 58 -12.75 38.45 13.45
N VAL E 59 -12.98 37.24 13.97
CA VAL E 59 -14.33 36.82 14.34
C VAL E 59 -14.34 36.37 15.80
N ASP E 60 -15.55 36.21 16.32
CA ASP E 60 -15.77 35.70 17.66
C ASP E 60 -15.86 34.18 17.59
N PRO E 61 -14.90 33.44 18.14
CA PRO E 61 -14.98 31.97 18.04
C PRO E 61 -16.06 31.38 18.90
N ALA E 62 -16.75 32.19 19.71
CA ALA E 62 -17.83 31.66 20.55
C ALA E 62 -19.08 31.41 19.72
N GLN E 63 -19.38 32.30 18.79
CA GLN E 63 -20.57 32.18 17.95
C GLN E 63 -20.31 31.22 16.81
N ALA E 64 -21.36 30.56 16.37
CA ALA E 64 -21.19 29.62 15.28
C ALA E 64 -21.14 30.34 13.94
N PRO E 65 -20.43 29.79 12.96
CA PRO E 65 -20.41 30.40 11.62
C PRO E 65 -21.72 30.19 10.87
N THR E 66 -22.15 31.23 10.16
CA THR E 66 -23.39 31.20 9.38
C THR E 66 -23.16 30.50 8.05
N PRO E 67 -23.99 29.51 7.69
CA PRO E 67 -23.84 28.88 6.37
C PRO E 67 -23.97 29.89 5.25
N LEU E 68 -23.15 29.72 4.22
CA LEU E 68 -23.12 30.60 3.07
C LEU E 68 -24.07 30.05 2.02
N LEU E 69 -24.90 30.91 1.45
CA LEU E 69 -25.90 30.52 0.47
C LEU E 69 -25.68 31.31 -0.81
N PRO E 70 -26.12 30.77 -1.96
CA PRO E 70 -26.65 29.41 -2.14
C PRO E 70 -25.52 28.38 -2.12
N GLU E 71 -25.85 27.10 -1.92
CA GLU E 71 -24.84 26.05 -1.96
C GLU E 71 -24.02 26.11 -3.24
N ALA E 72 -24.66 26.42 -4.37
CA ALA E 72 -24.00 26.37 -5.68
C ALA E 72 -22.80 27.29 -5.79
N ARG E 73 -22.73 28.34 -4.95
CA ARG E 73 -21.67 29.33 -5.00
C ARG E 73 -20.54 29.11 -4.00
N ARG E 74 -20.64 28.11 -3.13
CA ARG E 74 -19.55 27.82 -2.20
C ARG E 74 -18.21 27.52 -2.86
N PRO E 75 -18.13 26.75 -3.95
CA PRO E 75 -16.79 26.47 -4.52
C PRO E 75 -16.05 27.73 -5.00
N GLN E 76 -16.74 28.81 -5.31
CA GLN E 76 -16.09 30.04 -5.74
C GLN E 76 -16.00 31.08 -4.63
N ALA E 77 -16.42 30.74 -3.42
CA ALA E 77 -16.37 31.62 -2.26
C ALA E 77 -15.16 31.35 -1.35
N ASP E 78 -14.83 30.08 -1.15
CA ASP E 78 -13.78 29.72 -0.19
C ASP E 78 -13.39 28.27 -0.42
N ASP E 79 -12.42 27.81 0.34
CA ASP E 79 -12.16 26.39 0.51
C ASP E 79 -13.46 25.70 0.96
N PRO E 80 -14.02 24.78 0.17
CA PRO E 80 -15.31 24.17 0.55
C PRO E 80 -15.32 23.56 1.94
N PHE E 81 -14.20 23.01 2.39
CA PHE E 81 -14.14 22.49 3.76
C PHE E 81 -14.45 23.59 4.78
N LEU E 82 -13.79 24.75 4.64
CA LEU E 82 -14.00 25.86 5.55
C LEU E 82 -15.45 26.30 5.63
N LEU E 83 -16.25 26.02 4.61
CA LEU E 83 -17.62 26.49 4.53
C LEU E 83 -18.65 25.43 4.92
N GLU E 84 -18.26 24.16 5.00
CA GLU E 84 -19.17 23.11 5.46
C GLU E 84 -19.01 22.79 6.93
N ALA E 85 -18.04 23.39 7.61
CA ALA E 85 -17.67 22.98 8.97
C ALA E 85 -18.39 23.82 10.02
N GLY E 86 -18.72 23.18 11.15
CA GLY E 86 -19.38 23.88 12.24
C GLY E 86 -18.46 24.67 13.13
N ALA E 87 -17.17 24.36 13.14
CA ALA E 87 -16.18 25.12 13.89
C ALA E 87 -15.55 26.15 12.97
N TRP E 88 -14.66 26.96 13.53
CA TRP E 88 -14.04 28.07 12.80
C TRP E 88 -12.71 27.61 12.24
N TRP E 89 -12.65 27.41 10.92
CA TRP E 89 -11.43 27.00 10.24
C TRP E 89 -10.95 28.10 9.30
N GLY E 90 -9.65 28.37 9.32
CA GLY E 90 -9.03 29.28 8.38
C GLY E 90 -8.00 28.56 7.52
N SER E 91 -7.54 29.24 6.48
CA SER E 91 -6.56 28.68 5.57
C SER E 91 -5.15 29.17 5.90
N GLY E 92 -4.23 28.23 6.09
CA GLY E 92 -2.81 28.54 6.15
C GLY E 92 -2.35 29.16 7.44
N VAL E 93 -3.06 30.19 7.93
CA VAL E 93 -2.65 30.92 9.13
C VAL E 93 -3.87 31.25 9.98
N GLY E 94 -3.67 31.27 11.29
CA GLY E 94 -4.69 31.71 12.22
C GLY E 94 -4.05 32.46 13.36
N ALA E 95 -4.89 33.13 14.14
CA ALA E 95 -4.37 33.85 15.29
C ALA E 95 -5.47 34.03 16.31
N LEU E 96 -5.06 34.08 17.57
CA LEU E 96 -5.93 34.38 18.70
C LEU E 96 -5.51 35.70 19.31
N ARG E 97 -6.48 36.44 19.82
CA ARG E 97 -6.28 37.80 20.28
C ARG E 97 -6.41 37.88 21.79
N GLY E 98 -5.34 38.30 22.46
CA GLY E 98 -5.39 38.58 23.88
C GLY E 98 -6.11 39.89 24.14
N PRO E 99 -6.74 40.00 25.32
CA PRO E 99 -7.39 41.27 25.71
C PRO E 99 -6.54 42.53 25.47
N ASP E 100 -5.22 42.41 25.41
CA ASP E 100 -4.30 43.54 25.29
C ASP E 100 -3.99 43.92 23.85
N GLY E 101 -4.67 43.33 22.87
CA GLY E 101 -4.35 43.59 21.48
C GLY E 101 -3.10 42.89 20.95
N ARG E 102 -2.53 41.97 21.70
CA ARG E 102 -1.46 41.14 21.17
C ARG E 102 -2.07 39.86 20.60
N ALA E 103 -1.41 39.32 19.57
CA ALA E 103 -1.92 38.17 18.83
C ALA E 103 -0.99 36.97 19.00
N LEU E 104 -1.59 35.80 19.21
CA LEU E 104 -0.88 34.53 19.11
C LEU E 104 -1.12 34.00 17.70
N LEU E 105 -0.06 33.92 16.91
CA LEU E 105 -0.15 33.56 15.50
C LEU E 105 0.44 32.18 15.27
N LEU E 106 -0.30 31.36 14.51
CA LEU E 106 0.16 30.06 14.03
C LEU E 106 -0.02 30.04 12.52
N GLY E 107 1.08 29.97 11.78
CA GLY E 107 1.03 30.01 10.32
C GLY E 107 1.84 28.95 9.61
N ALA E 108 1.24 28.30 8.62
CA ALA E 108 1.95 27.28 7.86
C ALA E 108 3.07 27.88 7.01
N LEU E 109 4.18 27.18 6.95
CA LEU E 109 5.29 27.52 6.07
C LEU E 109 5.32 26.68 4.79
N ASP E 110 4.42 25.70 4.66
CA ASP E 110 4.26 24.86 3.47
C ASP E 110 2.81 24.89 2.99
N LEU E 111 2.57 24.19 1.89
CA LEU E 111 1.26 24.12 1.24
C LEU E 111 0.28 23.23 1.98
N GLY E 112 -1.01 23.54 1.84
CA GLY E 112 -2.05 22.59 2.16
C GLY E 112 -2.48 22.53 3.60
N ALA E 113 -2.33 23.61 4.35
CA ALA E 113 -2.65 23.64 5.77
C ALA E 113 -3.92 24.43 6.05
N ARG E 114 -4.62 24.03 7.11
CA ARG E 114 -5.74 24.78 7.67
C ARG E 114 -5.50 24.98 9.16
N VAL E 115 -6.16 25.98 9.74
CA VAL E 115 -5.95 26.30 11.15
C VAL E 115 -7.31 26.50 11.82
N LEU E 116 -7.55 25.74 12.90
CA LEU E 116 -8.78 25.80 13.66
C LEU E 116 -8.58 26.70 14.88
N GLY E 117 -9.52 27.60 15.10
CA GLY E 117 -9.42 28.51 16.22
C GLY E 117 -10.58 28.31 17.17
N ARG E 118 -10.27 28.02 18.44
CA ARG E 118 -11.24 28.00 19.53
C ARG E 118 -10.82 29.05 20.55
N GLU E 119 -11.65 29.25 21.57
CA GLU E 119 -11.27 30.19 22.62
C GLU E 119 -9.98 29.76 23.33
N ASP E 120 -9.71 28.46 23.34
CA ASP E 120 -8.63 27.90 24.14
C ASP E 120 -7.58 27.20 23.29
N LEU E 121 -7.66 27.28 21.98
CA LEU E 121 -6.78 26.46 21.17
C LEU E 121 -6.68 27.02 19.75
N LEU E 122 -5.45 27.07 19.24
CA LEU E 122 -5.16 27.11 17.82
C LEU E 122 -4.70 25.72 17.41
N LEU E 123 -5.35 25.15 16.41
CA LEU E 123 -4.97 23.83 15.91
C LEU E 123 -4.64 23.93 14.42
N GLY E 124 -3.41 23.59 14.07
CA GLY E 124 -2.98 23.57 12.68
C GLY E 124 -2.92 22.14 12.17
N ARG E 125 -3.48 21.93 10.97
CA ARG E 125 -3.58 20.61 10.39
C ARG E 125 -3.25 20.67 8.91
N TYR E 126 -2.17 20.00 8.51
CA TYR E 126 -1.85 19.84 7.11
C TYR E 126 -2.75 18.78 6.48
N ALA E 127 -3.25 19.05 5.28
CA ALA E 127 -4.17 18.13 4.63
C ALA E 127 -3.42 16.93 4.02
N GLY E 128 -2.39 17.21 3.24
CA GLY E 128 -1.55 16.13 2.73
C GLY E 128 -0.36 15.83 3.62
N LYS E 129 0.84 15.92 3.07
CA LYS E 129 2.02 15.63 3.88
C LYS E 129 2.29 16.79 4.83
N GLY E 130 2.89 16.45 5.98
CA GLY E 130 3.19 17.38 7.06
C GLY E 130 3.98 18.61 6.66
N GLY E 131 4.47 19.36 7.64
CA GLY E 131 5.23 20.54 7.29
C GLY E 131 5.56 21.35 8.53
N ALA E 132 6.13 22.53 8.27
CA ALA E 132 6.60 23.43 9.30
C ALA E 132 5.56 24.51 9.58
N TRP E 133 5.80 25.24 10.67
CA TRP E 133 4.88 26.25 11.17
C TRP E 133 5.68 27.38 11.77
N PHE E 134 5.15 28.58 11.64
CA PHE E 134 5.65 29.73 12.37
C PHE E 134 4.70 29.99 13.53
N LEU E 135 5.26 30.16 14.72
CA LEU E 135 4.46 30.46 15.89
C LEU E 135 5.06 31.68 16.59
N ALA E 136 4.23 32.65 16.91
CA ALA E 136 4.70 33.90 17.46
C ALA E 136 3.64 34.49 18.36
N TYR E 137 4.08 35.30 19.31
CA TYR E 137 3.19 36.02 20.22
C TYR E 137 3.75 37.41 20.42
N GLY E 138 2.90 38.41 20.27
CA GLY E 138 3.37 39.78 20.31
C GLY E 138 2.35 40.71 19.73
N PRO E 139 2.73 41.98 19.53
CA PRO E 139 1.84 42.94 18.88
C PRO E 139 1.38 42.41 17.53
N GLU E 140 0.11 42.67 17.22
CA GLU E 140 -0.53 42.14 16.02
C GLU E 140 0.31 42.38 14.77
N GLU E 141 0.73 43.63 14.54
CA GLU E 141 1.40 43.97 13.29
C GLU E 141 2.78 43.35 13.20
N GLU E 142 3.52 43.29 14.31
CA GLU E 142 4.84 42.70 14.23
C GLU E 142 4.75 41.21 13.94
N VAL E 143 3.79 40.54 14.56
CA VAL E 143 3.68 39.09 14.48
C VAL E 143 3.32 38.66 13.06
N PHE E 144 2.45 39.41 12.37
CA PHE E 144 2.12 39.08 10.99
C PHE E 144 3.24 39.45 10.03
N ALA E 145 3.97 40.53 10.33
CA ALA E 145 5.13 40.88 9.52
C ALA E 145 6.25 39.84 9.65
N ALA E 146 6.38 39.22 10.82
CA ALA E 146 7.41 38.21 10.99
C ALA E 146 7.06 36.91 10.28
N TYR E 147 5.76 36.57 10.21
CA TYR E 147 5.34 35.42 9.43
C TYR E 147 5.58 35.66 7.94
N ALA E 148 5.24 36.85 7.45
CA ALA E 148 5.37 37.12 6.02
C ALA E 148 6.81 36.98 5.53
N ARG E 149 7.79 37.29 6.39
CA ARG E 149 9.20 37.17 5.99
C ARG E 149 9.59 35.72 5.71
N LEU E 150 8.91 34.77 6.31
CA LEU E 150 9.21 33.37 6.12
C LEU E 150 8.48 32.75 4.94
N LEU E 151 7.75 33.54 4.17
CA LEU E 151 7.05 33.01 3.01
C LEU E 151 7.78 33.39 1.74
N PRO E 152 7.47 32.74 0.62
CA PRO E 152 8.07 33.16 -0.65
C PRO E 152 7.72 34.60 -0.96
N ARG E 153 8.64 35.27 -1.66
CA ARG E 153 8.49 36.65 -2.08
C ARG E 153 8.75 36.75 -3.57
N ARG E 154 8.08 37.70 -4.21
CA ARG E 154 8.39 38.05 -5.59
C ARG E 154 7.94 39.50 -5.78
N LEU E 155 8.90 40.42 -5.68
CA LEU E 155 8.63 41.86 -5.76
C LEU E 155 9.22 42.38 -7.07
N SER E 156 8.34 42.60 -8.05
CA SER E 156 8.73 42.90 -9.43
C SER E 156 8.73 44.41 -9.66
N GLY E 157 9.65 45.07 -8.97
CA GLY E 157 9.68 46.53 -8.99
C GLY E 157 8.45 47.12 -8.33
N ARG E 158 8.01 48.20 -8.86
CA ARG E 158 6.87 48.92 -8.34
C ARG E 158 5.63 48.52 -9.14
N PRO E 159 4.46 48.47 -8.51
CA PRO E 159 3.24 48.00 -9.21
C PRO E 159 2.93 48.91 -10.39
N PRO E 160 2.48 48.34 -11.50
CA PRO E 160 2.11 49.17 -12.65
C PRO E 160 0.84 49.94 -12.38
N ARG E 161 0.61 50.94 -13.21
CA ARG E 161 -0.62 51.72 -13.18
C ARG E 161 -1.46 51.25 -14.35
N VAL E 162 -2.66 50.77 -14.07
CA VAL E 162 -3.44 49.99 -15.02
C VAL E 162 -4.77 50.67 -15.25
N TRP E 163 -5.17 50.78 -16.52
CA TRP E 163 -6.56 51.01 -16.85
C TRP E 163 -7.18 49.66 -17.22
N CYS E 164 -8.35 49.37 -16.65
CA CYS E 164 -8.98 48.05 -16.73
C CYS E 164 -10.41 48.22 -17.24
N SER E 165 -10.85 47.35 -18.15
CA SER E 165 -12.18 47.55 -18.72
C SER E 165 -13.32 47.00 -17.85
N TRP E 166 -13.02 46.21 -16.82
CA TRP E 166 -14.08 45.40 -16.23
C TRP E 166 -15.12 46.25 -15.50
N TYR E 167 -14.67 47.19 -14.66
CA TYR E 167 -15.58 47.85 -13.75
C TYR E 167 -16.25 49.08 -14.36
N SER E 168 -16.29 49.17 -15.67
CA SER E 168 -17.15 50.16 -16.31
C SER E 168 -18.01 49.50 -17.38
N PHE E 169 -17.42 48.67 -18.24
CA PHE E 169 -18.17 48.04 -19.31
C PHE E 169 -18.56 46.60 -19.05
N TYR E 170 -17.94 45.94 -18.07
CA TYR E 170 -18.16 44.51 -17.79
C TYR E 170 -17.96 43.74 -19.08
N THR E 171 -18.85 42.81 -19.46
CA THR E 171 -18.64 42.00 -20.65
C THR E 171 -19.01 42.72 -21.95
N ARG E 172 -19.61 43.91 -21.89
CA ARG E 172 -20.00 44.66 -23.08
C ARG E 172 -18.81 45.42 -23.66
N ILE E 173 -17.78 44.68 -24.06
CA ILE E 173 -16.61 45.30 -24.65
C ILE E 173 -16.53 44.89 -26.11
N GLY E 174 -15.84 45.72 -26.88
CA GLY E 174 -15.69 45.50 -28.31
C GLY E 174 -14.47 46.23 -28.78
N GLU E 175 -13.95 45.79 -29.92
CA GLU E 175 -12.72 46.36 -30.46
C GLU E 175 -12.87 47.84 -30.71
N ASP E 176 -13.99 48.26 -31.33
CA ASP E 176 -14.20 49.68 -31.64
C ASP E 176 -14.28 50.51 -30.37
N LEU E 177 -15.11 50.09 -29.41
CA LEU E 177 -15.30 50.85 -28.17
C LEU E 177 -13.99 51.03 -27.40
N LEU E 178 -13.17 49.97 -27.33
CA LEU E 178 -11.93 50.07 -26.57
C LEU E 178 -10.88 50.89 -27.31
N LEU E 179 -10.95 50.97 -28.64
CA LEU E 179 -10.04 51.85 -29.37
C LEU E 179 -10.35 53.32 -29.08
N ARG E 180 -11.62 53.67 -28.94
CA ARG E 180 -11.93 55.05 -28.57
C ARG E 180 -11.51 55.33 -27.14
N VAL E 181 -11.78 54.39 -26.23
CA VAL E 181 -11.39 54.59 -24.84
C VAL E 181 -9.88 54.67 -24.72
N LEU E 182 -9.16 53.86 -25.51
CA LEU E 182 -7.70 53.89 -25.51
C LEU E 182 -7.18 55.28 -25.84
N ASP E 183 -7.81 55.93 -26.83
CA ASP E 183 -7.46 57.31 -27.17
C ASP E 183 -7.51 58.23 -25.95
N GLU E 184 -8.63 58.21 -25.22
CA GLU E 184 -8.75 59.07 -24.05
C GLU E 184 -7.83 58.61 -22.92
N VAL E 185 -7.71 57.30 -22.72
CA VAL E 185 -6.90 56.78 -21.62
C VAL E 185 -5.43 57.15 -21.84
N ALA E 186 -4.98 57.20 -23.09
CA ALA E 186 -3.56 57.44 -23.36
C ALA E 186 -3.10 58.82 -22.91
N ALA E 187 -4.02 59.76 -22.71
CA ALA E 187 -3.64 61.08 -22.20
C ALA E 187 -3.23 61.05 -20.73
N PHE E 188 -3.55 59.99 -20.00
CA PHE E 188 -3.28 59.92 -18.57
C PHE E 188 -2.01 59.11 -18.28
N SER E 189 -1.50 59.24 -17.07
CA SER E 189 -0.25 58.58 -16.71
C SER E 189 -0.46 57.09 -16.38
N PHE E 190 -1.09 56.34 -17.27
CA PHE E 190 -1.19 54.90 -17.11
C PHE E 190 0.00 54.22 -17.76
N GLU E 191 0.25 52.99 -17.33
CA GLU E 191 1.29 52.16 -17.94
C GLU E 191 0.76 50.91 -18.63
N VAL E 192 -0.46 50.47 -18.31
CA VAL E 192 -1.06 49.26 -18.85
C VAL E 192 -2.50 49.55 -19.23
N PHE E 193 -2.92 49.09 -20.41
CA PHE E 193 -4.31 49.12 -20.84
C PHE E 193 -4.77 47.67 -20.92
N GLN E 194 -5.65 47.26 -20.00
CA GLN E 194 -5.94 45.85 -19.80
C GLN E 194 -7.37 45.53 -20.21
N ILE E 195 -7.51 44.62 -21.18
CA ILE E 195 -8.80 44.12 -21.65
C ILE E 195 -9.24 42.97 -20.74
N ASP E 196 -10.44 43.07 -20.18
CA ASP E 196 -10.88 42.09 -19.22
C ASP E 196 -11.86 41.10 -19.87
N ASP E 197 -12.71 40.50 -19.05
CA ASP E 197 -13.69 39.53 -19.52
C ASP E 197 -14.58 40.17 -20.58
N GLY E 198 -14.83 39.43 -21.66
CA GLY E 198 -15.68 39.89 -22.73
C GLY E 198 -15.10 39.83 -24.13
N TRP E 199 -13.79 39.59 -24.25
CA TRP E 199 -13.18 39.48 -25.56
C TRP E 199 -13.23 38.07 -26.16
N GLN E 200 -13.44 37.04 -25.34
CA GLN E 200 -13.31 35.65 -25.75
C GLN E 200 -14.63 35.08 -26.27
N ARG E 201 -14.52 33.96 -27.00
CA ARG E 201 -15.73 33.29 -27.50
C ARG E 201 -16.43 32.50 -26.40
N ALA E 202 -15.69 31.93 -25.47
CA ALA E 202 -16.24 31.09 -24.41
C ALA E 202 -15.15 30.77 -23.41
N LEU E 203 -15.57 30.29 -22.24
CA LEU E 203 -14.61 29.68 -21.34
C LEU E 203 -14.00 28.45 -21.98
N GLY E 204 -12.68 28.41 -22.09
CA GLY E 204 -12.02 27.33 -22.80
C GLY E 204 -11.85 27.58 -24.28
N ASP E 205 -12.51 28.59 -24.84
CA ASP E 205 -12.36 29.03 -26.23
C ASP E 205 -11.79 30.46 -26.22
N TRP E 206 -10.51 30.57 -25.87
CA TRP E 206 -9.82 31.84 -25.70
C TRP E 206 -9.34 32.37 -27.05
N GLU E 207 -10.32 32.78 -27.85
CA GLU E 207 -10.17 33.33 -29.18
C GLU E 207 -11.19 34.44 -29.31
N PRO E 208 -10.88 35.49 -30.07
CA PRO E 208 -11.76 36.66 -30.08
C PRO E 208 -13.12 36.37 -30.68
N ASN E 209 -14.16 36.84 -30.02
CA ASN E 209 -15.52 36.74 -30.54
C ASN E 209 -15.74 37.78 -31.64
N ASP E 210 -16.98 37.89 -32.09
CA ASP E 210 -17.32 38.72 -33.24
C ASP E 210 -17.08 40.20 -33.01
N ARG E 211 -17.12 40.65 -31.76
CA ARG E 211 -16.90 42.05 -31.46
C ARG E 211 -15.43 42.44 -31.49
N PHE E 212 -14.52 41.52 -31.82
CA PHE E 212 -13.10 41.82 -32.00
C PHE E 212 -12.62 41.33 -33.37
N PRO E 213 -13.20 41.86 -34.47
CA PRO E 213 -12.94 41.26 -35.79
C PRO E 213 -11.48 41.30 -36.22
N ARG E 214 -10.71 42.33 -35.87
CA ARG E 214 -9.32 42.33 -36.32
C ARG E 214 -8.39 41.51 -35.44
N GLY E 215 -8.90 40.86 -34.40
CA GLY E 215 -8.09 39.97 -33.60
C GLY E 215 -7.33 40.69 -32.50
N MET E 216 -6.88 39.89 -31.52
CA MET E 216 -6.32 40.45 -30.31
C MET E 216 -4.93 41.01 -30.51
N ALA E 217 -4.16 40.48 -31.48
CA ALA E 217 -2.81 41.00 -31.68
C ALA E 217 -2.84 42.41 -32.24
N PHE E 218 -3.88 42.74 -33.01
CA PHE E 218 -4.01 44.09 -33.55
C PHE E 218 -4.29 45.10 -32.44
N LEU E 219 -5.29 44.80 -31.60
CA LEU E 219 -5.59 45.63 -30.44
C LEU E 219 -4.35 45.92 -29.60
N ALA E 220 -3.52 44.90 -29.34
CA ALA E 220 -2.35 45.14 -28.51
C ALA E 220 -1.34 46.05 -29.20
N GLU E 221 -1.23 45.98 -30.53
CA GLU E 221 -0.27 46.83 -31.22
C GLU E 221 -0.71 48.29 -31.22
N ARG E 222 -2.02 48.54 -31.39
CA ARG E 222 -2.55 49.88 -31.18
C ARG E 222 -2.26 50.39 -29.77
N ILE E 223 -2.33 49.51 -28.77
CA ILE E 223 -2.08 49.93 -27.38
C ILE E 223 -0.62 50.29 -27.19
N ARG E 224 0.30 49.46 -27.70
CA ARG E 224 1.72 49.80 -27.61
C ARG E 224 2.04 51.04 -28.42
N GLU E 225 1.35 51.23 -29.55
CA GLU E 225 1.50 52.42 -30.38
C GLU E 225 1.19 53.70 -29.62
N ARG E 226 0.52 53.62 -28.46
CA ARG E 226 0.25 54.80 -27.64
C ARG E 226 1.07 54.80 -26.36
N GLY E 227 2.17 54.05 -26.32
CA GLY E 227 3.04 54.04 -25.17
C GLY E 227 2.57 53.20 -24.01
N LEU E 228 1.61 52.31 -24.21
CA LEU E 228 1.05 51.52 -23.13
C LEU E 228 1.31 50.03 -23.35
N ARG E 229 1.65 49.34 -22.27
CA ARG E 229 1.64 47.89 -22.29
C ARG E 229 0.21 47.38 -22.39
N ALA E 230 0.05 46.23 -23.04
CA ALA E 230 -1.25 45.65 -23.29
C ALA E 230 -1.52 44.52 -22.28
N GLY E 231 -2.73 44.51 -21.72
CA GLY E 231 -3.10 43.55 -20.70
C GLY E 231 -4.32 42.75 -21.13
N LEU E 232 -4.34 41.47 -20.79
CA LEU E 232 -5.43 40.57 -21.17
C LEU E 232 -5.79 39.65 -19.99
N TRP E 233 -7.06 39.26 -19.95
CA TRP E 233 -7.68 38.50 -18.88
C TRP E 233 -7.99 37.08 -19.34
N PHE E 234 -7.65 36.09 -18.50
CA PHE E 234 -8.07 34.70 -18.72
C PHE E 234 -8.61 34.10 -17.44
N ALA E 235 -9.45 33.06 -17.59
CA ALA E 235 -9.82 32.15 -16.50
C ALA E 235 -9.41 30.75 -16.96
N PRO E 236 -8.12 30.43 -16.92
CA PRO E 236 -7.60 29.32 -17.75
C PRO E 236 -8.12 27.93 -17.37
N PHE E 237 -8.46 27.67 -16.10
CA PHE E 237 -8.88 26.34 -15.69
C PHE E 237 -10.39 26.23 -15.48
N LEU E 238 -11.16 27.14 -16.04
CA LEU E 238 -12.60 27.19 -15.85
C LEU E 238 -13.30 26.89 -17.15
N VAL E 239 -14.41 26.15 -17.07
CA VAL E 239 -15.11 25.72 -18.26
C VAL E 239 -16.58 25.51 -17.88
N THR E 240 -17.48 25.63 -18.85
CA THR E 240 -18.89 25.33 -18.62
C THR E 240 -19.32 24.15 -19.48
N ALA E 241 -20.53 23.65 -19.21
CA ALA E 241 -21.06 22.55 -20.02
C ALA E 241 -21.17 22.94 -21.50
N ASP E 242 -21.47 24.20 -21.79
CA ASP E 242 -21.57 24.70 -23.16
C ASP E 242 -20.22 24.87 -23.85
N SER E 243 -19.12 24.81 -23.12
CA SER E 243 -17.83 25.05 -23.77
C SER E 243 -17.52 23.92 -24.74
N PRO E 244 -17.10 24.24 -25.96
CA PRO E 244 -16.63 23.17 -26.88
C PRO E 244 -15.60 22.25 -26.23
N LEU E 245 -14.63 22.82 -25.50
CA LEU E 245 -13.59 22.01 -24.87
C LEU E 245 -14.17 21.00 -23.87
N PHE E 246 -15.25 21.36 -23.19
CA PHE E 246 -15.91 20.41 -22.29
C PHE E 246 -16.35 19.16 -23.03
N GLN E 247 -16.82 19.32 -24.28
CA GLN E 247 -17.28 18.19 -25.06
C GLN E 247 -16.12 17.51 -25.79
N LYS E 248 -15.18 18.29 -26.33
CA LYS E 248 -14.07 17.69 -27.05
C LYS E 248 -13.15 16.90 -26.14
N ARG E 249 -12.83 17.45 -24.95
CA ARG E 249 -11.85 16.84 -24.03
C ARG E 249 -12.49 16.50 -22.68
N PRO E 250 -13.45 15.56 -22.65
CA PRO E 250 -14.04 15.15 -21.36
C PRO E 250 -13.03 14.61 -20.37
N ASP E 251 -11.94 14.01 -20.86
CA ASP E 251 -10.82 13.57 -20.02
C ASP E 251 -10.04 14.72 -19.41
N TRP E 252 -10.36 15.98 -19.74
CA TRP E 252 -9.71 17.11 -19.11
C TRP E 252 -10.49 17.68 -17.93
N VAL E 253 -11.75 17.29 -17.75
CA VAL E 253 -12.58 17.82 -16.69
C VAL E 253 -12.15 17.23 -15.36
N LEU E 254 -11.99 18.08 -14.35
CA LEU E 254 -11.74 17.61 -13.00
C LEU E 254 -12.93 16.80 -12.50
N ARG E 255 -12.67 15.56 -12.07
CA ARG E 255 -13.72 14.62 -11.69
C ARG E 255 -13.48 14.12 -10.27
N ASP E 256 -14.56 13.70 -9.62
CA ASP E 256 -14.44 13.17 -8.26
C ASP E 256 -14.20 11.66 -8.32
N GLY E 257 -14.30 10.99 -7.16
CA GLY E 257 -14.06 9.56 -7.10
C GLY E 257 -15.04 8.69 -7.89
N GLU E 258 -16.22 9.21 -8.22
CA GLU E 258 -17.19 8.47 -9.03
C GLU E 258 -17.23 8.94 -10.48
N GLY E 259 -16.24 9.72 -10.91
CA GLY E 259 -16.22 10.20 -12.27
C GLY E 259 -17.10 11.39 -12.57
N ARG E 260 -17.84 11.93 -11.58
CA ARG E 260 -18.65 13.11 -11.87
C ARG E 260 -17.79 14.37 -11.85
N PRO E 261 -18.07 15.33 -12.72
CA PRO E 261 -17.33 16.60 -12.70
C PRO E 261 -17.48 17.32 -11.37
N VAL E 262 -16.35 17.80 -10.85
CA VAL E 262 -16.36 18.61 -9.64
C VAL E 262 -16.99 19.97 -9.95
N ARG E 263 -17.90 20.40 -9.08
CA ARG E 263 -18.54 21.70 -9.26
C ARG E 263 -17.58 22.81 -8.87
N ALA E 264 -17.46 23.82 -9.74
CA ALA E 264 -16.57 24.94 -9.46
C ALA E 264 -17.33 26.25 -9.24
N GLY E 265 -18.64 26.18 -9.04
CA GLY E 265 -19.43 27.35 -8.75
C GLY E 265 -20.48 27.71 -9.78
N PHE E 266 -20.97 28.95 -9.70
CA PHE E 266 -22.07 29.41 -10.54
C PHE E 266 -21.82 30.87 -10.91
N ASN E 267 -21.68 31.12 -12.20
CA ASN E 267 -21.36 32.47 -12.68
C ASN E 267 -21.77 32.55 -14.14
N TRP E 268 -21.93 33.77 -14.63
CA TRP E 268 -22.46 34.02 -15.98
C TRP E 268 -23.74 33.21 -16.22
N GLY E 269 -24.55 33.04 -15.17
CA GLY E 269 -25.80 32.33 -15.29
C GLY E 269 -25.73 30.82 -15.46
N ARG E 270 -24.58 30.19 -15.30
CA ARG E 270 -24.47 28.77 -15.54
C ARG E 270 -23.53 28.10 -14.54
N PRO E 271 -23.70 26.79 -14.32
CA PRO E 271 -22.76 26.04 -13.47
C PRO E 271 -21.36 26.02 -14.06
N LEU E 272 -20.39 26.10 -13.18
CA LEU E 272 -18.98 26.13 -13.54
C LEU E 272 -18.33 24.79 -13.22
N TYR E 273 -17.37 24.43 -14.06
CA TYR E 273 -16.60 23.21 -13.91
C TYR E 273 -15.15 23.59 -14.10
N ALA E 274 -14.26 22.68 -13.70
CA ALA E 274 -12.84 22.96 -13.66
C ALA E 274 -12.13 22.03 -14.62
N LEU E 275 -11.01 22.50 -15.17
CA LEU E 275 -10.06 21.63 -15.85
C LEU E 275 -9.07 21.11 -14.83
N ASP E 276 -8.63 19.87 -15.02
CA ASP E 276 -7.83 19.17 -14.01
C ASP E 276 -6.39 19.61 -14.10
N ALA E 277 -5.96 20.42 -13.14
CA ALA E 277 -4.59 20.92 -13.13
C ALA E 277 -3.57 19.84 -12.75
N GLY E 278 -4.03 18.64 -12.37
CA GLY E 278 -3.11 17.54 -12.23
C GLY E 278 -2.81 16.81 -13.51
N ASN E 279 -3.56 17.12 -14.57
CA ASN E 279 -3.37 16.52 -15.89
C ASN E 279 -2.32 17.35 -16.63
N GLU E 280 -1.15 16.75 -16.86
CA GLU E 280 -0.04 17.47 -17.49
C GLU E 280 -0.46 18.09 -18.82
N GLU E 281 -1.38 17.43 -19.53
CA GLU E 281 -1.85 17.96 -20.81
C GLU E 281 -2.61 19.26 -20.61
N VAL E 282 -3.38 19.36 -19.54
CA VAL E 282 -4.15 20.57 -19.28
C VAL E 282 -3.23 21.72 -18.91
N VAL E 283 -2.26 21.46 -18.03
CA VAL E 283 -1.26 22.45 -17.68
C VAL E 283 -0.52 22.94 -18.92
N GLU E 284 -0.19 22.01 -19.82
CA GLU E 284 0.50 22.37 -21.05
C GLU E 284 -0.38 23.29 -21.89
N TRP E 285 -1.67 22.99 -21.97
CA TRP E 285 -2.60 23.80 -22.73
C TRP E 285 -2.75 25.19 -22.11
N ALA E 286 -2.85 25.27 -20.77
CA ALA E 286 -2.98 26.58 -20.14
C ALA E 286 -1.70 27.39 -20.29
N ALA E 287 -0.53 26.74 -20.19
CA ALA E 287 0.71 27.44 -20.50
C ALA E 287 0.74 27.92 -21.96
N ASP E 288 0.12 27.18 -22.88
CA ASP E 288 0.04 27.66 -24.25
C ASP E 288 -0.89 28.85 -24.39
N LEU E 289 -1.83 29.03 -23.46
CA LEU E 289 -2.63 30.27 -23.45
C LEU E 289 -1.76 31.47 -23.08
N VAL E 290 -0.89 31.30 -22.09
CA VAL E 290 0.06 32.34 -21.75
C VAL E 290 0.98 32.62 -22.94
N ARG E 291 1.56 31.57 -23.52
CA ARG E 291 2.42 31.73 -24.68
C ARG E 291 1.68 32.41 -25.84
N LYS E 292 0.44 32.01 -26.12
CA LYS E 292 -0.29 32.69 -27.19
C LYS E 292 -0.50 34.18 -26.88
N ALA E 293 -0.78 34.53 -25.62
CA ALA E 293 -1.03 35.94 -25.30
C ALA E 293 0.23 36.78 -25.44
N LEU E 294 1.38 36.25 -25.01
CA LEU E 294 2.64 36.96 -25.19
C LEU E 294 2.93 37.18 -26.67
N ALA E 295 2.72 36.16 -27.49
CA ALA E 295 2.96 36.31 -28.92
C ALA E 295 2.04 37.35 -29.52
N TRP E 296 0.84 37.49 -28.96
CA TRP E 296 -0.10 38.49 -29.40
C TRP E 296 0.35 39.92 -29.10
N GLY E 297 1.29 40.10 -28.17
CA GLY E 297 1.70 41.43 -27.75
C GLY E 297 1.37 41.80 -26.31
N TYR E 298 0.59 40.99 -25.60
CA TYR E 298 0.26 41.27 -24.20
C TYR E 298 1.37 40.76 -23.29
N ASP E 299 1.85 41.61 -22.38
CA ASP E 299 2.80 41.18 -21.35
C ASP E 299 2.33 41.49 -19.93
N TYR E 300 1.05 41.82 -19.76
CA TYR E 300 0.40 41.92 -18.46
C TYR E 300 -0.84 41.03 -18.53
N LEU E 301 -0.89 40.01 -17.67
CA LEU E 301 -1.96 39.02 -17.75
C LEU E 301 -2.70 38.93 -16.43
N LYS E 302 -4.03 38.98 -16.49
CA LYS E 302 -4.87 38.81 -15.32
C LYS E 302 -5.44 37.40 -15.39
N LEU E 303 -4.91 36.53 -14.54
CA LEU E 303 -5.32 35.14 -14.51
C LEU E 303 -6.31 35.00 -13.38
N ASP E 304 -7.54 34.63 -13.72
CA ASP E 304 -8.67 34.74 -12.83
C ASP E 304 -9.23 33.37 -12.53
N PHE E 305 -10.03 33.31 -11.45
CA PHE E 305 -10.71 32.09 -11.02
C PHE E 305 -9.71 30.97 -10.81
N LEU E 306 -8.53 31.32 -10.30
CA LEU E 306 -7.46 30.35 -10.14
C LEU E 306 -7.73 29.34 -9.03
N TYR E 307 -8.74 29.59 -8.18
CA TYR E 307 -9.18 28.54 -7.26
C TYR E 307 -9.58 27.26 -8.00
N ALA E 308 -10.04 27.37 -9.24
CA ALA E 308 -10.47 26.18 -9.97
C ALA E 308 -9.32 25.17 -10.10
N ALA E 309 -8.09 25.66 -10.19
CA ALA E 309 -6.94 24.77 -10.32
C ALA E 309 -6.56 24.09 -9.01
N ALA E 310 -7.15 24.51 -7.88
CA ALA E 310 -6.76 23.99 -6.57
C ALA E 310 -7.91 23.29 -5.86
N LEU E 311 -9.01 23.03 -6.53
CA LEU E 311 -10.08 22.28 -5.89
C LEU E 311 -9.58 20.89 -5.48
N PRO E 312 -10.10 20.32 -4.40
CA PRO E 312 -11.21 20.79 -3.57
C PRO E 312 -10.81 21.65 -2.38
N GLY E 313 -9.65 22.28 -2.42
CA GLY E 313 -9.27 23.12 -1.29
C GLY E 313 -7.82 22.88 -0.93
N ALA E 314 -7.52 22.90 0.37
CA ALA E 314 -6.15 22.70 0.83
C ALA E 314 -5.49 21.49 0.17
N GLU E 315 -6.28 20.45 -0.10
CA GLU E 315 -5.76 19.22 -0.70
C GLU E 315 -5.25 19.42 -2.12
N GLY E 316 -5.72 20.46 -2.82
CA GLY E 316 -5.32 20.71 -4.17
C GLY E 316 -4.19 21.70 -4.33
N GLU E 317 -3.62 22.19 -3.23
CA GLU E 317 -2.64 23.25 -3.34
C GLU E 317 -1.35 22.76 -3.99
N ALA E 318 -0.91 21.52 -3.70
CA ALA E 318 0.28 20.97 -4.35
C ALA E 318 0.12 20.87 -5.87
N ARG E 319 -1.03 20.37 -6.36
CA ARG E 319 -1.29 20.41 -7.80
C ARG E 319 -1.29 21.84 -8.32
N TYR E 320 -1.95 22.74 -7.60
CA TYR E 320 -2.07 24.12 -8.03
C TYR E 320 -0.71 24.78 -8.19
N ARG E 321 0.18 24.55 -7.23
CA ARG E 321 1.47 25.23 -7.28
C ARG E 321 2.30 24.76 -8.46
N LYS E 322 2.29 23.45 -8.76
CA LYS E 322 3.02 22.93 -9.90
C LYS E 322 2.43 23.45 -11.22
N ALA E 323 1.11 23.53 -11.32
CA ALA E 323 0.49 24.09 -12.53
C ALA E 323 0.87 25.56 -12.70
N MET E 324 0.79 26.34 -11.63
CA MET E 324 1.11 27.76 -11.73
C MET E 324 2.59 27.98 -11.99
N ALA E 325 3.45 27.13 -11.42
CA ALA E 325 4.89 27.24 -11.70
C ALA E 325 5.19 27.08 -13.18
N ARG E 326 4.43 26.23 -13.87
CA ARG E 326 4.63 26.09 -15.30
C ARG E 326 4.14 27.34 -16.03
N LEU E 327 3.02 27.91 -15.58
CA LEU E 327 2.54 29.14 -16.19
C LEU E 327 3.45 30.31 -15.84
N ARG E 328 4.11 30.25 -14.68
CA ARG E 328 5.09 31.27 -14.34
C ARG E 328 6.25 31.25 -15.33
N GLU E 329 6.76 30.05 -15.64
CA GLU E 329 7.88 29.93 -16.57
C GLU E 329 7.46 30.25 -17.98
N ALA E 330 6.25 29.85 -18.38
CA ALA E 330 5.79 30.16 -19.73
C ALA E 330 5.63 31.67 -19.93
N ALA E 331 5.38 32.41 -18.84
CA ALA E 331 5.18 33.86 -18.93
C ALA E 331 6.48 34.63 -18.86
N GLY E 332 7.56 33.99 -18.45
CA GLY E 332 8.82 34.69 -18.35
C GLY E 332 8.70 35.88 -17.43
N GLU E 333 9.10 37.03 -17.93
CA GLU E 333 9.10 38.25 -17.13
C GLU E 333 7.82 39.06 -17.29
N ALA E 334 6.84 38.55 -18.02
CA ALA E 334 5.55 39.21 -18.07
C ALA E 334 5.00 39.37 -16.67
N TYR E 335 4.05 40.29 -16.53
CA TYR E 335 3.42 40.57 -15.25
C TYR E 335 2.19 39.68 -15.10
N LEU E 336 2.17 38.86 -14.05
CA LEU E 336 1.01 38.02 -13.76
C LEU E 336 0.30 38.57 -12.54
N LEU E 337 -0.95 38.96 -12.73
CA LEU E 337 -1.84 39.35 -11.66
C LEU E 337 -2.74 38.15 -11.36
N PHE E 338 -2.64 37.61 -10.14
CA PHE E 338 -3.44 36.46 -9.73
C PHE E 338 -4.75 36.93 -9.11
N CYS E 339 -5.86 36.36 -9.57
CA CYS E 339 -7.19 36.73 -9.10
C CYS E 339 -7.99 35.47 -8.80
N GLY E 340 -8.89 35.55 -7.82
CA GLY E 340 -9.69 34.39 -7.42
C GLY E 340 -8.83 33.23 -6.97
N ALA E 341 -7.71 33.54 -6.38
CA ALA E 341 -6.61 32.61 -6.29
C ALA E 341 -6.33 32.25 -4.85
N PRO E 342 -5.95 31.01 -4.59
CA PRO E 342 -5.37 30.65 -3.29
C PRO E 342 -4.31 31.66 -2.88
N VAL E 343 -4.54 32.36 -1.78
CA VAL E 343 -3.69 33.50 -1.44
C VAL E 343 -2.27 33.03 -1.13
N LEU E 344 -2.11 32.18 -0.11
CA LEU E 344 -0.77 31.87 0.35
C LEU E 344 -0.03 30.97 -0.63
N ALA E 345 -0.72 30.02 -1.25
CA ALA E 345 -0.06 29.11 -2.19
C ALA E 345 0.39 29.81 -3.47
N SER E 346 -0.05 31.05 -3.72
CA SER E 346 0.34 31.81 -4.89
C SER E 346 1.62 32.59 -4.69
N LEU E 347 2.06 32.74 -3.44
CA LEU E 347 3.20 33.60 -3.14
C LEU E 347 4.46 33.07 -3.80
N GLY E 348 5.27 33.99 -4.33
CA GLY E 348 6.46 33.64 -5.07
C GLY E 348 6.26 33.45 -6.56
N LEU E 349 5.03 33.22 -6.99
CA LEU E 349 4.71 33.09 -8.42
C LEU E 349 4.02 34.33 -8.96
N ALA E 350 3.00 34.84 -8.26
CA ALA E 350 2.31 36.05 -8.71
C ALA E 350 3.19 37.28 -8.55
N ASP E 351 3.08 38.21 -9.49
CA ASP E 351 3.60 39.56 -9.32
C ASP E 351 2.61 40.44 -8.57
N GLY E 352 1.34 40.35 -8.93
CA GLY E 352 0.27 41.00 -8.21
C GLY E 352 -0.77 39.98 -7.80
N LEU E 353 -1.37 40.21 -6.62
CA LEU E 353 -2.32 39.28 -6.05
C LEU E 353 -3.54 40.05 -5.52
N ARG E 354 -4.72 39.72 -6.01
CA ARG E 354 -5.95 40.27 -5.45
C ARG E 354 -6.19 39.65 -4.07
N VAL E 355 -6.49 40.49 -3.08
CA VAL E 355 -6.65 40.05 -1.70
C VAL E 355 -8.06 40.26 -1.17
N GLY E 356 -8.99 40.72 -2.00
CA GLY E 356 -10.36 40.84 -1.56
C GLY E 356 -11.37 40.57 -2.66
N PRO E 357 -12.64 40.44 -2.25
CA PRO E 357 -13.74 40.44 -3.21
C PRO E 357 -13.64 41.60 -4.19
N ASP E 358 -14.27 41.42 -5.34
CA ASP E 358 -14.41 42.51 -6.29
C ASP E 358 -14.97 43.76 -5.63
N VAL E 359 -14.41 44.90 -5.99
CA VAL E 359 -15.14 46.14 -5.73
C VAL E 359 -16.36 46.14 -6.65
N ALA E 360 -17.27 47.04 -6.38
CA ALA E 360 -18.44 47.23 -7.22
C ALA E 360 -18.79 48.70 -7.09
N PRO E 361 -19.68 49.24 -7.97
CA PRO E 361 -20.06 50.64 -7.86
C PRO E 361 -21.13 50.88 -6.78
N TYR E 362 -20.95 50.25 -5.62
CA TYR E 362 -21.91 50.36 -4.53
C TYR E 362 -21.26 49.83 -3.26
N TRP E 363 -21.80 50.25 -2.13
CA TRP E 363 -21.19 49.91 -0.85
C TRP E 363 -21.38 48.43 -0.53
N ASP E 364 -22.61 47.94 -0.63
CA ASP E 364 -22.89 46.57 -0.21
C ASP E 364 -24.25 46.11 -0.71
N ASN E 365 -24.28 45.02 -1.48
CA ASN E 365 -25.53 44.37 -1.81
C ASN E 365 -25.94 43.53 -0.59
N GLU E 366 -26.90 44.01 0.18
CA GLU E 366 -27.19 43.34 1.44
C GLU E 366 -28.11 42.14 1.29
N GLU E 367 -28.78 41.98 0.15
CA GLU E 367 -29.40 40.68 -0.11
C GLU E 367 -28.36 39.57 -0.16
N ARG E 368 -27.22 39.82 -0.78
CA ARG E 368 -26.19 38.79 -0.86
C ARG E 368 -25.33 38.75 0.41
N SER E 369 -25.01 39.91 0.98
CA SER E 369 -24.11 39.89 2.13
C SER E 369 -24.80 39.45 3.41
N PHE E 370 -26.08 39.76 3.58
CA PHE E 370 -26.79 39.42 4.80
C PHE E 370 -27.74 38.23 4.62
N TRP E 371 -28.69 38.31 3.69
CA TRP E 371 -29.69 37.26 3.59
C TRP E 371 -29.08 35.94 3.12
N LEU E 372 -28.13 36.01 2.20
CA LEU E 372 -27.42 34.81 1.79
C LEU E 372 -26.12 34.58 2.55
N ALA E 373 -25.76 35.51 3.43
CA ALA E 373 -24.58 35.39 4.28
C ALA E 373 -23.32 35.09 3.46
N ASP E 374 -23.14 35.86 2.38
CA ASP E 374 -22.02 35.71 1.44
C ASP E 374 -21.20 36.99 1.41
N PRO E 375 -20.18 37.12 2.25
CA PRO E 375 -19.34 38.31 2.24
C PRO E 375 -18.27 38.31 1.16
N THR E 376 -18.35 37.44 0.16
CA THR E 376 -17.35 37.35 -0.89
C THR E 376 -17.83 37.94 -2.22
N GLY E 377 -19.05 38.46 -2.26
CA GLY E 377 -19.58 39.00 -3.49
C GLY E 377 -19.09 40.43 -3.71
N PRO E 378 -19.24 40.91 -4.94
CA PRO E 378 -18.80 42.28 -5.26
C PRO E 378 -19.42 43.33 -4.35
N GLY E 379 -18.60 44.30 -3.96
CA GLY E 379 -19.03 45.39 -3.11
C GLY E 379 -17.84 46.04 -2.44
N LEU E 380 -17.84 47.37 -2.34
CA LEU E 380 -16.67 48.05 -1.80
C LEU E 380 -16.40 47.64 -0.36
N ARG E 381 -17.44 47.51 0.45
CA ARG E 381 -17.24 47.13 1.84
C ARG E 381 -16.62 45.75 1.95
N ASN E 382 -17.16 44.77 1.22
CA ASN E 382 -16.58 43.43 1.23
C ASN E 382 -15.14 43.49 0.75
N ALA E 383 -14.89 44.23 -0.32
CA ALA E 383 -13.53 44.42 -0.81
C ALA E 383 -12.62 44.94 0.29
N LEU E 384 -13.03 46.05 0.91
CA LEU E 384 -12.19 46.68 1.92
C LEU E 384 -11.93 45.74 3.10
N ARG E 385 -12.96 44.99 3.53
CA ARG E 385 -12.82 44.21 4.75
C ARG E 385 -11.73 43.15 4.64
N SER E 386 -11.67 42.44 3.51
CA SER E 386 -10.69 41.36 3.36
C SER E 386 -9.30 41.91 3.05
N THR E 387 -9.24 42.93 2.19
CA THR E 387 -7.96 43.56 1.86
C THR E 387 -7.27 44.10 3.10
N LEU E 388 -8.02 44.81 3.95
CA LEU E 388 -7.42 45.37 5.15
C LEU E 388 -6.73 44.32 6.01
N HIS E 389 -7.17 43.06 5.95
CA HIS E 389 -6.57 42.02 6.78
C HIS E 389 -5.54 41.20 6.04
N ARG E 390 -5.17 41.61 4.82
CA ARG E 390 -4.14 40.92 4.07
C ARG E 390 -3.00 41.84 3.65
N LEU E 391 -2.91 43.04 4.24
CA LEU E 391 -1.88 43.98 3.81
C LEU E 391 -0.47 43.53 4.19
N TRP E 392 -0.35 42.67 5.22
CA TRP E 392 0.94 42.09 5.59
C TRP E 392 1.59 41.33 4.44
N LEU E 393 0.84 40.96 3.41
CA LEU E 393 1.43 40.31 2.25
C LEU E 393 2.20 41.25 1.35
N MET E 394 2.26 42.56 1.66
CA MET E 394 3.03 43.49 0.85
C MET E 394 4.52 43.18 0.92
N GLU E 395 4.92 42.36 1.89
CA GLU E 395 6.27 41.81 1.93
C GLU E 395 6.53 40.85 0.77
N ASN E 396 5.48 40.19 0.26
CA ASN E 396 5.67 39.02 -0.59
C ASN E 396 5.20 39.19 -2.02
N VAL E 397 4.37 40.20 -2.31
CA VAL E 397 3.76 40.34 -3.62
C VAL E 397 3.17 41.73 -3.69
N HIS E 398 2.95 42.24 -4.90
CA HIS E 398 2.15 43.44 -5.07
C HIS E 398 0.71 43.14 -4.69
N VAL E 399 0.23 43.80 -3.65
CA VAL E 399 -1.11 43.55 -3.13
C VAL E 399 -2.09 44.43 -3.88
N ASP E 400 -3.02 43.79 -4.59
CA ASP E 400 -4.00 44.51 -5.39
C ASP E 400 -5.29 44.69 -4.60
N PRO E 401 -5.69 45.92 -4.25
CA PRO E 401 -6.94 46.10 -3.51
C PRO E 401 -8.16 46.20 -4.41
N ASP E 402 -7.96 46.05 -5.71
CA ASP E 402 -8.91 46.22 -6.81
C ASP E 402 -9.03 47.71 -7.15
N VAL E 403 -9.84 48.04 -8.16
CA VAL E 403 -9.75 49.37 -8.78
C VAL E 403 -10.27 50.48 -7.86
N VAL E 404 -9.93 51.71 -8.22
CA VAL E 404 -10.36 52.92 -7.53
C VAL E 404 -11.37 53.62 -8.42
N TYR E 405 -12.49 54.03 -7.86
CA TYR E 405 -13.45 54.83 -8.59
C TYR E 405 -13.14 56.31 -8.37
N PHE E 406 -13.25 57.09 -9.43
CA PHE E 406 -13.31 58.54 -9.37
C PHE E 406 -14.60 59.11 -9.95
N ARG E 407 -15.20 58.41 -10.88
CA ARG E 407 -16.46 58.89 -11.45
C ARG E 407 -17.56 58.91 -10.40
N THR E 408 -18.51 59.79 -10.61
CA THR E 408 -19.78 59.70 -9.93
C THR E 408 -20.90 59.29 -10.86
N ARG E 409 -20.68 59.34 -12.17
CA ARG E 409 -21.65 58.81 -13.12
C ARG E 409 -21.50 57.30 -13.18
N PHE E 410 -22.64 56.61 -13.29
CA PHE E 410 -22.67 55.15 -13.36
C PHE E 410 -21.95 54.54 -12.16
N ASN E 411 -22.30 55.04 -10.97
CA ASN E 411 -21.64 54.65 -9.73
C ASN E 411 -22.55 55.09 -8.60
N LEU E 412 -22.77 54.23 -7.62
CA LEU E 412 -23.60 54.58 -6.47
C LEU E 412 -22.78 54.95 -5.26
N LEU E 413 -21.46 54.85 -5.35
CA LEU E 413 -20.61 55.05 -4.18
C LEU E 413 -20.57 56.52 -3.78
N SER E 414 -20.46 56.76 -2.48
CA SER E 414 -20.32 58.13 -2.02
C SER E 414 -18.87 58.58 -2.13
N PRO E 415 -18.63 59.89 -2.24
CA PRO E 415 -17.25 60.38 -2.30
C PRO E 415 -16.43 60.02 -1.09
N GLU E 416 -17.03 59.94 0.09
CA GLU E 416 -16.22 59.49 1.22
C GLU E 416 -15.97 57.99 1.16
N GLU E 417 -16.92 57.20 0.66
CA GLU E 417 -16.69 55.79 0.43
C GLU E 417 -15.55 55.57 -0.57
N MET E 418 -15.56 56.32 -1.66
CA MET E 418 -14.50 56.17 -2.67
C MET E 418 -13.12 56.51 -2.11
N ARG E 419 -13.03 57.42 -1.14
CA ARG E 419 -11.74 57.81 -0.59
C ARG E 419 -11.10 56.68 0.21
N LEU E 420 -11.92 55.84 0.85
CA LEU E 420 -11.37 54.68 1.56
C LEU E 420 -10.62 53.75 0.61
N GLN E 421 -11.22 53.48 -0.57
CA GLN E 421 -10.57 52.66 -1.57
C GLN E 421 -9.33 53.35 -2.12
N GLU E 422 -9.41 54.64 -2.41
CA GLU E 422 -8.24 55.34 -2.94
C GLU E 422 -7.06 55.26 -1.97
N ALA E 423 -7.32 55.38 -0.66
CA ALA E 423 -6.24 55.35 0.32
C ALA E 423 -5.51 54.01 0.33
N LEU E 424 -6.25 52.90 0.16
CA LEU E 424 -5.60 51.59 0.11
C LEU E 424 -4.75 51.41 -1.14
N ALA E 425 -5.12 52.02 -2.27
CA ALA E 425 -4.24 52.03 -3.43
C ALA E 425 -2.95 52.79 -3.14
N HIS E 426 -3.03 53.93 -2.46
CA HIS E 426 -1.82 54.64 -2.09
C HIS E 426 -0.96 53.78 -1.16
N PHE E 427 -1.57 53.12 -0.18
CA PHE E 427 -0.78 52.34 0.76
C PHE E 427 -0.09 51.16 0.07
N THR E 428 -0.82 50.42 -0.76
CA THR E 428 -0.20 49.29 -1.44
C THR E 428 0.66 49.73 -2.62
N GLY E 429 0.42 50.93 -3.16
CA GLY E 429 1.05 51.35 -4.39
C GLY E 429 0.49 50.73 -5.66
N PHE E 430 -0.58 49.94 -5.57
CA PHE E 430 -1.20 49.29 -6.73
C PHE E 430 -2.35 50.16 -7.21
N LYS E 431 -2.14 50.88 -8.30
CA LYS E 431 -3.06 51.92 -8.75
C LYS E 431 -3.71 51.48 -10.04
N ALA E 432 -5.04 51.41 -10.03
CA ALA E 432 -5.80 50.97 -11.19
C ALA E 432 -7.18 51.60 -11.15
N THR E 433 -7.78 51.76 -12.33
CA THR E 433 -9.17 52.20 -12.41
C THR E 433 -9.78 51.65 -13.68
N SER E 434 -11.12 51.65 -13.69
CA SER E 434 -11.91 51.32 -14.85
C SER E 434 -12.66 52.51 -15.42
N ASP E 435 -12.51 53.69 -14.83
CA ASP E 435 -13.27 54.88 -15.23
C ASP E 435 -12.92 55.30 -16.64
N PRO E 436 -13.83 55.17 -17.61
CA PRO E 436 -13.58 55.76 -18.93
C PRO E 436 -13.50 57.27 -18.80
N PRO E 437 -12.40 57.89 -19.27
CA PRO E 437 -12.24 59.35 -19.09
C PRO E 437 -13.45 60.15 -19.55
N SER E 438 -14.14 59.71 -20.60
CA SER E 438 -15.33 60.43 -21.03
C SER E 438 -16.49 60.33 -20.03
N TRP E 439 -16.42 59.45 -19.03
CA TRP E 439 -17.44 59.43 -17.99
C TRP E 439 -17.10 60.34 -16.81
N LEU E 440 -15.89 60.92 -16.80
CA LEU E 440 -15.42 61.74 -15.70
C LEU E 440 -15.77 63.21 -15.94
N LEU E 441 -16.26 63.88 -14.89
CA LEU E 441 -16.34 65.34 -14.90
C LEU E 441 -14.92 65.93 -14.85
N PRO E 442 -14.77 67.21 -15.22
CA PRO E 442 -13.43 67.84 -15.18
C PRO E 442 -12.73 67.78 -13.82
N GLU E 443 -13.44 68.08 -12.75
CA GLU E 443 -12.93 67.88 -11.39
C GLU E 443 -12.39 66.47 -11.19
N GLU E 444 -13.09 65.46 -11.74
CA GLU E 444 -12.70 64.06 -11.55
C GLU E 444 -11.48 63.69 -12.39
N LYS E 445 -11.38 64.24 -13.60
CA LYS E 445 -10.19 64.02 -14.42
C LYS E 445 -8.94 64.50 -13.72
N GLY E 446 -8.99 65.69 -13.12
CA GLY E 446 -7.84 66.20 -12.41
C GLY E 446 -7.47 65.34 -11.22
N ARG E 447 -8.48 64.83 -10.51
CA ARG E 447 -8.19 63.97 -9.38
C ARG E 447 -7.52 62.68 -9.82
N LEU E 448 -8.00 62.10 -10.93
CA LEU E 448 -7.40 60.86 -11.44
C LEU E 448 -5.93 61.07 -11.81
N GLU E 449 -5.62 62.15 -12.51
CA GLU E 449 -4.22 62.39 -12.88
C GLU E 449 -3.34 62.62 -11.66
N ALA E 450 -3.80 63.41 -10.69
CA ALA E 450 -2.98 63.58 -9.49
C ALA E 450 -2.81 62.26 -8.74
N PHE E 451 -3.81 61.38 -8.81
CA PHE E 451 -3.68 60.06 -8.19
C PHE E 451 -2.57 59.24 -8.86
N LEU E 452 -2.58 59.21 -10.20
CA LEU E 452 -1.57 58.45 -10.94
C LEU E 452 -0.19 59.07 -10.80
N ALA E 453 -0.08 60.40 -10.88
CA ALA E 453 1.22 61.05 -11.04
C ALA E 453 1.95 61.29 -9.73
N ARG E 454 1.30 61.09 -8.59
CA ARG E 454 1.89 61.44 -7.31
C ARG E 454 2.07 60.21 -6.43
N GLU E 455 3.03 60.30 -5.55
CA GLU E 455 3.31 59.27 -4.56
C GLU E 455 2.97 59.92 -3.22
N VAL E 456 1.77 59.63 -2.71
CA VAL E 456 1.29 60.22 -1.47
C VAL E 456 1.72 59.30 -0.34
N PRO E 457 2.61 59.74 0.57
CA PRO E 457 3.05 58.88 1.67
C PRO E 457 1.89 58.46 2.56
N VAL E 458 1.80 57.15 2.81
CA VAL E 458 0.81 56.59 3.71
C VAL E 458 1.54 55.84 4.81
N ARG E 459 1.01 55.93 6.02
CA ARG E 459 1.60 55.29 7.18
C ARG E 459 0.47 54.64 7.95
N ARG E 460 0.72 53.47 8.53
CA ARG E 460 -0.28 52.80 9.34
C ARG E 460 -0.12 53.18 10.81
N LEU E 461 -1.19 53.68 11.40
CA LEU E 461 -1.19 54.05 12.81
C LEU E 461 -1.77 52.96 13.69
N GLY E 462 -2.62 52.12 13.13
CA GLY E 462 -3.20 51.01 13.84
C GLY E 462 -3.83 50.06 12.83
N PRO E 463 -4.48 49.01 13.33
CA PRO E 463 -5.10 48.03 12.42
C PRO E 463 -6.06 48.63 11.40
N TYR E 464 -6.77 49.71 11.75
CA TYR E 464 -7.77 50.29 10.85
C TYR E 464 -7.57 51.79 10.68
N ARG E 465 -6.42 52.31 11.07
CA ARG E 465 -6.16 53.73 10.99
C ARG E 465 -4.90 53.95 10.17
N PHE E 466 -5.02 54.72 9.10
CA PHE E 466 -3.88 55.10 8.30
C PHE E 466 -3.78 56.61 8.29
N ARG E 467 -2.58 57.08 8.00
CA ARG E 467 -2.35 58.49 7.73
C ARG E 467 -1.91 58.58 6.28
N VAL E 468 -2.79 59.13 5.43
CA VAL E 468 -2.55 59.28 4.01
C VAL E 468 -2.24 60.73 3.75
N GLY E 469 -1.03 60.99 3.23
CA GLY E 469 -0.48 62.34 3.27
C GLY E 469 -0.59 62.91 4.66
N GLU E 470 -1.34 64.00 4.80
CA GLU E 470 -1.54 64.67 6.07
C GLU E 470 -2.89 64.37 6.70
N GLU E 471 -3.69 63.48 6.11
CA GLU E 471 -5.05 63.18 6.53
C GLU E 471 -5.12 61.80 7.15
N GLU E 472 -5.86 61.68 8.25
CA GLU E 472 -6.04 60.39 8.91
C GLU E 472 -7.33 59.72 8.44
N VAL E 473 -7.24 58.46 8.02
CA VAL E 473 -8.38 57.69 7.51
C VAL E 473 -8.67 56.55 8.48
N ASP E 474 -9.92 56.47 8.92
CA ASP E 474 -10.37 55.48 9.91
C ASP E 474 -11.30 54.48 9.23
N TYR E 475 -10.97 53.19 9.34
CA TYR E 475 -11.76 52.14 8.71
C TYR E 475 -12.58 51.32 9.71
N ALA E 476 -12.30 51.44 11.01
CA ALA E 476 -12.95 50.56 11.99
C ALA E 476 -14.47 50.56 11.91
N PRO E 477 -15.18 51.69 11.69
CA PRO E 477 -16.65 51.63 11.57
C PRO E 477 -17.19 50.55 10.62
N LEU E 478 -16.54 50.31 9.47
CA LEU E 478 -17.10 49.37 8.49
C LEU E 478 -17.05 47.92 8.95
N LEU E 479 -16.28 47.60 9.98
CA LEU E 479 -16.18 46.22 10.47
C LEU E 479 -17.44 45.75 11.20
N GLY F 1 18.90 56.33 -9.73
CA GLY F 1 19.40 55.64 -8.56
C GLY F 1 19.85 56.53 -7.39
N SER F 2 19.37 56.20 -6.20
CA SER F 2 19.68 56.95 -4.99
C SER F 2 21.05 56.54 -4.47
N HIS F 3 21.68 57.45 -3.73
CA HIS F 3 23.00 57.20 -3.18
C HIS F 3 22.88 56.58 -1.81
N MET F 4 23.61 55.50 -1.57
CA MET F 4 23.45 54.72 -0.37
C MET F 4 24.79 54.38 0.24
N ARG F 5 24.79 54.26 1.55
CA ARG F 5 25.96 53.93 2.32
C ARG F 5 25.62 52.70 3.12
N LEU F 6 26.58 51.80 3.26
CA LEU F 6 26.27 50.49 3.77
C LEU F 6 27.46 49.92 4.52
N ASN F 7 27.19 49.27 5.63
CA ASN F 7 28.20 48.45 6.26
C ASN F 7 28.03 47.02 5.78
N LEU F 8 29.06 46.49 5.13
CA LEU F 8 29.00 45.21 4.45
C LEU F 8 30.29 44.48 4.75
N GLY F 9 30.22 43.34 5.43
CA GLY F 9 31.43 42.61 5.77
C GLY F 9 32.40 43.39 6.62
N GLY F 10 31.90 44.29 7.46
CA GLY F 10 32.78 45.08 8.30
C GLY F 10 33.46 46.25 7.60
N ALA F 11 32.91 46.70 6.47
CA ALA F 11 33.48 47.82 5.74
C ALA F 11 32.34 48.73 5.28
N GLU F 12 32.63 50.03 5.21
CA GLU F 12 31.70 50.98 4.62
C GLU F 12 31.79 50.85 3.10
N VAL F 13 30.65 50.64 2.46
CA VAL F 13 30.57 50.46 1.01
C VAL F 13 29.56 51.46 0.48
N PHE F 14 29.99 52.27 -0.48
CA PHE F 14 29.09 53.22 -1.10
C PHE F 14 28.55 52.63 -2.39
N LEU F 15 27.29 52.91 -2.69
CA LEU F 15 26.71 52.32 -3.88
C LEU F 15 25.55 53.18 -4.33
N ARG F 16 25.17 52.97 -5.59
CA ARG F 16 24.05 53.65 -6.21
C ARG F 16 23.11 52.58 -6.74
N ALA F 17 21.86 52.61 -6.27
CA ALA F 17 20.85 51.62 -6.60
C ALA F 17 19.47 52.21 -6.34
N GLU F 18 18.44 51.58 -6.91
CA GLU F 18 17.11 52.07 -6.63
C GLU F 18 16.62 51.61 -5.26
N GLY F 19 16.90 50.35 -4.87
CA GLY F 19 16.50 49.87 -3.56
C GLY F 19 17.57 49.02 -2.90
N LEU F 20 17.40 48.82 -1.59
CA LEU F 20 18.30 47.99 -0.80
C LEU F 20 17.52 47.31 0.31
N GLU F 21 17.91 46.08 0.66
CA GLU F 21 17.32 45.34 1.77
C GLU F 21 18.25 44.23 2.23
N GLU F 22 18.00 43.73 3.43
CA GLU F 22 18.79 42.62 3.96
C GLU F 22 18.59 41.36 3.10
N ALA F 23 19.64 40.57 2.98
CA ALA F 23 19.55 39.28 2.31
C ALA F 23 20.53 38.34 2.99
N PRO F 24 20.21 37.06 3.06
CA PRO F 24 21.14 36.11 3.71
C PRO F 24 22.50 36.14 3.00
N GLY F 25 23.53 36.54 3.75
CA GLY F 25 24.89 36.59 3.24
C GLY F 25 25.32 37.93 2.70
N GLY F 26 24.41 38.89 2.57
CA GLY F 26 24.75 40.21 2.09
C GLY F 26 23.53 41.09 2.01
N VAL F 27 23.28 41.71 0.85
CA VAL F 27 22.13 42.58 0.66
C VAL F 27 21.60 42.37 -0.76
N ARG F 28 20.37 42.82 -0.97
CA ARG F 28 19.70 42.77 -2.26
C ARG F 28 19.49 44.17 -2.79
N LEU F 29 19.97 44.44 -3.98
CA LEU F 29 19.76 45.72 -4.63
C LEU F 29 18.70 45.56 -5.69
N TRP F 30 18.07 46.68 -6.04
CA TRP F 30 17.18 46.75 -7.18
C TRP F 30 17.65 47.84 -8.10
N GLY F 31 17.46 47.64 -9.40
CA GLY F 31 17.79 48.66 -10.37
C GLY F 31 18.26 48.12 -11.71
N ARG F 32 17.83 48.77 -12.79
CA ARG F 32 18.35 48.42 -14.11
C ARG F 32 19.86 48.57 -14.17
N GLU F 33 20.38 49.68 -13.66
CA GLU F 33 21.81 49.84 -13.47
C GLU F 33 22.07 50.12 -12.00
N VAL F 34 23.08 49.45 -11.43
CA VAL F 34 23.53 49.70 -10.06
C VAL F 34 25.05 49.83 -10.07
N ARG F 35 25.57 50.65 -9.14
CA ARG F 35 27.00 50.94 -9.09
C ARG F 35 27.51 50.70 -7.68
N VAL F 36 28.58 49.91 -7.55
CA VAL F 36 29.13 49.57 -6.25
C VAL F 36 30.60 49.96 -6.25
N PHE F 37 31.02 50.67 -5.20
CA PHE F 37 32.38 51.11 -5.15
C PHE F 37 33.12 50.30 -4.11
N PRO F 38 34.24 49.69 -4.45
CA PRO F 38 34.93 48.81 -3.51
C PRO F 38 35.58 49.61 -2.39
N PRO F 39 35.58 49.10 -1.18
CA PRO F 39 36.24 49.81 -0.08
C PRO F 39 37.71 49.44 0.02
N PHE F 40 38.33 49.07 -1.10
CA PHE F 40 39.70 48.58 -1.12
C PHE F 40 40.26 48.75 -2.53
N PRO F 41 41.58 48.70 -2.69
CA PRO F 41 42.17 48.66 -4.05
C PRO F 41 42.10 47.26 -4.62
N ALA F 42 41.38 47.10 -5.73
CA ALA F 42 40.98 45.79 -6.21
C ALA F 42 42.13 45.12 -6.96
N LYS F 43 42.48 43.90 -6.53
CA LYS F 43 43.56 43.13 -7.14
C LYS F 43 43.14 42.44 -8.43
N GLY F 44 41.89 42.02 -8.55
CA GLY F 44 41.48 41.31 -9.74
C GLY F 44 39.98 41.23 -9.86
N PHE F 45 39.53 40.89 -11.07
CA PHE F 45 38.12 40.87 -11.45
C PHE F 45 37.74 39.46 -11.89
N PHE F 46 36.73 38.89 -11.24
CA PHE F 46 36.20 37.60 -11.66
C PHE F 46 35.34 37.82 -12.91
N ARG F 47 35.80 37.32 -14.03
CA ARG F 47 35.12 37.50 -15.30
C ARG F 47 34.34 36.23 -15.58
N HIS F 48 33.01 36.31 -15.52
CA HIS F 48 32.14 35.16 -15.76
C HIS F 48 31.61 35.21 -17.18
N GLY F 49 32.02 34.26 -18.02
CA GLY F 49 31.53 34.19 -19.38
C GLY F 49 30.06 33.79 -19.45
N TRP F 50 29.50 33.95 -20.64
CA TRP F 50 28.06 33.79 -20.83
C TRP F 50 27.62 32.33 -20.80
N GLN F 51 28.24 31.49 -21.63
CA GLN F 51 27.75 30.14 -21.83
C GLN F 51 28.81 29.13 -21.39
N SER F 52 28.43 27.84 -21.50
CA SER F 52 29.28 26.74 -21.07
C SER F 52 30.74 26.92 -21.47
N TRP F 53 30.98 27.20 -22.76
CA TRP F 53 32.33 27.22 -23.28
C TRP F 53 33.05 28.53 -23.01
N SER F 54 32.38 29.53 -22.43
CA SER F 54 33.01 30.83 -22.25
C SER F 54 34.05 30.77 -21.15
N LEU F 55 34.98 31.71 -21.20
CA LEU F 55 35.97 31.83 -20.13
C LEU F 55 35.31 32.27 -18.82
N ALA F 56 35.67 31.59 -17.74
CA ALA F 56 35.31 32.02 -16.39
C ALA F 56 36.58 31.97 -15.57
N ALA F 57 37.06 33.13 -15.12
CA ALA F 57 38.36 33.21 -14.49
C ALA F 57 38.55 34.59 -13.88
N TRP F 58 39.52 34.69 -12.97
CA TRP F 58 39.95 35.98 -12.45
C TRP F 58 40.93 36.62 -13.43
N VAL F 59 40.75 37.92 -13.67
CA VAL F 59 41.61 38.63 -14.60
C VAL F 59 42.08 39.94 -13.97
N ASP F 60 43.16 40.46 -14.53
CA ASP F 60 43.69 41.78 -14.18
C ASP F 60 42.95 42.83 -14.99
N PRO F 61 42.08 43.64 -14.38
CA PRO F 61 41.29 44.60 -15.16
C PRO F 61 42.12 45.75 -15.73
N ALA F 62 43.36 45.94 -15.25
CA ALA F 62 44.25 46.93 -15.84
C ALA F 62 44.60 46.59 -17.29
N GLN F 63 44.90 45.32 -17.57
CA GLN F 63 45.13 44.87 -18.94
C GLN F 63 43.85 44.89 -19.75
N ALA F 64 43.90 45.49 -20.93
CA ALA F 64 42.77 45.43 -21.86
C ALA F 64 42.55 44.00 -22.36
N PRO F 65 41.31 43.63 -22.63
CA PRO F 65 41.04 42.27 -23.11
C PRO F 65 41.53 42.08 -24.54
N THR F 66 41.99 40.88 -24.83
CA THR F 66 42.46 40.62 -26.19
C THR F 66 41.30 40.17 -27.07
N PRO F 67 41.17 40.75 -28.27
CA PRO F 67 40.12 40.29 -29.20
C PRO F 67 40.24 38.80 -29.52
N LEU F 68 39.10 38.12 -29.63
CA LEU F 68 39.04 36.71 -29.98
C LEU F 68 38.98 36.54 -31.50
N LEU F 69 39.85 35.70 -32.04
CA LEU F 69 39.86 35.47 -33.48
C LEU F 69 39.60 34.00 -33.78
N PRO F 70 39.02 33.67 -34.95
CA PRO F 70 38.50 34.63 -35.94
C PRO F 70 37.15 35.21 -35.53
N GLU F 71 36.83 36.36 -36.11
CA GLU F 71 35.58 37.08 -35.81
C GLU F 71 34.38 36.17 -35.99
N ALA F 72 34.44 35.28 -36.98
CA ALA F 72 33.33 34.41 -37.31
C ALA F 72 33.01 33.41 -36.20
N ARG F 73 33.94 33.18 -35.27
CA ARG F 73 33.71 32.25 -34.18
C ARG F 73 33.23 32.91 -32.89
N ARG F 74 33.18 34.24 -32.85
CA ARG F 74 32.70 34.92 -31.66
C ARG F 74 31.30 34.51 -31.21
N PRO F 75 30.29 34.36 -32.08
CA PRO F 75 28.94 34.03 -31.58
C PRO F 75 28.83 32.70 -30.86
N GLN F 76 29.73 31.74 -31.11
CA GLN F 76 29.78 30.49 -30.36
C GLN F 76 30.82 30.50 -29.23
N ALA F 77 31.47 31.63 -28.98
CA ALA F 77 32.43 31.69 -27.88
C ALA F 77 31.89 32.34 -26.62
N ASP F 78 30.92 33.25 -26.72
CA ASP F 78 30.51 34.05 -25.58
C ASP F 78 29.34 34.93 -25.99
N ASP F 79 28.89 35.77 -25.08
CA ASP F 79 28.00 36.86 -25.42
C ASP F 79 28.73 37.77 -26.41
N PRO F 80 28.18 37.98 -27.61
CA PRO F 80 28.86 38.83 -28.60
C PRO F 80 29.25 40.19 -28.07
N PHE F 81 28.39 40.81 -27.26
CA PHE F 81 28.72 42.07 -26.61
C PHE F 81 30.03 41.97 -25.82
N LEU F 82 30.15 40.94 -24.99
CA LEU F 82 31.33 40.77 -24.15
C LEU F 82 32.62 40.69 -24.97
N LEU F 83 32.53 40.25 -26.22
CA LEU F 83 33.69 40.07 -27.07
C LEU F 83 33.96 41.26 -27.99
N GLU F 84 33.08 42.26 -28.01
CA GLU F 84 33.36 43.49 -28.73
C GLU F 84 33.75 44.64 -27.82
N ALA F 85 33.41 44.57 -26.54
CA ALA F 85 33.73 45.66 -25.64
C ALA F 85 35.23 45.75 -25.44
N GLY F 86 35.70 46.97 -25.19
CA GLY F 86 37.08 47.13 -24.82
C GLY F 86 37.29 47.17 -23.34
N ALA F 87 36.22 47.02 -22.57
CA ALA F 87 36.28 46.89 -21.13
C ALA F 87 36.06 45.43 -20.74
N TRP F 88 36.27 45.15 -19.46
CA TRP F 88 36.03 43.81 -18.90
C TRP F 88 34.59 43.71 -18.42
N TRP F 89 33.74 43.12 -19.26
CA TRP F 89 32.35 42.82 -18.90
C TRP F 89 32.19 41.34 -18.59
N GLY F 90 31.30 41.04 -17.66
CA GLY F 90 30.93 39.69 -17.33
C GLY F 90 29.44 39.46 -17.55
N SER F 91 29.05 38.21 -17.41
CA SER F 91 27.67 37.80 -17.64
C SER F 91 27.04 37.43 -16.30
N GLY F 92 25.97 38.11 -15.94
CA GLY F 92 25.30 37.79 -14.69
C GLY F 92 25.93 38.19 -13.38
N VAL F 93 27.21 37.88 -13.17
CA VAL F 93 27.86 38.11 -11.88
C VAL F 93 29.29 38.56 -12.11
N GLY F 94 29.74 39.50 -11.27
CA GLY F 94 31.14 39.88 -11.21
C GLY F 94 31.59 40.04 -9.77
N ALA F 95 32.90 40.07 -9.58
CA ALA F 95 33.45 40.27 -8.25
C ALA F 95 34.79 40.96 -8.35
N LEU F 96 35.15 41.68 -7.28
CA LEU F 96 36.46 42.30 -7.14
C LEU F 96 37.20 41.64 -5.97
N ARG F 97 38.50 41.46 -6.14
CA ARG F 97 39.34 40.79 -5.17
C ARG F 97 40.09 41.81 -4.32
N GLY F 98 39.94 41.71 -3.01
CA GLY F 98 40.61 42.60 -2.08
C GLY F 98 42.05 42.19 -1.79
N PRO F 99 42.84 43.13 -1.24
CA PRO F 99 44.24 42.80 -0.88
C PRO F 99 44.37 41.70 0.16
N ASP F 100 43.29 41.35 0.86
CA ASP F 100 43.27 40.25 1.81
C ASP F 100 42.71 38.96 1.23
N GLY F 101 42.41 38.94 -0.06
CA GLY F 101 41.81 37.77 -0.68
C GLY F 101 40.33 37.60 -0.48
N ARG F 102 39.67 38.52 0.24
CA ARG F 102 38.22 38.50 0.23
C ARG F 102 37.70 39.06 -1.10
N ALA F 103 36.40 38.92 -1.31
CA ALA F 103 35.82 39.25 -2.60
C ALA F 103 34.53 40.01 -2.40
N LEU F 104 34.34 41.04 -3.22
CA LEU F 104 33.11 41.80 -3.27
C LEU F 104 32.37 41.34 -4.51
N LEU F 105 31.20 40.73 -4.32
CA LEU F 105 30.45 40.09 -5.39
C LEU F 105 29.18 40.87 -5.69
N LEU F 106 28.92 41.08 -6.97
CA LEU F 106 27.65 41.63 -7.44
C LEU F 106 27.11 40.65 -8.47
N GLY F 107 25.92 40.12 -8.21
CA GLY F 107 25.33 39.06 -9.02
C GLY F 107 23.87 39.29 -9.31
N ALA F 108 23.47 39.21 -10.57
CA ALA F 108 22.07 39.40 -10.90
C ALA F 108 21.24 38.22 -10.41
N LEU F 109 19.99 38.52 -10.04
CA LEU F 109 19.01 37.54 -9.61
C LEU F 109 17.89 37.36 -10.63
N ASP F 110 18.00 38.03 -11.78
CA ASP F 110 17.05 37.89 -12.88
C ASP F 110 17.82 37.82 -14.17
N LEU F 111 17.11 37.60 -15.26
CA LEU F 111 17.71 37.35 -16.55
C LEU F 111 18.29 38.63 -17.16
N GLY F 112 19.30 38.43 -18.01
CA GLY F 112 19.71 39.44 -18.97
C GLY F 112 20.61 40.53 -18.44
N ALA F 113 21.47 40.24 -17.47
CA ALA F 113 22.35 41.25 -16.90
C ALA F 113 23.80 40.97 -17.24
N ARG F 114 24.55 42.06 -17.36
CA ARG F 114 25.99 42.02 -17.48
C ARG F 114 26.60 42.84 -16.35
N VAL F 115 27.86 42.54 -16.04
CA VAL F 115 28.56 43.19 -14.94
C VAL F 115 29.89 43.70 -15.46
N LEU F 116 30.10 45.01 -15.34
CA LEU F 116 31.34 45.65 -15.74
C LEU F 116 32.30 45.72 -14.57
N GLY F 117 33.54 45.32 -14.80
CA GLY F 117 34.55 45.40 -13.77
C GLY F 117 35.70 46.33 -14.11
N ARG F 118 36.00 47.24 -13.17
CA ARG F 118 37.25 47.98 -13.12
C ARG F 118 37.83 47.83 -11.73
N GLU F 119 39.09 48.24 -11.58
CA GLU F 119 39.75 48.21 -10.28
C GLU F 119 39.06 49.09 -9.24
N ASP F 120 38.22 50.04 -9.67
CA ASP F 120 37.56 50.97 -8.77
C ASP F 120 36.03 50.87 -8.77
N LEU F 121 35.45 49.91 -9.47
CA LEU F 121 33.99 49.91 -9.60
C LEU F 121 33.50 48.53 -10.04
N LEU F 122 32.30 48.19 -9.57
CA LEU F 122 31.47 47.13 -10.13
C LEU F 122 30.18 47.78 -10.61
N LEU F 123 29.89 47.64 -11.91
CA LEU F 123 28.69 48.20 -12.49
C LEU F 123 27.86 47.04 -13.05
N GLY F 124 26.64 46.90 -12.56
CA GLY F 124 25.71 45.91 -13.05
C GLY F 124 24.66 46.60 -13.89
N ARG F 125 24.44 46.07 -15.09
CA ARG F 125 23.48 46.64 -16.02
C ARG F 125 22.63 45.55 -16.64
N TYR F 126 21.32 45.65 -16.47
CA TYR F 126 20.39 44.78 -17.16
C TYR F 126 20.17 45.30 -18.57
N ALA F 127 20.31 44.40 -19.55
CA ALA F 127 20.07 44.77 -20.94
C ALA F 127 18.63 45.21 -21.14
N GLY F 128 17.68 44.47 -20.57
CA GLY F 128 16.28 44.83 -20.64
C GLY F 128 15.83 45.71 -19.48
N LYS F 129 14.69 45.37 -18.88
CA LYS F 129 14.18 46.11 -17.74
C LYS F 129 14.89 45.69 -16.46
N GLY F 130 14.91 46.61 -15.49
CA GLY F 130 15.57 46.37 -14.21
C GLY F 130 15.24 45.08 -13.47
N GLY F 131 15.98 44.83 -12.39
CA GLY F 131 15.76 43.63 -11.62
C GLY F 131 16.61 43.63 -10.37
N ALA F 132 16.62 42.50 -9.69
CA ALA F 132 17.27 42.44 -8.39
C ALA F 132 18.73 42.04 -8.51
N TRP F 133 19.48 42.29 -7.45
CA TRP F 133 20.89 42.00 -7.39
C TRP F 133 21.21 41.44 -6.03
N PHE F 134 22.31 40.69 -5.95
CA PHE F 134 22.86 40.27 -4.69
C PHE F 134 24.26 40.84 -4.57
N LEU F 135 24.53 41.47 -3.43
CA LEU F 135 25.79 42.12 -3.15
C LEU F 135 26.31 41.57 -1.84
N ALA F 136 27.58 41.20 -1.82
CA ALA F 136 28.11 40.52 -0.66
C ALA F 136 29.61 40.73 -0.63
N TYR F 137 30.14 40.82 0.58
CA TYR F 137 31.56 41.03 0.81
C TYR F 137 32.00 40.01 1.84
N GLY F 138 32.93 39.16 1.47
CA GLY F 138 33.42 38.18 2.41
C GLY F 138 34.37 37.19 1.76
N PRO F 139 34.60 36.07 2.46
CA PRO F 139 35.42 35.00 1.89
C PRO F 139 34.93 34.59 0.51
N GLU F 140 35.89 34.40 -0.40
CA GLU F 140 35.61 34.16 -1.81
C GLU F 140 34.57 33.08 -2.00
N GLU F 141 34.73 31.96 -1.28
CA GLU F 141 33.87 30.80 -1.51
C GLU F 141 32.51 30.97 -0.87
N GLU F 142 32.45 31.56 0.32
CA GLU F 142 31.16 31.76 0.95
C GLU F 142 30.32 32.75 0.17
N VAL F 143 30.96 33.76 -0.39
CA VAL F 143 30.22 34.80 -1.08
C VAL F 143 29.60 34.26 -2.38
N PHE F 144 30.34 33.41 -3.10
CA PHE F 144 29.76 32.75 -4.27
C PHE F 144 28.73 31.69 -3.87
N ALA F 145 28.94 31.03 -2.73
CA ALA F 145 27.97 30.05 -2.26
C ALA F 145 26.67 30.73 -1.86
N ALA F 146 26.76 31.89 -1.20
CA ALA F 146 25.55 32.61 -0.82
C ALA F 146 24.80 33.10 -2.05
N TYR F 147 25.53 33.54 -3.07
CA TYR F 147 24.87 33.98 -4.30
C TYR F 147 24.13 32.81 -4.97
N ALA F 148 24.78 31.66 -5.04
CA ALA F 148 24.14 30.52 -5.70
C ALA F 148 22.86 30.11 -4.96
N ARG F 149 22.80 30.36 -3.65
CA ARG F 149 21.63 29.94 -2.88
C ARG F 149 20.39 30.75 -3.21
N LEU F 150 20.52 31.87 -3.90
CA LEU F 150 19.39 32.68 -4.31
C LEU F 150 19.02 32.48 -5.76
N LEU F 151 19.65 31.53 -6.43
CA LEU F 151 19.35 31.22 -7.81
C LEU F 151 18.53 29.94 -7.89
N PRO F 152 17.76 29.74 -8.98
CA PRO F 152 16.97 28.51 -9.11
C PRO F 152 17.80 27.24 -8.94
N ARG F 153 17.13 26.17 -8.50
CA ARG F 153 17.74 24.88 -8.23
C ARG F 153 17.00 23.77 -8.97
N ARG F 154 17.74 22.73 -9.38
CA ARG F 154 17.14 21.48 -9.83
C ARG F 154 18.21 20.39 -9.62
N LEU F 155 18.18 19.76 -8.46
CA LEU F 155 19.15 18.71 -8.13
C LEU F 155 18.43 17.35 -8.15
N SER F 156 18.68 16.60 -9.22
CA SER F 156 18.00 15.33 -9.50
C SER F 156 18.86 14.20 -8.95
N GLY F 157 18.82 14.03 -7.63
CA GLY F 157 19.59 12.96 -6.99
C GLY F 157 21.04 12.97 -7.44
N ARG F 158 21.52 11.84 -7.89
CA ARG F 158 22.89 11.77 -8.37
C ARG F 158 22.93 11.78 -9.89
N PRO F 159 23.99 12.31 -10.47
CA PRO F 159 24.07 12.31 -11.94
C PRO F 159 24.33 10.89 -12.45
N PRO F 160 23.68 10.50 -13.54
CA PRO F 160 23.98 9.19 -14.12
C PRO F 160 25.42 9.12 -14.58
N ARG F 161 25.95 7.89 -14.62
CA ARG F 161 27.24 7.63 -15.23
C ARG F 161 27.03 7.33 -16.72
N VAL F 162 27.75 8.04 -17.57
CA VAL F 162 27.43 8.12 -18.99
C VAL F 162 28.61 7.63 -19.82
N TRP F 163 28.32 6.78 -20.81
CA TRP F 163 29.26 6.55 -21.89
C TRP F 163 28.77 7.31 -23.11
N CYS F 164 29.65 8.06 -23.73
CA CYS F 164 29.34 9.06 -24.75
C CYS F 164 30.22 8.80 -25.96
N SER F 165 29.66 8.91 -27.16
CA SER F 165 30.40 8.52 -28.35
C SER F 165 31.33 9.60 -28.92
N TRP F 166 31.31 10.82 -28.39
CA TRP F 166 31.88 11.94 -29.14
C TRP F 166 33.41 12.00 -29.07
N TYR F 167 33.98 11.91 -27.87
CA TYR F 167 35.42 12.10 -27.70
C TYR F 167 36.23 10.84 -27.98
N SER F 168 35.69 9.91 -28.75
CA SER F 168 36.52 8.89 -29.38
C SER F 168 36.26 8.85 -30.89
N PHE F 169 34.98 8.81 -31.29
CA PHE F 169 34.65 8.65 -32.71
C PHE F 169 34.23 9.93 -33.41
N TYR F 170 34.02 11.01 -32.66
CA TYR F 170 33.48 12.26 -33.21
C TYR F 170 32.31 11.94 -34.15
N THR F 171 32.26 12.53 -35.34
CA THR F 171 31.10 12.31 -36.18
C THR F 171 31.13 10.97 -36.93
N ARG F 172 32.20 10.20 -36.84
CA ARG F 172 32.31 8.97 -37.62
C ARG F 172 31.74 7.80 -36.82
N ILE F 173 30.44 7.87 -36.59
CA ILE F 173 29.69 6.87 -35.84
C ILE F 173 28.68 6.21 -36.78
N GLY F 174 28.26 5.02 -36.39
CA GLY F 174 27.27 4.29 -37.16
C GLY F 174 26.65 3.22 -36.29
N GLU F 175 25.53 2.71 -36.78
CA GLU F 175 24.76 1.72 -36.03
C GLU F 175 25.61 0.48 -35.73
N ASP F 176 26.30 -0.05 -36.75
CA ASP F 176 27.07 -1.27 -36.55
C ASP F 176 28.21 -1.06 -35.55
N LEU F 177 28.96 0.03 -35.71
CA LEU F 177 30.07 0.31 -34.81
C LEU F 177 29.60 0.50 -33.37
N LEU F 178 28.49 1.22 -33.15
CA LEU F 178 28.00 1.47 -31.80
C LEU F 178 27.38 0.24 -31.14
N LEU F 179 26.81 -0.69 -31.93
CA LEU F 179 26.41 -1.97 -31.36
C LEU F 179 27.61 -2.76 -30.85
N ARG F 180 28.73 -2.74 -31.59
CA ARG F 180 29.93 -3.43 -31.10
C ARG F 180 30.46 -2.78 -29.83
N VAL F 181 30.51 -1.45 -29.79
CA VAL F 181 31.02 -0.79 -28.60
C VAL F 181 30.06 -0.98 -27.44
N LEU F 182 28.75 -0.91 -27.72
CA LEU F 182 27.76 -1.08 -26.66
C LEU F 182 28.01 -2.37 -25.89
N ASP F 183 28.22 -3.45 -26.64
CA ASP F 183 28.54 -4.75 -26.06
C ASP F 183 29.72 -4.70 -25.11
N GLU F 184 30.78 -3.96 -25.48
CA GLU F 184 31.93 -3.83 -24.59
C GLU F 184 31.62 -2.92 -23.40
N VAL F 185 30.96 -1.78 -23.66
CA VAL F 185 30.66 -0.83 -22.59
C VAL F 185 29.74 -1.46 -21.55
N ALA F 186 28.80 -2.30 -22.00
CA ALA F 186 27.82 -2.93 -21.10
C ALA F 186 28.46 -3.74 -19.98
N ALA F 187 29.74 -4.07 -20.08
CA ALA F 187 30.42 -4.77 -19.00
C ALA F 187 30.87 -3.85 -17.87
N PHE F 188 30.67 -2.54 -17.99
CA PHE F 188 31.08 -1.57 -16.97
C PHE F 188 29.86 -0.96 -16.30
N SER F 189 30.10 -0.33 -15.15
CA SER F 189 29.03 0.22 -14.34
C SER F 189 28.57 1.59 -14.85
N PHE F 190 28.12 1.61 -16.09
CA PHE F 190 27.47 2.77 -16.69
C PHE F 190 25.95 2.69 -16.50
N GLU F 191 25.31 3.86 -16.51
CA GLU F 191 23.86 3.89 -16.54
C GLU F 191 23.31 4.39 -17.87
N VAL F 192 24.06 5.19 -18.61
CA VAL F 192 23.60 5.76 -19.88
C VAL F 192 24.62 5.40 -20.95
N PHE F 193 24.09 4.99 -22.12
CA PHE F 193 24.86 4.90 -23.35
C PHE F 193 24.31 5.96 -24.29
N GLN F 194 25.10 6.98 -24.57
CA GLN F 194 24.63 8.17 -25.26
C GLN F 194 25.29 8.30 -26.62
N ILE F 195 24.48 8.34 -27.67
CA ILE F 195 24.95 8.57 -29.03
C ILE F 195 25.05 10.07 -29.25
N ASP F 196 26.22 10.52 -29.67
CA ASP F 196 26.44 11.95 -29.80
C ASP F 196 26.27 12.38 -31.27
N ASP F 197 26.92 13.49 -31.63
CA ASP F 197 26.76 14.07 -32.96
C ASP F 197 27.25 13.07 -34.01
N GLY F 198 26.43 12.87 -35.05
CA GLY F 198 26.84 12.07 -36.18
C GLY F 198 25.81 11.06 -36.62
N TRP F 199 24.71 10.94 -35.87
CA TRP F 199 23.62 10.06 -36.27
C TRP F 199 22.68 10.73 -37.25
N GLN F 200 22.65 12.06 -37.29
CA GLN F 200 21.63 12.83 -37.98
C GLN F 200 22.01 13.06 -39.43
N ARG F 201 21.04 13.51 -40.22
CA ARG F 201 21.27 13.80 -41.62
C ARG F 201 21.81 15.22 -41.79
N ALA F 202 21.30 16.16 -41.00
CA ALA F 202 21.71 17.56 -41.06
C ALA F 202 21.15 18.24 -39.82
N LEU F 203 21.76 19.37 -39.46
CA LEU F 203 21.17 20.22 -38.43
C LEU F 203 19.78 20.67 -38.91
N GLY F 204 18.76 20.41 -38.10
CA GLY F 204 17.40 20.67 -38.51
C GLY F 204 16.75 19.56 -39.30
N ASP F 205 17.50 18.50 -39.63
CA ASP F 205 16.97 17.26 -40.21
C ASP F 205 17.36 16.16 -39.25
N TRP F 206 16.61 16.04 -38.17
CA TRP F 206 16.96 15.17 -37.05
C TRP F 206 16.31 13.79 -37.20
N GLU F 207 16.64 13.15 -38.32
CA GLU F 207 16.32 11.79 -38.70
C GLU F 207 17.61 11.02 -38.98
N PRO F 208 17.62 9.70 -38.79
CA PRO F 208 18.84 8.91 -39.00
C PRO F 208 19.39 9.03 -40.42
N ASN F 209 20.72 9.10 -40.54
CA ASN F 209 21.41 9.05 -41.82
C ASN F 209 21.70 7.59 -42.22
N ASP F 210 22.35 7.43 -43.38
CA ASP F 210 22.57 6.11 -44.00
C ASP F 210 23.42 5.18 -43.16
N ARG F 211 24.21 5.69 -42.22
CA ARG F 211 24.99 4.81 -41.35
C ARG F 211 24.16 4.30 -40.18
N PHE F 212 22.92 4.75 -40.06
CA PHE F 212 21.96 4.24 -39.08
C PHE F 212 20.72 3.70 -39.82
N PRO F 213 20.91 2.70 -40.69
CA PRO F 213 19.81 2.27 -41.56
C PRO F 213 18.59 1.69 -40.84
N ARG F 214 18.75 1.10 -39.68
CA ARG F 214 17.59 0.58 -38.98
C ARG F 214 16.98 1.59 -38.02
N GLY F 215 17.53 2.81 -37.93
CA GLY F 215 16.86 3.88 -37.20
C GLY F 215 17.26 3.97 -35.75
N MET F 216 16.71 4.99 -35.09
CA MET F 216 17.13 5.35 -33.74
C MET F 216 16.32 4.64 -32.67
N ALA F 217 15.06 4.32 -32.94
CA ALA F 217 14.28 3.52 -31.99
C ALA F 217 14.83 2.10 -31.90
N PHE F 218 15.29 1.54 -33.03
CA PHE F 218 16.01 0.28 -33.00
C PHE F 218 17.21 0.34 -32.06
N LEU F 219 18.04 1.38 -32.20
CA LEU F 219 19.25 1.49 -31.41
C LEU F 219 18.94 1.73 -29.93
N ALA F 220 17.91 2.52 -29.63
CA ALA F 220 17.56 2.67 -28.21
C ALA F 220 17.07 1.36 -27.61
N GLU F 221 16.33 0.57 -28.38
CA GLU F 221 15.88 -0.73 -27.87
C GLU F 221 17.06 -1.66 -27.60
N ARG F 222 18.05 -1.69 -28.49
CA ARG F 222 19.22 -2.52 -28.24
C ARG F 222 19.97 -2.05 -26.99
N ILE F 223 20.03 -0.74 -26.76
CA ILE F 223 20.71 -0.25 -25.56
C ILE F 223 19.94 -0.67 -24.31
N ARG F 224 18.61 -0.57 -24.35
CA ARG F 224 17.82 -0.91 -23.18
C ARG F 224 17.78 -2.42 -22.91
N GLU F 225 17.90 -3.24 -23.96
CA GLU F 225 17.98 -4.68 -23.76
C GLU F 225 19.25 -5.12 -23.03
N ARG F 226 20.15 -4.19 -22.73
CA ARG F 226 21.37 -4.48 -21.97
C ARG F 226 21.38 -3.82 -20.60
N GLY F 227 20.25 -3.31 -20.13
CA GLY F 227 20.21 -2.70 -18.82
C GLY F 227 20.60 -1.23 -18.76
N LEU F 228 20.84 -0.59 -19.89
CA LEU F 228 21.25 0.81 -19.95
C LEU F 228 20.12 1.70 -20.47
N ARG F 229 20.13 2.95 -20.00
CA ARG F 229 19.32 4.00 -20.58
C ARG F 229 19.98 4.51 -21.85
N ALA F 230 19.16 4.96 -22.77
CA ALA F 230 19.64 5.44 -24.06
C ALA F 230 19.65 6.96 -24.07
N GLY F 231 20.80 7.55 -24.42
CA GLY F 231 20.95 8.98 -24.54
C GLY F 231 21.12 9.39 -25.99
N LEU F 232 20.62 10.57 -26.32
CA LEU F 232 20.71 11.11 -27.67
C LEU F 232 21.11 12.58 -27.63
N TRP F 233 21.83 13.01 -28.66
CA TRP F 233 22.38 14.35 -28.79
C TRP F 233 21.58 15.13 -29.84
N PHE F 234 21.15 16.35 -29.48
CA PHE F 234 20.56 17.31 -30.41
C PHE F 234 21.23 18.67 -30.29
N ALA F 235 21.18 19.44 -31.38
CA ALA F 235 21.47 20.89 -31.37
C ALA F 235 20.25 21.58 -31.96
N PRO F 236 19.19 21.76 -31.16
CA PRO F 236 17.86 22.00 -31.74
C PRO F 236 17.68 23.36 -32.41
N PHE F 237 18.42 24.40 -32.01
CA PHE F 237 18.20 25.71 -32.60
C PHE F 237 19.28 26.09 -33.61
N LEU F 238 20.12 25.15 -34.00
CA LEU F 238 21.17 25.38 -34.98
C LEU F 238 20.73 24.84 -36.34
N VAL F 239 21.22 25.49 -37.39
CA VAL F 239 20.91 25.10 -38.75
C VAL F 239 22.03 25.65 -39.64
N THR F 240 22.21 25.04 -40.81
CA THR F 240 23.20 25.52 -41.77
C THR F 240 22.48 25.91 -43.07
N ALA F 241 23.18 26.62 -43.95
CA ALA F 241 22.53 27.09 -45.17
C ALA F 241 22.17 25.93 -46.10
N ASP F 242 22.91 24.82 -46.02
CA ASP F 242 22.59 23.64 -46.82
C ASP F 242 21.54 22.75 -46.17
N SER F 243 21.12 23.03 -44.94
CA SER F 243 20.10 22.20 -44.32
C SER F 243 18.78 22.36 -45.06
N PRO F 244 18.08 21.26 -45.35
CA PRO F 244 16.76 21.38 -45.99
C PRO F 244 15.81 22.29 -45.23
N LEU F 245 15.87 22.29 -43.89
CA LEU F 245 15.01 23.15 -43.09
C LEU F 245 15.22 24.63 -43.41
N PHE F 246 16.48 25.01 -43.63
CA PHE F 246 16.81 26.39 -43.96
C PHE F 246 16.08 26.84 -45.22
N GLN F 247 16.00 25.96 -46.23
CA GLN F 247 15.34 26.31 -47.47
C GLN F 247 13.83 26.17 -47.37
N LYS F 248 13.37 25.26 -46.51
CA LYS F 248 11.97 24.91 -46.39
C LYS F 248 11.20 25.86 -45.48
N ARG F 249 11.81 26.27 -44.36
CA ARG F 249 11.18 27.16 -43.41
C ARG F 249 12.05 28.40 -43.17
N PRO F 250 12.29 29.18 -44.22
CA PRO F 250 13.15 30.37 -44.04
C PRO F 250 12.54 31.39 -43.10
N ASP F 251 11.24 31.25 -42.81
CA ASP F 251 10.56 32.04 -41.79
C ASP F 251 10.95 31.62 -40.37
N TRP F 252 11.68 30.53 -40.21
CA TRP F 252 12.14 30.11 -38.89
C TRP F 252 13.55 30.57 -38.58
N VAL F 253 14.28 31.07 -39.57
CA VAL F 253 15.64 31.55 -39.37
C VAL F 253 15.62 32.83 -38.53
N LEU F 254 16.45 32.87 -37.49
CA LEU F 254 16.64 34.10 -36.73
C LEU F 254 17.26 35.16 -37.63
N ARG F 255 16.61 36.30 -37.74
CA ARG F 255 17.01 37.35 -38.66
C ARG F 255 17.13 38.66 -37.89
N ASP F 256 17.93 39.56 -38.45
CA ASP F 256 18.11 40.85 -37.81
C ASP F 256 17.07 41.83 -38.37
N GLY F 257 17.18 43.10 -38.00
CA GLY F 257 16.25 44.13 -38.42
C GLY F 257 16.14 44.33 -39.92
N GLU F 258 17.15 43.93 -40.70
CA GLU F 258 17.10 44.04 -42.15
C GLU F 258 16.84 42.70 -42.83
N GLY F 259 16.30 41.72 -42.10
CA GLY F 259 16.01 40.43 -42.69
C GLY F 259 17.20 39.55 -42.93
N ARG F 260 18.39 39.95 -42.48
CA ARG F 260 19.52 39.07 -42.74
C ARG F 260 19.65 38.03 -41.63
N PRO F 261 19.95 36.78 -41.99
CA PRO F 261 20.16 35.74 -40.97
C PRO F 261 21.28 36.10 -40.01
N VAL F 262 20.96 36.03 -38.72
CA VAL F 262 21.95 36.23 -37.65
C VAL F 262 23.01 35.13 -37.71
N ARG F 263 24.28 35.53 -37.62
CA ARG F 263 25.37 34.56 -37.68
C ARG F 263 25.55 33.91 -36.32
N ALA F 264 25.62 32.58 -36.30
CA ALA F 264 25.71 31.84 -35.05
C ALA F 264 27.03 31.11 -34.92
N GLY F 265 28.01 31.43 -35.77
CA GLY F 265 29.34 30.86 -35.65
C GLY F 265 29.83 30.14 -36.88
N PHE F 266 30.81 29.27 -36.67
CA PHE F 266 31.49 28.56 -37.76
C PHE F 266 31.93 27.22 -37.21
N ASN F 267 31.41 26.14 -37.79
CA ASN F 267 31.65 24.79 -37.27
C ASN F 267 31.29 23.77 -38.34
N TRP F 268 31.87 22.58 -38.20
CA TRP F 268 31.75 21.53 -39.22
C TRP F 268 32.11 22.11 -40.59
N GLY F 269 33.10 23.01 -40.61
CA GLY F 269 33.51 23.70 -41.82
C GLY F 269 32.45 24.57 -42.50
N ARG F 270 31.39 24.95 -41.80
CA ARG F 270 30.35 25.74 -42.42
C ARG F 270 29.99 26.93 -41.54
N PRO F 271 29.54 28.04 -42.13
CA PRO F 271 28.89 29.08 -41.32
C PRO F 271 27.62 28.55 -40.68
N LEU F 272 27.35 29.01 -39.46
CA LEU F 272 26.22 28.55 -38.67
C LEU F 272 25.12 29.60 -38.59
N TYR F 273 23.87 29.15 -38.58
CA TYR F 273 22.71 30.00 -38.39
C TYR F 273 21.84 29.44 -37.28
N ALA F 274 20.86 30.23 -36.87
CA ALA F 274 20.05 29.92 -35.71
C ALA F 274 18.59 29.87 -36.13
N LEU F 275 17.84 28.93 -35.57
CA LEU F 275 16.40 29.04 -35.64
C LEU F 275 15.93 30.04 -34.58
N ASP F 276 14.80 30.71 -34.87
CA ASP F 276 14.31 31.78 -34.01
C ASP F 276 13.55 31.20 -32.82
N ALA F 277 14.16 31.24 -31.64
CA ALA F 277 13.49 30.70 -30.46
C ALA F 277 12.46 31.67 -29.87
N GLY F 278 12.25 32.82 -30.49
CA GLY F 278 11.07 33.58 -30.18
C GLY F 278 9.91 33.28 -31.09
N ASN F 279 10.07 32.35 -32.01
CA ASN F 279 9.01 31.91 -32.90
C ASN F 279 8.32 30.70 -32.27
N GLU F 280 7.03 30.86 -31.95
CA GLU F 280 6.25 29.82 -31.28
C GLU F 280 6.27 28.50 -32.06
N GLU F 281 6.32 28.58 -33.40
CA GLU F 281 6.40 27.36 -34.20
C GLU F 281 7.71 26.63 -33.97
N VAL F 282 8.81 27.40 -33.88
CA VAL F 282 10.11 26.79 -33.72
C VAL F 282 10.19 26.06 -32.39
N VAL F 283 9.68 26.69 -31.33
CA VAL F 283 9.70 26.09 -30.00
C VAL F 283 8.85 24.82 -29.98
N GLU F 284 7.67 24.84 -30.61
CA GLU F 284 6.86 23.63 -30.69
C GLU F 284 7.59 22.53 -31.45
N TRP F 285 8.25 22.89 -32.53
CA TRP F 285 8.99 21.92 -33.32
C TRP F 285 10.16 21.34 -32.52
N ALA F 286 10.88 22.17 -31.76
CA ALA F 286 11.94 21.68 -30.91
C ALA F 286 11.39 20.81 -29.78
N ALA F 287 10.24 21.18 -29.21
CA ALA F 287 9.60 20.31 -28.23
C ALA F 287 9.18 18.98 -28.86
N ASP F 288 8.79 18.99 -30.14
CA ASP F 288 8.48 17.72 -30.82
C ASP F 288 9.71 16.86 -30.98
N LEU F 289 10.87 17.47 -31.22
CA LEU F 289 12.11 16.69 -31.25
C LEU F 289 12.33 15.97 -29.93
N VAL F 290 12.04 16.64 -28.81
CA VAL F 290 12.20 15.99 -27.51
C VAL F 290 11.17 14.87 -27.35
N ARG F 291 9.93 15.12 -27.78
CA ARG F 291 8.92 14.06 -27.73
C ARG F 291 9.31 12.88 -28.60
N LYS F 292 9.80 13.14 -29.81
CA LYS F 292 10.18 12.05 -30.70
C LYS F 292 11.28 11.20 -30.09
N ALA F 293 12.25 11.82 -29.42
CA ALA F 293 13.35 11.05 -28.83
C ALA F 293 12.86 10.20 -27.66
N LEU F 294 11.96 10.73 -26.84
CA LEU F 294 11.35 9.91 -25.79
C LEU F 294 10.56 8.75 -26.40
N ALA F 295 9.79 9.02 -27.46
CA ALA F 295 9.04 7.95 -28.12
C ALA F 295 9.96 6.91 -28.76
N TRP F 296 11.14 7.33 -29.22
CA TRP F 296 12.12 6.38 -29.73
C TRP F 296 12.72 5.52 -28.64
N GLY F 297 12.58 5.91 -27.37
CA GLY F 297 13.14 5.19 -26.26
C GLY F 297 14.31 5.85 -25.54
N TYR F 298 14.63 7.10 -25.86
CA TYR F 298 15.71 7.84 -25.20
C TYR F 298 15.14 8.65 -24.05
N ASP F 299 15.77 8.56 -22.87
CA ASP F 299 15.34 9.38 -21.75
C ASP F 299 16.53 10.10 -21.10
N TYR F 300 17.59 10.31 -21.86
CA TYR F 300 18.69 11.19 -21.48
C TYR F 300 19.03 11.97 -22.74
N LEU F 301 18.93 13.29 -22.69
CA LEU F 301 19.09 14.11 -23.89
C LEU F 301 20.17 15.14 -23.66
N LYS F 302 21.18 15.16 -24.54
CA LYS F 302 22.20 16.19 -24.57
C LYS F 302 21.75 17.23 -25.58
N LEU F 303 21.34 18.39 -25.07
CA LEU F 303 20.87 19.51 -25.87
C LEU F 303 22.01 20.52 -25.97
N ASP F 304 22.54 20.70 -27.17
CA ASP F 304 23.82 21.37 -27.41
C ASP F 304 23.64 22.63 -28.24
N PHE F 305 24.72 23.42 -28.30
CA PHE F 305 24.77 24.71 -29.01
C PHE F 305 23.56 25.59 -28.65
N LEU F 306 23.19 25.58 -27.38
CA LEU F 306 21.95 26.21 -26.96
C LEU F 306 22.03 27.73 -26.96
N TYR F 307 23.27 28.29 -26.95
CA TYR F 307 23.43 29.74 -27.09
C TYR F 307 22.69 30.27 -28.30
N ALA F 308 22.45 29.40 -29.30
CA ALA F 308 21.73 29.85 -30.49
C ALA F 308 20.31 30.27 -30.16
N ALA F 309 19.72 29.67 -29.12
CA ALA F 309 18.36 30.07 -28.77
C ALA F 309 18.36 31.39 -27.99
N ALA F 310 19.53 31.92 -27.63
CA ALA F 310 19.64 33.12 -26.83
C ALA F 310 20.40 34.26 -27.51
N LEU F 311 20.80 34.12 -28.77
CA LEU F 311 21.40 35.24 -29.48
C LEU F 311 20.44 36.43 -29.46
N PRO F 312 20.93 37.67 -29.30
CA PRO F 312 22.34 38.11 -29.39
C PRO F 312 23.14 38.10 -28.10
N GLY F 313 22.59 37.57 -27.02
CA GLY F 313 23.30 37.60 -25.75
C GLY F 313 22.33 37.86 -24.62
N ALA F 314 22.75 38.64 -23.62
CA ALA F 314 21.91 38.98 -22.47
C ALA F 314 20.48 39.36 -22.89
N GLU F 315 20.35 40.11 -23.99
CA GLU F 315 19.02 40.53 -24.43
C GLU F 315 18.16 39.36 -24.90
N GLY F 316 18.77 38.23 -25.22
CA GLY F 316 18.02 37.08 -25.67
C GLY F 316 17.73 36.02 -24.62
N GLU F 317 18.16 36.23 -23.37
CA GLU F 317 17.96 35.24 -22.33
C GLU F 317 16.49 35.04 -21.99
N ALA F 318 15.66 36.06 -22.09
CA ALA F 318 14.25 35.89 -21.74
C ALA F 318 13.57 34.94 -22.72
N ARG F 319 13.82 35.13 -24.02
CA ARG F 319 13.25 34.22 -25.00
C ARG F 319 13.90 32.84 -24.92
N TYR F 320 15.18 32.79 -24.60
CA TYR F 320 15.86 31.51 -24.39
C TYR F 320 15.22 30.72 -23.26
N ARG F 321 15.07 31.34 -22.09
CA ARG F 321 14.54 30.61 -20.94
C ARG F 321 13.13 30.11 -21.20
N LYS F 322 12.29 30.92 -21.84
CA LYS F 322 10.94 30.46 -22.14
C LYS F 322 10.95 29.27 -23.07
N ALA F 323 11.81 29.28 -24.10
CA ALA F 323 11.89 28.13 -25.00
C ALA F 323 12.43 26.90 -24.28
N MET F 324 13.46 27.05 -23.45
CA MET F 324 13.95 25.90 -22.69
C MET F 324 12.90 25.37 -21.70
N ALA F 325 12.05 26.26 -21.17
CA ALA F 325 11.03 25.82 -20.23
C ALA F 325 9.97 24.98 -20.93
N ARG F 326 9.74 25.23 -22.21
CA ARG F 326 8.85 24.37 -22.99
C ARG F 326 9.50 23.02 -23.30
N LEU F 327 10.81 23.01 -23.57
CA LEU F 327 11.50 21.74 -23.77
C LEU F 327 11.55 20.92 -22.48
N ARG F 328 11.78 21.60 -21.35
CA ARG F 328 11.73 20.94 -20.05
C ARG F 328 10.38 20.27 -19.82
N GLU F 329 9.28 20.93 -20.20
CA GLU F 329 7.97 20.32 -20.06
C GLU F 329 7.83 19.10 -20.96
N ALA F 330 8.23 19.21 -22.23
CA ALA F 330 8.10 18.08 -23.14
C ALA F 330 8.94 16.89 -22.72
N ALA F 331 10.03 17.12 -22.00
CA ALA F 331 10.92 16.06 -21.55
C ALA F 331 10.38 15.29 -20.35
N GLY F 332 9.40 15.82 -19.64
CA GLY F 332 8.94 15.16 -18.44
C GLY F 332 10.05 15.06 -17.41
N GLU F 333 10.35 13.84 -17.00
CA GLU F 333 11.43 13.56 -16.05
C GLU F 333 12.69 13.02 -16.75
N ALA F 334 12.73 13.03 -18.07
CA ALA F 334 13.95 12.68 -18.77
C ALA F 334 15.07 13.61 -18.32
N TYR F 335 16.30 13.10 -18.36
CA TYR F 335 17.46 13.86 -17.95
C TYR F 335 17.92 14.74 -19.11
N LEU F 336 18.01 16.06 -18.87
CA LEU F 336 18.45 17.02 -19.87
C LEU F 336 19.80 17.56 -19.45
N LEU F 337 20.79 17.39 -20.33
CA LEU F 337 22.12 17.93 -20.12
C LEU F 337 22.27 19.11 -21.06
N PHE F 338 22.40 20.32 -20.51
CA PHE F 338 22.55 21.54 -21.32
C PHE F 338 24.02 21.78 -21.65
N CYS F 339 24.31 21.94 -22.94
CA CYS F 339 25.68 22.16 -23.39
C CYS F 339 25.71 23.38 -24.31
N GLY F 340 26.87 24.03 -24.36
CA GLY F 340 27.02 25.26 -25.13
C GLY F 340 26.04 26.33 -24.70
N ALA F 341 25.74 26.37 -23.41
CA ALA F 341 24.48 26.89 -22.93
C ALA F 341 24.69 28.10 -22.04
N PRO F 342 23.85 29.14 -22.17
CA PRO F 342 23.83 30.23 -21.18
C PRO F 342 23.77 29.68 -19.76
N VAL F 343 24.79 29.97 -18.97
CA VAL F 343 24.96 29.22 -17.73
C VAL F 343 23.86 29.58 -16.73
N LEU F 344 23.86 30.83 -16.25
CA LEU F 344 22.93 31.18 -15.18
C LEU F 344 21.48 31.07 -15.65
N ALA F 345 21.20 31.43 -16.90
CA ALA F 345 19.82 31.42 -17.36
C ALA F 345 19.25 30.01 -17.54
N SER F 346 20.09 28.98 -17.39
CA SER F 346 19.66 27.60 -17.50
C SER F 346 19.26 26.99 -16.16
N LEU F 347 19.61 27.65 -15.05
CA LEU F 347 19.45 27.05 -13.73
C LEU F 347 17.98 26.78 -13.41
N GLY F 348 17.72 25.59 -12.86
CA GLY F 348 16.36 25.17 -12.59
C GLY F 348 15.66 24.49 -13.74
N LEU F 349 16.18 24.59 -14.96
CA LEU F 349 15.65 23.82 -16.07
C LEU F 349 16.52 22.61 -16.41
N ALA F 350 17.84 22.76 -16.32
CA ALA F 350 18.75 21.67 -16.63
C ALA F 350 18.93 20.75 -15.44
N ASP F 351 19.05 19.45 -15.72
CA ASP F 351 19.55 18.53 -14.71
C ASP F 351 21.06 18.54 -14.66
N GLY F 352 21.71 18.61 -15.83
CA GLY F 352 23.14 18.78 -15.90
C GLY F 352 23.49 19.95 -16.80
N LEU F 353 24.59 20.61 -16.45
CA LEU F 353 25.06 21.78 -17.19
C LEU F 353 26.56 21.65 -17.41
N ARG F 354 26.96 21.61 -18.68
CA ARG F 354 28.36 21.80 -19.04
C ARG F 354 28.79 23.22 -18.66
N VAL F 355 29.92 23.32 -17.98
CA VAL F 355 30.39 24.57 -17.42
C VAL F 355 31.76 24.97 -17.95
N GLY F 356 32.29 24.25 -18.93
CA GLY F 356 33.56 24.56 -19.53
C GLY F 356 33.64 24.17 -20.99
N PRO F 357 34.67 24.65 -21.68
CA PRO F 357 34.89 24.22 -23.07
C PRO F 357 35.07 22.70 -23.14
N ASP F 358 34.94 22.16 -24.35
CA ASP F 358 35.16 20.74 -24.55
C ASP F 358 36.54 20.33 -24.04
N VAL F 359 36.59 19.17 -23.39
CA VAL F 359 37.90 18.54 -23.27
C VAL F 359 38.35 18.08 -24.65
N ALA F 360 39.63 17.76 -24.75
CA ALA F 360 40.21 17.26 -25.98
C ALA F 360 41.30 16.29 -25.56
N PRO F 361 41.77 15.45 -26.47
CA PRO F 361 42.85 14.53 -26.11
C PRO F 361 44.20 15.21 -26.16
N TYR F 362 44.27 16.43 -25.65
CA TYR F 362 45.50 17.20 -25.61
C TYR F 362 45.30 18.32 -24.61
N TRP F 363 46.43 18.81 -24.08
CA TRP F 363 46.37 19.83 -23.05
C TRP F 363 45.87 21.17 -23.59
N ASP F 364 46.49 21.67 -24.65
CA ASP F 364 46.14 22.99 -25.16
C ASP F 364 46.55 23.10 -26.61
N ASN F 365 45.64 23.57 -27.45
CA ASN F 365 46.01 23.95 -28.82
C ASN F 365 46.47 25.40 -28.76
N GLU F 366 47.79 25.59 -28.71
CA GLU F 366 48.38 26.91 -28.54
C GLU F 366 48.01 27.86 -29.68
N GLU F 367 47.87 27.34 -30.89
CA GLU F 367 47.51 28.18 -32.03
C GLU F 367 46.14 28.80 -31.84
N ARG F 368 45.22 28.08 -31.22
CA ARG F 368 43.91 28.66 -30.95
C ARG F 368 43.87 29.43 -29.63
N SER F 369 44.54 28.96 -28.58
CA SER F 369 44.44 29.64 -27.28
C SER F 369 45.24 30.93 -27.25
N PHE F 370 46.39 30.95 -27.90
CA PHE F 370 47.30 32.07 -27.83
C PHE F 370 47.22 32.94 -29.08
N TRP F 371 47.64 32.41 -30.23
CA TRP F 371 47.69 33.23 -31.45
C TRP F 371 46.32 33.75 -31.86
N LEU F 372 45.27 32.94 -31.71
CA LEU F 372 43.91 33.41 -31.97
C LEU F 372 43.18 33.90 -30.73
N ALA F 373 43.82 33.84 -29.56
CA ALA F 373 43.26 34.37 -28.31
C ALA F 373 41.84 33.84 -28.07
N ASP F 374 41.63 32.55 -28.38
CA ASP F 374 40.33 31.92 -28.13
C ASP F 374 40.45 30.88 -27.02
N PRO F 375 40.09 31.20 -25.78
CA PRO F 375 40.17 30.18 -24.73
C PRO F 375 38.96 29.26 -24.66
N THR F 376 38.01 29.38 -25.58
CA THR F 376 36.81 28.55 -25.56
C THR F 376 36.96 27.29 -26.40
N GLY F 377 38.09 27.12 -27.08
CA GLY F 377 38.29 25.98 -27.93
C GLY F 377 38.57 24.73 -27.14
N PRO F 378 38.31 23.56 -27.73
CA PRO F 378 38.53 22.29 -27.02
C PRO F 378 39.95 22.16 -26.49
N GLY F 379 40.06 21.49 -25.34
CA GLY F 379 41.35 21.22 -24.73
C GLY F 379 41.19 21.10 -23.22
N LEU F 380 41.96 20.20 -22.59
CA LEU F 380 41.77 19.95 -21.16
C LEU F 380 42.07 21.21 -20.34
N ARG F 381 43.07 21.98 -20.74
CA ARG F 381 43.39 23.18 -19.99
C ARG F 381 42.25 24.19 -20.01
N ASN F 382 41.65 24.44 -21.18
CA ASN F 382 40.52 25.36 -21.26
C ASN F 382 39.32 24.81 -20.51
N ALA F 383 39.06 23.50 -20.64
CA ALA F 383 37.98 22.86 -19.90
C ALA F 383 38.15 23.09 -18.40
N LEU F 384 39.31 22.68 -17.84
CA LEU F 384 39.51 22.75 -16.39
C LEU F 384 39.36 24.17 -15.86
N ARG F 385 39.93 25.15 -16.56
CA ARG F 385 39.97 26.53 -16.08
C ARG F 385 38.57 27.09 -15.87
N SER F 386 37.68 26.96 -16.86
CA SER F 386 36.32 27.45 -16.69
C SER F 386 35.56 26.61 -15.69
N THR F 387 35.74 25.29 -15.71
CA THR F 387 35.01 24.41 -14.81
C THR F 387 35.34 24.75 -13.36
N LEU F 388 36.63 24.95 -13.07
CA LEU F 388 37.06 25.24 -11.71
C LEU F 388 36.39 26.49 -11.16
N HIS F 389 36.04 27.44 -12.01
CA HIS F 389 35.48 28.71 -11.57
C HIS F 389 33.96 28.74 -11.63
N ARG F 390 33.33 27.60 -11.85
CA ARG F 390 31.87 27.49 -11.80
C ARG F 390 31.42 26.35 -10.90
N LEU F 391 32.33 25.80 -10.10
CA LEU F 391 31.97 24.77 -9.13
C LEU F 391 30.94 25.23 -8.13
N TRP F 392 30.84 26.54 -7.89
CA TRP F 392 29.88 27.04 -6.93
C TRP F 392 28.44 26.80 -7.37
N LEU F 393 28.21 26.30 -8.57
CA LEU F 393 26.86 25.99 -9.03
C LEU F 393 26.38 24.61 -8.63
N MET F 394 27.19 23.86 -7.87
CA MET F 394 26.88 22.47 -7.55
C MET F 394 25.67 22.30 -6.65
N GLU F 395 25.13 23.37 -6.06
CA GLU F 395 23.88 23.25 -5.33
C GLU F 395 22.67 23.58 -6.17
N ASN F 396 22.88 23.98 -7.43
CA ASN F 396 21.79 24.34 -8.32
C ASN F 396 21.58 23.37 -9.46
N VAL F 397 22.56 22.54 -9.77
CA VAL F 397 22.54 21.70 -10.98
C VAL F 397 23.68 20.70 -10.84
N HIS F 398 23.58 19.59 -11.55
CA HIS F 398 24.75 18.72 -11.73
C HIS F 398 25.74 19.42 -12.64
N VAL F 399 26.94 19.62 -12.14
CA VAL F 399 27.96 20.37 -12.85
C VAL F 399 28.77 19.38 -13.69
N ASP F 400 28.65 19.49 -15.02
CA ASP F 400 29.34 18.55 -15.91
C ASP F 400 30.72 19.11 -16.29
N PRO F 401 31.80 18.51 -15.83
CA PRO F 401 33.14 18.96 -16.22
C PRO F 401 33.62 18.39 -17.55
N ASP F 402 32.70 17.74 -18.30
CA ASP F 402 32.97 16.98 -19.52
C ASP F 402 33.65 15.65 -19.19
N VAL F 403 33.89 14.82 -20.22
CA VAL F 403 34.29 13.42 -19.99
C VAL F 403 35.70 13.32 -19.41
N VAL F 404 35.98 12.14 -18.86
CA VAL F 404 37.28 11.80 -18.30
C VAL F 404 37.95 10.82 -19.24
N TYR F 405 39.24 11.00 -19.47
CA TYR F 405 40.01 10.08 -20.29
C TYR F 405 40.72 9.06 -19.41
N PHE F 406 40.65 7.80 -19.80
CA PHE F 406 41.49 6.76 -19.22
C PHE F 406 42.41 6.12 -20.23
N ARG F 407 42.10 6.21 -21.51
CA ARG F 407 42.97 5.63 -22.51
C ARG F 407 44.25 6.44 -22.67
N THR F 408 45.31 5.76 -23.10
CA THR F 408 46.49 6.41 -23.65
C THR F 408 46.61 6.25 -25.16
N ARG F 409 45.98 5.24 -25.74
CA ARG F 409 45.88 5.19 -27.18
C ARG F 409 44.98 6.31 -27.67
N PHE F 410 45.35 6.91 -28.80
CA PHE F 410 44.55 7.97 -29.43
C PHE F 410 44.27 9.10 -28.45
N ASN F 411 45.35 9.57 -27.81
CA ASN F 411 45.26 10.58 -26.76
C ASN F 411 46.66 11.12 -26.48
N LEU F 412 46.83 12.45 -26.48
CA LEU F 412 48.14 13.06 -26.18
C LEU F 412 48.25 13.48 -24.73
N LEU F 413 47.18 13.34 -23.95
CA LEU F 413 47.22 13.76 -22.56
C LEU F 413 48.20 12.91 -21.77
N SER F 414 48.92 13.54 -20.85
CA SER F 414 49.76 12.79 -19.94
C SER F 414 48.92 12.15 -18.86
N PRO F 415 49.39 11.06 -18.25
CA PRO F 415 48.65 10.49 -17.10
C PRO F 415 48.40 11.49 -15.97
N GLU F 416 49.41 12.31 -15.66
CA GLU F 416 49.22 13.38 -14.68
C GLU F 416 48.06 14.29 -15.04
N GLU F 417 48.00 14.74 -16.30
CA GLU F 417 46.91 15.62 -16.70
C GLU F 417 45.57 14.91 -16.61
N MET F 418 45.52 13.64 -17.03
CA MET F 418 44.28 12.88 -16.97
C MET F 418 43.74 12.79 -15.55
N ARG F 419 44.62 12.61 -14.55
CA ARG F 419 44.15 12.51 -13.17
C ARG F 419 43.51 13.82 -12.68
N LEU F 420 43.97 14.96 -13.18
CA LEU F 420 43.32 16.23 -12.86
C LEU F 420 41.86 16.21 -13.29
N GLN F 421 41.58 15.77 -14.53
CA GLN F 421 40.21 15.76 -15.02
C GLN F 421 39.39 14.72 -14.29
N GLU F 422 40.01 13.61 -13.92
CA GLU F 422 39.36 12.60 -13.09
C GLU F 422 38.93 13.15 -11.75
N ALA F 423 39.85 13.86 -11.07
CA ALA F 423 39.56 14.39 -9.73
C ALA F 423 38.36 15.34 -9.75
N LEU F 424 38.27 16.17 -10.78
CA LEU F 424 37.15 17.10 -10.88
C LEU F 424 35.83 16.38 -11.11
N ALA F 425 35.87 15.25 -11.82
CA ALA F 425 34.65 14.46 -11.99
C ALA F 425 34.25 13.77 -10.70
N HIS F 426 35.22 13.35 -9.88
CA HIS F 426 34.90 12.87 -8.54
C HIS F 426 34.25 13.97 -7.73
N PHE F 427 34.86 15.16 -7.76
CA PHE F 427 34.34 16.28 -6.98
C PHE F 427 32.91 16.61 -7.35
N THR F 428 32.63 16.83 -8.65
CA THR F 428 31.26 17.14 -9.03
C THR F 428 30.35 15.93 -8.99
N GLY F 429 30.89 14.72 -9.04
CA GLY F 429 30.06 13.54 -9.13
C GLY F 429 29.47 13.25 -10.48
N PHE F 430 29.87 13.97 -11.52
CA PHE F 430 29.33 13.79 -12.87
C PHE F 430 30.35 12.96 -13.65
N LYS F 431 30.05 11.69 -13.85
CA LYS F 431 31.01 10.72 -14.36
C LYS F 431 30.62 10.27 -15.76
N ALA F 432 31.46 10.62 -16.73
CA ALA F 432 31.27 10.27 -18.13
C ALA F 432 32.62 9.96 -18.75
N THR F 433 32.61 9.06 -19.75
CA THR F 433 33.78 8.80 -20.58
C THR F 433 33.34 8.51 -22.00
N SER F 434 34.30 8.60 -22.93
CA SER F 434 34.08 8.24 -24.32
C SER F 434 35.03 7.15 -24.78
N ASP F 435 35.86 6.62 -23.89
CA ASP F 435 36.84 5.62 -24.25
C ASP F 435 36.16 4.32 -24.66
N PRO F 436 36.37 3.83 -25.88
CA PRO F 436 35.90 2.49 -26.21
C PRO F 436 36.73 1.47 -25.47
N PRO F 437 36.09 0.54 -24.75
CA PRO F 437 36.87 -0.38 -23.91
C PRO F 437 37.90 -1.18 -24.68
N SER F 438 37.65 -1.45 -25.96
CA SER F 438 38.66 -2.13 -26.74
C SER F 438 39.84 -1.25 -27.08
N TRP F 439 39.81 0.05 -26.75
CA TRP F 439 40.99 0.89 -26.85
C TRP F 439 41.78 0.92 -25.55
N LEU F 440 41.26 0.32 -24.48
CA LEU F 440 41.87 0.45 -23.16
C LEU F 440 42.81 -0.72 -22.89
N LEU F 441 43.88 -0.43 -22.15
CA LEU F 441 44.76 -1.46 -21.64
C LEU F 441 44.18 -2.02 -20.34
N PRO F 442 44.54 -3.25 -19.97
CA PRO F 442 43.92 -3.87 -18.77
C PRO F 442 43.94 -2.98 -17.53
N GLU F 443 45.06 -2.31 -17.26
CA GLU F 443 45.14 -1.40 -16.12
C GLU F 443 44.24 -0.18 -16.29
N GLU F 444 43.98 0.22 -17.53
CA GLU F 444 43.11 1.36 -17.77
C GLU F 444 41.66 0.98 -17.55
N LYS F 445 41.29 -0.27 -17.90
CA LYS F 445 39.97 -0.79 -17.59
C LYS F 445 39.73 -0.81 -16.09
N GLY F 446 40.72 -1.24 -15.32
CA GLY F 446 40.59 -1.21 -13.88
C GLY F 446 40.42 0.20 -13.35
N ARG F 447 41.23 1.13 -13.86
CA ARG F 447 41.10 2.52 -13.45
C ARG F 447 39.71 3.09 -13.82
N LEU F 448 39.19 2.72 -14.99
CA LEU F 448 37.87 3.22 -15.37
C LEU F 448 36.78 2.68 -14.44
N GLU F 449 36.80 1.38 -14.13
CA GLU F 449 35.72 0.84 -13.32
C GLU F 449 35.86 1.26 -11.86
N ALA F 450 37.08 1.33 -11.35
CA ALA F 450 37.33 1.95 -10.06
C ALA F 450 36.74 3.36 -10.01
N PHE F 451 36.83 4.09 -11.11
CA PHE F 451 36.32 5.46 -11.16
C PHE F 451 34.79 5.48 -11.14
N LEU F 452 34.15 4.59 -11.88
CA LEU F 452 32.70 4.54 -11.85
C LEU F 452 32.15 4.08 -10.50
N ALA F 453 33.01 3.54 -9.64
CA ALA F 453 32.59 3.06 -8.33
C ALA F 453 32.24 4.23 -7.41
N ARG F 454 31.21 4.00 -6.59
CA ARG F 454 30.80 4.93 -5.55
C ARG F 454 32.00 5.46 -4.75
N GLU F 455 31.92 6.73 -4.32
CA GLU F 455 33.04 7.33 -3.59
C GLU F 455 33.19 6.76 -2.19
N VAL F 456 34.45 6.55 -1.78
CA VAL F 456 34.80 6.32 -0.37
C VAL F 456 35.43 7.62 0.13
N PRO F 457 34.71 8.42 0.90
CA PRO F 457 35.15 9.79 1.17
C PRO F 457 36.24 9.91 2.23
N VAL F 458 37.09 10.93 2.03
CA VAL F 458 38.18 11.25 2.94
C VAL F 458 37.91 12.59 3.61
#